data_7UR6
#
_entry.id   7UR6
#
_cell.length_a   1.00
_cell.length_b   1.00
_cell.length_c   1.00
_cell.angle_alpha   90.00
_cell.angle_beta   90.00
_cell.angle_gamma   90.00
#
_symmetry.space_group_name_H-M   'P 1'
#
loop_
_entity.id
_entity.type
_entity.pdbx_description
1 polymer gp120
2 polymer gp41
3 polymer 'Heavy Chain'
4 polymer 'Light Chain'
5 branched 2-acetamido-2-deoxy-beta-D-glucopyranose-(1-4)-2-acetamido-2-deoxy-beta-D-glucopyranose
6 branched alpha-D-mannopyranose-(1-3)-[alpha-D-mannopyranose-(1-6)]beta-D-mannopyranose-(1-4)-2-acetamido-2-deoxy-beta-D-glucopyranose-(1-4)-2-acetamido-2-deoxy-beta-D-glucopyranose
7 branched alpha-D-mannopyranose-(1-2)-alpha-D-mannopyranose-(1-6)-[alpha-D-mannopyranose-(1-3)]alpha-D-mannopyranose-(1-6)-[alpha-D-mannopyranose-(1-2)-alpha-D-mannopyranose-(1-3)]beta-D-mannopyranose-(1-4)-2-acetamido-2-deoxy-beta-D-glucopyranose-(1-4)-2-acetamido-2-deoxy-beta-D-glucopyranose
8 branched alpha-D-mannopyranose-(1-2)-alpha-D-mannopyranose-(1-3)-[alpha-D-mannopyranose-(1-6)]beta-D-mannopyranose-(1-4)-2-acetamido-2-deoxy-beta-D-glucopyranose-(1-4)-2-acetamido-2-deoxy-beta-D-glucopyranose
9 branched beta-D-mannopyranose-(1-4)-2-acetamido-2-deoxy-beta-D-glucopyranose-(1-4)-2-acetamido-2-deoxy-beta-D-glucopyranose
10 non-polymer 2-acetamido-2-deoxy-beta-D-glucopyranose
#
loop_
_entity_poly.entity_id
_entity_poly.type
_entity_poly.pdbx_seq_one_letter_code
_entity_poly.pdbx_strand_id
1 'polypeptide(L)'
;GPAENLWVTVYYGVPVWKEAKTTLFCASDAKAYEKEVHNVWATHACVPTDPNPQEMVLENVTENFNMWKNDMVDQMHEDV
ISLWDQSLKPCVKLTPLCVTLNCTNTTVSNGSSNSNANFEEMKNCSFNATTEIKDKKKNEYALFYKLDIVPLNNSSGKYR
LINCNTSACTQICPKVTFEPIPIHYCAPAGYAILKCNNKTFNGTGPCNNVSTVQCTHGIKPVVSTQLLLNGSLAEKEIII
RSENLTNNAKTIIVHLNESVGIVCTRPSNMTRKSIRIGPGQTFYALGDIIGDIRQPHCNISKQNWNRTLQQVGRKLAEHF
PNRNITFNHSSGGDLEITTHSFNCRGEFFYCNTSGLFNGTYHPNGTYNETAVNSSDTITLQCRIKQIINMWQEVGRCMYA
PPIAGNITCNSNITGLLLTRDGGINQTGEEIFRPGGGDMRDNWRSELYKYKVVEIKPLGIAPTKCKRRVVERRRRRR
;
G,A,F
2 'polypeptide(L)'
;AVGIGAVFLGFLGAAGSTMGAASNTLTVQARQLLSGIVQQQSNLLRAPEAQQHMLQLGVWGFKQLQARVLAIERYLEVQQ
LLGIWGCSGKLICCTNVPWNSTWSNRTQEDIWNNMTWMEWEREIGNYTHTIYSLLEESQFQQEINEKDLLALD
;
B,C,I
3 'polypeptide(L)'
;QVTLKESGPALVKPTQTLTLTCTFSGFSMSNFGSGIYWIRQPPGKALEWLAGIYWTDSKYYNLSLKTRLTISKDTSKSQV
ILIMTNMDPVDTATYYCADIRGRYYYSNGFLFDVVGVESWGQGVVVTVSS
;
H,D,J
4 'polypeptide(L)'
;QSVLTQPPSASEAARKTVTISCSGSRSNIGSNSVSWYKQVPGTAPKLLIKYNDQRPSGVSDRFSGSKSGTSASLAISGLQ
TEDEADYYCATWDDSLNGYIFGVGTRLIVL
;
L,E,K
#
loop_
_chem_comp.id
_chem_comp.type
_chem_comp.name
_chem_comp.formula
BMA D-saccharide, beta linking beta-D-mannopyranose 'C6 H12 O6'
MAN D-saccharide, alpha linking alpha-D-mannopyranose 'C6 H12 O6'
NAG D-saccharide, beta linking 2-acetamido-2-deoxy-beta-D-glucopyranose 'C8 H15 N O6'
#
# COMPACT_ATOMS: atom_id res chain seq x y z
N ASN A 5 38.33 -16.42 -27.65
CA ASN A 5 36.87 -16.57 -27.56
C ASN A 5 36.27 -15.49 -26.67
N LEU A 6 35.00 -15.17 -26.90
CA LEU A 6 34.28 -14.16 -26.15
C LEU A 6 33.30 -14.80 -25.19
N TRP A 7 33.07 -14.12 -24.08
CA TRP A 7 32.18 -14.60 -23.02
C TRP A 7 31.18 -13.50 -22.68
N VAL A 8 30.06 -13.92 -22.10
CA VAL A 8 28.96 -13.02 -21.76
C VAL A 8 29.19 -12.45 -20.37
N THR A 9 28.90 -11.16 -20.21
CA THR A 9 28.99 -10.47 -18.94
C THR A 9 27.73 -9.64 -18.72
N VAL A 10 27.41 -9.39 -17.46
CA VAL A 10 26.19 -8.68 -17.07
C VAL A 10 26.60 -7.33 -16.46
N TYR A 11 26.00 -6.26 -16.96
CA TYR A 11 26.23 -4.91 -16.48
C TYR A 11 24.99 -4.40 -15.78
N TYR A 12 25.18 -3.78 -14.62
CA TYR A 12 24.09 -3.24 -13.80
C TYR A 12 24.22 -1.73 -13.74
N GLY A 13 23.13 -1.03 -14.08
CA GLY A 13 23.10 0.42 -14.01
C GLY A 13 23.47 1.13 -15.29
N VAL A 14 23.23 0.51 -16.45
CA VAL A 14 23.56 1.11 -17.74
C VAL A 14 22.58 2.24 -18.03
N PRO A 15 22.94 3.22 -18.87
CA PRO A 15 21.99 4.30 -19.24
C PRO A 15 21.06 3.91 -20.37
N VAL A 16 20.02 3.16 -20.01
CA VAL A 16 19.02 2.67 -20.97
C VAL A 16 17.64 2.97 -20.41
N TRP A 17 16.73 3.46 -21.27
CA TRP A 17 15.37 3.78 -20.87
C TRP A 17 14.41 3.26 -21.92
N LYS A 18 13.17 2.99 -21.48
CA LYS A 18 12.12 2.50 -22.35
C LYS A 18 10.83 3.21 -21.97
N GLU A 19 10.04 3.57 -22.99
CA GLU A 19 8.77 4.25 -22.74
C GLU A 19 7.83 3.35 -21.95
N ALA A 20 7.11 3.94 -21.01
CA ALA A 20 6.21 3.19 -20.16
C ALA A 20 5.13 4.13 -19.63
N LYS A 21 4.13 3.53 -18.99
CA LYS A 21 3.03 4.24 -18.36
C LYS A 21 3.06 3.96 -16.86
N THR A 22 2.96 5.02 -16.06
CA THR A 22 3.06 4.88 -14.61
C THR A 22 2.31 6.04 -13.96
N THR A 23 2.00 5.86 -12.68
CA THR A 23 1.28 6.88 -11.93
C THR A 23 2.24 7.98 -11.46
N LEU A 24 1.66 9.12 -11.10
CA LEU A 24 2.40 10.28 -10.65
C LEU A 24 1.76 10.83 -9.39
N PHE A 25 2.54 11.63 -8.65
CA PHE A 25 2.07 12.27 -7.43
C PHE A 25 2.51 13.73 -7.44
N CYS A 26 1.75 14.55 -6.71
CA CYS A 26 1.97 15.99 -6.69
C CYS A 26 3.18 16.34 -5.84
N ALA A 27 3.60 17.60 -5.97
CA ALA A 27 4.68 18.14 -5.14
C ALA A 27 4.65 19.66 -5.29
N SER A 28 4.63 20.36 -4.16
CA SER A 28 4.54 21.82 -4.16
C SER A 28 5.21 22.37 -2.92
N ASP A 29 5.59 23.65 -2.99
CA ASP A 29 6.25 24.30 -1.88
C ASP A 29 5.28 24.51 -0.72
N ALA A 30 5.85 24.60 0.48
CA ALA A 30 5.04 24.77 1.68
C ALA A 30 4.35 26.14 1.66
N LYS A 31 3.07 26.16 2.02
CA LYS A 31 2.28 27.39 2.09
C LYS A 31 1.39 27.32 3.31
N ALA A 32 1.36 28.41 4.08
CA ALA A 32 0.54 28.48 5.28
C ALA A 32 0.27 29.92 5.67
N GLU A 36 -8.05 27.87 10.00
CA GLU A 36 -6.98 27.19 9.27
C GLU A 36 -7.12 27.43 7.77
N VAL A 37 -6.00 27.70 7.10
CA VAL A 37 -6.02 27.90 5.66
C VAL A 37 -6.45 26.62 4.97
N HIS A 38 -7.36 26.74 4.00
CA HIS A 38 -7.89 25.61 3.25
C HIS A 38 -7.78 25.88 1.76
N ASN A 39 -7.35 24.87 1.01
CA ASN A 39 -7.20 24.96 -0.43
C ASN A 39 -7.83 23.75 -1.09
N VAL A 40 -8.43 23.96 -2.26
CA VAL A 40 -9.09 22.86 -2.97
C VAL A 40 -8.06 21.85 -3.45
N TRP A 41 -6.89 22.32 -3.87
CA TRP A 41 -5.85 21.43 -4.38
C TRP A 41 -5.08 20.71 -3.27
N ALA A 42 -5.29 21.10 -2.01
CA ALA A 42 -4.64 20.43 -0.87
C ALA A 42 -3.12 20.43 -1.02
N THR A 43 -2.58 21.60 -1.39
CA THR A 43 -1.13 21.72 -1.56
C THR A 43 -0.38 21.49 -0.26
N HIS A 44 -1.03 21.70 0.89
CA HIS A 44 -0.39 21.39 2.16
C HIS A 44 -0.05 19.91 2.26
N ALA A 45 -0.87 19.04 1.67
CA ALA A 45 -0.61 17.60 1.66
C ALA A 45 0.41 17.20 0.60
N CYS A 46 0.71 18.06 -0.36
CA CYS A 46 1.70 17.73 -1.36
C CYS A 46 3.10 17.74 -0.76
N VAL A 47 3.99 16.96 -1.38
CA VAL A 47 5.37 16.81 -0.89
C VAL A 47 6.18 18.04 -1.25
N PRO A 48 6.97 18.62 -0.35
CA PRO A 48 7.89 19.69 -0.76
C PRO A 48 8.82 19.20 -1.87
N THR A 49 9.04 20.06 -2.87
CA THR A 49 9.75 19.61 -4.05
C THR A 49 11.26 19.62 -3.86
N ASP A 50 11.86 20.82 -3.80
CA ASP A 50 13.28 21.01 -3.55
C ASP A 50 13.58 22.50 -3.61
N PRO A 51 14.68 22.99 -3.00
CA PRO A 51 15.15 24.33 -3.37
C PRO A 51 15.64 24.42 -4.80
N ASN A 52 16.53 23.52 -5.19
CA ASN A 52 17.13 23.48 -6.53
C ASN A 52 17.17 22.04 -7.01
N PRO A 53 16.15 21.58 -7.75
CA PRO A 53 16.14 20.19 -8.20
C PRO A 53 17.29 19.88 -9.15
N GLN A 54 17.62 18.60 -9.24
CA GLN A 54 18.71 18.14 -10.11
C GLN A 54 18.20 18.00 -11.54
N GLU A 55 18.91 18.62 -12.48
CA GLU A 55 18.58 18.54 -13.89
C GLU A 55 19.86 18.37 -14.69
N MET A 56 19.90 17.34 -15.53
CA MET A 56 21.06 17.03 -16.36
C MET A 56 20.67 17.15 -17.83
N VAL A 57 21.49 17.85 -18.60
CA VAL A 57 21.27 18.01 -20.03
C VAL A 57 22.05 16.92 -20.76
N LEU A 58 21.32 16.00 -21.38
CA LEU A 58 21.94 14.90 -22.11
C LEU A 58 22.47 15.39 -23.45
N GLU A 59 23.49 14.69 -23.95
CA GLU A 59 24.16 15.06 -25.19
C GLU A 59 24.26 13.84 -26.10
N ASN A 60 24.36 14.09 -27.41
CA ASN A 60 24.46 13.04 -28.41
C ASN A 60 23.28 12.09 -28.35
N VAL A 61 22.10 12.63 -28.06
CA VAL A 61 20.88 11.83 -27.92
C VAL A 61 19.75 12.53 -28.66
N THR A 62 18.95 11.75 -29.38
CA THR A 62 17.75 12.23 -30.04
C THR A 62 16.61 11.29 -29.68
N GLU A 63 15.50 11.85 -29.18
CA GLU A 63 14.36 11.07 -28.74
C GLU A 63 13.10 11.67 -29.35
N ASN A 64 12.20 10.80 -29.80
CA ASN A 64 10.94 11.24 -30.38
C ASN A 64 9.94 11.60 -29.29
N PHE A 65 9.07 12.56 -29.59
CA PHE A 65 8.04 13.02 -28.67
C PHE A 65 6.71 13.05 -29.39
N ASN A 66 5.63 12.83 -28.62
CA ASN A 66 4.28 12.87 -29.17
C ASN A 66 3.34 13.25 -28.02
N MET A 67 2.93 14.51 -28.00
CA MET A 67 2.07 15.01 -26.92
C MET A 67 0.61 14.62 -27.10
N TRP A 68 0.21 14.16 -28.28
CA TRP A 68 -1.17 13.77 -28.52
C TRP A 68 -1.51 12.41 -27.90
N LYS A 69 -0.50 11.58 -27.64
CA LYS A 69 -0.68 10.29 -26.98
C LYS A 69 0.05 10.26 -25.65
N ASN A 70 -0.01 11.38 -24.92
CA ASN A 70 0.65 11.51 -23.63
C ASN A 70 -0.35 11.18 -22.53
N ASP A 71 -0.01 10.21 -21.68
CA ASP A 71 -0.88 9.83 -20.58
C ASP A 71 -0.88 10.84 -19.44
N MET A 72 0.08 11.77 -19.41
CA MET A 72 0.12 12.75 -18.35
C MET A 72 -1.12 13.64 -18.37
N VAL A 73 -1.52 14.08 -19.56
CA VAL A 73 -2.72 14.92 -19.67
C VAL A 73 -3.96 14.13 -19.27
N ASP A 74 -4.06 12.88 -19.75
CA ASP A 74 -5.20 12.05 -19.39
C ASP A 74 -5.22 11.76 -17.89
N GLN A 75 -4.05 11.50 -17.30
CA GLN A 75 -3.99 11.16 -15.88
C GLN A 75 -4.48 12.32 -15.02
N MET A 76 -3.83 13.47 -15.13
CA MET A 76 -4.17 14.59 -14.26
C MET A 76 -5.55 15.18 -14.58
N HIS A 77 -6.10 14.88 -15.76
CA HIS A 77 -7.46 15.31 -16.06
C HIS A 77 -8.46 14.66 -15.10
N GLU A 78 -8.28 13.36 -14.83
CA GLU A 78 -9.13 12.68 -13.86
C GLU A 78 -8.81 13.09 -12.43
N ASP A 79 -7.59 13.60 -12.18
CA ASP A 79 -7.25 14.06 -10.84
C ASP A 79 -8.06 15.29 -10.45
N VAL A 80 -8.25 16.22 -11.39
CA VAL A 80 -8.91 17.48 -11.07
C VAL A 80 -10.36 17.25 -10.66
N ILE A 81 -11.08 16.41 -11.40
CA ILE A 81 -12.49 16.18 -11.09
C ILE A 81 -12.63 15.49 -9.74
N SER A 82 -11.74 14.55 -9.44
CA SER A 82 -11.77 13.92 -8.12
C SER A 82 -11.46 14.93 -7.03
N LEU A 83 -10.49 15.82 -7.26
CA LEU A 83 -10.20 16.85 -6.28
C LEU A 83 -11.39 17.78 -6.07
N TRP A 84 -12.05 18.18 -7.16
CA TRP A 84 -13.25 18.99 -7.03
C TRP A 84 -14.35 18.25 -6.28
N ASP A 85 -14.57 16.98 -6.64
CA ASP A 85 -15.57 16.18 -5.96
C ASP A 85 -15.19 15.93 -4.50
N GLN A 86 -13.89 15.81 -4.21
CA GLN A 86 -13.45 15.54 -2.85
C GLN A 86 -13.82 16.67 -1.91
N SER A 87 -13.63 17.92 -2.34
CA SER A 87 -13.83 19.06 -1.45
C SER A 87 -15.28 19.51 -1.35
N LEU A 88 -16.15 19.05 -2.25
CA LEU A 88 -17.54 19.50 -2.26
C LEU A 88 -18.48 18.58 -1.49
N LYS A 89 -18.00 17.45 -0.99
CA LYS A 89 -18.87 16.59 -0.18
C LYS A 89 -19.32 17.27 1.10
N PRO A 90 -18.44 17.91 1.90
CA PRO A 90 -18.92 18.59 3.12
C PRO A 90 -19.35 20.04 2.85
N CYS A 91 -20.42 20.19 2.07
CA CYS A 91 -20.94 21.51 1.75
C CYS A 91 -22.45 21.43 1.60
N VAL A 92 -23.11 22.58 1.74
CA VAL A 92 -24.56 22.62 1.74
C VAL A 92 -25.09 22.27 0.34
N LYS A 93 -26.25 21.63 0.31
CA LYS A 93 -26.96 21.33 -0.93
C LYS A 93 -28.18 22.23 -1.02
N LEU A 94 -28.40 22.81 -2.20
CA LEU A 94 -29.43 23.82 -2.40
C LEU A 94 -30.72 23.24 -2.97
N THR A 95 -31.04 21.99 -2.62
CA THR A 95 -32.33 21.44 -3.01
C THR A 95 -33.53 22.23 -2.49
N PRO A 96 -33.56 22.71 -1.24
CA PRO A 96 -34.75 23.44 -0.78
C PRO A 96 -35.02 24.73 -1.54
N LEU A 97 -34.02 25.27 -2.24
CA LEU A 97 -34.20 26.52 -2.96
C LEU A 97 -35.09 26.40 -4.18
N CYS A 98 -35.45 25.17 -4.58
CA CYS A 98 -36.34 24.97 -5.74
C CYS A 98 -37.76 25.31 -5.32
N VAL A 99 -38.03 26.62 -5.22
CA VAL A 99 -39.33 27.14 -4.82
C VAL A 99 -39.72 28.25 -5.79
N THR A 100 -41.00 28.57 -5.79
CA THR A 100 -41.51 29.60 -6.70
C THR A 100 -40.87 30.94 -6.38
N LEU A 101 -40.45 31.64 -7.43
CA LEU A 101 -39.78 32.92 -7.32
C LEU A 101 -40.68 34.01 -7.90
N ASN A 102 -40.94 35.04 -7.09
CA ASN A 102 -41.73 36.20 -7.51
C ASN A 102 -40.75 37.33 -7.82
N CYS A 103 -40.21 37.31 -9.03
CA CYS A 103 -39.18 38.24 -9.44
C CYS A 103 -39.78 39.45 -10.14
N THR A 104 -39.05 40.56 -10.09
CA THR A 104 -39.47 41.81 -10.70
C THR A 104 -38.25 42.68 -10.93
N ASN A 105 -38.45 43.76 -11.69
CA ASN A 105 -37.37 44.69 -11.96
C ASN A 105 -36.83 45.27 -10.68
N THR A 106 -35.50 45.38 -10.60
CA THR A 106 -34.87 46.03 -9.46
C THR A 106 -35.00 47.55 -9.59
N THR A 107 -35.29 48.20 -8.46
CA THR A 107 -35.50 49.64 -8.41
C THR A 107 -34.43 50.28 -7.54
N VAL A 108 -33.82 51.34 -8.05
CA VAL A 108 -32.78 52.06 -7.33
C VAL A 108 -32.70 53.46 -7.89
N SER A 109 -32.37 54.41 -7.03
CA SER A 109 -32.26 55.83 -7.42
C SER A 109 -30.81 56.29 -7.29
N SER A 115 -25.15 50.28 -18.36
CA SER A 115 -25.67 51.51 -17.79
C SER A 115 -26.86 51.22 -16.88
N ASN A 116 -27.37 52.26 -16.22
CA ASN A 116 -28.50 52.09 -15.32
C ASN A 116 -29.77 51.74 -16.09
N ALA A 117 -29.94 52.28 -17.31
CA ALA A 117 -31.14 52.00 -18.08
C ALA A 117 -31.25 50.53 -18.41
N ASN A 118 -30.15 49.89 -18.81
CA ASN A 118 -30.16 48.46 -19.15
C ASN A 118 -29.94 47.67 -17.87
N PHE A 119 -31.03 47.51 -17.11
CA PHE A 119 -31.02 46.78 -15.85
C PHE A 119 -31.62 45.38 -15.98
N GLU A 120 -31.82 44.90 -17.21
CA GLU A 120 -32.45 43.59 -17.42
C GLU A 120 -31.41 42.47 -17.45
N GLU A 121 -30.60 42.41 -16.40
CA GLU A 121 -29.66 41.32 -16.18
C GLU A 121 -29.71 40.75 -14.77
N MET A 122 -30.37 41.43 -13.83
CA MET A 122 -30.53 40.95 -12.46
C MET A 122 -31.93 41.29 -12.00
N LYS A 123 -32.60 40.35 -11.33
CA LYS A 123 -33.96 40.53 -10.87
C LYS A 123 -34.03 40.33 -9.37
N ASN A 124 -34.95 41.07 -8.74
CA ASN A 124 -35.18 40.98 -7.30
C ASN A 124 -36.22 39.90 -7.07
N CYS A 125 -35.75 38.70 -6.73
CA CYS A 125 -36.61 37.53 -6.59
C CYS A 125 -36.93 37.29 -5.12
N SER A 126 -38.20 37.06 -4.82
CA SER A 126 -38.69 36.79 -3.48
C SER A 126 -39.29 35.40 -3.42
N PHE A 127 -39.10 34.73 -2.28
CA PHE A 127 -39.57 33.36 -2.13
C PHE A 127 -39.75 33.06 -0.65
N ASN A 128 -40.49 31.98 -0.37
CA ASN A 128 -40.70 31.51 0.99
C ASN A 128 -39.59 30.52 1.34
N ALA A 129 -38.77 30.88 2.33
CA ALA A 129 -37.63 30.08 2.74
C ALA A 129 -37.88 29.52 4.14
N THR A 130 -37.62 28.22 4.29
CA THR A 130 -37.81 27.58 5.59
C THR A 130 -36.82 28.13 6.60
N THR A 131 -37.31 28.44 7.80
CA THR A 131 -36.46 28.93 8.87
C THR A 131 -35.76 27.74 9.54
N GLU A 132 -35.18 27.94 10.74
CA GLU A 132 -34.45 26.90 11.49
C GLU A 132 -35.40 25.77 11.76
N ILE A 133 -36.66 26.09 12.04
CA ILE A 133 -37.67 25.10 12.37
C ILE A 133 -38.45 24.76 11.11
N LYS A 134 -38.73 23.47 10.92
CA LYS A 134 -39.23 23.00 9.63
C LYS A 134 -40.60 23.58 9.31
N ASP A 135 -41.54 23.53 10.27
CA ASP A 135 -42.92 23.87 9.97
C ASP A 135 -43.07 25.33 9.53
N LYS A 136 -42.40 26.25 10.22
CA LYS A 136 -42.56 27.66 9.91
C LYS A 136 -41.81 28.02 8.62
N LYS A 137 -42.39 28.95 7.86
CA LYS A 137 -41.78 29.48 6.65
C LYS A 137 -41.94 30.99 6.65
N LYS A 138 -40.90 31.69 6.18
CA LYS A 138 -40.91 33.15 6.13
C LYS A 138 -40.48 33.62 4.75
N ASN A 139 -40.89 34.82 4.39
CA ASN A 139 -40.56 35.40 3.10
C ASN A 139 -39.15 35.98 3.11
N GLU A 140 -38.41 35.73 2.03
CA GLU A 140 -37.07 36.25 1.86
C GLU A 140 -36.89 36.71 0.43
N TYR A 141 -35.95 37.63 0.21
CA TYR A 141 -35.67 38.18 -1.09
C TYR A 141 -34.17 38.14 -1.37
N ALA A 142 -33.83 37.92 -2.64
CA ALA A 142 -32.44 37.87 -3.07
C ALA A 142 -32.38 38.20 -4.54
N LEU A 143 -31.19 38.59 -5.00
CA LEU A 143 -30.96 38.97 -6.38
C LEU A 143 -30.34 37.81 -7.15
N PHE A 144 -30.89 37.52 -8.33
CA PHE A 144 -30.41 36.45 -9.19
C PHE A 144 -30.23 36.98 -10.61
N TYR A 145 -29.21 36.44 -11.29
CA TYR A 145 -28.95 36.83 -12.66
C TYR A 145 -29.94 36.18 -13.61
N LYS A 146 -30.14 36.82 -14.77
CA LYS A 146 -31.11 36.34 -15.73
C LYS A 146 -30.76 34.96 -16.28
N LEU A 147 -29.47 34.60 -16.30
CA LEU A 147 -29.05 33.34 -16.90
C LEU A 147 -29.35 32.12 -16.04
N ASP A 148 -29.69 32.31 -14.77
CA ASP A 148 -29.90 31.21 -13.84
C ASP A 148 -31.37 30.96 -13.50
N ILE A 149 -32.30 31.71 -14.09
CA ILE A 149 -33.72 31.58 -13.82
C ILE A 149 -34.47 31.57 -15.14
N VAL A 150 -35.52 30.77 -15.22
CA VAL A 150 -36.33 30.65 -16.43
C VAL A 150 -37.79 30.92 -16.06
N PRO A 151 -38.60 31.42 -16.98
CA PRO A 151 -39.98 31.80 -16.64
C PRO A 151 -40.91 30.60 -16.67
N LEU A 152 -42.17 30.84 -16.30
CA LEU A 152 -43.23 29.85 -16.34
C LEU A 152 -44.46 30.47 -17.01
N ASN A 153 -45.45 29.64 -17.28
CA ASN A 153 -46.69 30.10 -17.90
C ASN A 153 -47.52 30.92 -16.93
N GLY A 157 -46.57 34.75 -14.24
CA GLY A 157 -45.34 35.52 -14.34
C GLY A 157 -44.38 35.23 -13.20
N LYS A 158 -43.98 33.96 -13.08
CA LYS A 158 -43.06 33.50 -12.05
C LYS A 158 -41.84 32.88 -12.70
N TYR A 159 -40.84 32.57 -11.86
CA TYR A 159 -39.57 32.06 -12.33
C TYR A 159 -39.10 30.93 -11.41
N ARG A 160 -38.24 30.08 -11.96
CA ARG A 160 -37.63 29.00 -11.21
C ARG A 160 -36.17 28.85 -11.64
N LEU A 161 -35.37 28.25 -10.76
CA LEU A 161 -33.98 28.04 -11.07
C LEU A 161 -33.82 27.06 -12.23
N ILE A 162 -32.76 27.27 -13.01
CA ILE A 162 -32.56 26.47 -14.22
C ILE A 162 -32.27 25.01 -13.87
N ASN A 163 -31.58 24.75 -12.77
CA ASN A 163 -31.09 23.42 -12.44
C ASN A 163 -32.12 22.57 -11.69
N CYS A 164 -33.32 23.08 -11.43
CA CYS A 164 -34.29 22.33 -10.65
C CYS A 164 -34.73 21.05 -11.34
N ASN A 165 -34.80 21.04 -12.67
CA ASN A 165 -35.27 19.88 -13.43
C ASN A 165 -34.13 19.03 -13.98
N THR A 166 -32.89 19.32 -13.62
CA THR A 166 -31.73 18.57 -14.11
C THR A 166 -31.04 17.76 -13.03
N SER A 167 -30.63 18.39 -11.93
CA SER A 167 -29.96 17.69 -10.84
C SER A 167 -29.81 18.63 -9.66
N ALA A 168 -29.80 18.07 -8.46
CA ALA A 168 -29.52 18.84 -7.27
C ALA A 168 -28.12 19.44 -7.38
N CYS A 169 -28.01 20.74 -7.11
CA CYS A 169 -26.80 21.49 -7.38
C CYS A 169 -26.22 21.99 -6.07
N THR A 170 -24.94 21.68 -5.82
CA THR A 170 -24.33 21.93 -4.53
C THR A 170 -23.76 23.36 -4.47
N GLN A 171 -23.08 23.67 -3.38
CA GLN A 171 -22.52 24.99 -3.11
C GLN A 171 -21.05 24.86 -2.74
N ILE A 172 -20.25 25.83 -3.17
CA ILE A 172 -18.85 25.89 -2.77
C ILE A 172 -18.78 26.49 -1.37
N CYS A 173 -18.14 25.78 -0.46
CA CYS A 173 -17.94 26.30 0.89
C CYS A 173 -17.00 27.49 0.81
N PRO A 174 -17.36 28.68 1.32
CA PRO A 174 -16.45 29.83 1.19
C PRO A 174 -15.12 29.65 1.88
N LYS A 175 -15.01 28.71 2.82
CA LYS A 175 -13.75 28.52 3.54
C LYS A 175 -12.63 28.12 2.59
N VAL A 176 -12.93 27.26 1.62
CA VAL A 176 -11.91 26.80 0.68
C VAL A 176 -11.76 27.81 -0.44
N THR A 177 -10.53 28.05 -0.86
CA THR A 177 -10.21 28.90 -2.00
C THR A 177 -9.58 28.05 -3.09
N PHE A 178 -9.97 28.32 -4.34
CA PHE A 178 -9.58 27.52 -5.49
C PHE A 178 -8.75 28.35 -6.47
N GLU A 179 -7.84 29.16 -5.94
CA GLU A 179 -6.90 29.88 -6.80
C GLU A 179 -5.93 28.89 -7.44
N PRO A 180 -5.37 29.23 -8.60
CA PRO A 180 -4.48 28.27 -9.30
C PRO A 180 -3.05 28.25 -8.77
N ILE A 181 -2.84 27.50 -7.70
CA ILE A 181 -1.51 27.36 -7.12
C ILE A 181 -0.68 26.44 -8.00
N PRO A 182 0.53 26.82 -8.44
CA PRO A 182 1.33 25.89 -9.26
C PRO A 182 1.68 24.64 -8.49
N ILE A 183 1.67 23.50 -9.19
CA ILE A 183 2.00 22.21 -8.61
C ILE A 183 2.92 21.46 -9.57
N HIS A 184 3.62 20.47 -9.03
CA HIS A 184 4.58 19.65 -9.77
C HIS A 184 4.16 18.20 -9.71
N TYR A 185 4.02 17.57 -10.87
CA TYR A 185 3.72 16.15 -10.97
C TYR A 185 5.02 15.38 -11.07
N CYS A 186 5.34 14.58 -10.05
CA CYS A 186 6.61 13.88 -9.99
C CYS A 186 6.38 12.37 -9.92
N ALA A 187 7.22 11.62 -10.64
CA ALA A 187 7.15 10.18 -10.79
C ALA A 187 7.94 9.48 -9.69
N PRO A 188 7.72 8.19 -9.47
CA PRO A 188 8.44 7.48 -8.41
C PRO A 188 9.87 7.16 -8.85
N ALA A 189 10.60 6.50 -7.97
CA ALA A 189 11.94 6.04 -8.29
C ALA A 189 11.88 4.92 -9.33
N GLY A 190 12.93 4.81 -10.14
CA GLY A 190 12.94 3.90 -11.25
C GLY A 190 12.30 4.44 -12.52
N TYR A 191 11.72 5.63 -12.46
CA TYR A 191 11.14 6.31 -13.62
C TYR A 191 11.71 7.71 -13.70
N ALA A 192 11.66 8.27 -14.91
CA ALA A 192 12.18 9.61 -15.15
C ALA A 192 11.25 10.34 -16.12
N ILE A 193 11.39 11.66 -16.16
CA ILE A 193 10.65 12.52 -17.07
C ILE A 193 11.65 13.21 -17.98
N LEU A 194 11.46 13.08 -19.29
CA LEU A 194 12.35 13.66 -20.28
C LEU A 194 11.79 14.99 -20.76
N LYS A 195 12.63 16.01 -20.78
CA LYS A 195 12.23 17.37 -21.15
C LYS A 195 12.99 17.80 -22.39
N CYS A 196 12.27 18.29 -23.39
CA CYS A 196 12.87 18.83 -24.59
C CYS A 196 13.20 20.31 -24.39
N ASN A 197 14.15 20.80 -25.19
CA ASN A 197 14.62 22.17 -25.09
C ASN A 197 14.71 22.89 -26.43
N ASN A 198 14.37 22.23 -27.53
CA ASN A 198 14.36 22.91 -28.82
C ASN A 198 13.32 24.01 -28.83
N LYS A 199 13.74 25.21 -29.21
CA LYS A 199 12.84 26.37 -29.16
C LYS A 199 11.82 26.37 -30.30
N THR A 200 12.09 25.65 -31.38
CA THR A 200 11.20 25.57 -32.53
C THR A 200 10.59 24.18 -32.66
N PHE A 201 10.25 23.57 -31.54
CA PHE A 201 9.72 22.22 -31.51
C PHE A 201 8.19 22.27 -31.54
N ASN A 202 7.60 21.58 -32.51
CA ASN A 202 6.15 21.46 -32.59
C ASN A 202 5.70 20.26 -31.77
N GLY A 203 4.44 19.85 -31.93
CA GLY A 203 3.88 18.82 -31.08
C GLY A 203 4.60 17.50 -31.19
N THR A 204 4.89 17.06 -32.42
CA THR A 204 5.47 15.76 -32.68
C THR A 204 6.75 15.90 -33.50
N GLY A 205 7.76 15.11 -33.14
CA GLY A 205 9.00 15.08 -33.87
C GLY A 205 10.19 14.79 -32.98
N PRO A 206 11.35 14.55 -33.57
CA PRO A 206 12.55 14.30 -32.76
C PRO A 206 13.01 15.55 -32.04
N CYS A 207 13.66 15.34 -30.90
CA CYS A 207 14.24 16.42 -30.10
C CYS A 207 15.71 16.08 -29.86
N ASN A 208 16.60 16.99 -30.27
CA ASN A 208 18.03 16.77 -30.19
C ASN A 208 18.69 17.48 -29.01
N ASN A 209 17.91 18.08 -28.11
CA ASN A 209 18.42 18.71 -26.90
C ASN A 209 17.55 18.26 -25.71
N VAL A 210 17.34 16.96 -25.61
CA VAL A 210 16.57 16.39 -24.51
C VAL A 210 17.40 16.48 -23.22
N SER A 211 16.73 16.80 -22.13
CA SER A 211 17.34 16.86 -20.81
C SER A 211 16.49 16.09 -19.81
N THR A 212 17.14 15.31 -18.96
CA THR A 212 16.45 14.51 -17.96
C THR A 212 16.27 15.33 -16.69
N VAL A 213 15.07 15.21 -16.09
CA VAL A 213 14.74 15.90 -14.86
C VAL A 213 13.93 14.96 -14.00
N GLN A 214 14.05 15.13 -12.68
CA GLN A 214 13.27 14.28 -11.76
C GLN A 214 11.78 14.49 -11.97
N CYS A 215 11.35 15.73 -12.14
CA CYS A 215 9.96 16.00 -12.47
C CYS A 215 9.83 17.44 -12.97
N THR A 216 8.59 17.84 -13.24
CA THR A 216 8.31 19.03 -14.03
C THR A 216 8.40 20.30 -13.18
N HIS A 217 8.11 21.42 -13.81
CA HIS A 217 8.09 22.72 -13.16
C HIS A 217 6.68 23.01 -12.65
N GLY A 218 6.52 24.18 -12.03
CA GLY A 218 5.22 24.58 -11.52
C GLY A 218 4.18 24.74 -12.61
N ILE A 219 3.09 23.98 -12.51
CA ILE A 219 2.01 24.02 -13.48
C ILE A 219 0.76 24.52 -12.75
N LYS A 220 0.19 25.62 -13.23
CA LYS A 220 -0.98 26.21 -12.60
C LYS A 220 -2.24 25.69 -13.30
N PRO A 221 -3.11 24.94 -12.61
CA PRO A 221 -4.35 24.50 -13.26
C PRO A 221 -5.33 25.63 -13.45
N VAL A 222 -5.53 26.05 -14.70
CA VAL A 222 -6.40 27.17 -15.05
C VAL A 222 -7.51 26.64 -15.95
N VAL A 223 -8.74 27.05 -15.66
CA VAL A 223 -9.92 26.66 -16.43
C VAL A 223 -10.26 27.82 -17.36
N SER A 224 -10.16 27.59 -18.66
CA SER A 224 -10.46 28.60 -19.65
C SER A 224 -10.90 27.91 -20.93
N THR A 225 -11.57 28.67 -21.80
CA THR A 225 -12.17 28.14 -23.02
C THR A 225 -11.45 28.60 -24.29
N GLN A 226 -11.29 29.91 -24.48
CA GLN A 226 -10.72 30.46 -25.70
C GLN A 226 -9.32 31.01 -25.55
N LEU A 227 -8.90 31.37 -24.33
CA LEU A 227 -7.61 32.00 -24.10
C LEU A 227 -6.92 31.35 -22.92
N LEU A 228 -5.63 31.08 -23.07
CA LEU A 228 -4.80 30.59 -21.98
C LEU A 228 -4.22 31.77 -21.23
N LEU A 229 -4.37 31.77 -19.90
CA LEU A 229 -4.04 32.92 -19.07
C LEU A 229 -2.89 32.59 -18.14
N ASN A 230 -2.14 33.64 -17.79
CA ASN A 230 -1.04 33.63 -16.82
C ASN A 230 -0.22 32.34 -16.86
N GLY A 231 0.18 31.98 -18.10
CA GLY A 231 0.99 30.81 -18.33
C GLY A 231 2.38 31.16 -18.84
N SER A 232 3.17 30.11 -19.05
CA SER A 232 4.53 30.28 -19.53
C SER A 232 4.55 30.71 -21.00
N LEU A 233 5.61 31.39 -21.38
CA LEU A 233 5.75 31.98 -22.71
C LEU A 233 6.71 31.17 -23.55
N ALA A 234 6.48 31.16 -24.87
CA ALA A 234 7.43 30.58 -25.80
C ALA A 234 8.70 31.43 -25.84
N GLU A 235 9.83 30.77 -26.08
CA GLU A 235 11.12 31.44 -25.99
C GLU A 235 11.51 32.12 -27.31
N LYS A 236 11.60 31.34 -28.39
CA LYS A 236 12.10 31.90 -29.64
C LYS A 236 11.00 32.65 -30.40
N GLU A 237 9.95 31.96 -30.79
CA GLU A 237 8.89 32.55 -31.60
C GLU A 237 7.58 31.85 -31.32
N ILE A 238 6.54 32.26 -32.04
CA ILE A 238 5.22 31.68 -31.86
C ILE A 238 5.25 30.21 -32.28
N ILE A 239 4.64 29.35 -31.46
CA ILE A 239 4.59 27.91 -31.71
C ILE A 239 3.16 27.53 -32.03
N ILE A 240 2.97 26.82 -33.14
CA ILE A 240 1.67 26.32 -33.57
C ILE A 240 1.72 24.80 -33.53
N ARG A 241 0.75 24.19 -32.86
CA ARG A 241 0.70 22.75 -32.65
C ARG A 241 -0.68 22.23 -33.02
N SER A 242 -0.71 21.13 -33.79
CA SER A 242 -1.96 20.49 -34.19
C SER A 242 -1.61 19.12 -34.75
N GLU A 243 -2.41 18.12 -34.37
CA GLU A 243 -2.12 16.75 -34.78
C GLU A 243 -2.21 16.60 -36.29
N ASN A 244 -3.21 17.22 -36.91
CA ASN A 244 -3.37 17.19 -38.37
C ASN A 244 -3.86 18.56 -38.80
N LEU A 245 -2.92 19.38 -39.29
CA LEU A 245 -3.29 20.74 -39.73
C LEU A 245 -4.25 20.68 -40.91
N THR A 246 -4.03 19.76 -41.85
CA THR A 246 -4.90 19.65 -43.01
C THR A 246 -6.34 19.31 -42.62
N ASN A 247 -6.54 18.66 -41.47
CA ASN A 247 -7.87 18.33 -40.99
C ASN A 247 -8.41 19.51 -40.19
N ASN A 248 -9.56 20.03 -40.60
CA ASN A 248 -10.16 21.19 -39.94
C ASN A 248 -10.99 20.81 -38.71
N ALA A 249 -11.17 19.53 -38.43
CA ALA A 249 -11.99 19.10 -37.30
C ALA A 249 -11.23 19.06 -35.98
N LYS A 250 -9.92 19.32 -35.99
CA LYS A 250 -9.09 19.27 -34.80
C LYS A 250 -8.68 20.66 -34.38
N THR A 251 -8.67 20.91 -33.07
CA THR A 251 -8.34 22.22 -32.55
C THR A 251 -6.86 22.52 -32.75
N ILE A 252 -6.54 23.82 -32.75
CA ILE A 252 -5.18 24.31 -32.97
C ILE A 252 -4.75 25.08 -31.72
N ILE A 253 -3.57 24.76 -31.21
CA ILE A 253 -3.02 25.40 -30.02
C ILE A 253 -1.93 26.37 -30.47
N VAL A 254 -2.02 27.61 -30.02
CA VAL A 254 -1.07 28.67 -30.37
C VAL A 254 -0.40 29.15 -29.09
N HIS A 255 0.93 29.17 -29.08
CA HIS A 255 1.71 29.63 -27.94
C HIS A 255 2.48 30.87 -28.36
N LEU A 256 2.28 31.96 -27.60
CA LEU A 256 2.85 33.26 -27.95
C LEU A 256 4.18 33.47 -27.25
N ASN A 257 5.13 34.06 -28.00
CA ASN A 257 6.41 34.45 -27.41
C ASN A 257 6.34 35.81 -26.73
N GLU A 258 5.33 36.62 -27.03
CA GLU A 258 5.07 37.89 -26.35
C GLU A 258 3.65 37.87 -25.82
N SER A 259 3.49 38.18 -24.54
CA SER A 259 2.19 38.11 -23.89
C SER A 259 1.52 39.48 -23.88
N VAL A 260 0.19 39.46 -23.80
CA VAL A 260 -0.63 40.66 -23.76
C VAL A 260 -1.44 40.66 -22.48
N GLY A 261 -1.33 41.74 -21.71
CA GLY A 261 -2.05 41.82 -20.45
C GLY A 261 -3.54 42.00 -20.65
N ILE A 262 -4.31 41.44 -19.72
CA ILE A 262 -5.77 41.55 -19.73
C ILE A 262 -6.21 41.98 -18.34
N VAL A 263 -7.09 42.98 -18.29
CA VAL A 263 -7.65 43.49 -17.04
C VAL A 263 -9.16 43.30 -17.09
N CYS A 264 -9.69 42.54 -16.13
CA CYS A 264 -11.12 42.25 -16.04
C CYS A 264 -11.59 42.57 -14.64
N THR A 265 -12.80 43.10 -14.53
CA THR A 265 -13.33 43.53 -13.24
C THR A 265 -14.85 43.48 -13.27
N ARG A 266 -15.45 43.46 -12.08
CA ARG A 266 -16.90 43.55 -11.88
C ARG A 266 -17.11 44.72 -10.92
N PRO A 267 -17.14 45.96 -11.43
CA PRO A 267 -17.16 47.10 -10.50
C PRO A 267 -18.52 47.32 -9.87
N SER A 268 -18.67 46.88 -8.62
CA SER A 268 -19.88 47.11 -7.85
C SER A 268 -19.67 46.62 -6.42
N ASN A 269 -20.23 47.32 -5.44
CA ASN A 269 -20.23 46.87 -4.04
C ASN A 269 -21.58 46.23 -3.77
N MET A 270 -21.60 44.90 -3.80
CA MET A 270 -22.83 44.11 -3.62
C MET A 270 -22.76 43.43 -2.26
N THR A 271 -23.65 43.84 -1.36
CA THR A 271 -23.66 43.27 -0.02
C THR A 271 -23.97 41.77 -0.09
N ARG A 272 -23.19 40.99 0.64
CA ARG A 272 -23.39 39.54 0.73
C ARG A 272 -24.30 39.24 1.92
N LYS A 273 -25.48 38.70 1.64
CA LYS A 273 -26.50 38.45 2.65
C LYS A 273 -26.62 36.95 2.87
N SER A 274 -26.61 36.55 4.15
CA SER A 274 -26.78 35.15 4.52
C SER A 274 -28.26 34.86 4.72
N ILE A 275 -28.75 33.81 4.07
CA ILE A 275 -30.14 33.41 4.11
C ILE A 275 -30.21 31.97 4.63
N ARG A 276 -31.06 31.75 5.64
CA ARG A 276 -31.26 30.42 6.20
C ARG A 276 -32.39 29.73 5.47
N ILE A 277 -32.14 28.51 5.00
CA ILE A 277 -33.09 27.74 4.23
C ILE A 277 -33.50 26.44 4.91
N GLY A 278 -32.94 26.13 6.08
CA GLY A 278 -33.29 24.93 6.80
C GLY A 278 -32.46 24.77 8.06
N PRO A 279 -32.73 23.70 8.81
CA PRO A 279 -31.96 23.46 10.04
C PRO A 279 -30.52 23.08 9.75
N GLY A 280 -29.59 23.97 10.10
CA GLY A 280 -28.18 23.74 9.84
C GLY A 280 -27.73 24.10 8.44
N GLN A 281 -28.62 24.56 7.57
CA GLN A 281 -28.30 24.92 6.20
C GLN A 281 -28.47 26.42 6.03
N THR A 282 -27.43 27.07 5.51
CA THR A 282 -27.45 28.51 5.27
C THR A 282 -26.57 28.81 4.07
N PHE A 283 -27.10 29.61 3.13
CA PHE A 283 -26.40 29.96 1.91
C PHE A 283 -26.39 31.47 1.74
N TYR A 284 -25.34 31.97 1.09
CA TYR A 284 -25.13 33.40 0.90
C TYR A 284 -25.54 33.80 -0.51
N ALA A 285 -26.23 34.94 -0.61
CA ALA A 285 -26.71 35.48 -1.87
C ALA A 285 -26.35 36.96 -1.97
N LEU A 286 -26.78 37.59 -3.05
CA LEU A 286 -26.55 39.01 -3.27
C LEU A 286 -27.63 39.82 -2.56
N GLY A 287 -27.21 40.73 -1.69
CA GLY A 287 -28.14 41.50 -0.89
C GLY A 287 -28.80 42.64 -1.64
N ASP A 288 -28.00 43.61 -2.08
CA ASP A 288 -28.51 44.79 -2.74
C ASP A 288 -27.34 45.49 -3.43
N ILE A 289 -27.65 46.58 -4.14
CA ILE A 289 -26.67 47.37 -4.88
C ILE A 289 -26.59 48.74 -4.23
N ILE A 290 -25.36 49.17 -3.90
CA ILE A 290 -25.12 50.49 -3.33
C ILE A 290 -24.49 51.37 -4.40
N GLY A 291 -25.32 52.11 -5.13
CA GLY A 291 -24.85 52.98 -6.19
C GLY A 291 -25.63 52.82 -7.47
N ASP A 292 -24.92 52.67 -8.59
CA ASP A 292 -25.52 52.56 -9.91
C ASP A 292 -25.23 51.18 -10.48
N ILE A 293 -26.02 50.80 -11.49
CA ILE A 293 -25.87 49.52 -12.17
C ILE A 293 -24.89 49.71 -13.31
N ARG A 294 -23.80 48.95 -13.30
CA ARG A 294 -22.75 49.03 -14.30
C ARG A 294 -22.26 47.63 -14.63
N GLN A 295 -22.13 47.33 -15.91
CA GLN A 295 -21.83 45.98 -16.36
C GLN A 295 -20.34 45.67 -16.17
N PRO A 296 -19.97 44.39 -16.03
CA PRO A 296 -18.55 44.03 -16.05
C PRO A 296 -17.96 44.23 -17.43
N HIS A 297 -16.64 44.43 -17.47
CA HIS A 297 -15.96 44.66 -18.74
C HIS A 297 -14.50 44.23 -18.61
N CYS A 298 -13.89 43.99 -19.77
CA CYS A 298 -12.47 43.67 -19.87
C CYS A 298 -11.84 44.58 -20.91
N ASN A 299 -10.63 45.05 -20.61
CA ASN A 299 -9.94 46.05 -21.43
C ASN A 299 -8.66 45.45 -21.98
N ILE A 300 -8.48 45.57 -23.29
CA ILE A 300 -7.31 45.04 -24.01
C ILE A 300 -6.77 46.14 -24.91
N SER A 301 -5.46 46.35 -24.86
CA SER A 301 -4.84 47.38 -25.69
C SER A 301 -4.96 47.03 -27.17
N LYS A 302 -5.21 48.06 -27.99
CA LYS A 302 -5.40 47.83 -29.43
C LYS A 302 -4.11 47.39 -30.09
N GLN A 303 -2.99 48.04 -29.78
CA GLN A 303 -1.74 47.73 -30.47
C GLN A 303 -1.24 46.34 -30.10
N ASN A 304 -1.33 45.97 -28.82
CA ASN A 304 -0.84 44.65 -28.40
C ASN A 304 -1.63 43.52 -29.04
N TRP A 305 -2.88 43.76 -29.42
CA TRP A 305 -3.68 42.75 -30.09
C TRP A 305 -3.52 42.81 -31.61
N ASN A 306 -3.53 44.01 -32.18
CA ASN A 306 -3.33 44.14 -33.64
C ASN A 306 -1.97 43.60 -34.04
N ARG A 307 -0.92 43.95 -33.29
CA ARG A 307 0.41 43.43 -33.58
C ARG A 307 0.49 41.93 -33.33
N THR A 308 -0.13 41.46 -32.24
CA THR A 308 -0.08 40.04 -31.93
C THR A 308 -0.76 39.22 -33.02
N LEU A 309 -1.93 39.67 -33.48
CA LEU A 309 -2.60 38.99 -34.58
C LEU A 309 -1.84 39.18 -35.90
N GLN A 310 -1.01 40.22 -36.00
CA GLN A 310 -0.15 40.37 -37.17
C GLN A 310 0.95 39.33 -37.19
N GLN A 311 1.61 39.13 -36.04
CA GLN A 311 2.70 38.17 -35.96
C GLN A 311 2.22 36.75 -36.21
N VAL A 312 1.08 36.37 -35.61
CA VAL A 312 0.56 35.04 -35.82
C VAL A 312 0.06 34.87 -37.26
N GLY A 313 -0.38 35.96 -37.89
CA GLY A 313 -0.88 35.85 -39.25
C GLY A 313 0.19 35.41 -40.24
N ARG A 314 1.38 36.01 -40.15
CA ARG A 314 2.46 35.62 -41.04
C ARG A 314 2.96 34.22 -40.73
N LYS A 315 2.91 33.82 -39.46
CA LYS A 315 3.31 32.46 -39.10
C LYS A 315 2.39 31.44 -39.76
N LEU A 316 1.09 31.74 -39.81
CA LEU A 316 0.15 30.85 -40.48
C LEU A 316 0.32 30.84 -41.99
N ALA A 317 0.99 31.85 -42.56
CA ALA A 317 1.17 31.89 -44.00
C ALA A 317 2.04 30.74 -44.49
N GLU A 318 3.06 30.36 -43.71
CA GLU A 318 3.93 29.26 -44.12
C GLU A 318 3.16 27.97 -44.23
N HIS A 319 2.27 27.69 -43.27
CA HIS A 319 1.47 26.47 -43.32
C HIS A 319 0.38 26.54 -44.38
N PHE A 320 -0.07 27.74 -44.74
CA PHE A 320 -1.12 27.95 -45.75
C PHE A 320 -0.61 29.00 -46.73
N PRO A 321 0.27 28.61 -47.65
CA PRO A 321 0.88 29.61 -48.54
C PRO A 321 -0.13 30.32 -49.42
N ASN A 322 0.17 31.60 -49.70
CA ASN A 322 -0.59 32.43 -50.64
C ASN A 322 -2.09 32.37 -50.41
N ARG A 323 -2.50 32.21 -49.16
CA ARG A 323 -3.91 32.18 -48.77
C ARG A 323 -4.19 33.33 -47.83
N ASN A 324 -5.26 34.08 -48.12
CA ASN A 324 -5.69 35.14 -47.21
C ASN A 324 -6.22 34.52 -45.92
N ILE A 325 -5.81 35.09 -44.79
CA ILE A 325 -6.19 34.59 -43.47
C ILE A 325 -7.03 35.65 -42.79
N THR A 326 -8.20 35.24 -42.29
CA THR A 326 -9.12 36.13 -41.59
C THR A 326 -9.56 35.48 -40.29
N PHE A 327 -9.75 36.33 -39.28
CA PHE A 327 -10.19 35.89 -37.95
C PHE A 327 -11.58 36.46 -37.69
N ASN A 328 -12.54 35.57 -37.42
CA ASN A 328 -13.93 35.92 -37.22
C ASN A 328 -14.40 35.43 -35.86
N HIS A 329 -15.54 35.94 -35.42
CA HIS A 329 -16.10 35.56 -34.13
C HIS A 329 -16.60 34.12 -34.18
N SER A 330 -16.94 33.59 -33.00
CA SER A 330 -17.43 32.23 -32.91
C SER A 330 -18.80 32.11 -33.57
N SER A 331 -19.13 30.88 -33.98
CA SER A 331 -20.40 30.63 -34.65
C SER A 331 -21.57 30.97 -33.75
N GLY A 332 -21.67 30.29 -32.61
CA GLY A 332 -22.75 30.52 -31.67
C GLY A 332 -23.14 29.24 -30.98
N GLY A 333 -24.35 29.23 -30.46
CA GLY A 333 -24.89 28.05 -29.78
C GLY A 333 -24.78 28.18 -28.27
N ASP A 334 -24.29 27.14 -27.62
CA ASP A 334 -24.16 27.14 -26.17
C ASP A 334 -23.19 28.23 -25.72
N LEU A 335 -23.51 28.85 -24.58
CA LEU A 335 -22.72 29.96 -24.06
C LEU A 335 -21.41 29.51 -23.42
N GLU A 336 -21.31 28.25 -23.01
CA GLU A 336 -20.13 27.81 -22.28
C GLU A 336 -18.87 27.88 -23.13
N ILE A 337 -18.98 27.61 -24.43
CA ILE A 337 -17.83 27.60 -25.33
C ILE A 337 -17.84 28.77 -26.31
N THR A 338 -18.99 29.39 -26.56
CA THR A 338 -19.01 30.54 -27.47
C THR A 338 -18.23 31.71 -26.89
N THR A 339 -18.36 31.96 -25.58
CA THR A 339 -17.71 33.07 -24.92
C THR A 339 -16.44 32.61 -24.22
N HIS A 340 -15.63 33.59 -23.82
CA HIS A 340 -14.39 33.33 -23.11
C HIS A 340 -14.70 33.23 -21.61
N SER A 341 -14.84 32.01 -21.11
CA SER A 341 -15.14 31.76 -19.72
C SER A 341 -13.85 31.63 -18.92
N PHE A 342 -13.83 32.26 -17.74
CA PHE A 342 -12.66 32.22 -16.87
C PHE A 342 -13.13 32.46 -15.45
N ASN A 343 -12.18 32.63 -14.53
CA ASN A 343 -12.46 32.84 -13.12
C ASN A 343 -11.73 34.09 -12.64
N CYS A 344 -12.33 34.77 -11.66
CA CYS A 344 -11.74 35.98 -11.08
C CYS A 344 -12.23 36.09 -9.64
N ARG A 345 -11.37 35.77 -8.69
CA ARG A 345 -11.66 35.80 -7.27
C ARG A 345 -12.79 34.85 -6.87
N GLY A 346 -13.15 33.90 -7.74
CA GLY A 346 -14.25 32.99 -7.49
C GLY A 346 -15.54 33.35 -8.21
N GLU A 347 -15.52 34.37 -9.06
CA GLU A 347 -16.69 34.76 -9.86
C GLU A 347 -16.48 34.30 -11.29
N PHE A 348 -17.47 33.60 -11.84
CA PHE A 348 -17.38 33.03 -13.18
C PHE A 348 -17.86 34.07 -14.20
N PHE A 349 -16.99 34.41 -15.15
CA PHE A 349 -17.28 35.39 -16.17
C PHE A 349 -17.56 34.70 -17.50
N TYR A 350 -18.21 35.45 -18.40
CA TYR A 350 -18.48 34.97 -19.75
C TYR A 350 -18.43 36.19 -20.66
N CYS A 351 -17.28 36.42 -21.30
CA CYS A 351 -17.02 37.65 -22.04
C CYS A 351 -17.36 37.47 -23.51
N ASN A 352 -18.07 38.45 -24.06
CA ASN A 352 -18.44 38.45 -25.47
C ASN A 352 -17.21 38.78 -26.31
N THR A 353 -16.55 37.74 -26.82
CA THR A 353 -15.32 37.90 -27.60
C THR A 353 -15.70 37.92 -29.08
N SER A 354 -16.06 39.12 -29.55
CA SER A 354 -16.43 39.33 -30.94
C SER A 354 -15.58 40.43 -31.56
N GLY A 355 -15.26 41.46 -30.77
CA GLY A 355 -14.43 42.54 -31.26
C GLY A 355 -12.95 42.19 -31.36
N LEU A 356 -12.50 41.18 -30.63
CA LEU A 356 -11.10 40.79 -30.69
C LEU A 356 -10.76 40.21 -32.06
N PHE A 357 -11.60 39.31 -32.56
CA PHE A 357 -11.40 38.68 -33.87
C PHE A 357 -12.22 39.40 -34.94
N ASN A 358 -11.88 40.66 -35.15
CA ASN A 358 -12.52 41.53 -36.14
C ASN A 358 -11.48 42.09 -37.09
N GLY A 359 -10.58 41.23 -37.56
CA GLY A 359 -9.54 41.65 -38.49
C GLY A 359 -9.01 40.46 -39.26
N THR A 360 -8.28 40.76 -40.33
CA THR A 360 -7.74 39.73 -41.20
C THR A 360 -6.30 40.10 -41.57
N TYR A 361 -5.51 39.08 -41.87
CA TYR A 361 -4.12 39.24 -42.27
C TYR A 361 -4.02 39.12 -43.79
N HIS A 362 -3.30 40.07 -44.40
CA HIS A 362 -3.04 40.06 -45.83
C HIS A 362 -1.60 39.68 -46.07
N PRO A 363 -1.28 38.58 -46.77
CA PRO A 363 0.15 38.22 -46.94
C PRO A 363 0.95 39.29 -47.68
N ASN A 364 0.31 40.07 -48.54
CA ASN A 364 0.96 41.16 -49.27
C ASN A 364 0.38 42.48 -48.79
N GLY A 365 1.24 43.37 -48.33
CA GLY A 365 0.80 44.67 -47.87
C GLY A 365 1.79 45.28 -46.89
N THR A 366 1.42 46.44 -46.38
CA THR A 366 2.20 47.16 -45.39
C THR A 366 1.43 47.22 -44.08
N TYR A 367 2.11 46.91 -42.97
CA TYR A 367 1.47 46.70 -41.67
C TYR A 367 2.22 47.45 -40.58
N ASN A 368 2.66 48.67 -40.84
CA ASN A 368 3.42 49.41 -39.84
C ASN A 368 2.51 49.82 -38.69
N GLU A 369 2.97 49.59 -37.46
CA GLU A 369 2.11 49.73 -36.29
C GLU A 369 1.85 51.17 -35.90
N THR A 370 2.68 52.11 -36.35
CA THR A 370 2.51 53.51 -35.96
C THR A 370 1.18 54.09 -36.46
N ALA A 371 0.56 53.47 -37.46
CA ALA A 371 -0.71 53.97 -37.96
C ALA A 371 -1.79 53.90 -36.89
N VAL A 372 -1.81 52.82 -36.11
CA VAL A 372 -2.84 52.64 -35.08
C VAL A 372 -2.51 53.53 -33.90
N ASN A 373 -3.51 54.27 -33.42
CA ASN A 373 -3.32 55.17 -32.29
C ASN A 373 -3.04 54.37 -31.01
N SER A 374 -2.30 54.99 -30.10
CA SER A 374 -1.94 54.39 -28.83
C SER A 374 -2.89 54.85 -27.73
N SER A 375 -2.76 54.23 -26.56
CA SER A 375 -3.64 54.50 -25.42
C SER A 375 -5.09 54.18 -25.74
N ASP A 376 -5.31 53.24 -26.66
CA ASP A 376 -6.65 52.81 -27.06
C ASP A 376 -6.83 51.38 -26.61
N THR A 377 -7.95 51.12 -25.92
CA THR A 377 -8.26 49.81 -25.37
C THR A 377 -9.51 49.25 -26.00
N ILE A 378 -9.68 47.94 -25.88
CA ILE A 378 -10.83 47.22 -26.44
C ILE A 378 -11.71 46.83 -25.26
N THR A 379 -12.77 47.58 -25.04
CA THR A 379 -13.73 47.23 -24.00
C THR A 379 -14.58 46.06 -24.44
N LEU A 380 -14.92 45.19 -23.49
CA LEU A 380 -15.69 43.99 -23.74
C LEU A 380 -16.89 43.94 -22.81
N GLN A 381 -17.91 43.19 -23.22
CA GLN A 381 -19.11 42.96 -22.44
C GLN A 381 -19.06 41.55 -21.88
N CYS A 382 -19.16 41.43 -20.56
CA CYS A 382 -19.09 40.15 -19.88
C CYS A 382 -20.25 40.04 -18.90
N ARG A 383 -20.75 38.82 -18.72
CA ARG A 383 -21.88 38.53 -17.86
C ARG A 383 -21.47 37.53 -16.79
N ILE A 384 -22.16 37.59 -15.66
CA ILE A 384 -21.85 36.75 -14.50
C ILE A 384 -22.89 35.64 -14.41
N LYS A 385 -22.42 34.41 -14.20
CA LYS A 385 -23.28 33.24 -14.07
C LYS A 385 -22.81 32.45 -12.86
N GLN A 386 -23.58 32.50 -11.77
CA GLN A 386 -23.19 31.87 -10.51
C GLN A 386 -23.67 30.43 -10.39
N ILE A 387 -24.33 29.88 -11.41
CA ILE A 387 -24.66 28.46 -11.47
C ILE A 387 -23.89 27.89 -12.66
N ILE A 388 -23.01 26.93 -12.38
CA ILE A 388 -22.05 26.42 -13.36
C ILE A 388 -22.13 24.90 -13.38
N ASN A 389 -22.15 24.34 -14.58
CA ASN A 389 -21.98 22.89 -14.79
C ASN A 389 -20.69 22.68 -15.55
N MET A 390 -19.80 21.86 -14.99
CA MET A 390 -18.41 21.78 -15.43
C MET A 390 -18.15 20.49 -16.19
N TRP A 391 -16.98 20.45 -16.80
CA TRP A 391 -16.47 19.28 -17.53
C TRP A 391 -17.32 18.90 -18.73
N GLN A 392 -18.15 19.83 -19.22
CA GLN A 392 -18.99 19.61 -20.40
C GLN A 392 -19.85 18.35 -20.24
N GLU A 393 -20.35 18.14 -19.03
CA GLU A 393 -21.20 16.99 -18.74
C GLU A 393 -22.25 17.41 -17.72
N VAL A 394 -23.50 17.04 -17.97
CA VAL A 394 -24.60 17.40 -17.06
C VAL A 394 -24.69 16.27 -16.03
N GLY A 395 -23.81 16.33 -15.04
CA GLY A 395 -23.85 15.42 -13.92
C GLY A 395 -23.43 16.07 -12.61
N ARG A 396 -23.25 17.39 -12.62
CA ARG A 396 -22.77 18.10 -11.44
C ARG A 396 -23.08 19.58 -11.61
N CYS A 397 -23.07 20.29 -10.49
CA CYS A 397 -23.26 21.74 -10.47
C CYS A 397 -22.60 22.30 -9.24
N MET A 398 -22.47 23.63 -9.21
CA MET A 398 -21.83 24.31 -8.11
C MET A 398 -22.26 25.77 -8.12
N TYR A 399 -22.77 26.25 -6.98
CA TYR A 399 -23.27 27.62 -6.86
C TYR A 399 -22.14 28.50 -6.36
N ALA A 400 -21.74 29.46 -7.19
CA ALA A 400 -20.67 30.37 -6.81
C ALA A 400 -21.22 31.48 -5.92
N PRO A 401 -20.79 31.58 -4.66
CA PRO A 401 -21.31 32.65 -3.79
C PRO A 401 -20.74 33.99 -4.20
N PRO A 402 -21.42 35.09 -3.87
CA PRO A 402 -20.91 36.42 -4.23
C PRO A 402 -19.85 36.90 -3.26
N ILE A 403 -19.26 38.04 -3.60
CA ILE A 403 -18.20 38.67 -2.81
C ILE A 403 -18.55 40.13 -2.60
N ALA A 404 -18.44 40.60 -1.37
CA ALA A 404 -18.71 42.01 -1.07
C ALA A 404 -17.65 42.90 -1.70
N GLY A 405 -18.07 44.08 -2.13
CA GLY A 405 -17.17 45.03 -2.76
C GLY A 405 -16.90 44.68 -4.21
N ASN A 406 -16.06 45.49 -4.83
CA ASN A 406 -15.69 45.32 -6.22
C ASN A 406 -14.38 44.56 -6.33
N ILE A 407 -14.28 43.73 -7.37
CA ILE A 407 -13.12 42.88 -7.61
C ILE A 407 -12.42 43.31 -8.88
N THR A 408 -11.14 42.95 -8.98
CA THR A 408 -10.34 43.26 -10.16
C THR A 408 -9.24 42.22 -10.26
N CYS A 409 -9.16 41.56 -11.42
CA CYS A 409 -8.16 40.53 -11.68
C CYS A 409 -7.35 40.92 -12.90
N ASN A 410 -6.01 40.90 -12.75
CA ASN A 410 -5.08 41.21 -13.83
C ASN A 410 -4.28 39.96 -14.15
N SER A 411 -4.17 39.65 -15.44
CA SER A 411 -3.45 38.48 -15.89
C SER A 411 -2.86 38.77 -17.26
N ASN A 412 -2.10 37.81 -17.79
CA ASN A 412 -1.48 37.91 -19.11
C ASN A 412 -2.03 36.81 -20.00
N ILE A 413 -2.40 37.18 -21.23
CA ILE A 413 -2.82 36.21 -22.23
C ILE A 413 -1.58 35.49 -22.75
N THR A 414 -1.64 34.16 -22.76
CA THR A 414 -0.50 33.32 -23.11
C THR A 414 -0.68 32.58 -24.42
N GLY A 415 -1.85 31.95 -24.64
CA GLY A 415 -2.08 31.18 -25.84
C GLY A 415 -3.50 31.31 -26.32
N LEU A 416 -3.74 30.83 -27.53
CA LEU A 416 -5.03 30.89 -28.19
C LEU A 416 -5.45 29.50 -28.64
N LEU A 417 -6.76 29.23 -28.56
CA LEU A 417 -7.35 27.97 -29.01
C LEU A 417 -8.26 28.29 -30.20
N LEU A 418 -7.77 28.04 -31.41
CA LEU A 418 -8.48 28.37 -32.63
C LEU A 418 -8.91 27.11 -33.36
N THR A 419 -9.91 27.29 -34.23
CA THR A 419 -10.42 26.22 -35.07
C THR A 419 -10.56 26.74 -36.49
N ARG A 420 -10.43 25.83 -37.46
CA ARG A 420 -10.51 26.15 -38.87
C ARG A 420 -11.70 25.44 -39.51
N ASP A 421 -12.24 26.05 -40.55
CA ASP A 421 -13.40 25.50 -41.26
C ASP A 421 -13.17 25.54 -42.77
N GLN A 426 -14.50 27.82 -50.26
CA GLN A 426 -13.65 26.65 -50.29
C GLN A 426 -12.23 27.00 -50.70
N THR A 427 -12.09 28.07 -51.50
CA THR A 427 -10.80 28.51 -52.00
C THR A 427 -10.63 30.00 -51.72
N GLY A 428 -9.37 30.41 -51.58
CA GLY A 428 -9.04 31.80 -51.32
C GLY A 428 -8.85 32.10 -49.85
N GLU A 429 -9.80 32.83 -49.26
CA GLU A 429 -9.70 33.20 -47.86
C GLU A 429 -9.81 31.97 -46.96
N GLU A 430 -9.01 31.95 -45.90
CA GLU A 430 -9.04 30.89 -44.89
C GLU A 430 -9.58 31.48 -43.61
N ILE A 431 -10.64 30.88 -43.07
CA ILE A 431 -11.34 31.40 -41.91
C ILE A 431 -10.91 30.61 -40.68
N PHE A 432 -10.42 31.33 -39.67
CA PHE A 432 -10.06 30.75 -38.38
C PHE A 432 -10.95 31.38 -37.31
N ARG A 433 -11.52 30.54 -36.46
CA ARG A 433 -12.44 30.98 -35.42
C ARG A 433 -11.98 30.47 -34.06
N PRO A 434 -12.31 31.18 -32.98
CA PRO A 434 -11.93 30.69 -31.65
C PRO A 434 -12.93 29.68 -31.11
N GLY A 435 -12.41 28.67 -30.43
CA GLY A 435 -13.28 27.68 -29.82
C GLY A 435 -12.56 26.74 -28.86
N GLY A 436 -13.13 26.56 -27.68
CA GLY A 436 -12.63 25.59 -26.72
C GLY A 436 -13.27 24.24 -26.92
N GLY A 437 -12.87 23.52 -27.97
CA GLY A 437 -13.53 22.26 -28.28
C GLY A 437 -13.42 21.25 -27.16
N ASP A 438 -12.24 21.13 -26.57
CA ASP A 438 -12.02 20.21 -25.46
C ASP A 438 -11.25 20.93 -24.36
N MET A 439 -11.54 20.56 -23.12
CA MET A 439 -10.87 21.19 -21.98
C MET A 439 -9.43 20.69 -21.84
N ARG A 440 -9.14 19.48 -22.30
CA ARG A 440 -7.82 18.89 -22.10
C ARG A 440 -6.72 19.66 -22.82
N ASP A 441 -7.05 20.44 -23.85
CA ASP A 441 -6.03 21.19 -24.57
C ASP A 441 -5.40 22.30 -23.72
N ASN A 442 -6.05 22.69 -22.62
CA ASN A 442 -5.48 23.73 -21.78
C ASN A 442 -4.15 23.29 -21.18
N TRP A 443 -4.05 22.05 -20.75
CA TRP A 443 -2.82 21.52 -20.16
C TRP A 443 -1.88 20.92 -21.19
N ARG A 444 -2.35 20.61 -22.39
CA ARG A 444 -1.45 20.12 -23.43
C ARG A 444 -0.44 21.19 -23.82
N SER A 445 -0.80 22.47 -23.67
CA SER A 445 0.14 23.56 -23.96
C SER A 445 1.24 23.68 -22.91
N GLU A 446 1.11 23.01 -21.76
CA GLU A 446 2.11 23.05 -20.71
C GLU A 446 2.94 21.77 -20.62
N LEU A 447 2.34 20.62 -20.90
CA LEU A 447 3.02 19.33 -20.83
C LEU A 447 3.52 18.86 -22.19
N TYR A 448 3.57 19.74 -23.18
CA TYR A 448 4.01 19.35 -24.51
C TYR A 448 5.47 18.88 -24.52
N LYS A 449 6.27 19.36 -23.57
CA LYS A 449 7.70 19.07 -23.50
C LYS A 449 8.04 18.17 -22.32
N TYR A 450 7.18 17.17 -22.05
CA TYR A 450 7.41 16.23 -20.97
C TYR A 450 6.98 14.84 -21.41
N LYS A 451 7.66 13.83 -20.87
CA LYS A 451 7.37 12.44 -21.22
C LYS A 451 7.94 11.54 -20.13
N VAL A 452 7.07 10.78 -19.47
CA VAL A 452 7.50 9.82 -18.45
C VAL A 452 8.12 8.62 -19.14
N VAL A 453 9.18 8.07 -18.55
CA VAL A 453 9.91 6.96 -19.14
C VAL A 453 10.43 6.07 -18.01
N GLU A 454 10.60 4.79 -18.32
CA GLU A 454 11.08 3.80 -17.37
C GLU A 454 12.56 3.49 -17.62
N ILE A 455 13.25 3.12 -16.55
CA ILE A 455 14.69 2.85 -16.58
C ILE A 455 14.90 1.34 -16.62
N LYS A 456 15.85 0.89 -17.44
CA LYS A 456 16.22 -0.52 -17.57
C LYS A 456 17.72 -0.62 -17.34
N PRO A 457 18.17 -0.76 -16.09
CA PRO A 457 19.60 -0.72 -15.79
C PRO A 457 20.35 -2.01 -16.09
N LEU A 458 19.74 -2.98 -16.77
CA LEU A 458 20.39 -4.24 -17.09
C LEU A 458 20.98 -4.17 -18.49
N GLY A 459 22.24 -4.57 -18.62
CA GLY A 459 22.91 -4.59 -19.90
C GLY A 459 23.81 -5.80 -20.05
N ILE A 460 23.74 -6.46 -21.21
CA ILE A 460 24.51 -7.67 -21.50
C ILE A 460 25.25 -7.46 -22.81
N ALA A 461 26.56 -7.62 -22.78
CA ALA A 461 27.41 -7.48 -23.96
C ALA A 461 28.53 -8.50 -23.87
N PRO A 462 29.11 -8.89 -25.00
CA PRO A 462 30.25 -9.83 -24.96
C PRO A 462 31.52 -9.17 -24.45
N THR A 463 32.41 -10.00 -23.93
CA THR A 463 33.71 -9.55 -23.45
C THR A 463 34.65 -10.74 -23.38
N LYS A 464 35.93 -10.45 -23.16
CA LYS A 464 36.95 -11.48 -23.10
C LYS A 464 37.17 -12.04 -21.70
N CYS A 465 36.50 -11.51 -20.69
CA CYS A 465 36.68 -11.98 -19.32
C CYS A 465 35.79 -13.19 -19.06
N LYS A 466 36.35 -14.17 -18.34
CA LYS A 466 35.67 -15.41 -18.01
C LYS A 466 35.61 -15.58 -16.50
N ARG A 467 34.46 -16.02 -16.01
CA ARG A 467 34.31 -16.29 -14.58
C ARG A 467 35.26 -17.41 -14.15
N ARG A 468 35.91 -17.21 -13.01
CA ARG A 468 36.86 -18.18 -12.48
C ARG A 468 36.14 -19.18 -11.60
N VAL A 469 36.47 -20.46 -11.78
CA VAL A 469 35.87 -21.56 -11.02
C VAL A 469 36.95 -22.14 -10.12
N VAL A 470 36.67 -22.20 -8.82
CA VAL A 470 37.61 -22.77 -7.86
C VAL A 470 37.50 -24.28 -7.90
N GLU A 471 38.64 -24.95 -7.97
CA GLU A 471 38.70 -26.40 -8.00
C GLU A 471 39.32 -26.95 -6.72
N ALA B 1 40.67 21.65 -21.19
CA ALA B 1 39.41 21.24 -20.59
C ALA B 1 39.66 20.45 -19.31
N VAL B 2 39.13 20.95 -18.19
CA VAL B 2 39.30 20.25 -16.92
C VAL B 2 38.53 18.94 -16.94
N GLY B 3 38.97 18.01 -16.11
CA GLY B 3 38.44 16.65 -16.09
C GLY B 3 37.37 16.47 -15.03
N ILE B 4 36.37 15.66 -15.36
CA ILE B 4 35.33 15.24 -14.44
C ILE B 4 35.60 13.78 -14.08
N GLY B 5 35.49 13.46 -12.79
CA GLY B 5 35.82 12.12 -12.34
C GLY B 5 34.77 11.06 -12.66
N ALA B 6 33.64 11.45 -13.24
CA ALA B 6 32.51 10.62 -13.61
C ALA B 6 31.66 10.23 -12.39
N VAL B 7 32.09 10.57 -11.18
CA VAL B 7 31.24 10.38 -10.00
C VAL B 7 30.34 11.59 -9.79
N PHE B 8 30.72 12.75 -10.34
CA PHE B 8 29.96 13.98 -10.21
C PHE B 8 28.87 14.13 -11.26
N LEU B 9 28.80 13.23 -12.23
CA LEU B 9 27.81 13.34 -13.29
C LEU B 9 26.40 13.08 -12.74
N GLY B 10 25.41 13.64 -13.42
CA GLY B 10 24.03 13.49 -13.01
C GLY B 10 23.41 12.19 -13.47
N PHE B 11 22.15 12.02 -13.10
CA PHE B 11 21.42 10.80 -13.44
C PHE B 11 21.23 10.71 -14.96
N LEU B 12 21.28 9.48 -15.47
CA LEU B 12 21.15 9.19 -16.90
C LEU B 12 22.23 9.88 -17.74
N GLY B 13 23.31 10.33 -17.12
CA GLY B 13 24.39 10.92 -17.86
C GLY B 13 25.16 9.89 -18.67
N ALA B 14 25.88 10.38 -19.68
CA ALA B 14 26.66 9.54 -20.58
C ALA B 14 25.79 8.55 -21.35
N ALA B 15 24.50 8.86 -21.50
CA ALA B 15 23.61 7.96 -22.23
C ALA B 15 23.92 7.98 -23.73
N GLY B 16 24.25 9.14 -24.27
CA GLY B 16 24.58 9.29 -25.67
C GLY B 16 26.03 9.02 -26.03
N SER B 17 26.84 8.58 -25.07
CA SER B 17 28.25 8.31 -25.32
C SER B 17 28.44 6.83 -25.64
N THR B 18 29.68 6.43 -25.88
CA THR B 18 29.98 5.06 -26.24
C THR B 18 29.72 4.12 -25.06
N MET B 19 29.54 2.83 -25.39
CA MET B 19 29.28 1.84 -24.35
C MET B 19 30.46 1.71 -23.39
N GLY B 20 31.68 1.72 -23.93
CA GLY B 20 32.85 1.62 -23.08
C GLY B 20 32.98 2.80 -22.13
N ALA B 21 32.75 4.01 -22.64
CA ALA B 21 32.80 5.18 -21.77
C ALA B 21 31.72 5.15 -20.71
N ALA B 22 30.51 4.74 -21.09
CA ALA B 22 29.39 4.69 -20.15
C ALA B 22 29.57 3.60 -19.10
N SER B 23 30.46 2.63 -19.33
CA SER B 23 30.68 1.58 -18.35
C SER B 23 31.34 2.09 -17.09
N ASN B 24 31.93 3.29 -17.11
CA ASN B 24 32.59 3.87 -15.95
C ASN B 24 31.65 4.72 -15.10
N THR B 25 30.36 4.81 -15.45
CA THR B 25 29.39 5.63 -14.74
C THR B 25 28.21 4.80 -14.23
N LEU B 26 28.47 3.53 -13.89
CA LEU B 26 27.39 2.67 -13.41
C LEU B 26 26.94 3.07 -12.01
N THR B 27 27.84 3.65 -11.20
CA THR B 27 27.52 3.94 -9.81
C THR B 27 26.38 4.95 -9.70
N VAL B 28 26.42 6.01 -10.52
CA VAL B 28 25.48 7.12 -10.33
C VAL B 28 24.04 6.66 -10.56
N GLN B 29 23.81 5.75 -11.50
CA GLN B 29 22.45 5.28 -11.75
C GLN B 29 21.92 4.46 -10.58
N ALA B 30 22.79 3.66 -9.95
CA ALA B 30 22.34 2.80 -8.86
C ALA B 30 21.87 3.61 -7.65
N ARG B 31 22.46 4.77 -7.41
CA ARG B 31 22.07 5.58 -6.26
C ARG B 31 20.62 6.04 -6.37
N GLN B 32 20.21 6.45 -7.57
CA GLN B 32 18.88 7.04 -7.72
C GLN B 32 17.78 6.00 -7.57
N LEU B 33 18.07 4.73 -7.85
CA LEU B 33 17.07 3.69 -7.64
C LEU B 33 16.72 3.60 -6.15
N LEU B 34 15.43 3.51 -5.86
CA LEU B 34 14.92 3.62 -4.49
C LEU B 34 15.42 4.91 -3.84
N SER B 35 14.99 6.03 -4.42
CA SER B 35 15.38 7.34 -3.90
C SER B 35 14.64 7.65 -2.60
N LEU B 57 -4.97 8.86 3.89
CA LEU B 57 -6.42 8.99 3.83
C LEU B 57 -6.84 9.86 2.65
N GLY B 58 -6.00 10.84 2.32
CA GLY B 58 -6.32 11.76 1.23
C GLY B 58 -6.03 11.16 -0.13
N VAL B 59 -6.45 11.90 -1.16
CA VAL B 59 -6.23 11.46 -2.54
C VAL B 59 -4.73 11.38 -2.84
N TRP B 60 -3.96 12.36 -2.37
CA TRP B 60 -2.52 12.35 -2.63
C TRP B 60 -1.85 11.16 -1.94
N GLY B 61 -2.30 10.82 -0.73
CA GLY B 61 -1.68 9.71 -0.01
C GLY B 61 -1.79 8.40 -0.76
N PHE B 62 -2.96 8.13 -1.35
CA PHE B 62 -3.13 6.89 -2.10
C PHE B 62 -2.20 6.85 -3.30
N LYS B 63 -2.14 7.94 -4.06
CA LYS B 63 -1.25 7.99 -5.22
C LYS B 63 0.22 7.92 -4.79
N GLN B 64 0.57 8.63 -3.72
CA GLN B 64 1.94 8.55 -3.20
C GLN B 64 2.24 7.14 -2.70
N LEU B 65 1.29 6.54 -1.98
CA LEU B 65 1.50 5.18 -1.49
C LEU B 65 1.65 4.20 -2.65
N GLN B 66 0.83 4.36 -3.69
CA GLN B 66 0.97 3.51 -4.87
C GLN B 66 2.32 3.72 -5.55
N ALA B 67 2.89 4.91 -5.41
CA ALA B 67 4.20 5.18 -6.01
C ALA B 67 5.31 4.48 -5.24
N ARG B 68 5.23 4.49 -3.90
CA ARG B 68 6.28 3.88 -3.10
C ARG B 68 6.37 2.37 -3.36
N VAL B 69 5.23 1.69 -3.40
CA VAL B 69 5.25 0.25 -3.66
C VAL B 69 5.75 -0.03 -5.07
N LEU B 70 5.42 0.84 -6.03
CA LEU B 70 5.87 0.64 -7.40
C LEU B 70 7.39 0.70 -7.50
N ALA B 71 8.01 1.65 -6.79
CA ALA B 71 9.46 1.73 -6.81
C ALA B 71 10.10 0.50 -6.20
N ILE B 72 9.54 0.01 -5.09
CA ILE B 72 10.09 -1.18 -4.45
C ILE B 72 9.98 -2.39 -5.37
N GLU B 73 8.83 -2.54 -6.03
CA GLU B 73 8.63 -3.68 -6.91
C GLU B 73 9.62 -3.68 -8.07
N ARG B 74 9.85 -2.51 -8.66
CA ARG B 74 10.76 -2.44 -9.80
C ARG B 74 12.19 -2.75 -9.39
N TYR B 75 12.65 -2.20 -8.27
CA TYR B 75 14.01 -2.46 -7.81
C TYR B 75 14.21 -3.94 -7.51
N LEU B 76 13.25 -4.55 -6.82
CA LEU B 76 13.40 -5.93 -6.41
C LEU B 76 13.38 -6.88 -7.60
N GLU B 77 12.74 -6.49 -8.70
CA GLU B 77 12.73 -7.34 -9.88
C GLU B 77 14.14 -7.53 -10.44
N VAL B 78 14.93 -6.46 -10.49
CA VAL B 78 16.29 -6.56 -11.01
C VAL B 78 17.16 -7.37 -10.06
N GLN B 79 17.04 -7.13 -8.75
CA GLN B 79 17.87 -7.84 -7.79
C GLN B 79 17.58 -9.33 -7.77
N GLN B 80 16.31 -9.72 -7.99
CA GLN B 80 15.98 -11.14 -8.02
C GLN B 80 16.70 -11.85 -9.14
N LEU B 81 16.75 -11.23 -10.33
CA LEU B 81 17.48 -11.84 -11.45
C LEU B 81 18.97 -11.90 -11.16
N LEU B 82 19.53 -10.85 -10.54
CA LEU B 82 20.96 -10.83 -10.27
C LEU B 82 21.37 -11.94 -9.32
N GLY B 83 20.55 -12.20 -8.29
CA GLY B 83 20.90 -13.23 -7.33
C GLY B 83 21.01 -14.61 -7.94
N ILE B 84 20.08 -14.94 -8.85
CA ILE B 84 20.10 -16.25 -9.48
C ILE B 84 21.33 -16.39 -10.37
N TRP B 85 21.73 -15.30 -11.03
CA TRP B 85 22.88 -15.33 -11.93
C TRP B 85 24.21 -15.31 -11.19
N GLY B 86 24.20 -15.16 -9.86
CA GLY B 86 25.43 -15.14 -9.08
C GLY B 86 26.00 -13.76 -8.86
N CYS B 87 25.48 -12.73 -9.51
CA CYS B 87 25.94 -11.36 -9.33
C CYS B 87 25.05 -10.65 -8.30
N SER B 88 25.03 -11.22 -7.10
CA SER B 88 24.13 -10.72 -6.05
C SER B 88 24.47 -9.27 -5.69
N GLY B 89 25.76 -8.96 -5.56
CA GLY B 89 26.19 -7.63 -5.20
C GLY B 89 27.22 -7.04 -6.15
N LYS B 90 27.73 -7.86 -7.06
CA LYS B 90 28.75 -7.39 -7.99
C LYS B 90 28.13 -6.50 -9.06
N LEU B 91 28.72 -5.32 -9.25
CA LEU B 91 28.23 -4.40 -10.27
C LEU B 91 28.61 -4.87 -11.68
N ILE B 92 29.83 -5.39 -11.83
CA ILE B 92 30.30 -5.98 -13.08
C ILE B 92 30.76 -7.39 -12.76
N CYS B 93 30.15 -8.37 -13.44
CA CYS B 93 30.43 -9.79 -13.18
C CYS B 93 30.57 -10.53 -14.50
N CYS B 94 31.64 -11.31 -14.61
CA CYS B 94 31.84 -12.20 -15.75
C CYS B 94 31.11 -13.51 -15.50
N THR B 95 30.82 -14.23 -16.59
CA THR B 95 30.10 -15.50 -16.54
C THR B 95 30.83 -16.51 -17.42
N ASN B 96 30.34 -17.75 -17.38
CA ASN B 96 30.96 -18.85 -18.12
C ASN B 96 30.28 -19.14 -19.45
N VAL B 97 29.04 -18.68 -19.65
CA VAL B 97 28.34 -18.96 -20.91
C VAL B 97 29.02 -18.20 -22.04
N PRO B 98 29.26 -18.79 -23.20
CA PRO B 98 29.88 -18.05 -24.30
C PRO B 98 28.85 -17.25 -25.09
N TRP B 99 29.35 -16.25 -25.80
CA TRP B 99 28.50 -15.41 -26.64
C TRP B 99 28.29 -16.09 -28.00
N ASN B 100 27.07 -15.98 -28.52
CA ASN B 100 26.70 -16.56 -29.79
C ASN B 100 26.75 -15.49 -30.88
N SER B 101 27.36 -15.83 -32.02
CA SER B 101 27.48 -14.88 -33.11
C SER B 101 26.13 -14.51 -33.71
N THR B 102 25.13 -15.40 -33.61
CA THR B 102 23.81 -15.09 -34.14
C THR B 102 23.19 -13.90 -33.44
N TRP B 103 23.35 -13.82 -32.11
CA TRP B 103 22.79 -12.69 -31.36
C TRP B 103 23.42 -11.38 -31.80
N SER B 104 24.75 -11.37 -31.99
CA SER B 104 25.45 -10.18 -32.46
C SER B 104 26.66 -10.63 -33.26
N ASN B 105 26.89 -9.94 -34.38
CA ASN B 105 27.97 -10.27 -35.30
C ASN B 105 29.08 -9.23 -35.33
N ARG B 106 28.86 -8.05 -34.75
CA ARG B 106 29.85 -6.98 -34.82
C ARG B 106 31.04 -7.29 -33.92
N THR B 107 32.18 -6.70 -34.26
CA THR B 107 33.42 -6.94 -33.53
C THR B 107 33.44 -6.14 -32.23
N GLN B 108 34.40 -6.50 -31.37
CA GLN B 108 34.51 -5.85 -30.07
C GLN B 108 34.87 -4.37 -30.21
N GLU B 109 35.76 -4.04 -31.17
CA GLU B 109 36.22 -2.67 -31.32
C GLU B 109 35.06 -1.73 -31.65
N ASP B 110 34.15 -2.17 -32.53
CA ASP B 110 33.05 -1.32 -32.96
C ASP B 110 31.88 -1.32 -31.97
N ILE B 111 31.89 -2.20 -30.96
CA ILE B 111 30.81 -2.26 -29.99
C ILE B 111 31.05 -1.29 -28.84
N TRP B 112 32.25 -1.26 -28.29
CA TRP B 112 32.56 -0.45 -27.13
C TRP B 112 33.00 0.97 -27.49
N ASN B 113 33.17 1.29 -28.78
CA ASN B 113 33.72 2.58 -29.17
C ASN B 113 33.03 3.20 -30.37
N ASN B 114 31.85 2.71 -30.79
CA ASN B 114 31.18 3.27 -31.95
C ASN B 114 29.67 3.39 -31.83
N MET B 115 29.08 3.06 -30.68
CA MET B 115 27.64 3.21 -30.52
C MET B 115 27.31 3.29 -29.04
N THR B 116 26.05 3.63 -28.74
CA THR B 116 25.58 3.86 -27.38
C THR B 116 24.87 2.62 -26.85
N TRP B 117 24.57 2.66 -25.55
CA TRP B 117 23.90 1.54 -24.89
C TRP B 117 22.47 1.38 -25.40
N MET B 118 21.79 2.50 -25.69
CA MET B 118 20.41 2.43 -26.14
C MET B 118 20.28 1.64 -27.43
N GLU B 119 21.19 1.88 -28.38
CA GLU B 119 21.15 1.14 -29.64
C GLU B 119 21.44 -0.34 -29.41
N TRP B 120 22.39 -0.65 -28.51
CA TRP B 120 22.77 -2.04 -28.29
C TRP B 120 21.61 -2.86 -27.75
N GLU B 121 20.88 -2.31 -26.77
CA GLU B 121 19.73 -3.03 -26.22
C GLU B 121 18.63 -3.20 -27.26
N ARG B 122 18.44 -2.18 -28.10
CA ARG B 122 17.45 -2.29 -29.17
C ARG B 122 17.80 -3.42 -30.13
N GLU B 123 19.09 -3.59 -30.44
CA GLU B 123 19.50 -4.59 -31.42
C GLU B 123 19.21 -6.00 -30.93
N ILE B 124 19.51 -6.30 -29.67
CA ILE B 124 19.47 -7.65 -29.13
C ILE B 124 18.22 -7.88 -28.26
N GLY B 125 17.23 -6.99 -28.32
CA GLY B 125 16.05 -7.15 -27.50
C GLY B 125 15.27 -8.42 -27.80
N ASN B 126 15.44 -8.99 -28.99
CA ASN B 126 14.72 -10.20 -29.35
C ASN B 126 15.30 -11.44 -28.68
N TYR B 127 16.61 -11.48 -28.45
CA TYR B 127 17.29 -12.63 -27.89
C TYR B 127 17.44 -12.54 -26.37
N THR B 128 16.80 -11.57 -25.73
CA THR B 128 16.95 -11.40 -24.29
C THR B 128 16.41 -12.60 -23.52
N HIS B 129 15.29 -13.18 -23.98
CA HIS B 129 14.70 -14.30 -23.25
C HIS B 129 15.62 -15.51 -23.24
N THR B 130 16.26 -15.81 -24.37
CA THR B 130 17.12 -16.99 -24.44
C THR B 130 18.33 -16.83 -23.53
N ILE B 131 18.93 -15.64 -23.49
CA ILE B 131 20.12 -15.43 -22.67
C ILE B 131 19.78 -15.56 -21.19
N TYR B 132 18.63 -15.05 -20.77
CA TYR B 132 18.25 -15.11 -19.36
C TYR B 132 18.14 -16.54 -18.87
N SER B 133 17.53 -17.42 -19.66
CA SER B 133 17.41 -18.82 -19.26
C SER B 133 18.78 -19.49 -19.18
N LEU B 134 19.68 -19.14 -20.10
CA LEU B 134 21.00 -19.78 -20.11
C LEU B 134 21.78 -19.45 -18.84
N LEU B 135 21.70 -18.20 -18.38
CA LEU B 135 22.41 -17.82 -17.16
C LEU B 135 21.90 -18.61 -15.96
N GLU B 136 20.59 -18.77 -15.84
CA GLU B 136 20.04 -19.55 -14.75
C GLU B 136 20.49 -21.01 -14.83
N GLU B 137 20.45 -21.59 -16.03
CA GLU B 137 20.88 -22.97 -16.20
C GLU B 137 22.37 -23.13 -15.91
N SER B 138 23.18 -22.21 -16.41
CA SER B 138 24.63 -22.31 -16.21
C SER B 138 25.01 -22.15 -14.75
N GLN B 139 24.50 -21.09 -14.10
CA GLN B 139 24.86 -20.84 -12.71
C GLN B 139 24.38 -21.96 -11.80
N PHE B 140 23.18 -22.50 -12.08
CA PHE B 140 22.69 -23.63 -11.28
C PHE B 140 23.61 -24.82 -11.42
N GLN B 141 24.14 -25.06 -12.62
CA GLN B 141 25.10 -26.15 -12.81
C GLN B 141 26.40 -25.85 -12.08
N GLN B 142 26.78 -24.58 -11.95
CA GLN B 142 28.00 -24.23 -11.22
C GLN B 142 27.89 -24.56 -9.74
N GLU B 143 26.68 -24.73 -9.22
CA GLU B 143 26.48 -24.98 -7.79
C GLU B 143 26.53 -26.47 -7.45
N ILE B 144 25.89 -27.31 -8.26
CA ILE B 144 25.81 -28.73 -7.93
C ILE B 144 27.18 -29.40 -8.08
N ASN B 145 27.93 -29.03 -9.12
CA ASN B 145 29.25 -29.62 -9.30
C ASN B 145 30.23 -29.13 -8.24
N GLU B 146 30.10 -27.88 -7.81
CA GLU B 146 30.92 -27.39 -6.71
C GLU B 146 30.63 -28.16 -5.43
N LYS B 147 29.35 -28.43 -5.17
CA LYS B 147 28.98 -29.20 -3.97
C LYS B 147 29.61 -30.59 -3.99
N ASP B 148 29.67 -31.22 -5.17
CA ASP B 148 30.28 -32.53 -5.28
C ASP B 148 31.76 -32.49 -4.92
N LEU B 149 32.43 -31.35 -5.18
CA LEU B 149 33.85 -31.25 -4.89
C LEU B 149 34.10 -31.16 -3.39
N LEU B 150 33.21 -30.50 -2.66
CA LEU B 150 33.38 -30.35 -1.22
C LEU B 150 33.09 -31.63 -0.44
N ALA B 151 32.47 -32.63 -1.07
CA ALA B 151 32.11 -33.86 -0.39
C ALA B 151 33.25 -34.88 -0.34
N LEU B 152 34.40 -34.57 -0.93
CA LEU B 152 35.53 -35.49 -0.97
C LEU B 152 36.41 -35.43 0.26
N ASP B 153 36.15 -34.50 1.18
CA ASP B 153 36.96 -34.38 2.39
C ASP B 153 36.60 -35.46 3.40
N GLN C 1 16.32 32.61 -13.36
CA GLN C 1 17.03 33.88 -13.10
C GLN C 1 18.07 33.72 -11.98
N VAL C 2 19.25 34.27 -12.20
CA VAL C 2 20.35 34.21 -11.24
C VAL C 2 20.83 35.62 -10.97
N THR C 3 21.03 35.94 -9.69
CA THR C 3 21.49 37.25 -9.25
C THR C 3 22.79 37.09 -8.47
N LEU C 4 23.80 37.87 -8.84
CA LEU C 4 25.09 37.87 -8.17
C LEU C 4 25.33 39.25 -7.58
N LYS C 5 25.51 39.30 -6.26
CA LYS C 5 25.77 40.55 -5.54
C LYS C 5 27.01 40.38 -4.69
N GLU C 6 27.90 41.35 -4.75
CA GLU C 6 29.17 41.33 -4.04
C GLU C 6 29.25 42.48 -3.06
N SER C 7 30.14 42.34 -2.08
CA SER C 7 30.32 43.37 -1.06
C SER C 7 31.75 43.31 -0.54
N GLY C 8 32.28 44.49 -0.19
CA GLY C 8 33.59 44.58 0.41
C GLY C 8 33.96 46.02 0.69
N PRO C 9 34.93 46.24 1.58
CA PRO C 9 35.32 47.62 1.91
C PRO C 9 36.01 48.29 0.73
N ALA C 10 35.78 49.59 0.58
CA ALA C 10 36.40 50.34 -0.50
C ALA C 10 37.82 50.76 -0.11
N LEU C 11 37.97 51.37 1.06
CA LEU C 11 39.28 51.79 1.55
C LEU C 11 39.96 50.60 2.22
N VAL C 12 41.03 50.10 1.60
CA VAL C 12 41.76 48.93 2.07
C VAL C 12 43.20 49.33 2.31
N LYS C 13 43.69 49.09 3.52
CA LYS C 13 45.08 49.39 3.83
C LYS C 13 46.00 48.30 3.26
N PRO C 14 47.27 48.61 2.99
CA PRO C 14 48.17 47.58 2.49
C PRO C 14 48.62 46.63 3.61
N THR C 15 49.06 45.45 3.19
CA THR C 15 49.71 44.43 4.00
C THR C 15 48.74 43.66 4.89
N GLN C 16 47.47 44.05 4.97
CA GLN C 16 46.51 43.36 5.82
C GLN C 16 45.78 42.29 5.00
N THR C 17 44.73 41.73 5.58
CA THR C 17 43.91 40.70 4.93
C THR C 17 42.53 41.27 4.65
N LEU C 18 42.06 41.10 3.42
CA LEU C 18 40.74 41.54 2.99
C LEU C 18 39.88 40.34 2.63
N THR C 19 38.57 40.53 2.72
CA THR C 19 37.59 39.48 2.43
C THR C 19 36.57 40.00 1.43
N LEU C 20 36.36 39.24 0.36
CA LEU C 20 35.33 39.53 -0.64
C LEU C 20 34.30 38.41 -0.62
N THR C 21 33.02 38.78 -0.57
CA THR C 21 31.93 37.83 -0.53
C THR C 21 30.94 38.15 -1.65
N CYS C 22 30.62 37.16 -2.46
CA CYS C 22 29.62 37.27 -3.52
C CYS C 22 28.43 36.41 -3.16
N THR C 23 27.25 37.02 -3.09
CA THR C 23 26.02 36.32 -2.75
C THR C 23 25.29 35.90 -4.01
N PHE C 24 24.83 34.66 -4.04
CA PHE C 24 24.14 34.10 -5.20
C PHE C 24 22.80 33.52 -4.78
N SER C 25 21.88 33.46 -5.75
CA SER C 25 20.55 32.92 -5.51
C SER C 25 20.00 32.38 -6.81
N GLY C 26 18.98 31.54 -6.70
CA GLY C 26 18.37 30.92 -7.86
C GLY C 26 19.02 29.64 -8.33
N PHE C 27 20.13 29.24 -7.70
CA PHE C 27 20.79 27.99 -8.05
C PHE C 27 21.65 27.56 -6.88
N SER C 28 22.06 26.29 -6.91
CA SER C 28 22.91 25.70 -5.89
C SER C 28 24.31 25.47 -6.42
N MET C 29 25.28 25.49 -5.52
CA MET C 29 26.69 25.28 -5.87
C MET C 29 27.09 23.81 -5.83
N SER C 30 26.16 22.91 -5.54
CA SER C 30 26.43 21.47 -5.51
C SER C 30 25.97 20.74 -6.76
N ASN C 31 25.08 21.37 -7.55
CA ASN C 31 24.55 20.71 -8.73
C ASN C 31 25.54 20.76 -9.88
N PHE C 32 25.28 19.95 -10.91
CA PHE C 32 26.18 19.85 -12.05
C PHE C 32 26.23 21.17 -12.81
N GLY C 33 27.44 21.56 -13.20
CA GLY C 33 27.65 22.73 -14.03
C GLY C 33 27.79 24.04 -13.29
N SER C 34 27.66 24.05 -11.97
CA SER C 34 27.77 25.28 -11.21
C SER C 34 29.22 25.71 -11.07
N GLY C 35 29.43 27.02 -10.98
CA GLY C 35 30.76 27.58 -10.85
C GLY C 35 30.77 29.10 -10.88
N ILE C 36 31.65 29.72 -10.11
CA ILE C 36 31.74 31.17 -10.02
C ILE C 36 33.20 31.59 -10.18
N TYR C 37 33.41 32.64 -10.97
CA TYR C 37 34.73 33.20 -11.23
C TYR C 37 34.91 34.52 -10.49
N TRP C 38 36.15 35.01 -10.51
CA TRP C 38 36.51 36.29 -9.94
C TRP C 38 37.36 37.05 -10.94
N ILE C 39 36.88 38.20 -11.39
CA ILE C 39 37.51 38.97 -12.46
C ILE C 39 37.90 40.33 -11.91
N ARG C 40 39.07 40.82 -12.32
CA ARG C 40 39.57 42.14 -11.94
C ARG C 40 39.83 42.97 -13.19
N GLN C 41 39.61 44.28 -13.06
CA GLN C 41 39.91 45.23 -14.14
C GLN C 41 40.29 46.57 -13.53
N PRO C 42 41.58 46.83 -13.35
CA PRO C 42 41.99 48.17 -12.93
C PRO C 42 41.60 49.19 -13.99
N PRO C 43 41.29 50.43 -13.58
CA PRO C 43 40.88 51.43 -14.57
C PRO C 43 41.96 51.66 -15.62
N GLY C 44 41.53 51.80 -16.86
CA GLY C 44 42.44 52.05 -17.96
C GLY C 44 43.14 50.82 -18.53
N LYS C 45 42.83 49.62 -18.01
CA LYS C 45 43.45 48.39 -18.47
C LYS C 45 42.38 47.32 -18.65
N ALA C 46 42.79 46.18 -19.19
CA ALA C 46 41.88 45.10 -19.52
C ALA C 46 41.57 44.26 -18.29
N LEU C 47 40.72 43.26 -18.48
CA LEU C 47 40.29 42.39 -17.40
C LEU C 47 41.40 41.43 -16.98
N GLU C 48 41.25 40.87 -15.78
CA GLU C 48 42.19 39.90 -15.24
C GLU C 48 41.41 38.85 -14.45
N TRP C 49 41.84 37.59 -14.56
CA TRP C 49 41.16 36.47 -13.92
C TRP C 49 41.89 36.12 -12.63
N LEU C 50 41.16 36.14 -11.51
CA LEU C 50 41.77 35.82 -10.22
C LEU C 50 41.76 34.32 -9.97
N ALA C 51 40.59 33.71 -9.91
CA ALA C 51 40.45 32.30 -9.57
C ALA C 51 39.02 31.87 -9.86
N GLY C 52 38.73 30.60 -9.58
CA GLY C 52 37.40 30.07 -9.79
C GLY C 52 37.20 28.82 -8.97
N ILE C 53 35.95 28.54 -8.62
CA ILE C 53 35.58 27.38 -7.82
C ILE C 53 34.38 26.71 -8.47
N TYR C 54 34.46 25.39 -8.64
CA TYR C 54 33.41 24.61 -9.28
C TYR C 54 32.59 23.88 -8.23
N TRP C 55 31.52 23.22 -8.70
CA TRP C 55 30.68 22.41 -7.83
C TRP C 55 31.38 21.16 -7.33
N THR C 56 32.51 20.77 -7.93
CA THR C 56 33.26 19.60 -7.51
C THR C 56 34.23 19.89 -6.38
N ASP C 57 34.16 21.07 -5.77
CA ASP C 57 35.08 21.49 -4.71
C ASP C 57 36.52 21.61 -5.22
N SER C 58 36.69 21.82 -6.52
CA SER C 58 38.01 21.98 -7.13
C SER C 58 38.27 23.47 -7.32
N LYS C 59 39.38 23.95 -6.75
CA LYS C 59 39.72 25.37 -6.76
C LYS C 59 40.91 25.59 -7.68
N TYR C 60 40.79 26.55 -8.60
CA TYR C 60 41.83 26.86 -9.57
C TYR C 60 42.20 28.33 -9.44
N TYR C 61 43.48 28.61 -9.31
CA TYR C 61 44.00 29.96 -9.12
C TYR C 61 44.98 30.30 -10.23
N ASN C 62 45.22 31.60 -10.38
CA ASN C 62 46.24 32.07 -11.31
C ASN C 62 47.63 31.76 -10.75
N LEU C 63 48.56 31.41 -11.65
CA LEU C 63 49.90 31.03 -11.20
C LEU C 63 50.60 32.21 -10.53
N SER C 64 50.42 33.42 -11.06
CA SER C 64 51.13 34.59 -10.54
C SER C 64 50.68 34.95 -9.12
N LEU C 65 49.48 34.53 -8.71
CA LEU C 65 48.91 34.89 -7.41
C LEU C 65 48.39 33.64 -6.70
N LYS C 66 49.12 32.53 -6.82
CA LYS C 66 48.67 31.30 -6.18
C LYS C 66 48.74 31.42 -4.66
N THR C 67 49.89 31.86 -4.13
CA THR C 67 50.07 31.91 -2.69
C THR C 67 49.21 32.99 -2.04
N ARG C 68 48.88 34.05 -2.79
CA ARG C 68 48.11 35.16 -2.24
C ARG C 68 46.62 34.91 -2.22
N LEU C 69 46.14 33.79 -2.76
CA LEU C 69 44.72 33.54 -2.96
C LEU C 69 44.30 32.24 -2.30
N THR C 70 43.12 32.27 -1.67
CA THR C 70 42.49 31.08 -1.14
C THR C 70 40.99 31.33 -1.11
N ILE C 71 40.23 30.50 -1.84
CA ILE C 71 38.80 30.70 -2.02
C ILE C 71 38.06 29.64 -1.22
N SER C 72 36.78 29.92 -0.96
CA SER C 72 35.94 29.01 -0.19
C SER C 72 34.48 29.23 -0.58
N LYS C 73 33.65 28.26 -0.22
CA LYS C 73 32.22 28.31 -0.47
C LYS C 73 31.47 28.01 0.81
N ASP C 74 30.22 28.47 0.87
CA ASP C 74 29.35 28.27 2.03
C ASP C 74 28.01 27.74 1.54
N THR C 75 27.71 26.48 1.87
CA THR C 75 26.44 25.88 1.45
C THR C 75 25.28 26.44 2.28
N SER C 76 25.48 26.64 3.58
CA SER C 76 24.41 27.13 4.43
C SER C 76 24.10 28.59 4.13
N LYS C 77 25.10 29.46 4.26
CA LYS C 77 24.89 30.88 3.99
C LYS C 77 24.68 31.18 2.51
N SER C 78 24.97 30.23 1.62
CA SER C 78 24.79 30.41 0.19
C SER C 78 25.62 31.60 -0.32
N GLN C 79 26.93 31.49 -0.13
CA GLN C 79 27.85 32.54 -0.55
C GLN C 79 29.21 31.92 -0.82
N VAL C 80 30.05 32.68 -1.54
CA VAL C 80 31.43 32.31 -1.80
C VAL C 80 32.32 33.42 -1.23
N ILE C 81 33.34 33.02 -0.48
CA ILE C 81 34.21 33.95 0.22
C ILE C 81 35.60 33.89 -0.41
N LEU C 82 36.12 35.05 -0.79
CA LEU C 82 37.46 35.19 -1.35
C LEU C 82 38.33 35.96 -0.37
N ILE C 83 39.51 35.42 -0.09
CA ILE C 83 40.46 36.01 0.84
C ILE C 83 41.74 36.34 0.10
N MET C 84 42.21 37.57 0.24
CA MET C 84 43.45 38.02 -0.37
C MET C 84 44.31 38.72 0.68
N THR C 85 45.62 38.56 0.57
CA THR C 85 46.56 39.08 1.54
C THR C 85 47.72 39.76 0.84
N ASN C 86 48.36 40.69 1.53
CA ASN C 86 49.53 41.41 1.04
C ASN C 86 49.22 42.15 -0.26
N MET C 87 48.30 43.10 -0.16
CA MET C 87 47.93 43.89 -1.32
C MET C 87 49.07 44.86 -1.69
N ASP C 88 48.91 45.49 -2.85
CA ASP C 88 49.88 46.42 -3.39
C ASP C 88 49.13 47.64 -3.93
N PRO C 89 49.84 48.75 -4.16
CA PRO C 89 49.14 49.92 -4.72
C PRO C 89 48.48 49.64 -6.06
N VAL C 90 49.01 48.71 -6.84
CA VAL C 90 48.40 48.34 -8.12
C VAL C 90 47.15 47.50 -7.94
N ASP C 91 46.76 47.16 -6.71
CA ASP C 91 45.56 46.37 -6.48
C ASP C 91 44.28 47.17 -6.67
N THR C 92 44.36 48.48 -6.87
CA THR C 92 43.18 49.30 -7.06
C THR C 92 42.47 48.90 -8.34
N ALA C 93 41.32 48.24 -8.21
CA ALA C 93 40.58 47.75 -9.37
C ALA C 93 39.17 47.38 -8.94
N THR C 94 38.34 47.06 -9.93
CA THR C 94 36.97 46.65 -9.71
C THR C 94 36.89 45.14 -9.71
N TYR C 95 36.21 44.57 -8.71
CA TYR C 95 36.10 43.14 -8.53
C TYR C 95 34.71 42.68 -9.00
N TYR C 96 34.70 41.67 -9.88
CA TYR C 96 33.47 41.12 -10.44
C TYR C 96 33.37 39.65 -10.05
N CYS C 97 32.17 39.24 -9.62
CA CYS C 97 31.85 37.83 -9.42
C CYS C 97 30.79 37.44 -10.43
N ALA C 98 31.05 36.36 -11.17
CA ALA C 98 30.22 35.96 -12.30
C ALA C 98 30.02 34.46 -12.29
N ASP C 99 28.89 34.02 -12.85
CA ASP C 99 28.55 32.62 -12.99
C ASP C 99 28.85 32.15 -14.41
N ILE C 100 29.21 30.87 -14.54
CA ILE C 100 29.69 30.32 -15.79
C ILE C 100 28.71 29.26 -16.30
N ARG C 101 28.68 29.12 -17.62
CA ARG C 101 27.95 28.07 -18.31
C ARG C 101 28.95 27.25 -19.13
N GLY C 102 28.80 25.93 -19.08
CA GLY C 102 29.79 25.04 -19.67
C GLY C 102 29.16 23.85 -20.36
N ARG C 103 30.04 22.98 -20.86
CA ARG C 103 29.66 21.77 -21.59
C ARG C 103 30.51 20.61 -21.08
N TYR C 104 30.03 19.39 -21.31
CA TYR C 104 30.72 18.18 -20.93
C TYR C 104 30.81 17.23 -22.11
N TYR C 105 31.96 16.59 -22.26
CA TYR C 105 32.18 15.62 -23.32
C TYR C 105 33.28 14.67 -22.88
N TYR C 106 33.36 13.52 -23.56
CA TYR C 106 34.26 12.44 -23.18
C TYR C 106 35.40 12.33 -24.20
N SER C 107 36.63 12.37 -23.70
CA SER C 107 37.81 12.11 -24.53
C SER C 107 38.88 11.55 -23.60
N ASN C 108 39.00 10.21 -23.56
CA ASN C 108 39.89 9.54 -22.62
C ASN C 108 39.59 9.97 -21.19
N GLY C 109 38.30 10.11 -20.89
CA GLY C 109 37.84 10.60 -19.61
C GLY C 109 36.91 11.79 -19.77
N PHE C 110 35.90 11.90 -18.93
CA PHE C 110 34.95 13.00 -19.02
C PHE C 110 35.64 14.32 -18.72
N LEU C 111 35.41 15.31 -19.58
CA LEU C 111 36.02 16.62 -19.47
C LEU C 111 34.96 17.70 -19.48
N PHE C 112 35.23 18.78 -18.75
CA PHE C 112 34.35 19.94 -18.66
C PHE C 112 35.06 21.15 -19.24
N ASP C 113 34.43 21.80 -20.21
CA ASP C 113 34.95 23.02 -20.82
C ASP C 113 33.90 24.11 -20.75
N VAL C 114 34.34 25.34 -20.53
CA VAL C 114 33.45 26.48 -20.33
C VAL C 114 33.19 27.14 -21.68
N VAL C 115 31.93 27.18 -22.08
CA VAL C 115 31.56 27.90 -23.30
C VAL C 115 31.59 29.41 -23.09
N GLY C 116 31.51 29.87 -21.85
CA GLY C 116 31.57 31.29 -21.56
C GLY C 116 31.03 31.58 -20.19
N VAL C 117 31.32 32.79 -19.72
CA VAL C 117 30.82 33.29 -18.44
C VAL C 117 29.60 34.15 -18.73
N GLU C 118 28.43 33.70 -18.26
CA GLU C 118 27.16 34.26 -18.69
C GLU C 118 26.70 35.40 -17.78
N SER C 119 26.49 35.12 -16.50
CA SER C 119 25.92 36.07 -15.56
C SER C 119 27.03 36.73 -14.76
N TRP C 120 27.10 38.06 -14.85
CA TRP C 120 28.10 38.86 -14.14
C TRP C 120 27.46 39.59 -12.97
N GLY C 121 28.32 40.22 -12.16
CA GLY C 121 27.88 41.04 -11.06
C GLY C 121 27.96 42.53 -11.39
N GLN C 122 27.40 43.34 -10.49
CA GLN C 122 27.42 44.79 -10.68
C GLN C 122 28.82 45.36 -10.47
N GLY C 123 29.61 44.75 -9.60
CA GLY C 123 30.96 45.17 -9.33
C GLY C 123 31.10 45.92 -8.02
N VAL C 124 32.28 45.81 -7.42
CA VAL C 124 32.62 46.53 -6.20
C VAL C 124 34.02 47.11 -6.36
N VAL C 125 34.19 48.35 -5.90
CA VAL C 125 35.44 49.09 -6.09
C VAL C 125 36.26 48.99 -4.80
N VAL C 126 37.54 48.68 -4.95
CA VAL C 126 38.49 48.62 -3.84
C VAL C 126 39.64 49.57 -4.15
N THR C 127 40.04 50.34 -3.14
CA THR C 127 41.11 51.33 -3.28
C THR C 127 42.17 51.09 -2.22
N VAL C 128 43.42 51.34 -2.57
CA VAL C 128 44.56 51.19 -1.68
C VAL C 128 45.11 52.58 -1.44
N SER C 129 44.74 53.19 -0.30
CA SER C 129 45.19 54.52 0.05
C SER C 129 45.10 54.67 1.57
N SER C 130 45.24 55.89 2.05
CA SER C 130 45.16 56.18 3.47
C SER C 130 44.51 57.54 3.72
N SER D 2 51.67 32.73 -23.76
CA SER D 2 50.52 32.07 -23.15
C SER D 2 49.37 33.05 -22.95
N VAL D 3 49.33 34.09 -23.77
CA VAL D 3 48.28 35.11 -23.71
C VAL D 3 47.84 35.43 -25.14
N LEU D 4 46.53 35.58 -25.33
CA LEU D 4 46.01 35.90 -26.65
C LEU D 4 46.44 37.31 -27.05
N THR D 5 46.85 37.45 -28.31
CA THR D 5 47.26 38.74 -28.87
C THR D 5 46.29 39.09 -29.99
N GLN D 6 45.70 40.28 -29.89
CA GLN D 6 44.74 40.78 -30.86
C GLN D 6 45.05 42.23 -31.15
N PRO D 7 44.64 42.75 -32.31
CA PRO D 7 45.02 44.12 -32.69
C PRO D 7 44.19 45.14 -31.93
N PRO D 8 44.80 45.96 -31.06
CA PRO D 8 44.03 47.01 -30.41
C PRO D 8 43.77 48.19 -31.35
N SER D 9 42.74 48.96 -31.01
CA SER D 9 42.36 50.15 -31.78
C SER D 9 42.02 49.80 -33.22
N ALA D 10 41.02 48.93 -33.37
CA ALA D 10 40.52 48.54 -34.69
C ALA D 10 39.34 49.42 -35.10
N SER D 11 39.61 50.73 -35.11
CA SER D 11 38.59 51.71 -35.46
C SER D 11 38.46 51.82 -36.98
N GLU D 12 37.23 51.93 -37.44
CA GLU D 12 36.95 52.06 -38.88
C GLU D 12 35.57 52.66 -39.05
N ALA D 13 35.24 52.96 -40.31
CA ALA D 13 33.98 53.64 -40.62
C ALA D 13 32.80 52.69 -40.35
N ALA D 14 31.59 53.21 -40.61
CA ALA D 14 30.35 52.50 -40.38
C ALA D 14 29.71 52.11 -41.71
N ARG D 15 28.56 51.44 -41.63
CA ARG D 15 27.82 50.97 -42.79
C ARG D 15 28.69 50.07 -43.66
N LYS D 16 29.18 48.99 -43.04
CA LYS D 16 30.02 48.01 -43.72
C LYS D 16 30.16 46.82 -42.78
N THR D 17 30.98 45.85 -43.20
CA THR D 17 31.27 44.66 -42.41
C THR D 17 32.64 44.81 -41.75
N VAL D 18 32.67 44.67 -40.43
CA VAL D 18 33.89 44.78 -39.64
C VAL D 18 34.25 43.40 -39.10
N THR D 19 35.47 42.97 -39.38
CA THR D 19 35.98 41.67 -38.94
C THR D 19 37.19 41.90 -38.04
N ILE D 20 37.22 41.19 -36.91
CA ILE D 20 38.32 41.26 -35.96
C ILE D 20 38.75 39.84 -35.61
N SER D 21 40.00 39.71 -35.17
CA SER D 21 40.58 38.42 -34.84
C SER D 21 41.40 38.55 -33.55
N CYS D 22 41.52 37.43 -32.84
CA CYS D 22 42.38 37.35 -31.66
C CYS D 22 43.11 36.02 -31.69
N SER D 23 44.44 36.09 -31.89
CA SER D 23 45.24 34.89 -31.98
C SER D 23 45.45 34.28 -30.59
N GLY D 24 45.75 32.98 -30.59
CA GLY D 24 45.99 32.24 -29.37
C GLY D 24 47.07 31.21 -29.59
N SER D 25 46.89 30.04 -28.96
CA SER D 25 47.85 28.95 -29.07
C SER D 25 47.08 27.63 -29.10
N ARG D 26 47.82 26.53 -29.26
CA ARG D 26 47.19 25.21 -29.29
C ARG D 26 46.53 24.91 -27.95
N SER D 27 47.16 25.28 -26.85
CA SER D 27 46.63 24.94 -25.52
C SER D 27 45.29 25.60 -25.29
N ASN D 28 45.13 26.87 -25.68
CA ASN D 28 43.96 27.65 -25.30
C ASN D 28 42.90 27.69 -26.40
N ILE D 29 43.26 28.19 -27.58
CA ILE D 29 42.27 28.26 -28.66
C ILE D 29 42.08 26.89 -29.31
N GLY D 30 43.16 26.15 -29.52
CA GLY D 30 43.06 24.89 -30.23
C GLY D 30 42.25 23.85 -29.48
N SER D 31 42.52 23.69 -28.18
CA SER D 31 41.97 22.59 -27.40
C SER D 31 40.80 22.99 -26.51
N ASN D 32 40.37 24.25 -26.54
CA ASN D 32 39.23 24.70 -25.74
C ASN D 32 38.38 25.63 -26.60
N SER D 33 37.37 26.23 -25.98
CA SER D 33 36.44 27.14 -26.64
C SER D 33 36.75 28.58 -26.26
N VAL D 34 36.34 29.49 -27.15
CA VAL D 34 36.59 30.92 -27.00
C VAL D 34 35.26 31.66 -27.04
N SER D 35 35.09 32.61 -26.12
CA SER D 35 33.88 33.41 -26.02
C SER D 35 34.25 34.88 -26.04
N TRP D 36 33.39 35.70 -26.62
CA TRP D 36 33.62 37.13 -26.81
C TRP D 36 32.71 37.93 -25.90
N TYR D 37 33.18 39.14 -25.54
CA TYR D 37 32.45 40.02 -24.65
C TYR D 37 32.52 41.45 -25.17
N LYS D 38 31.53 42.25 -24.76
CA LYS D 38 31.46 43.66 -25.09
C LYS D 38 31.30 44.44 -23.80
N GLN D 39 32.14 45.46 -23.59
CA GLN D 39 32.15 46.21 -22.35
C GLN D 39 32.39 47.69 -22.65
N VAL D 40 31.34 48.49 -22.57
CA VAL D 40 31.53 49.94 -22.53
C VAL D 40 32.10 50.32 -21.17
N PRO D 41 33.00 51.31 -21.08
CA PRO D 41 33.61 51.61 -19.77
C PRO D 41 32.56 52.01 -18.73
N GLY D 42 32.79 51.57 -17.50
CA GLY D 42 31.94 51.90 -16.37
C GLY D 42 30.88 50.89 -16.01
N THR D 43 30.90 49.70 -16.62
CA THR D 43 29.92 48.67 -16.30
C THR D 43 30.47 47.31 -16.72
N ALA D 44 29.78 46.26 -16.27
CA ALA D 44 30.25 44.91 -16.53
C ALA D 44 30.06 44.56 -18.01
N PRO D 45 30.82 43.58 -18.52
CA PRO D 45 30.63 43.16 -19.91
C PRO D 45 29.38 42.32 -20.08
N LYS D 46 29.06 42.02 -21.34
CA LYS D 46 27.96 41.13 -21.70
C LYS D 46 28.44 40.17 -22.77
N LEU D 47 27.80 39.00 -22.82
CA LEU D 47 28.21 37.94 -23.75
C LEU D 47 27.68 38.21 -25.15
N LEU D 48 28.50 37.88 -26.15
CA LEU D 48 28.10 37.88 -27.55
C LEU D 48 28.17 36.50 -28.18
N ILE D 49 29.30 35.81 -28.04
CA ILE D 49 29.56 34.55 -28.71
C ILE D 49 29.72 33.46 -27.66
N LYS D 50 29.02 32.35 -27.85
CA LYS D 50 29.09 31.18 -26.99
C LYS D 50 29.36 29.95 -27.86
N TYR D 51 30.27 29.09 -27.39
CA TYR D 51 30.64 27.87 -28.09
C TYR D 51 31.28 28.17 -29.46
N ASN D 52 31.79 29.38 -29.65
CA ASN D 52 32.56 29.79 -30.84
C ASN D 52 31.70 29.95 -32.09
N ASP D 53 30.41 29.61 -32.02
CA ASP D 53 29.53 29.75 -33.17
C ASP D 53 28.07 30.00 -32.79
N GLN D 54 27.74 30.13 -31.51
CA GLN D 54 26.38 30.30 -31.04
C GLN D 54 26.33 31.54 -30.16
N ARG D 55 25.13 32.12 -30.05
CA ARG D 55 24.93 33.36 -29.32
C ARG D 55 23.72 33.21 -28.42
N PRO D 56 23.65 33.94 -27.31
CA PRO D 56 22.47 33.85 -26.44
C PRO D 56 21.30 34.62 -27.02
N SER D 57 20.14 34.41 -26.40
CA SER D 57 18.93 35.12 -26.80
C SER D 57 19.02 36.56 -26.32
N GLY D 58 19.13 37.50 -27.26
CA GLY D 58 19.27 38.91 -26.93
C GLY D 58 20.30 39.62 -27.78
N VAL D 59 21.19 38.86 -28.43
CA VAL D 59 22.23 39.41 -29.27
C VAL D 59 21.67 39.56 -30.68
N SER D 60 22.02 40.67 -31.33
CA SER D 60 21.49 40.96 -32.65
C SER D 60 22.00 39.95 -33.67
N ASP D 61 21.29 39.88 -34.80
CA ASP D 61 21.68 38.99 -35.89
C ASP D 61 23.06 39.34 -36.45
N ARG D 62 23.48 40.59 -36.33
CA ARG D 62 24.71 41.04 -36.98
C ARG D 62 25.94 40.33 -36.41
N PHE D 63 26.01 40.18 -35.08
CA PHE D 63 27.20 39.63 -34.46
C PHE D 63 27.36 38.16 -34.81
N SER D 64 28.56 37.77 -35.23
CA SER D 64 28.87 36.38 -35.55
C SER D 64 30.37 36.18 -35.50
N GLY D 65 30.78 34.93 -35.26
CA GLY D 65 32.19 34.61 -35.16
C GLY D 65 32.44 33.17 -35.57
N SER D 66 33.73 32.82 -35.61
CA SER D 66 34.14 31.48 -36.00
C SER D 66 35.50 31.18 -35.40
N LYS D 67 35.84 29.89 -35.37
CA LYS D 67 37.11 29.40 -34.85
C LYS D 67 37.79 28.57 -35.92
N SER D 68 39.07 28.81 -36.14
CA SER D 68 39.85 28.08 -37.15
C SER D 68 41.24 27.84 -36.60
N GLY D 69 41.54 26.58 -36.28
CA GLY D 69 42.85 26.24 -35.79
C GLY D 69 43.15 26.94 -34.47
N THR D 70 44.26 27.67 -34.44
CA THR D 70 44.70 28.38 -33.25
C THR D 70 44.24 29.84 -33.23
N SER D 71 43.37 30.24 -34.17
CA SER D 71 42.89 31.60 -34.25
C SER D 71 41.36 31.60 -34.37
N ALA D 72 40.76 32.71 -33.96
CA ALA D 72 39.31 32.89 -34.00
C ALA D 72 38.99 34.24 -34.62
N SER D 73 37.70 34.49 -34.83
CA SER D 73 37.25 35.72 -35.45
C SER D 73 35.86 36.07 -34.93
N LEU D 74 35.49 37.34 -35.10
CA LEU D 74 34.19 37.85 -34.69
C LEU D 74 33.71 38.81 -35.77
N ALA D 75 32.93 38.29 -36.72
CA ALA D 75 32.46 39.10 -37.84
C ALA D 75 31.25 39.92 -37.41
N ILE D 76 31.33 41.24 -37.63
CA ILE D 76 30.27 42.17 -37.28
C ILE D 76 29.89 42.93 -38.54
N SER D 77 28.59 42.96 -38.85
CA SER D 77 28.05 43.66 -40.00
C SER D 77 27.04 44.70 -39.54
N GLY D 78 26.66 45.59 -40.46
CA GLY D 78 25.65 46.59 -40.18
C GLY D 78 26.00 47.47 -39.01
N LEU D 79 27.23 47.96 -38.98
CA LEU D 79 27.71 48.73 -37.84
C LEU D 79 26.87 49.99 -37.65
N GLN D 80 26.60 50.31 -36.39
CA GLN D 80 25.83 51.49 -36.01
C GLN D 80 26.65 52.31 -35.02
N THR D 81 26.13 53.50 -34.68
CA THR D 81 26.80 54.35 -33.72
C THR D 81 26.76 53.78 -32.31
N GLU D 82 25.84 52.86 -32.04
CA GLU D 82 25.73 52.24 -30.71
C GLU D 82 26.47 50.92 -30.60
N ASP D 83 27.21 50.52 -31.64
CA ASP D 83 27.99 49.29 -31.62
C ASP D 83 29.45 49.51 -31.25
N GLU D 84 29.75 50.59 -30.54
CA GLU D 84 31.11 50.93 -30.15
C GLU D 84 31.32 50.59 -28.67
N ALA D 85 32.35 49.80 -28.40
CA ALA D 85 32.69 49.39 -27.04
C ALA D 85 34.00 48.62 -27.10
N ASP D 86 34.51 48.25 -25.94
CA ASP D 86 35.73 47.45 -25.85
C ASP D 86 35.36 45.97 -25.96
N TYR D 87 36.05 45.27 -26.85
CA TYR D 87 35.75 43.87 -27.15
C TYR D 87 36.91 42.98 -26.69
N TYR D 88 36.56 41.84 -26.12
CA TYR D 88 37.53 40.88 -25.59
C TYR D 88 37.18 39.49 -26.09
N CYS D 89 38.18 38.61 -26.07
CA CYS D 89 37.98 37.18 -26.29
C CYS D 89 38.76 36.42 -25.23
N ALA D 90 38.10 35.42 -24.63
CA ALA D 90 38.69 34.66 -23.53
C ALA D 90 38.46 33.17 -23.75
N THR D 91 39.34 32.37 -23.17
CA THR D 91 39.26 30.93 -23.33
C THR D 91 40.10 30.27 -22.24
N TRP D 92 39.60 29.14 -21.72
CA TRP D 92 40.37 28.34 -20.79
C TRP D 92 41.61 27.80 -21.49
N ASP D 93 42.77 27.91 -20.82
CA ASP D 93 44.04 27.59 -21.46
C ASP D 93 44.46 26.14 -21.22
N ASP D 94 44.42 25.67 -19.97
CA ASP D 94 44.90 24.42 -19.39
C ASP D 94 46.41 24.46 -19.13
N SER D 95 47.13 25.49 -19.60
CA SER D 95 48.56 25.59 -19.31
C SER D 95 48.78 25.96 -17.85
N LEU D 96 47.98 26.89 -17.33
CA LEU D 96 47.98 27.25 -15.91
C LEU D 96 46.67 26.92 -15.23
N ASN D 97 45.74 26.25 -15.93
CA ASN D 97 44.43 25.93 -15.39
C ASN D 97 43.69 27.21 -14.99
N GLY D 98 43.43 28.04 -16.01
CA GLY D 98 42.76 29.30 -15.77
C GLY D 98 42.07 29.81 -17.01
N TYR D 99 41.11 30.71 -16.80
CA TYR D 99 40.34 31.33 -17.88
C TYR D 99 40.95 32.70 -18.18
N ILE D 100 42.10 32.66 -18.87
CA ILE D 100 42.80 33.89 -19.20
C ILE D 100 42.02 34.66 -20.25
N PHE D 101 42.08 35.99 -20.17
CA PHE D 101 41.36 36.89 -21.06
C PHE D 101 42.32 37.49 -22.08
N GLY D 102 41.77 38.27 -23.01
CA GLY D 102 42.56 38.95 -24.01
C GLY D 102 43.12 40.26 -23.48
N VAL D 103 43.53 41.12 -24.43
CA VAL D 103 44.11 42.42 -24.08
C VAL D 103 43.13 43.57 -24.29
N GLY D 104 42.01 43.34 -24.97
CA GLY D 104 41.02 44.37 -25.16
C GLY D 104 41.29 45.25 -26.38
N THR D 105 40.26 45.53 -27.16
CA THR D 105 40.35 46.36 -28.34
C THR D 105 39.48 47.60 -28.18
N ARG D 106 39.62 48.53 -29.12
CA ARG D 106 38.82 49.75 -29.19
C ARG D 106 38.20 49.83 -30.57
N LEU D 107 36.87 49.99 -30.62
CA LEU D 107 36.13 50.11 -31.86
C LEU D 107 35.45 51.48 -31.89
N ILE D 108 36.05 52.41 -32.63
CA ILE D 108 35.59 53.80 -32.70
C ILE D 108 35.22 54.10 -34.15
N VAL D 109 34.05 54.67 -34.35
CA VAL D 109 33.60 55.05 -35.69
C VAL D 109 34.08 56.46 -35.99
N ASN E 5 49.05 1.13 9.72
CA ASN E 5 48.00 1.99 9.17
C ASN E 5 46.63 1.42 9.49
N LEU E 6 45.63 2.30 9.53
CA LEU E 6 44.25 1.93 9.84
C LEU E 6 43.41 1.97 8.57
N TRP E 7 42.39 1.12 8.54
CA TRP E 7 41.49 1.00 7.39
C TRP E 7 40.05 1.08 7.88
N VAL E 8 39.16 1.44 6.96
CA VAL E 8 37.76 1.64 7.27
C VAL E 8 37.02 0.31 7.12
N THR E 9 36.09 0.06 8.04
CA THR E 9 35.24 -1.13 8.01
C THR E 9 33.80 -0.71 8.27
N VAL E 10 32.87 -1.53 7.77
CA VAL E 10 31.44 -1.25 7.86
C VAL E 10 30.81 -2.29 8.78
N TYR E 11 30.05 -1.81 9.76
CA TYR E 11 29.33 -2.66 10.71
C TYR E 11 27.84 -2.55 10.47
N TYR E 12 27.15 -3.69 10.51
CA TYR E 12 25.71 -3.76 10.28
C TYR E 12 25.04 -4.29 11.53
N GLY E 13 24.00 -3.59 11.98
CA GLY E 13 23.26 -4.00 13.15
C GLY E 13 23.75 -3.41 14.46
N VAL E 14 24.42 -2.27 14.42
CA VAL E 14 24.96 -1.64 15.63
C VAL E 14 23.81 -1.08 16.46
N PRO E 15 23.97 -0.92 17.78
CA PRO E 15 22.90 -0.32 18.62
C PRO E 15 22.92 1.21 18.62
N VAL E 16 22.35 1.78 17.55
CA VAL E 16 22.26 3.23 17.38
C VAL E 16 20.84 3.58 16.99
N TRP E 17 20.31 4.64 17.59
CA TRP E 17 18.95 5.10 17.33
C TRP E 17 18.95 6.62 17.16
N LYS E 18 17.96 7.10 16.40
CA LYS E 18 17.79 8.53 16.17
C LYS E 18 16.31 8.86 16.26
N GLU E 19 16.00 10.00 16.87
CA GLU E 19 14.62 10.42 17.01
C GLU E 19 14.00 10.69 15.65
N ALA E 20 12.76 10.25 15.47
CA ALA E 20 12.09 10.40 14.18
C ALA E 20 10.58 10.40 14.41
N LYS E 21 9.85 10.70 13.34
CA LYS E 21 8.40 10.74 13.33
C LYS E 21 7.88 9.67 12.38
N THR E 22 6.92 8.86 12.85
CA THR E 22 6.39 7.78 12.05
C THR E 22 4.99 7.46 12.51
N THR E 23 4.24 6.75 11.66
CA THR E 23 2.87 6.38 11.96
C THR E 23 2.84 5.18 12.90
N LEU E 24 1.66 4.98 13.52
CA LEU E 24 1.44 3.91 14.46
C LEU E 24 0.13 3.21 14.15
N PHE E 25 0.02 1.96 14.61
CA PHE E 25 -1.18 1.15 14.43
C PHE E 25 -1.58 0.53 15.77
N CYS E 26 -2.86 0.23 15.89
CA CYS E 26 -3.42 -0.28 17.14
C CYS E 26 -3.06 -1.75 17.35
N ALA E 27 -3.32 -2.22 18.56
CA ALA E 27 -3.15 -3.62 18.91
C ALA E 27 -3.87 -3.92 20.22
N SER E 28 -4.75 -4.91 20.22
CA SER E 28 -5.54 -5.23 21.40
C SER E 28 -5.87 -6.71 21.41
N ASP E 29 -6.20 -7.22 22.60
CA ASP E 29 -6.53 -8.62 22.75
C ASP E 29 -7.87 -8.93 22.10
N ALA E 30 -8.04 -10.20 21.72
CA ALA E 30 -9.27 -10.62 21.06
C ALA E 30 -10.44 -10.54 22.03
N LYS E 31 -11.56 -10.01 21.54
CA LYS E 31 -12.78 -9.89 22.32
C LYS E 31 -13.96 -10.23 21.43
N ALA E 32 -14.88 -11.05 21.95
CA ALA E 32 -16.06 -11.45 21.20
C ALA E 32 -17.16 -11.94 22.14
N GLU E 36 -24.26 -9.48 16.17
CA GLU E 36 -22.80 -9.43 16.25
C GLU E 36 -22.36 -8.27 17.14
N VAL E 37 -21.36 -8.53 17.98
CA VAL E 37 -20.83 -7.50 18.87
C VAL E 37 -20.21 -6.39 18.03
N HIS E 38 -20.51 -5.14 18.38
CA HIS E 38 -19.99 -3.98 17.70
C HIS E 38 -19.36 -3.02 18.69
N ASN E 39 -18.21 -2.47 18.33
CA ASN E 39 -17.48 -1.53 19.16
C ASN E 39 -17.05 -0.34 18.31
N VAL E 40 -17.11 0.85 18.91
CA VAL E 40 -16.73 2.06 18.17
C VAL E 40 -15.25 2.04 17.83
N TRP E 41 -14.42 1.51 18.72
CA TRP E 41 -12.99 1.47 18.48
C TRP E 41 -12.56 0.36 17.54
N ALA E 42 -13.46 -0.55 17.19
CA ALA E 42 -13.17 -1.63 16.24
C ALA E 42 -11.97 -2.46 16.71
N THR E 43 -11.98 -2.82 17.99
CA THR E 43 -10.88 -3.61 18.54
C THR E 43 -10.79 -4.99 17.90
N HIS E 44 -11.89 -5.50 17.33
CA HIS E 44 -11.83 -6.76 16.61
C HIS E 44 -10.90 -6.68 15.42
N ALA E 45 -10.82 -5.51 14.78
CA ALA E 45 -9.92 -5.31 13.65
C ALA E 45 -8.48 -5.04 14.09
N CYS E 46 -8.25 -4.73 15.36
CA CYS E 46 -6.89 -4.50 15.83
C CYS E 46 -6.12 -5.81 15.88
N VAL E 47 -4.80 -5.69 15.79
CA VAL E 47 -3.94 -6.89 15.76
C VAL E 47 -3.80 -7.44 17.17
N PRO E 48 -3.89 -8.75 17.39
CA PRO E 48 -3.55 -9.30 18.71
C PRO E 48 -2.13 -8.90 19.11
N THR E 49 -1.96 -8.49 20.36
CA THR E 49 -0.69 -7.90 20.76
C THR E 49 0.36 -8.96 21.08
N ASP E 50 0.20 -9.66 22.20
CA ASP E 50 1.05 -10.78 22.61
C ASP E 50 0.55 -11.31 23.95
N PRO E 51 0.87 -12.56 24.33
CA PRO E 51 0.74 -12.93 25.74
C PRO E 51 1.70 -12.18 26.64
N ASN E 52 3.00 -12.23 26.32
CA ASN E 52 4.06 -11.59 27.11
C ASN E 52 5.01 -10.86 26.16
N PRO E 53 4.77 -9.58 25.88
CA PRO E 53 5.65 -8.87 24.95
C PRO E 53 7.08 -8.78 25.45
N GLN E 54 8.01 -8.74 24.51
CA GLN E 54 9.43 -8.64 24.84
C GLN E 54 9.75 -7.23 25.32
N GLU E 55 10.44 -7.12 26.44
CA GLU E 55 10.87 -5.82 26.98
C GLU E 55 12.27 -5.98 27.56
N MET E 56 13.17 -5.09 27.17
CA MET E 56 14.56 -5.11 27.61
C MET E 56 14.86 -3.81 28.33
N VAL E 57 15.52 -3.90 29.48
CA VAL E 57 15.92 -2.74 30.25
C VAL E 57 17.37 -2.40 29.89
N LEU E 58 17.57 -1.22 29.30
CA LEU E 58 18.90 -0.79 28.92
C LEU E 58 19.65 -0.24 30.11
N GLU E 59 20.98 -0.33 30.05
CA GLU E 59 21.86 0.10 31.13
C GLU E 59 22.95 1.01 30.57
N ASN E 60 23.49 1.85 31.45
CA ASN E 60 24.54 2.80 31.07
C ASN E 60 24.09 3.71 29.93
N VAL E 61 22.82 4.11 29.95
CA VAL E 61 22.25 4.95 28.91
C VAL E 61 21.38 6.01 29.55
N THR E 62 21.49 7.24 29.05
CA THR E 62 20.65 8.35 29.47
C THR E 62 20.09 9.03 28.22
N GLU E 63 18.77 9.17 28.15
CA GLU E 63 18.10 9.75 27.00
C GLU E 63 17.16 10.84 27.48
N ASN E 64 17.13 11.95 26.76
CA ASN E 64 16.24 13.06 27.10
C ASN E 64 14.83 12.79 26.60
N PHE E 65 13.85 13.23 27.38
CA PHE E 65 12.45 13.08 27.06
C PHE E 65 11.75 14.44 27.13
N ASN E 66 10.73 14.61 26.28
CA ASN E 66 9.97 15.85 26.26
C ASN E 66 8.58 15.51 25.74
N MET E 67 7.60 15.41 26.64
CA MET E 67 6.25 15.01 26.27
C MET E 67 5.44 16.14 25.65
N TRP E 68 5.91 17.39 25.73
CA TRP E 68 5.16 18.50 25.18
C TRP E 68 5.27 18.59 23.66
N LYS E 69 6.29 17.98 23.07
CA LYS E 69 6.46 17.93 21.61
C LYS E 69 6.40 16.48 21.13
N ASN E 70 5.51 15.69 21.73
CA ASN E 70 5.35 14.29 21.36
C ASN E 70 4.28 14.17 20.29
N ASP E 71 4.66 13.62 19.14
CA ASP E 71 3.72 13.46 18.04
C ASP E 71 2.69 12.37 18.30
N MET E 72 2.94 11.47 19.25
CA MET E 72 2.00 10.40 19.52
C MET E 72 0.67 10.94 20.02
N VAL E 73 0.71 11.93 20.92
CA VAL E 73 -0.53 12.54 21.40
C VAL E 73 -1.26 13.22 20.27
N ASP E 74 -0.53 13.95 19.41
CA ASP E 74 -1.16 14.58 18.26
C ASP E 74 -1.70 13.54 17.29
N GLN E 75 -0.96 12.45 17.09
CA GLN E 75 -1.38 11.44 16.12
C GLN E 75 -2.69 10.78 16.53
N MET E 76 -2.77 10.29 17.76
CA MET E 76 -3.97 9.59 18.20
C MET E 76 -5.15 10.54 18.42
N HIS E 77 -4.88 11.84 18.59
CA HIS E 77 -5.97 12.80 18.72
C HIS E 77 -6.80 12.86 17.45
N GLU E 78 -6.13 12.83 16.28
CA GLU E 78 -6.86 12.79 15.02
C GLU E 78 -7.46 11.41 14.75
N ASP E 79 -6.91 10.36 15.37
CA ASP E 79 -7.49 9.02 15.19
C ASP E 79 -8.87 8.92 15.82
N VAL E 80 -9.05 9.52 17.01
CA VAL E 80 -10.30 9.36 17.73
C VAL E 80 -11.45 9.99 16.97
N ILE E 81 -11.25 11.21 16.45
CA ILE E 81 -12.32 11.90 15.75
C ILE E 81 -12.69 11.16 14.47
N SER E 82 -11.70 10.61 13.76
CA SER E 82 -11.99 9.81 12.57
C SER E 82 -12.75 8.55 12.94
N LEU E 83 -12.38 7.91 14.04
CA LEU E 83 -13.11 6.72 14.48
C LEU E 83 -14.55 7.06 14.82
N TRP E 84 -14.77 8.18 15.51
CA TRP E 84 -16.14 8.60 15.82
C TRP E 84 -16.92 8.90 14.55
N ASP E 85 -16.31 9.63 13.61
CA ASP E 85 -16.98 9.93 12.36
C ASP E 85 -17.20 8.66 11.53
N GLN E 86 -16.31 7.69 11.65
CA GLN E 86 -16.45 6.45 10.88
C GLN E 86 -17.71 5.70 11.28
N SER E 87 -17.99 5.62 12.58
CA SER E 87 -19.11 4.81 13.08
C SER E 87 -20.45 5.53 13.03
N LEU E 88 -20.45 6.86 12.96
CA LEU E 88 -21.69 7.63 13.01
C LEU E 88 -22.30 7.88 11.63
N LYS E 89 -21.59 7.56 10.55
CA LYS E 89 -22.18 7.74 9.22
C LYS E 89 -23.41 6.86 9.02
N PRO E 90 -23.38 5.55 9.34
CA PRO E 90 -24.61 4.73 9.18
C PRO E 90 -25.52 4.81 10.41
N CYS E 91 -25.96 6.02 10.73
CA CYS E 91 -26.90 6.24 11.83
C CYS E 91 -27.91 7.30 11.42
N VAL E 92 -29.06 7.29 12.10
CA VAL E 92 -30.16 8.17 11.75
C VAL E 92 -29.78 9.62 12.03
N LYS E 93 -30.30 10.52 11.19
CA LYS E 93 -30.15 11.96 11.37
C LYS E 93 -31.47 12.54 11.84
N LEU E 94 -31.40 13.42 12.84
CA LEU E 94 -32.60 13.94 13.51
C LEU E 94 -33.02 15.30 12.97
N THR E 95 -32.81 15.56 11.69
CA THR E 95 -33.31 16.80 11.09
C THR E 95 -34.83 16.94 11.19
N PRO E 96 -35.65 15.90 10.97
CA PRO E 96 -37.11 16.12 11.04
C PRO E 96 -37.60 16.53 12.42
N LEU E 97 -36.83 16.28 13.48
CA LEU E 97 -37.27 16.61 14.83
C LEU E 97 -37.32 18.12 15.10
N CYS E 98 -36.79 18.94 14.20
CA CYS E 98 -36.82 20.39 14.37
C CYS E 98 -38.24 20.88 14.07
N VAL E 99 -39.13 20.65 15.04
CA VAL E 99 -40.53 21.03 14.95
C VAL E 99 -40.93 21.71 16.25
N THR E 100 -42.04 22.44 16.18
CA THR E 100 -42.52 23.17 17.36
C THR E 100 -42.85 22.20 18.49
N LEU E 101 -42.42 22.55 19.70
CA LEU E 101 -42.59 21.72 20.88
C LEU E 101 -43.55 22.42 21.85
N ASN E 102 -44.62 21.72 22.23
CA ASN E 102 -45.58 22.23 23.21
C ASN E 102 -45.28 21.56 24.54
N CYS E 103 -44.32 22.14 25.26
CA CYS E 103 -43.83 21.56 26.50
C CYS E 103 -44.57 22.15 27.70
N THR E 104 -44.57 21.39 28.79
CA THR E 104 -45.24 21.79 30.03
C THR E 104 -44.66 20.98 31.17
N ASN E 105 -45.00 21.40 32.39
CA ASN E 105 -44.53 20.70 33.58
C ASN E 105 -44.98 19.25 33.57
N THR E 106 -44.09 18.35 33.96
CA THR E 106 -44.44 16.95 34.09
C THR E 106 -45.22 16.74 35.38
N THR E 107 -46.29 15.94 35.28
CA THR E 107 -47.19 15.67 36.41
C THR E 107 -47.09 14.20 36.78
N VAL E 108 -46.93 13.92 38.07
CA VAL E 108 -46.83 12.56 38.57
C VAL E 108 -47.22 12.57 40.04
N SER E 109 -47.84 11.48 40.48
CA SER E 109 -48.27 11.34 41.88
C SER E 109 -47.48 10.25 42.57
N SER E 115 -35.31 16.49 44.47
CA SER E 115 -36.57 16.09 45.08
C SER E 115 -37.73 16.22 44.09
N ASN E 116 -38.91 15.78 44.50
CA ASN E 116 -40.08 15.86 43.63
C ASN E 116 -40.51 17.30 43.40
N ALA E 117 -40.34 18.16 44.40
CA ALA E 117 -40.76 19.55 44.26
C ALA E 117 -39.97 20.25 43.15
N ASN E 118 -38.66 20.02 43.10
CA ASN E 118 -37.80 20.64 42.09
C ASN E 118 -37.82 19.76 40.84
N PHE E 119 -38.90 19.90 40.06
CA PHE E 119 -39.09 19.14 38.84
C PHE E 119 -38.79 19.98 37.59
N GLU E 120 -38.15 21.13 37.74
CA GLU E 120 -37.86 22.02 36.61
C GLU E 120 -36.53 21.68 35.96
N GLU E 121 -36.37 20.40 35.60
CA GLU E 121 -35.22 19.93 34.84
C GLU E 121 -35.61 19.06 33.66
N MET E 122 -36.87 18.63 33.56
CA MET E 122 -37.36 17.84 32.44
C MET E 122 -38.78 18.28 32.14
N LYS E 123 -39.13 18.35 30.86
CA LYS E 123 -40.41 18.85 30.40
C LYS E 123 -41.06 17.86 29.45
N ASN E 124 -42.38 17.74 29.55
CA ASN E 124 -43.16 16.83 28.71
C ASN E 124 -43.51 17.57 27.42
N CYS E 125 -42.69 17.36 26.38
CA CYS E 125 -42.83 18.06 25.12
C CYS E 125 -43.61 17.22 24.13
N SER E 126 -44.59 17.84 23.48
CA SER E 126 -45.43 17.20 22.47
C SER E 126 -45.21 17.88 21.13
N PHE E 127 -45.25 17.09 20.06
CA PHE E 127 -44.99 17.60 18.73
C PHE E 127 -45.64 16.69 17.70
N ASN E 128 -45.79 17.20 16.48
CA ASN E 128 -46.33 16.44 15.36
C ASN E 128 -45.16 15.74 14.65
N ALA E 129 -45.17 14.41 14.69
CA ALA E 129 -44.11 13.60 14.10
C ALA E 129 -44.65 12.87 12.87
N THR E 130 -43.89 12.92 11.78
CA THR E 130 -44.29 12.24 10.56
C THR E 130 -44.28 10.73 10.77
N THR E 131 -45.35 10.07 10.33
CA THR E 131 -45.44 8.61 10.44
C THR E 131 -44.64 7.98 9.30
N GLU E 132 -44.82 6.67 9.09
CA GLU E 132 -44.08 5.98 8.05
C GLU E 132 -44.40 6.53 6.67
N ILE E 133 -45.60 7.09 6.49
CA ILE E 133 -46.01 7.69 5.22
C ILE E 133 -45.86 9.20 5.36
N LYS E 134 -45.36 9.84 4.30
CA LYS E 134 -44.91 11.22 4.41
C LYS E 134 -46.07 12.18 4.69
N ASP E 135 -47.18 12.05 3.95
CA ASP E 135 -48.24 13.05 4.03
C ASP E 135 -48.84 13.11 5.43
N LYS E 136 -49.13 11.95 6.02
CA LYS E 136 -49.80 11.93 7.31
C LYS E 136 -48.84 12.33 8.43
N LYS E 137 -49.39 13.03 9.42
CA LYS E 137 -48.66 13.42 10.61
C LYS E 137 -49.51 13.14 11.84
N LYS E 138 -48.89 12.65 12.90
CA LYS E 138 -49.59 12.31 14.14
C LYS E 138 -48.88 12.94 15.32
N ASN E 139 -49.64 13.19 16.38
CA ASN E 139 -49.11 13.81 17.58
C ASN E 139 -48.35 12.78 18.42
N GLU E 140 -47.20 13.20 18.96
CA GLU E 140 -46.38 12.36 19.81
C GLU E 140 -45.82 13.21 20.94
N TYR E 141 -45.47 12.54 22.04
CA TYR E 141 -44.93 13.22 23.22
C TYR E 141 -43.68 12.50 23.69
N ALA E 142 -42.75 13.29 24.24
CA ALA E 142 -41.50 12.76 24.77
C ALA E 142 -40.95 13.74 25.79
N LEU E 143 -40.05 13.24 26.64
CA LEU E 143 -39.45 14.04 27.69
C LEU E 143 -38.07 14.51 27.25
N PHE E 144 -37.81 15.80 27.44
CA PHE E 144 -36.54 16.42 27.09
C PHE E 144 -36.02 17.23 28.27
N TYR E 145 -34.70 17.26 28.42
CA TYR E 145 -34.07 18.03 29.48
C TYR E 145 -34.07 19.52 29.13
N LYS E 146 -34.07 20.34 30.17
CA LYS E 146 -34.13 21.79 29.98
C LYS E 146 -32.88 22.34 29.30
N LEU E 147 -31.76 21.61 29.36
CA LEU E 147 -30.53 22.10 28.75
C LEU E 147 -30.51 21.96 27.24
N ASP E 148 -31.48 21.26 26.66
CA ASP E 148 -31.51 21.00 25.22
C ASP E 148 -32.60 21.77 24.48
N ILE E 149 -33.52 22.41 25.18
CA ILE E 149 -34.64 23.14 24.58
C ILE E 149 -34.57 24.59 25.02
N VAL E 150 -34.84 25.50 24.08
CA VAL E 150 -34.82 26.93 24.34
C VAL E 150 -36.20 27.49 24.02
N PRO E 151 -36.65 28.55 24.69
CA PRO E 151 -38.01 29.04 24.48
C PRO E 151 -38.09 29.96 23.26
N LEU E 152 -39.32 30.39 22.97
CA LEU E 152 -39.61 31.33 21.90
C LEU E 152 -40.53 32.42 22.42
N ASN E 153 -40.72 33.46 21.61
CA ASN E 153 -41.59 34.57 21.99
C ASN E 153 -43.06 34.14 21.97
N GLY E 157 -45.41 30.62 24.07
CA GLY E 157 -44.87 29.74 25.08
C GLY E 157 -44.53 28.36 24.53
N LYS E 158 -43.65 28.33 23.53
CA LYS E 158 -43.21 27.10 22.88
C LYS E 158 -41.70 26.98 23.01
N TYR E 159 -41.18 25.84 22.57
CA TYR E 159 -39.77 25.52 22.69
C TYR E 159 -39.27 24.86 21.41
N ARG E 160 -37.96 24.94 21.20
CA ARG E 160 -37.31 24.28 20.08
C ARG E 160 -35.96 23.73 20.55
N LEU E 161 -35.45 22.76 19.81
CA LEU E 161 -34.16 22.16 20.16
C LEU E 161 -33.05 23.18 19.97
N ILE E 162 -31.99 23.03 20.78
CA ILE E 162 -30.89 23.99 20.76
C ILE E 162 -30.13 23.92 19.43
N ASN E 163 -30.01 22.74 18.85
CA ASN E 163 -29.14 22.53 17.70
C ASN E 163 -29.83 22.79 16.36
N CYS E 164 -31.09 23.25 16.37
CA CYS E 164 -31.79 23.46 15.11
C CYS E 164 -31.18 24.57 14.27
N ASN E 165 -30.61 25.60 14.91
CA ASN E 165 -30.06 26.75 14.20
C ASN E 165 -28.55 26.69 14.05
N THR E 166 -27.91 25.58 14.43
CA THR E 166 -26.46 25.44 14.34
C THR E 166 -26.03 24.43 13.31
N SER E 167 -26.49 23.19 13.40
CA SER E 167 -26.14 22.14 12.45
C SER E 167 -27.02 20.93 12.72
N ALA E 168 -27.27 20.16 11.66
CA ALA E 168 -28.01 18.91 11.80
C ALA E 168 -27.26 17.98 12.73
N CYS E 169 -27.97 17.42 13.71
CA CYS E 169 -27.37 16.59 14.75
C CYS E 169 -27.77 15.14 14.52
N THR E 170 -26.78 14.26 14.51
CA THR E 170 -27.01 12.84 14.22
C THR E 170 -27.29 12.08 15.50
N GLN E 171 -27.41 10.76 15.40
CA GLN E 171 -27.73 9.89 16.51
C GLN E 171 -26.70 8.77 16.59
N ILE E 172 -26.48 8.27 17.79
CA ILE E 172 -25.65 7.08 18.00
C ILE E 172 -26.55 5.87 17.87
N CYS E 173 -26.24 4.98 16.92
CA CYS E 173 -26.94 3.71 16.85
C CYS E 173 -26.68 2.93 18.14
N PRO E 174 -27.72 2.47 18.85
CA PRO E 174 -27.47 1.74 20.11
C PRO E 174 -26.69 0.45 19.93
N LYS E 175 -26.62 -0.08 18.71
CA LYS E 175 -25.91 -1.34 18.50
C LYS E 175 -24.45 -1.23 18.88
N VAL E 176 -23.82 -0.09 18.59
CA VAL E 176 -22.42 0.12 18.93
C VAL E 176 -22.31 0.57 20.38
N THR E 177 -21.29 0.06 21.07
CA THR E 177 -20.97 0.47 22.43
C THR E 177 -19.59 1.12 22.42
N PHE E 178 -19.47 2.22 23.15
CA PHE E 178 -18.27 3.05 23.16
C PHE E 178 -17.62 3.07 24.54
N GLU E 179 -17.54 1.90 25.18
CA GLU E 179 -16.82 1.80 26.43
C GLU E 179 -15.32 1.92 26.18
N PRO E 180 -14.55 2.35 27.19
CA PRO E 180 -13.11 2.57 26.97
C PRO E 180 -12.26 1.30 27.04
N ILE E 181 -12.24 0.56 25.95
CA ILE E 181 -11.44 -0.67 25.89
C ILE E 181 -9.97 -0.30 25.77
N PRO E 182 -9.07 -0.82 26.60
CA PRO E 182 -7.66 -0.48 26.45
C PRO E 182 -7.10 -0.95 25.11
N ILE E 183 -6.22 -0.12 24.53
CA ILE E 183 -5.59 -0.40 23.25
C ILE E 183 -4.10 -0.11 23.35
N HIS E 184 -3.34 -0.68 22.41
CA HIS E 184 -1.90 -0.53 22.35
C HIS E 184 -1.53 0.06 20.99
N TYR E 185 -0.86 1.21 21.01
CA TYR E 185 -0.33 1.82 19.80
C TYR E 185 1.07 1.29 19.55
N CYS E 186 1.26 0.55 18.45
CA CYS E 186 2.52 -0.10 18.15
C CYS E 186 3.07 0.36 16.82
N ALA E 187 4.39 0.54 16.75
CA ALA E 187 5.11 1.05 15.61
C ALA E 187 5.56 -0.07 14.68
N PRO E 188 5.92 0.24 13.44
CA PRO E 188 6.36 -0.80 12.51
C PRO E 188 7.77 -1.29 12.84
N ALA E 189 8.25 -2.22 12.03
CA ALA E 189 9.62 -2.68 12.14
C ALA E 189 10.59 -1.59 11.71
N GLY E 190 11.79 -1.62 12.29
CA GLY E 190 12.76 -0.56 12.09
C GLY E 190 12.58 0.64 12.99
N TYR E 191 11.54 0.66 13.81
CA TYR E 191 11.30 1.71 14.79
C TYR E 191 11.06 1.06 16.15
N ALA E 192 11.28 1.84 17.20
CA ALA E 192 11.11 1.37 18.56
C ALA E 192 10.50 2.47 19.41
N ILE E 193 9.98 2.08 20.57
CA ILE E 193 9.41 3.00 21.54
C ILE E 193 10.22 2.88 22.82
N LEU E 194 10.75 4.00 23.30
CA LEU E 194 11.57 4.04 24.49
C LEU E 194 10.72 4.43 25.69
N LYS E 195 10.83 3.65 26.77
CA LYS E 195 10.03 3.83 27.97
C LYS E 195 10.94 4.17 29.14
N CYS E 196 10.60 5.24 29.85
CA CYS E 196 11.33 5.62 31.05
C CYS E 196 10.76 4.89 32.27
N ASN E 197 11.59 4.77 33.30
CA ASN E 197 11.21 4.06 34.51
C ASN E 197 11.52 4.83 35.79
N ASN E 198 12.09 6.03 35.70
CA ASN E 198 12.33 6.83 36.89
C ASN E 198 11.01 7.19 37.54
N LYS E 199 10.88 6.90 38.84
CA LYS E 199 9.63 7.12 39.55
C LYS E 199 9.38 8.59 39.85
N THR E 200 10.42 9.42 39.87
CA THR E 200 10.31 10.85 40.15
C THR E 200 10.60 11.67 38.90
N PHE E 201 10.14 11.20 37.75
CA PHE E 201 10.40 11.87 36.48
C PHE E 201 9.25 12.81 36.15
N ASN E 202 9.59 14.08 35.91
CA ASN E 202 8.60 15.07 35.50
C ASN E 202 8.49 15.05 33.97
N GLY E 203 7.83 16.05 33.40
CA GLY E 203 7.54 16.02 31.97
C GLY E 203 8.79 16.00 31.10
N THR E 204 9.77 16.85 31.43
CA THR E 204 10.97 17.01 30.62
C THR E 204 12.21 16.78 31.47
N GLY E 205 13.19 16.10 30.89
CA GLY E 205 14.46 15.88 31.54
C GLY E 205 15.09 14.55 31.16
N PRO E 206 16.35 14.34 31.55
CA PRO E 206 16.99 13.06 31.25
C PRO E 206 16.39 11.92 32.05
N CYS E 207 16.49 10.72 31.47
CA CYS E 207 16.03 9.49 32.11
C CYS E 207 17.17 8.49 32.10
N ASN E 208 17.60 8.06 33.28
CA ASN E 208 18.75 7.16 33.42
C ASN E 208 18.35 5.69 33.54
N ASN E 209 17.07 5.37 33.43
CA ASN E 209 16.58 3.98 33.48
C ASN E 209 15.60 3.76 32.33
N VAL E 210 16.02 4.15 31.13
CA VAL E 210 15.21 3.93 29.94
C VAL E 210 15.22 2.45 29.58
N SER E 211 14.08 1.95 29.13
CA SER E 211 13.92 0.58 28.68
C SER E 211 13.24 0.56 27.32
N THR E 212 13.72 -0.30 26.43
CA THR E 212 13.15 -0.43 25.10
C THR E 212 12.02 -1.46 25.11
N VAL E 213 10.94 -1.14 24.41
CA VAL E 213 9.79 -2.03 24.29
C VAL E 213 9.26 -1.92 22.87
N GLN E 214 8.66 -3.02 22.39
CA GLN E 214 8.10 -3.01 21.04
C GLN E 214 6.98 -1.98 20.94
N CYS E 215 6.12 -1.91 21.95
CA CYS E 215 5.10 -0.87 21.99
C CYS E 215 4.53 -0.79 23.40
N THR E 216 3.53 0.08 23.57
CA THR E 216 3.09 0.53 24.88
C THR E 216 2.14 -0.48 25.51
N HIS E 217 1.65 -0.12 26.70
CA HIS E 217 0.70 -0.92 27.44
C HIS E 217 -0.73 -0.51 27.08
N GLY E 218 -1.71 -1.17 27.71
CA GLY E 218 -3.10 -0.86 27.46
C GLY E 218 -3.45 0.55 27.86
N ILE E 219 -3.94 1.35 26.90
CA ILE E 219 -4.34 2.73 27.13
C ILE E 219 -5.84 2.84 26.87
N LYS E 220 -6.58 3.26 27.89
CA LYS E 220 -8.03 3.39 27.78
C LYS E 220 -8.39 4.80 27.36
N PRO E 221 -8.98 5.02 26.18
CA PRO E 221 -9.40 6.39 25.82
C PRO E 221 -10.61 6.84 26.60
N VAL E 222 -10.40 7.79 27.51
CA VAL E 222 -11.44 8.29 28.40
C VAL E 222 -11.62 9.79 28.13
N VAL E 223 -12.87 10.21 27.98
CA VAL E 223 -13.21 11.61 27.75
C VAL E 223 -13.62 12.22 29.07
N SER E 224 -12.85 13.21 29.53
CA SER E 224 -13.13 13.88 30.79
C SER E 224 -12.55 15.29 30.72
N THR E 225 -13.01 16.15 31.61
CA THR E 225 -12.65 17.57 31.62
C THR E 225 -11.75 17.95 32.79
N GLN E 226 -12.18 17.67 34.03
CA GLN E 226 -11.45 18.10 35.21
C GLN E 226 -10.73 16.98 35.95
N LEU E 227 -11.15 15.74 35.78
CA LEU E 227 -10.63 14.62 36.55
C LEU E 227 -10.31 13.45 35.62
N LEU E 228 -9.17 12.82 35.84
CA LEU E 228 -8.79 11.61 35.11
C LEU E 228 -9.30 10.40 35.89
N LEU E 229 -10.00 9.50 35.19
CA LEU E 229 -10.71 8.40 35.80
C LEU E 229 -10.13 7.07 35.34
N ASN E 230 -10.24 6.08 36.23
CA ASN E 230 -9.86 4.68 35.99
C ASN E 230 -8.59 4.54 35.15
N GLY E 231 -7.56 5.29 35.55
CA GLY E 231 -6.27 5.27 34.90
C GLY E 231 -5.17 4.71 35.80
N SER E 232 -3.97 4.64 35.23
CA SER E 232 -2.82 4.14 35.96
C SER E 232 -2.37 5.16 37.00
N LEU E 233 -1.70 4.65 38.04
CA LEU E 233 -1.28 5.45 39.18
C LEU E 233 0.24 5.65 39.16
N ALA E 234 0.68 6.78 39.71
CA ALA E 234 2.09 7.00 39.93
C ALA E 234 2.60 6.02 41.00
N GLU E 235 3.86 5.62 40.85
CA GLU E 235 4.40 4.57 41.72
C GLU E 235 4.85 5.13 43.06
N LYS E 236 5.81 6.06 43.05
CA LYS E 236 6.41 6.51 44.30
C LYS E 236 5.56 7.57 44.99
N GLU E 237 5.37 8.71 44.34
CA GLU E 237 4.68 9.84 44.95
C GLU E 237 3.94 10.62 43.87
N ILE E 238 3.30 11.72 44.29
CA ILE E 238 2.53 12.53 43.36
C ILE E 238 3.46 13.20 42.37
N ILE E 239 3.09 13.16 41.09
CA ILE E 239 3.87 13.74 40.01
C ILE E 239 3.14 14.96 39.49
N ILE E 240 3.85 16.09 39.40
CA ILE E 240 3.33 17.34 38.86
C ILE E 240 4.10 17.65 37.58
N ARG E 241 3.36 17.93 36.51
CA ARG E 241 3.95 18.16 35.19
C ARG E 241 3.34 19.41 34.59
N SER E 242 4.20 20.29 34.06
CA SER E 242 3.76 21.51 33.41
C SER E 242 4.93 22.06 32.61
N GLU E 243 4.64 22.55 31.39
CA GLU E 243 5.70 23.04 30.52
C GLU E 243 6.41 24.24 31.13
N ASN E 244 5.65 25.17 31.73
CA ASN E 244 6.20 26.36 32.38
C ASN E 244 5.37 26.63 33.62
N LEU E 245 5.88 26.21 34.78
CA LEU E 245 5.15 26.42 36.02
C LEU E 245 5.00 27.90 36.33
N THR E 246 6.03 28.69 36.06
CA THR E 246 5.96 30.13 36.29
C THR E 246 4.90 30.80 35.43
N ASN E 247 4.53 30.20 34.30
CA ASN E 247 3.48 30.72 33.43
C ASN E 247 2.14 30.18 33.89
N ASN E 248 1.23 31.08 34.25
CA ASN E 248 -0.10 30.69 34.72
C ASN E 248 -1.07 30.36 33.60
N ALA E 249 -0.69 30.59 32.34
CA ALA E 249 -1.58 30.33 31.22
C ALA E 249 -1.58 28.86 30.78
N LYS E 250 -0.67 28.05 31.28
CA LYS E 250 -0.55 26.66 30.89
C LYS E 250 -1.16 25.75 31.95
N THR E 251 -1.87 24.72 31.50
CA THR E 251 -2.51 23.80 32.42
C THR E 251 -1.48 22.96 33.17
N ILE E 252 -1.90 22.43 34.31
CA ILE E 252 -1.05 21.64 35.20
C ILE E 252 -1.67 20.26 35.34
N ILE E 253 -0.84 19.22 35.22
CA ILE E 253 -1.28 17.83 35.31
C ILE E 253 -0.75 17.24 36.61
N VAL E 254 -1.63 16.67 37.41
CA VAL E 254 -1.29 16.06 38.69
C VAL E 254 -1.62 14.58 38.60
N HIS E 255 -0.62 13.73 38.87
CA HIS E 255 -0.77 12.28 38.87
C HIS E 255 -0.65 11.79 40.29
N LEU E 256 -1.70 11.14 40.78
CA LEU E 256 -1.76 10.69 42.17
C LEU E 256 -1.17 9.29 42.31
N ASN E 257 -0.51 9.06 43.45
CA ASN E 257 -0.01 7.73 43.78
C ASN E 257 -1.03 6.90 44.55
N GLU E 258 -2.01 7.54 45.18
CA GLU E 258 -3.11 6.87 45.85
C GLU E 258 -4.42 7.32 45.22
N SER E 259 -5.29 6.37 44.93
CA SER E 259 -6.53 6.64 44.21
C SER E 259 -7.70 6.82 45.18
N VAL E 260 -8.72 7.50 44.71
CA VAL E 260 -9.94 7.76 45.46
C VAL E 260 -11.12 7.32 44.60
N GLY E 261 -11.94 6.40 45.13
CA GLY E 261 -13.07 5.90 44.36
C GLY E 261 -14.16 6.93 44.24
N ILE E 262 -14.85 6.91 43.09
CA ILE E 262 -15.97 7.77 42.81
C ILE E 262 -17.15 6.92 42.37
N VAL E 263 -18.31 7.15 42.96
CA VAL E 263 -19.54 6.44 42.64
C VAL E 263 -20.55 7.45 42.12
N CYS E 264 -21.00 7.26 40.88
CA CYS E 264 -21.97 8.14 40.25
C CYS E 264 -23.12 7.29 39.70
N THR E 265 -24.34 7.83 39.82
CA THR E 265 -25.52 7.08 39.39
C THR E 265 -26.61 8.06 39.00
N ARG E 266 -27.56 7.55 38.20
CA ARG E 266 -28.77 8.29 37.82
C ARG E 266 -29.93 7.38 38.22
N PRO E 267 -30.40 7.47 39.48
CA PRO E 267 -31.43 6.53 39.92
C PRO E 267 -32.81 6.85 39.37
N SER E 268 -33.25 6.06 38.40
CA SER E 268 -34.61 6.17 37.86
C SER E 268 -34.82 5.07 36.85
N ASN E 269 -36.05 4.53 36.80
CA ASN E 269 -36.43 3.58 35.75
C ASN E 269 -37.22 4.36 34.70
N MET E 270 -36.53 4.77 33.64
CA MET E 270 -37.10 5.60 32.59
C MET E 270 -37.39 4.71 31.39
N THR E 271 -38.67 4.50 31.10
CA THR E 271 -39.05 3.67 29.97
C THR E 271 -38.54 4.28 28.67
N ARG E 272 -37.89 3.46 27.86
CA ARG E 272 -37.35 3.89 26.58
C ARG E 272 -38.40 3.66 25.49
N LYS E 273 -38.86 4.73 24.87
CA LYS E 273 -39.94 4.70 23.90
C LYS E 273 -39.39 4.96 22.51
N SER E 274 -39.75 4.10 21.55
CA SER E 274 -39.34 4.27 20.17
C SER E 274 -40.38 5.11 19.44
N ILE E 275 -39.94 6.17 18.78
CA ILE E 275 -40.80 7.11 18.08
C ILE E 275 -40.37 7.12 16.61
N ARG E 276 -41.35 6.96 15.72
CA ARG E 276 -41.10 7.00 14.28
C ARG E 276 -41.27 8.43 13.79
N ILE E 277 -40.26 8.93 13.06
CA ILE E 277 -40.25 10.30 12.56
C ILE E 277 -40.22 10.36 11.04
N GLY E 278 -40.19 9.22 10.35
CA GLY E 278 -40.18 9.21 8.91
C GLY E 278 -40.04 7.81 8.36
N PRO E 279 -40.07 7.67 7.03
CA PRO E 279 -39.93 6.35 6.42
C PRO E 279 -38.54 5.78 6.61
N GLY E 280 -38.43 4.72 7.42
CA GLY E 280 -37.15 4.11 7.70
C GLY E 280 -36.36 4.77 8.81
N GLN E 281 -36.87 5.85 9.39
CA GLN E 281 -36.19 6.58 10.47
C GLN E 281 -36.98 6.42 11.76
N THR E 282 -36.30 6.00 12.82
CA THR E 282 -36.93 5.83 14.12
C THR E 282 -35.89 6.11 15.18
N PHE E 283 -36.23 6.98 16.13
CA PHE E 283 -35.34 7.38 17.21
C PHE E 283 -35.98 7.10 18.56
N TYR E 284 -35.13 6.89 19.56
CA TYR E 284 -35.57 6.49 20.89
C TYR E 284 -35.46 7.67 21.85
N ALA E 285 -36.48 7.84 22.68
CA ALA E 285 -36.53 8.95 23.64
C ALA E 285 -36.98 8.44 25.00
N LEU E 286 -37.16 9.35 25.95
CA LEU E 286 -37.58 9.00 27.30
C LEU E 286 -39.11 8.94 27.33
N GLY E 287 -39.64 7.80 27.77
CA GLY E 287 -41.07 7.59 27.77
C GLY E 287 -41.78 8.26 28.94
N ASP E 288 -41.46 7.85 30.16
CA ASP E 288 -42.13 8.36 31.34
C ASP E 288 -41.28 8.01 32.56
N ILE E 289 -41.79 8.35 33.74
CA ILE E 289 -41.13 8.12 35.01
C ILE E 289 -42.02 7.24 35.86
N ILE E 290 -41.46 6.13 36.35
CA ILE E 290 -42.18 5.22 37.24
C ILE E 290 -41.64 5.39 38.65
N GLY E 291 -42.26 6.28 39.42
CA GLY E 291 -41.83 6.58 40.77
C GLY E 291 -41.75 8.07 41.04
N ASP E 292 -40.72 8.48 41.78
CA ASP E 292 -40.51 9.87 42.15
C ASP E 292 -39.38 10.47 41.31
N ILE E 293 -39.30 11.79 41.33
CA ILE E 293 -38.25 12.53 40.63
C ILE E 293 -37.08 12.71 41.60
N ARG E 294 -35.91 12.20 41.21
CA ARG E 294 -34.72 12.22 42.04
C ARG E 294 -33.53 12.58 41.15
N GLN E 295 -32.69 13.50 41.61
CA GLN E 295 -31.61 14.02 40.80
C GLN E 295 -30.41 13.06 40.80
N PRO E 296 -29.60 13.08 39.74
CA PRO E 296 -28.34 12.33 39.78
C PRO E 296 -27.37 12.94 40.78
N HIS E 297 -26.47 12.10 41.31
CA HIS E 297 -25.52 12.56 42.30
C HIS E 297 -24.29 11.66 42.27
N CYS E 298 -23.19 12.20 42.80
CA CYS E 298 -21.94 11.48 42.95
C CYS E 298 -21.45 11.62 44.39
N ASN E 299 -20.92 10.54 44.94
CA ASN E 299 -20.53 10.47 46.34
C ASN E 299 -19.03 10.25 46.45
N ILE E 300 -18.38 11.07 47.27
CA ILE E 300 -16.93 11.01 47.49
C ILE E 300 -16.66 11.11 48.98
N SER E 301 -15.79 10.23 49.48
CA SER E 301 -15.47 10.23 50.90
C SER E 301 -14.71 11.49 51.29
N LYS E 302 -14.99 12.00 52.48
CA LYS E 302 -14.36 13.24 52.93
C LYS E 302 -12.87 13.05 53.20
N GLN E 303 -12.51 12.01 53.95
CA GLN E 303 -11.09 11.80 54.29
C GLN E 303 -10.26 11.54 53.04
N ASN E 304 -10.76 10.71 52.13
CA ASN E 304 -9.99 10.39 50.93
C ASN E 304 -9.74 11.62 50.06
N TRP E 305 -10.58 12.65 50.17
CA TRP E 305 -10.36 13.90 49.46
C TRP E 305 -9.59 14.91 50.29
N ASN E 306 -9.92 15.05 51.57
CA ASN E 306 -9.19 15.97 52.44
C ASN E 306 -7.73 15.56 52.54
N ARG E 307 -7.46 14.27 52.74
CA ARG E 307 -6.08 13.80 52.77
C ARG E 307 -5.41 13.96 51.42
N THR E 308 -6.12 13.67 50.34
CA THR E 308 -5.54 13.79 49.01
C THR E 308 -5.13 15.23 48.71
N LEU E 309 -5.99 16.20 49.04
CA LEU E 309 -5.62 17.59 48.86
C LEU E 309 -4.54 18.01 49.85
N GLN E 310 -4.48 17.35 51.01
CA GLN E 310 -3.39 17.61 51.95
C GLN E 310 -2.06 17.17 51.38
N GLN E 311 -2.01 15.99 50.74
CA GLN E 311 -0.76 15.49 50.21
C GLN E 311 -0.28 16.31 49.02
N VAL E 312 -1.20 16.68 48.11
CA VAL E 312 -0.81 17.49 46.96
C VAL E 312 -0.44 18.89 47.41
N GLY E 313 -1.03 19.38 48.50
CA GLY E 313 -0.73 20.73 48.96
C GLY E 313 0.73 20.91 49.33
N ARG E 314 1.27 19.96 50.12
CA ARG E 314 2.67 20.06 50.50
C ARG E 314 3.60 19.86 49.31
N LYS E 315 3.18 19.06 48.33
CA LYS E 315 3.99 18.89 47.13
C LYS E 315 4.11 20.21 46.36
N LEU E 316 3.01 20.97 46.30
CA LEU E 316 3.05 22.27 45.65
C LEU E 316 3.87 23.29 46.43
N ALA E 317 4.12 23.05 47.72
CA ALA E 317 4.89 23.99 48.52
C ALA E 317 6.32 24.12 48.03
N GLU E 318 6.92 23.00 47.59
CA GLU E 318 8.29 23.04 47.12
C GLU E 318 8.42 23.93 45.88
N HIS E 319 7.47 23.83 44.95
CA HIS E 319 7.50 24.68 43.76
C HIS E 319 7.13 26.13 44.08
N PHE E 320 6.36 26.36 45.14
CA PHE E 320 5.93 27.70 45.54
C PHE E 320 6.22 27.87 47.02
N PRO E 321 7.49 28.10 47.39
CA PRO E 321 7.84 28.13 48.82
C PRO E 321 7.12 29.23 49.58
N ASN E 322 6.83 28.93 50.85
CA ASN E 322 6.28 29.89 51.82
C ASN E 322 5.09 30.67 51.27
N ARG E 323 4.29 30.02 50.42
CA ARG E 323 3.09 30.61 49.84
C ARG E 323 1.88 29.80 50.25
N ASN E 324 0.83 30.47 50.72
CA ASN E 324 -0.41 29.81 51.04
C ASN E 324 -1.09 29.33 49.76
N ILE E 325 -1.57 28.09 49.77
CA ILE E 325 -2.19 27.45 48.63
C ILE E 325 -3.65 27.19 48.97
N THR E 326 -4.55 27.63 48.08
CA THR E 326 -5.98 27.45 48.26
C THR E 326 -6.59 26.90 46.98
N PHE E 327 -7.59 26.02 47.16
CA PHE E 327 -8.33 25.42 46.05
C PHE E 327 -9.75 25.97 46.08
N ASN E 328 -10.18 26.52 44.95
CA ASN E 328 -11.47 27.18 44.81
C ASN E 328 -12.17 26.69 43.55
N HIS E 329 -13.49 26.87 43.51
CA HIS E 329 -14.28 26.37 42.41
C HIS E 329 -13.92 27.11 41.11
N SER E 330 -14.40 26.56 39.99
CA SER E 330 -14.12 27.14 38.69
C SER E 330 -14.78 28.50 38.55
N SER E 331 -14.25 29.30 37.63
CA SER E 331 -14.77 30.65 37.40
C SER E 331 -16.22 30.60 36.95
N GLY E 332 -16.48 30.01 35.79
CA GLY E 332 -17.82 29.91 35.24
C GLY E 332 -17.77 29.96 33.73
N GLY E 333 -18.90 30.35 33.15
CA GLY E 333 -19.03 30.46 31.71
C GLY E 333 -19.72 29.23 31.11
N ASP E 334 -19.14 28.69 30.04
CA ASP E 334 -19.72 27.53 29.38
C ASP E 334 -19.73 26.34 30.31
N LEU E 335 -20.77 25.51 30.20
CA LEU E 335 -20.95 24.37 31.09
C LEU E 335 -20.08 23.19 30.70
N GLU E 336 -19.54 23.15 29.49
CA GLU E 336 -18.77 22.00 29.05
C GLU E 336 -17.50 21.84 29.88
N ILE E 337 -16.82 22.94 30.19
CA ILE E 337 -15.55 22.90 30.90
C ILE E 337 -15.69 23.33 32.36
N THR E 338 -16.73 24.08 32.72
CA THR E 338 -16.90 24.49 34.11
C THR E 338 -17.16 23.28 35.00
N THR E 339 -17.97 22.33 34.53
CA THR E 339 -18.34 21.15 35.29
C THR E 339 -17.48 19.97 34.88
N HIS E 340 -17.54 18.91 35.70
CA HIS E 340 -16.81 17.67 35.45
C HIS E 340 -17.67 16.79 34.55
N SER E 341 -17.39 16.82 33.26
CA SER E 341 -18.13 16.02 32.29
C SER E 341 -17.46 14.67 32.10
N PHE E 342 -18.28 13.63 32.06
CA PHE E 342 -17.78 12.27 31.87
C PHE E 342 -18.90 11.43 31.26
N ASN E 343 -18.68 10.12 31.22
CA ASN E 343 -19.63 9.18 30.62
C ASN E 343 -19.92 8.05 31.60
N CYS E 344 -21.14 7.53 31.55
CA CYS E 344 -21.56 6.44 32.42
C CYS E 344 -22.62 5.63 31.67
N ARG E 345 -22.22 4.46 31.16
CA ARG E 345 -23.10 3.58 30.40
C ARG E 345 -23.63 4.22 29.12
N GLY E 346 -23.03 5.33 28.69
CA GLY E 346 -23.48 6.06 27.53
C GLY E 346 -24.30 7.29 27.83
N GLU E 347 -24.46 7.65 29.11
CA GLU E 347 -25.16 8.87 29.51
C GLU E 347 -24.13 9.92 29.90
N PHE E 348 -24.30 11.13 29.34
CA PHE E 348 -23.35 12.21 29.55
C PHE E 348 -23.75 13.01 30.78
N PHE E 349 -22.85 13.08 31.76
CA PHE E 349 -23.09 13.78 33.02
C PHE E 349 -22.37 15.12 33.03
N TYR E 350 -22.81 15.99 33.93
CA TYR E 350 -22.18 17.30 34.13
C TYR E 350 -22.33 17.64 35.61
N CYS E 351 -21.29 17.34 36.39
CA CYS E 351 -21.37 17.41 37.84
C CYS E 351 -20.85 18.75 38.34
N ASN E 352 -21.61 19.36 39.24
CA ASN E 352 -21.25 20.65 39.84
C ASN E 352 -20.12 20.42 40.85
N THR E 353 -18.88 20.64 40.42
CA THR E 353 -17.71 20.42 41.26
C THR E 353 -17.33 21.75 41.93
N SER E 354 -18.05 22.06 42.99
CA SER E 354 -17.78 23.25 43.80
C SER E 354 -17.42 22.92 45.24
N GLY E 355 -18.05 21.90 45.84
CA GLY E 355 -17.69 21.51 47.19
C GLY E 355 -16.39 20.75 47.29
N LEU E 356 -15.93 20.15 46.19
CA LEU E 356 -14.66 19.42 46.22
C LEU E 356 -13.50 20.37 46.49
N PHE E 357 -13.46 21.50 45.78
CA PHE E 357 -12.41 22.50 45.96
C PHE E 357 -12.90 23.62 46.88
N ASN E 358 -13.14 23.25 48.14
CA ASN E 358 -13.61 24.16 49.18
C ASN E 358 -12.69 24.07 50.38
N GLY E 359 -11.38 24.11 50.13
CA GLY E 359 -10.39 24.05 51.20
C GLY E 359 -9.08 24.60 50.72
N THR E 360 -8.18 24.83 51.69
CA THR E 360 -6.87 25.40 51.41
C THR E 360 -5.82 24.70 52.26
N TYR E 361 -4.59 24.72 51.76
CA TYR E 361 -3.45 24.11 52.44
C TYR E 361 -2.64 25.20 53.14
N HIS E 362 -2.31 24.95 54.41
CA HIS E 362 -1.48 25.86 55.19
C HIS E 362 -0.09 25.25 55.35
N PRO E 363 0.99 25.86 54.86
CA PRO E 363 2.31 25.23 55.01
C PRO E 363 2.71 25.01 56.46
N ASN E 364 2.27 25.88 57.37
CA ASN E 364 2.53 25.74 58.80
C ASN E 364 1.22 25.43 59.51
N GLY E 365 1.20 24.31 60.23
CA GLY E 365 0.01 23.91 60.97
C GLY E 365 0.01 22.43 61.23
N THR E 366 -1.10 21.98 61.81
CA THR E 366 -1.33 20.57 62.11
C THR E 366 -2.51 20.06 61.28
N TYR E 367 -2.34 18.88 60.69
CA TYR E 367 -3.29 18.35 59.72
C TYR E 367 -3.57 16.87 59.98
N ASN E 368 -3.75 16.50 61.25
CA ASN E 368 -3.99 15.09 61.56
C ASN E 368 -5.39 14.69 61.12
N GLU E 369 -5.48 13.54 60.44
CA GLU E 369 -6.71 13.14 59.77
C GLU E 369 -7.79 12.65 60.73
N THR E 370 -7.43 12.24 61.94
CA THR E 370 -8.41 11.71 62.86
C THR E 370 -9.46 12.75 63.26
N ALA E 371 -9.17 14.04 63.08
CA ALA E 371 -10.14 15.08 63.40
C ALA E 371 -11.39 14.96 62.55
N VAL E 372 -11.22 14.66 61.26
CA VAL E 372 -12.35 14.57 60.34
C VAL E 372 -13.07 13.24 60.58
N ASN E 373 -14.40 13.31 60.66
CA ASN E 373 -15.20 12.12 60.90
C ASN E 373 -15.18 11.18 59.70
N SER E 374 -15.43 9.90 59.96
CA SER E 374 -15.44 8.88 58.93
C SER E 374 -16.88 8.52 58.55
N SER E 375 -17.00 7.73 57.49
CA SER E 375 -18.31 7.36 56.94
C SER E 375 -19.08 8.58 56.46
N ASP E 376 -18.37 9.64 56.09
CA ASP E 376 -18.95 10.88 55.60
C ASP E 376 -18.58 11.02 54.13
N THR E 377 -19.58 11.25 53.29
CA THR E 377 -19.39 11.37 51.86
C THR E 377 -19.77 12.77 51.39
N ILE E 378 -19.33 13.11 50.19
CA ILE E 378 -19.57 14.42 49.58
C ILE E 378 -20.53 14.19 48.42
N THR E 379 -21.81 14.49 48.65
CA THR E 379 -22.80 14.39 47.59
C THR E 379 -22.64 15.56 46.63
N LEU E 380 -22.91 15.29 45.36
CA LEU E 380 -22.78 16.28 44.29
C LEU E 380 -24.07 16.34 43.49
N GLN E 381 -24.27 17.47 42.81
CA GLN E 381 -25.39 17.69 41.92
C GLN E 381 -24.90 17.60 40.49
N CYS E 382 -25.51 16.70 39.71
CA CYS E 382 -25.12 16.48 38.32
C CYS E 382 -26.36 16.51 37.44
N ARG E 383 -26.18 16.97 36.21
CA ARG E 383 -27.26 17.11 35.25
C ARG E 383 -26.94 16.29 34.00
N ILE E 384 -28.01 15.88 33.31
CA ILE E 384 -27.91 15.02 32.13
C ILE E 384 -28.18 15.86 30.90
N LYS E 385 -27.31 15.73 29.90
CA LYS E 385 -27.44 16.46 28.64
C LYS E 385 -27.24 15.46 27.51
N GLN E 386 -28.33 15.11 26.82
CA GLN E 386 -28.29 14.09 25.78
C GLN E 386 -27.98 14.64 24.40
N ILE E 387 -27.77 15.94 24.27
CA ILE E 387 -27.29 16.55 23.02
C ILE E 387 -25.92 17.13 23.32
N ILE E 388 -24.90 16.62 22.62
CA ILE E 388 -23.51 16.92 22.94
C ILE E 388 -22.80 17.37 21.66
N ASN E 389 -21.99 18.42 21.78
CA ASN E 389 -21.06 18.85 20.73
C ASN E 389 -19.66 18.66 21.26
N MET E 390 -18.84 17.90 20.52
CA MET E 390 -17.58 17.39 21.03
C MET E 390 -16.40 18.10 20.39
N TRP E 391 -15.22 17.84 20.96
CA TRP E 391 -13.93 18.34 20.46
C TRP E 391 -13.84 19.87 20.55
N GLN E 392 -14.69 20.50 21.35
CA GLN E 392 -14.66 21.96 21.55
C GLN E 392 -14.75 22.70 20.21
N GLU E 393 -15.58 22.17 19.31
CA GLU E 393 -15.78 22.78 17.99
C GLU E 393 -17.22 22.55 17.57
N VAL E 394 -17.86 23.60 17.05
CA VAL E 394 -19.26 23.51 16.61
C VAL E 394 -19.21 23.09 15.14
N GLY E 395 -19.02 21.79 14.94
CA GLY E 395 -19.08 21.21 13.60
C GLY E 395 -19.67 19.81 13.61
N ARG E 396 -20.18 19.36 14.75
CA ARG E 396 -20.71 18.02 14.88
C ARG E 396 -21.62 17.96 16.10
N CYS E 397 -22.48 16.95 16.14
CA CYS E 397 -23.37 16.72 17.26
C CYS E 397 -23.75 15.25 17.29
N MET E 398 -24.29 14.83 18.42
CA MET E 398 -24.66 13.42 18.61
C MET E 398 -25.69 13.34 19.72
N TYR E 399 -26.80 12.66 19.45
CA TYR E 399 -27.90 12.52 20.41
C TYR E 399 -27.71 11.22 21.18
N ALA E 400 -27.50 11.33 22.48
CA ALA E 400 -27.31 10.15 23.32
C ALA E 400 -28.67 9.55 23.66
N PRO E 401 -28.98 8.32 23.25
CA PRO E 401 -30.28 7.74 23.59
C PRO E 401 -30.34 7.35 25.05
N PRO E 402 -31.53 7.24 25.62
CA PRO E 402 -31.64 6.87 27.04
C PRO E 402 -31.53 5.37 27.24
N ILE E 403 -31.50 4.97 28.51
CA ILE E 403 -31.38 3.57 28.92
C ILE E 403 -32.45 3.27 29.95
N ALA E 404 -33.14 2.15 29.76
CA ALA E 404 -34.17 1.74 30.71
C ALA E 404 -33.53 1.32 32.03
N GLY E 405 -34.23 1.59 33.13
CA GLY E 405 -33.74 1.24 34.44
C GLY E 405 -32.71 2.25 34.94
N ASN E 406 -32.27 2.02 36.16
CA ASN E 406 -31.26 2.88 36.79
C ASN E 406 -29.87 2.34 36.54
N ILE E 407 -28.92 3.27 36.38
CA ILE E 407 -27.54 2.96 36.07
C ILE E 407 -26.67 3.35 37.26
N THR E 408 -25.50 2.71 37.35
CA THR E 408 -24.53 2.99 38.40
C THR E 408 -23.14 2.66 37.86
N CYS E 409 -22.26 3.66 37.88
CA CYS E 409 -20.89 3.50 37.40
C CYS E 409 -19.93 3.80 38.54
N ASN E 410 -19.00 2.87 38.79
CA ASN E 410 -17.98 2.99 39.81
C ASN E 410 -16.62 3.05 39.14
N SER E 411 -15.80 4.03 39.55
CA SER E 411 -14.47 4.21 38.98
C SER E 411 -13.57 4.81 40.04
N ASN E 412 -12.29 4.92 39.71
CA ASN E 412 -11.28 5.49 40.58
C ASN E 412 -10.74 6.79 39.97
N ILE E 413 -10.61 7.82 40.80
CA ILE E 413 -10.00 9.07 40.37
C ILE E 413 -8.49 8.87 40.33
N THR E 414 -7.86 9.37 39.26
CA THR E 414 -6.45 9.15 39.00
C THR E 414 -5.63 10.43 38.99
N GLY E 415 -6.11 11.47 38.30
CA GLY E 415 -5.36 12.71 38.20
C GLY E 415 -6.29 13.91 38.15
N LEU E 416 -5.66 15.08 38.28
CA LEU E 416 -6.38 16.35 38.31
C LEU E 416 -5.82 17.29 37.25
N LEU E 417 -6.69 18.11 36.68
CA LEU E 417 -6.32 19.13 35.70
C LEU E 417 -6.61 20.49 36.32
N LEU E 418 -5.57 21.12 36.86
CA LEU E 418 -5.69 22.38 37.57
C LEU E 418 -5.05 23.50 36.77
N THR E 419 -5.50 24.73 37.07
CA THR E 419 -4.99 25.94 36.46
C THR E 419 -4.70 26.97 37.54
N ARG E 420 -3.73 27.83 37.26
CA ARG E 420 -3.29 28.85 38.20
C ARG E 420 -3.58 30.23 37.61
N ASP E 421 -3.86 31.18 38.51
CA ASP E 421 -4.15 32.56 38.11
C ASP E 421 -3.31 33.54 38.91
N GLN E 426 -1.98 39.37 44.25
CA GLN E 426 -0.75 39.15 43.50
C GLN E 426 0.32 38.49 44.36
N THR E 427 0.27 38.75 45.67
CA THR E 427 1.23 38.21 46.62
C THR E 427 0.49 37.52 47.76
N GLY E 428 1.16 36.54 48.36
CA GLY E 428 0.60 35.79 49.48
C GLY E 428 -0.07 34.51 49.04
N GLU E 429 -1.40 34.47 49.13
CA GLU E 429 -2.14 33.27 48.77
C GLU E 429 -2.03 32.99 47.27
N GLU E 430 -1.88 31.71 46.93
CA GLU E 430 -1.84 31.26 45.54
C GLU E 430 -3.11 30.47 45.27
N ILE E 431 -3.84 30.87 44.23
CA ILE E 431 -5.14 30.29 43.92
C ILE E 431 -4.97 29.31 42.76
N PHE E 432 -5.42 28.07 42.97
CA PHE E 432 -5.43 27.04 41.94
C PHE E 432 -6.87 26.65 41.66
N ARG E 433 -7.22 26.53 40.38
CA ARG E 433 -8.58 26.29 39.94
C ARG E 433 -8.63 25.07 39.04
N PRO E 434 -9.74 24.34 39.03
CA PRO E 434 -9.86 23.20 38.10
C PRO E 434 -10.35 23.67 36.73
N GLY E 435 -9.77 23.10 35.68
CA GLY E 435 -10.19 23.43 34.34
C GLY E 435 -9.62 22.52 33.27
N GLY E 436 -10.47 22.04 32.39
CA GLY E 436 -10.05 21.26 31.24
C GLY E 436 -9.78 22.14 30.04
N GLY E 437 -8.66 22.86 30.05
CA GLY E 437 -8.37 23.80 28.99
C GLY E 437 -8.32 23.16 27.62
N ASP E 438 -7.67 22.01 27.51
CA ASP E 438 -7.59 21.26 26.27
C ASP E 438 -7.83 19.79 26.53
N MET E 439 -8.42 19.11 25.55
CA MET E 439 -8.70 17.69 25.69
C MET E 439 -7.44 16.85 25.55
N ARG E 440 -6.44 17.34 24.81
CA ARG E 440 -5.26 16.53 24.50
C ARG E 440 -4.47 16.16 25.75
N ASP E 441 -4.63 16.92 26.85
CA ASP E 441 -3.87 16.60 28.06
C ASP E 441 -4.38 15.35 28.76
N ASN E 442 -5.54 14.83 28.38
CA ASN E 442 -6.04 13.61 28.99
C ASN E 442 -5.10 12.43 28.70
N TRP E 443 -4.60 12.35 27.46
CA TRP E 443 -3.71 11.27 27.07
C TRP E 443 -2.23 11.60 27.32
N ARG E 444 -1.90 12.88 27.54
CA ARG E 444 -0.52 13.22 27.88
C ARG E 444 -0.13 12.61 29.22
N SER E 445 -1.10 12.42 30.12
CA SER E 445 -0.80 11.80 31.41
C SER E 445 -0.50 10.31 31.29
N GLU E 446 -0.81 9.70 30.15
CA GLU E 446 -0.53 8.29 29.92
C GLU E 446 0.64 8.04 28.99
N LEU E 447 0.93 8.96 28.07
CA LEU E 447 2.02 8.82 27.12
C LEU E 447 3.27 9.60 27.53
N TYR E 448 3.31 10.11 28.77
CA TYR E 448 4.44 10.92 29.20
C TYR E 448 5.75 10.14 29.19
N LYS E 449 5.68 8.81 29.33
CA LYS E 449 6.86 7.96 29.44
C LYS E 449 7.04 7.09 28.20
N TYR E 450 6.80 7.66 27.02
CA TYR E 450 6.98 6.94 25.76
C TYR E 450 7.55 7.89 24.73
N LYS E 451 8.29 7.34 23.77
CA LYS E 451 8.90 8.14 22.71
C LYS E 451 9.27 7.21 21.56
N VAL E 452 8.69 7.46 20.39
CA VAL E 452 9.02 6.68 19.19
C VAL E 452 10.39 7.11 18.70
N VAL E 453 11.18 6.14 18.22
CA VAL E 453 12.54 6.40 17.77
C VAL E 453 12.85 5.47 16.60
N GLU E 454 13.76 5.91 15.73
CA GLU E 454 14.17 5.17 14.56
C GLU E 454 15.54 4.54 14.79
N ILE E 455 15.78 3.41 14.14
CA ILE E 455 17.00 2.62 14.31
C ILE E 455 17.94 2.92 13.15
N LYS E 456 19.24 2.97 13.46
CA LYS E 456 20.29 3.23 12.47
C LYS E 456 21.33 2.12 12.60
N PRO E 457 21.11 0.98 11.95
CA PRO E 457 22.01 -0.17 12.15
C PRO E 457 23.33 -0.10 11.41
N LEU E 458 23.67 1.04 10.81
CA LEU E 458 24.93 1.21 10.09
C LEU E 458 25.96 1.87 11.00
N GLY E 459 27.16 1.29 11.03
CA GLY E 459 28.25 1.83 11.81
C GLY E 459 29.58 1.71 11.10
N ILE E 460 30.37 2.78 11.12
CA ILE E 460 31.66 2.83 10.44
C ILE E 460 32.70 3.30 11.44
N ALA E 461 33.75 2.50 11.64
CA ALA E 461 34.83 2.83 12.55
C ALA E 461 36.13 2.32 11.94
N PRO E 462 37.28 2.90 12.32
CA PRO E 462 38.56 2.41 11.82
C PRO E 462 38.94 1.08 12.44
N THR E 463 39.79 0.35 11.72
CA THR E 463 40.33 -0.92 12.18
C THR E 463 41.58 -1.24 11.40
N LYS E 464 42.29 -2.27 11.85
CA LYS E 464 43.55 -2.69 11.23
C LYS E 464 43.36 -3.73 10.12
N CYS E 465 42.13 -4.20 9.90
CA CYS E 465 41.88 -5.21 8.88
C CYS E 465 41.71 -4.56 7.52
N LYS E 466 42.28 -5.19 6.49
CA LYS E 466 42.24 -4.70 5.12
C LYS E 466 41.60 -5.74 4.23
N ARG E 467 40.75 -5.28 3.32
CA ARG E 467 40.13 -6.19 2.36
C ARG E 467 41.19 -6.80 1.45
N ARG E 468 41.07 -8.10 1.21
CA ARG E 468 42.02 -8.82 0.38
C ARG E 468 41.57 -8.78 -1.08
N VAL E 469 42.52 -8.55 -1.97
CA VAL E 469 42.28 -8.48 -3.41
C VAL E 469 42.97 -9.67 -4.07
N VAL E 470 42.20 -10.45 -4.81
CA VAL E 470 42.75 -11.61 -5.53
C VAL E 470 43.44 -11.12 -6.80
N GLU E 471 44.66 -11.59 -7.02
CA GLU E 471 45.43 -11.23 -8.20
C GLU E 471 45.58 -12.43 -9.12
N ALA F 1 29.10 -14.66 38.75
CA ALA F 1 28.06 -14.28 37.79
C ALA F 1 28.06 -15.22 36.59
N VAL F 2 26.91 -15.85 36.33
CA VAL F 2 26.81 -16.74 35.18
C VAL F 2 26.89 -15.93 33.89
N GLY F 3 27.33 -16.60 32.83
CA GLY F 3 27.60 -15.94 31.57
C GLY F 3 26.43 -16.03 30.60
N ILE F 4 26.22 -14.94 29.87
CA ILE F 4 25.24 -14.88 28.78
C ILE F 4 26.01 -14.94 27.47
N GLY F 5 25.52 -15.76 26.53
CA GLY F 5 26.22 -15.96 25.28
C GLY F 5 26.11 -14.81 24.30
N ALA F 6 25.32 -13.78 24.62
CA ALA F 6 25.05 -12.60 23.80
C ALA F 6 24.07 -12.89 22.67
N VAL F 7 23.70 -14.16 22.45
CA VAL F 7 22.63 -14.47 21.50
C VAL F 7 21.26 -14.39 22.18
N PHE F 8 21.22 -14.50 23.50
CA PHE F 8 19.97 -14.44 24.26
C PHE F 8 19.57 -13.02 24.62
N LEU F 9 20.41 -12.02 24.33
CA LEU F 9 20.07 -10.65 24.68
C LEU F 9 18.93 -10.13 23.80
N GLY F 10 18.21 -9.16 24.34
CA GLY F 10 17.07 -8.59 23.65
C GLY F 10 17.46 -7.52 22.65
N PHE F 11 16.43 -6.94 22.03
CA PHE F 11 16.65 -5.91 21.03
C PHE F 11 17.23 -4.65 21.66
N LEU F 12 18.13 -3.99 20.91
CA LEU F 12 18.81 -2.77 21.36
C LEU F 12 19.63 -2.99 22.62
N GLY F 13 19.93 -4.24 22.96
CA GLY F 13 20.78 -4.50 24.10
C GLY F 13 22.22 -4.11 23.84
N ALA F 14 22.96 -3.93 24.93
CA ALA F 14 24.36 -3.53 24.88
C ALA F 14 24.55 -2.17 24.20
N ALA F 15 23.51 -1.34 24.19
CA ALA F 15 23.62 -0.03 23.58
C ALA F 15 24.50 0.90 24.41
N GLY F 16 24.43 0.80 25.73
CA GLY F 16 25.22 1.61 26.63
C GLY F 16 26.59 1.06 26.95
N SER F 17 27.00 -0.05 26.32
CA SER F 17 28.29 -0.66 26.57
C SER F 17 29.30 -0.16 25.55
N THR F 18 30.53 -0.65 25.64
CA THR F 18 31.60 -0.21 24.76
C THR F 18 31.35 -0.69 23.34
N MET F 19 31.99 -0.01 22.38
CA MET F 19 31.82 -0.38 20.97
C MET F 19 32.33 -1.79 20.71
N GLY F 20 33.48 -2.14 21.29
CA GLY F 20 34.02 -3.48 21.09
C GLY F 20 33.10 -4.56 21.63
N ALA F 21 32.55 -4.35 22.83
CA ALA F 21 31.63 -5.32 23.40
C ALA F 21 30.36 -5.43 22.57
N ALA F 22 29.84 -4.29 22.11
CA ALA F 22 28.61 -4.30 21.33
C ALA F 22 28.80 -4.92 19.94
N SER F 23 30.04 -5.04 19.48
CA SER F 23 30.30 -5.64 18.18
C SER F 23 29.97 -7.13 18.14
N ASN F 24 29.81 -7.76 19.31
CA ASN F 24 29.49 -9.18 19.39
C ASN F 24 28.00 -9.45 19.44
N THR F 25 27.16 -8.42 19.33
CA THR F 25 25.71 -8.56 19.41
C THR F 25 25.02 -7.99 18.17
N LEU F 26 25.67 -8.11 17.01
CA LEU F 26 25.08 -7.59 15.78
C LEU F 26 23.91 -8.45 15.31
N THR F 27 23.94 -9.75 15.61
CA THR F 27 22.93 -10.66 15.08
C THR F 27 21.53 -10.30 15.59
N VAL F 28 21.41 -9.99 16.87
CA VAL F 28 20.08 -9.81 17.47
C VAL F 28 19.33 -8.65 16.84
N GLN F 29 20.03 -7.57 16.49
CA GLN F 29 19.36 -6.43 15.87
C GLN F 29 18.86 -6.77 14.48
N ALA F 30 19.61 -7.58 13.73
CA ALA F 30 19.22 -7.90 12.37
C ALA F 30 17.92 -8.70 12.32
N ARG F 31 17.68 -9.55 13.33
CA ARG F 31 16.47 -10.37 13.34
C ARG F 31 15.22 -9.51 13.41
N GLN F 32 15.24 -8.46 14.24
CA GLN F 32 14.03 -7.67 14.46
C GLN F 32 13.66 -6.84 13.24
N LEU F 33 14.63 -6.49 12.41
CA LEU F 33 14.30 -5.78 11.18
C LEU F 33 13.44 -6.65 10.28
N LEU F 34 12.38 -6.06 9.72
CA LEU F 34 11.36 -6.81 8.98
C LEU F 34 10.78 -7.92 9.85
N SER F 35 10.15 -7.51 10.94
CA SER F 35 9.56 -8.44 11.88
C SER F 35 8.27 -9.03 11.31
N LEU F 57 -9.83 -2.05 4.17
CA LEU F 57 -10.95 -1.14 3.94
C LEU F 57 -11.18 -0.24 5.14
N GLY F 58 -10.87 -0.75 6.34
CA GLY F 58 -11.07 0.02 7.55
C GLY F 58 -9.95 1.02 7.80
N VAL F 59 -10.17 1.85 8.82
CA VAL F 59 -9.16 2.86 9.19
C VAL F 59 -7.88 2.18 9.65
N TRP F 60 -7.99 1.11 10.43
CA TRP F 60 -6.80 0.42 10.92
C TRP F 60 -6.03 -0.21 9.76
N GLY F 61 -6.72 -0.75 8.77
CA GLY F 61 -6.04 -1.38 7.66
C GLY F 61 -5.14 -0.43 6.90
N PHE F 62 -5.61 0.80 6.66
CA PHE F 62 -4.81 1.79 5.97
C PHE F 62 -3.55 2.13 6.76
N LYS F 63 -3.71 2.36 8.07
CA LYS F 63 -2.55 2.66 8.90
C LYS F 63 -1.62 1.45 9.01
N GLN F 64 -2.19 0.25 9.17
CA GLN F 64 -1.37 -0.95 9.19
C GLN F 64 -0.66 -1.16 7.86
N LEU F 65 -1.38 -0.95 6.75
CA LEU F 65 -0.76 -1.09 5.43
C LEU F 65 0.35 -0.06 5.25
N GLN F 66 0.13 1.17 5.70
CA GLN F 66 1.19 2.17 5.64
C GLN F 66 2.40 1.76 6.46
N ALA F 67 2.17 1.02 7.55
CA ALA F 67 3.28 0.58 8.39
C ALA F 67 4.11 -0.49 7.69
N ARG F 68 3.45 -1.44 7.01
CA ARG F 68 4.18 -2.52 6.36
C ARG F 68 5.09 -2.01 5.26
N VAL F 69 4.60 -1.10 4.43
CA VAL F 69 5.43 -0.55 3.36
C VAL F 69 6.57 0.27 3.94
N LEU F 70 6.33 0.97 5.05
CA LEU F 70 7.38 1.76 5.68
C LEU F 70 8.52 0.87 6.16
N ALA F 71 8.19 -0.29 6.75
CA ALA F 71 9.24 -1.20 7.20
C ALA F 71 10.05 -1.74 6.04
N ILE F 72 9.38 -2.09 4.93
CA ILE F 72 10.08 -2.60 3.76
C ILE F 72 11.01 -1.54 3.19
N GLU F 73 10.54 -0.30 3.11
CA GLU F 73 11.35 0.78 2.55
C GLU F 73 12.60 1.03 3.38
N ARG F 74 12.47 1.01 4.71
CA ARG F 74 13.62 1.27 5.57
C ARG F 74 14.65 0.15 5.48
N TYR F 75 14.20 -1.11 5.49
CA TYR F 75 15.11 -2.23 5.41
C TYR F 75 15.85 -2.23 4.07
N LEU F 76 15.14 -1.97 2.97
CA LEU F 76 15.76 -2.02 1.66
C LEU F 76 16.78 -0.90 1.46
N GLU F 77 16.59 0.23 2.13
CA GLU F 77 17.53 1.34 1.98
C GLU F 77 18.92 0.95 2.46
N VAL F 78 19.00 0.26 3.60
CA VAL F 78 20.29 -0.16 4.12
C VAL F 78 20.92 -1.20 3.20
N GLN F 79 20.13 -2.17 2.73
CA GLN F 79 20.67 -3.22 1.88
C GLN F 79 21.18 -2.68 0.55
N GLN F 80 20.53 -1.63 0.02
CA GLN F 80 20.98 -1.06 -1.24
C GLN F 80 22.39 -0.49 -1.10
N LEU F 81 22.66 0.21 0.01
CA LEU F 81 24.00 0.74 0.25
C LEU F 81 25.01 -0.37 0.42
N LEU F 82 24.63 -1.44 1.13
CA LEU F 82 25.55 -2.54 1.38
C LEU F 82 25.98 -3.22 0.09
N GLY F 83 25.05 -3.41 -0.84
CA GLY F 83 25.38 -4.08 -2.08
C GLY F 83 26.42 -3.34 -2.90
N ILE F 84 26.29 -2.01 -2.97
CA ILE F 84 27.25 -1.22 -3.74
C ILE F 84 28.63 -1.27 -3.10
N TRP F 85 28.68 -1.31 -1.77
CA TRP F 85 29.94 -1.35 -1.05
C TRP F 85 30.60 -2.73 -1.06
N GLY F 86 29.93 -3.75 -1.59
CA GLY F 86 30.47 -5.09 -1.65
C GLY F 86 30.13 -5.96 -0.47
N CYS F 87 29.53 -5.40 0.58
CA CYS F 87 29.09 -6.18 1.76
C CYS F 87 27.62 -6.57 1.62
N SER F 88 27.34 -7.31 0.53
CA SER F 88 25.97 -7.65 0.21
C SER F 88 25.33 -8.50 1.31
N GLY F 89 26.08 -9.48 1.83
CA GLY F 89 25.59 -10.36 2.86
C GLY F 89 26.48 -10.42 4.09
N LYS F 90 27.68 -9.86 3.99
CA LYS F 90 28.63 -9.91 5.10
C LYS F 90 28.20 -8.96 6.21
N LEU F 91 28.15 -9.47 7.43
CA LEU F 91 27.79 -8.65 8.58
C LEU F 91 28.94 -7.72 8.98
N ILE F 92 30.17 -8.22 8.94
CA ILE F 92 31.37 -7.43 9.18
C ILE F 92 32.28 -7.59 7.97
N CYS F 93 32.60 -6.48 7.32
CA CYS F 93 33.39 -6.48 6.10
C CYS F 93 34.46 -5.41 6.17
N CYS F 94 35.69 -5.78 5.84
CA CYS F 94 36.79 -4.83 5.70
C CYS F 94 36.78 -4.22 4.31
N THR F 95 37.40 -3.04 4.19
CA THR F 95 37.47 -2.30 2.94
C THR F 95 38.91 -1.84 2.71
N ASN F 96 39.15 -1.29 1.51
CA ASN F 96 40.48 -0.84 1.13
C ASN F 96 40.72 0.64 1.37
N VAL F 97 39.67 1.44 1.52
CA VAL F 97 39.86 2.88 1.73
C VAL F 97 40.48 3.11 3.10
N PRO F 98 41.48 3.98 3.23
CA PRO F 98 42.07 4.22 4.56
C PRO F 98 41.26 5.25 5.34
N TRP F 99 41.46 5.22 6.66
CA TRP F 99 40.81 6.17 7.55
C TRP F 99 41.58 7.47 7.61
N ASN F 100 40.85 8.58 7.64
CA ASN F 100 41.44 9.92 7.70
C ASN F 100 41.45 10.42 9.13
N SER F 101 42.58 10.98 9.57
CA SER F 101 42.69 11.48 10.94
C SER F 101 41.76 12.66 11.18
N THR F 102 41.42 13.42 10.14
CA THR F 102 40.52 14.56 10.33
C THR F 102 39.15 14.11 10.81
N TRP F 103 38.65 13.00 10.27
CA TRP F 103 37.34 12.50 10.69
C TRP F 103 37.35 12.10 12.16
N SER F 104 38.41 11.43 12.60
CA SER F 104 38.56 11.05 14.00
C SER F 104 40.04 11.02 14.35
N ASN F 105 40.37 11.54 15.52
CA ASN F 105 41.74 11.64 16.00
C ASN F 105 42.04 10.73 17.18
N ARG F 106 41.04 10.04 17.71
CA ARG F 106 41.22 9.22 18.90
C ARG F 106 41.89 7.90 18.54
N THR F 107 42.63 7.35 19.50
CA THR F 107 43.36 6.12 19.28
C THR F 107 42.40 4.92 19.31
N GLN F 108 42.91 3.78 18.81
CA GLN F 108 42.08 2.57 18.74
C GLN F 108 41.69 2.08 20.13
N GLU F 109 42.62 2.16 21.10
CA GLU F 109 42.35 1.65 22.43
C GLU F 109 41.18 2.38 23.09
N ASP F 110 41.12 3.70 22.93
CA ASP F 110 40.07 4.49 23.55
C ASP F 110 38.76 4.47 22.78
N ILE F 111 38.74 3.95 21.55
CA ILE F 111 37.52 3.92 20.76
C ILE F 111 36.70 2.67 21.06
N TRP F 112 37.35 1.50 21.10
CA TRP F 112 36.65 0.24 21.29
C TRP F 112 36.43 -0.12 22.74
N ASN F 113 36.98 0.65 23.69
CA ASN F 113 36.92 0.27 25.10
C ASN F 113 36.64 1.44 26.04
N ASN F 114 36.21 2.60 25.54
CA ASN F 114 35.95 3.74 26.41
C ASN F 114 34.70 4.55 26.05
N MET F 115 33.92 4.15 25.06
CA MET F 115 32.70 4.88 24.74
C MET F 115 31.75 3.96 23.98
N THR F 116 30.52 4.42 23.83
CA THR F 116 29.45 3.65 23.23
C THR F 116 29.29 4.00 21.75
N TRP F 117 28.46 3.20 21.06
CA TRP F 117 28.21 3.43 19.64
C TRP F 117 27.43 4.71 19.40
N MET F 118 26.52 5.06 20.32
CA MET F 118 25.72 6.26 20.14
C MET F 118 26.60 7.51 20.08
N GLU F 119 27.60 7.60 20.97
CA GLU F 119 28.49 8.74 20.97
C GLU F 119 29.33 8.79 19.70
N TRP F 120 29.79 7.62 19.22
CA TRP F 120 30.65 7.58 18.05
C TRP F 120 29.94 8.11 16.81
N GLU F 121 28.69 7.69 16.60
CA GLU F 121 27.96 8.14 15.43
C GLU F 121 27.66 9.63 15.50
N ARG F 122 27.36 10.13 16.71
CA ARG F 122 27.14 11.56 16.87
C ARG F 122 28.40 12.36 16.54
N GLU F 123 29.58 11.81 16.86
CA GLU F 123 30.82 12.54 16.63
C GLU F 123 31.10 12.68 15.14
N ILE F 124 30.93 11.62 14.37
CA ILE F 124 31.31 11.59 12.96
C ILE F 124 30.10 11.74 12.04
N GLY F 125 28.99 12.26 12.55
CA GLY F 125 27.81 12.42 11.72
C GLY F 125 27.99 13.41 10.59
N ASN F 126 28.93 14.35 10.73
CA ASN F 126 29.14 15.37 9.71
C ASN F 126 29.88 14.82 8.50
N TYR F 127 30.75 13.84 8.69
CA TYR F 127 31.58 13.30 7.62
C TYR F 127 31.01 12.05 6.98
N THR F 128 29.74 11.70 7.30
CA THR F 128 29.17 10.47 6.75
C THR F 128 28.99 10.55 5.24
N HIS F 129 28.66 11.75 4.71
CA HIS F 129 28.46 11.88 3.28
C HIS F 129 29.74 11.62 2.50
N THR F 130 30.87 12.15 2.98
CA THR F 130 32.14 11.96 2.29
C THR F 130 32.56 10.50 2.29
N ILE F 131 32.40 9.82 3.43
CA ILE F 131 32.82 8.42 3.52
C ILE F 131 31.97 7.55 2.59
N TYR F 132 30.66 7.81 2.54
CA TYR F 132 29.78 7.00 1.72
C TYR F 132 30.20 7.03 0.26
N SER F 133 30.48 8.22 -0.27
CA SER F 133 30.87 8.33 -1.67
C SER F 133 32.18 7.61 -1.94
N LEU F 134 33.11 7.65 -0.99
CA LEU F 134 34.41 7.01 -1.19
C LEU F 134 34.26 5.50 -1.35
N LEU F 135 33.36 4.89 -0.58
CA LEU F 135 33.17 3.44 -0.68
C LEU F 135 32.66 3.04 -2.06
N GLU F 136 31.72 3.82 -2.63
CA GLU F 136 31.22 3.50 -3.96
C GLU F 136 32.33 3.67 -5.00
N GLU F 137 33.10 4.75 -4.90
CA GLU F 137 34.18 4.97 -5.86
C GLU F 137 35.26 3.89 -5.74
N SER F 138 35.62 3.52 -4.50
CA SER F 138 36.64 2.51 -4.31
C SER F 138 36.18 1.15 -4.80
N GLN F 139 34.98 0.72 -4.38
CA GLN F 139 34.49 -0.60 -4.76
C GLN F 139 34.28 -0.69 -6.27
N PHE F 140 33.78 0.38 -6.88
CA PHE F 140 33.62 0.39 -8.33
C PHE F 140 34.96 0.21 -9.03
N GLN F 141 36.01 0.85 -8.50
CA GLN F 141 37.35 0.67 -9.06
C GLN F 141 37.85 -0.76 -8.85
N GLN F 142 37.45 -1.40 -7.75
CA GLN F 142 37.85 -2.78 -7.51
C GLN F 142 37.26 -3.74 -8.54
N GLU F 143 36.21 -3.34 -9.25
CA GLU F 143 35.55 -4.22 -10.20
C GLU F 143 36.15 -4.12 -11.59
N ILE F 144 36.46 -2.91 -12.06
CA ILE F 144 36.95 -2.75 -13.43
C ILE F 144 38.35 -3.32 -13.58
N ASN F 145 39.21 -3.11 -12.56
CA ASN F 145 40.56 -3.66 -12.64
C ASN F 145 40.57 -5.17 -12.50
N GLU F 146 39.66 -5.72 -11.71
CA GLU F 146 39.53 -7.18 -11.63
C GLU F 146 39.10 -7.75 -12.98
N LYS F 147 38.18 -7.09 -13.67
CA LYS F 147 37.75 -7.55 -14.99
C LYS F 147 38.91 -7.58 -15.96
N ASP F 148 39.80 -6.57 -15.89
CA ASP F 148 40.96 -6.55 -16.77
C ASP F 148 41.87 -7.74 -16.53
N LEU F 149 41.95 -8.21 -15.29
CA LEU F 149 42.84 -9.32 -14.97
C LEU F 149 42.35 -10.63 -15.57
N LEU F 150 41.03 -10.85 -15.54
CA LEU F 150 40.46 -12.09 -16.07
C LEU F 150 40.44 -12.14 -17.60
N ALA F 151 40.74 -11.03 -18.27
CA ALA F 151 40.74 -10.99 -19.73
C ALA F 151 42.06 -11.45 -20.34
N LEU F 152 43.05 -11.80 -19.52
CA LEU F 152 44.36 -12.21 -20.01
C LEU F 152 44.43 -13.69 -20.36
N ASP F 153 43.38 -14.46 -20.08
CA ASP F 153 43.39 -15.89 -20.39
C ASP F 153 43.22 -16.13 -21.89
N GLN G 1 2.02 -8.36 37.84
CA GLN G 1 1.80 -9.32 38.97
C GLN G 1 2.15 -10.74 38.55
N VAL G 2 2.86 -11.45 39.42
CA VAL G 2 3.27 -12.82 39.18
C VAL G 2 2.81 -13.68 40.35
N THR G 3 2.25 -14.85 40.05
CA THR G 3 1.76 -15.78 41.05
C THR G 3 2.44 -17.13 40.84
N LEU G 4 2.96 -17.69 41.94
CA LEU G 4 3.63 -18.99 41.93
C LEU G 4 2.87 -19.92 42.85
N LYS G 5 2.33 -21.00 42.28
CA LYS G 5 1.59 -22.02 43.02
C LYS G 5 2.22 -23.38 42.76
N GLU G 6 2.46 -24.13 43.83
CA GLU G 6 3.11 -25.44 43.76
C GLU G 6 2.15 -26.51 44.27
N SER G 7 2.43 -27.75 43.89
CA SER G 7 1.60 -28.88 44.28
C SER G 7 2.44 -30.14 44.33
N GLY G 8 2.07 -31.04 45.24
CA GLY G 8 2.72 -32.32 45.35
C GLY G 8 2.17 -33.11 46.53
N PRO G 9 2.37 -34.43 46.53
CA PRO G 9 1.85 -35.24 47.63
C PRO G 9 2.60 -34.96 48.92
N ALA G 10 1.86 -35.05 50.04
CA ALA G 10 2.47 -34.83 51.35
C ALA G 10 3.13 -36.10 51.86
N LEU G 11 2.40 -37.21 51.85
CA LEU G 11 2.93 -38.51 52.29
C LEU G 11 3.72 -39.12 51.14
N VAL G 12 5.05 -39.18 51.30
CA VAL G 12 5.96 -39.69 50.28
C VAL G 12 6.74 -40.85 50.87
N LYS G 13 6.69 -42.00 50.20
CA LYS G 13 7.43 -43.17 50.64
C LYS G 13 8.90 -43.03 50.24
N PRO G 14 9.81 -43.69 50.96
CA PRO G 14 11.23 -43.63 50.57
C PRO G 14 11.51 -44.50 49.35
N THR G 15 12.63 -44.17 48.68
CA THR G 15 13.25 -44.93 47.61
C THR G 15 12.52 -44.79 46.27
N GLN G 16 11.35 -44.14 46.23
CA GLN G 16 10.59 -43.99 45.00
C GLN G 16 10.93 -42.66 44.34
N THR G 17 10.18 -42.30 43.31
CA THR G 17 10.35 -41.07 42.56
C THR G 17 9.17 -40.14 42.82
N LEU G 18 9.46 -38.89 43.16
CA LEU G 18 8.45 -37.87 43.42
C LEU G 18 8.56 -36.77 42.37
N THR G 19 7.44 -36.08 42.15
CA THR G 19 7.38 -35.00 41.18
C THR G 19 6.81 -33.76 41.85
N LEU G 20 7.50 -32.64 41.69
CA LEU G 20 7.05 -31.33 42.16
C LEU G 20 6.82 -30.42 40.96
N THR G 21 5.67 -29.75 40.93
CA THR G 21 5.31 -28.86 39.84
C THR G 21 4.91 -27.51 40.42
N CYS G 22 5.51 -26.44 39.88
CA CYS G 22 5.19 -25.07 40.26
C CYS G 22 4.57 -24.37 39.06
N THR G 23 3.37 -23.85 39.23
CA THR G 23 2.63 -23.18 38.17
C THR G 23 2.87 -21.68 38.26
N PHE G 24 3.15 -21.05 37.13
CA PHE G 24 3.44 -19.63 37.06
C PHE G 24 2.54 -18.96 36.02
N SER G 25 2.31 -17.67 36.22
CA SER G 25 1.48 -16.88 35.32
C SER G 25 1.93 -15.43 35.37
N GLY G 26 1.52 -14.67 34.36
CA GLY G 26 1.89 -13.27 34.26
C GLY G 26 3.22 -13.00 33.58
N PHE G 27 3.96 -14.04 33.21
CA PHE G 27 5.23 -13.87 32.51
C PHE G 27 5.55 -15.15 31.77
N SER G 28 6.50 -15.06 30.85
CA SER G 28 6.96 -16.19 30.06
C SER G 28 8.37 -16.59 30.50
N MET G 29 8.66 -17.88 30.38
CA MET G 29 9.97 -18.42 30.77
C MET G 29 10.99 -18.35 29.65
N SER G 30 10.63 -17.82 28.48
CA SER G 30 11.55 -17.66 27.37
C SER G 30 12.12 -16.26 27.24
N ASN G 31 11.52 -15.27 27.91
CA ASN G 31 11.97 -13.90 27.80
C ASN G 31 13.21 -13.66 28.66
N PHE G 32 13.85 -12.52 28.44
CA PHE G 32 15.08 -12.19 29.14
C PHE G 32 14.82 -11.98 30.63
N GLY G 33 15.70 -12.53 31.45
CA GLY G 33 15.64 -12.35 32.89
C GLY G 33 14.75 -13.33 33.64
N SER G 34 14.06 -14.23 32.95
CA SER G 34 13.19 -15.18 33.61
C SER G 34 14.00 -16.30 34.27
N GLY G 35 13.48 -16.79 35.39
CA GLY G 35 14.13 -17.87 36.11
C GLY G 35 13.39 -18.23 37.39
N ILE G 36 13.33 -19.52 37.71
CA ILE G 36 12.61 -20.01 38.88
C ILE G 36 13.56 -20.87 39.70
N TYR G 37 13.56 -20.67 41.01
CA TYR G 37 14.41 -21.38 41.94
C TYR G 37 13.60 -22.41 42.74
N TRP G 38 14.32 -23.25 43.47
CA TRP G 38 13.72 -24.27 44.33
C TRP G 38 14.44 -24.22 45.67
N ILE G 39 13.71 -23.91 46.74
CA ILE G 39 14.28 -23.73 48.07
C ILE G 39 13.64 -24.74 49.01
N ARG G 40 14.43 -25.25 49.95
CA ARG G 40 13.98 -26.19 50.96
C ARG G 40 14.28 -25.64 52.35
N GLN G 41 13.44 -26.04 53.31
CA GLN G 41 13.60 -25.60 54.70
C GLN G 41 12.99 -26.67 55.60
N PRO G 42 13.81 -27.56 56.17
CA PRO G 42 13.31 -28.41 57.23
C PRO G 42 12.81 -27.57 58.40
N PRO G 43 11.87 -28.07 59.18
CA PRO G 43 11.21 -27.22 60.18
C PRO G 43 12.19 -26.71 61.23
N GLY G 44 12.16 -25.39 61.46
CA GLY G 44 12.90 -24.79 62.53
C GLY G 44 14.36 -24.50 62.25
N LYS G 45 14.81 -24.61 61.00
CA LYS G 45 16.20 -24.33 60.64
C LYS G 45 16.25 -23.60 59.30
N ALA G 46 17.46 -23.26 58.87
CA ALA G 46 17.66 -22.37 57.75
C ALA G 46 17.21 -23.00 56.44
N LEU G 47 17.32 -22.23 55.36
CA LEU G 47 16.88 -22.63 54.04
C LEU G 47 17.99 -23.40 53.31
N GLU G 48 17.60 -24.09 52.25
CA GLU G 48 18.51 -24.84 51.41
C GLU G 48 18.10 -24.66 49.94
N TRP G 49 19.10 -24.53 49.07
CA TRP G 49 18.86 -24.29 47.65
C TRP G 49 19.01 -25.60 46.89
N LEU G 50 17.94 -25.99 46.19
CA LEU G 50 17.97 -27.24 45.41
C LEU G 50 18.61 -27.03 44.04
N ALA G 51 18.00 -26.19 43.21
CA ALA G 51 18.44 -26.00 41.84
C ALA G 51 17.71 -24.81 41.26
N GLY G 52 18.00 -24.51 39.99
CA GLY G 52 17.36 -23.40 39.31
C GLY G 52 17.48 -23.56 37.82
N ILE G 53 16.51 -23.00 37.10
CA ILE G 53 16.45 -23.07 35.65
C ILE G 53 16.19 -21.67 35.11
N TYR G 54 16.98 -21.25 34.12
CA TYR G 54 16.88 -19.93 33.53
C TYR G 54 16.18 -20.00 32.18
N TRP G 55 15.90 -18.83 31.61
CA TRP G 55 15.28 -18.75 30.30
C TRP G 55 16.21 -19.21 29.18
N THR G 56 17.51 -19.34 29.44
CA THR G 56 18.47 -19.80 28.46
C THR G 56 18.54 -21.33 28.38
N ASP G 57 17.61 -22.04 29.03
CA ASP G 57 17.61 -23.49 29.06
C ASP G 57 18.85 -24.04 29.77
N SER G 58 19.41 -23.27 30.70
CA SER G 58 20.57 -23.68 31.47
C SER G 58 20.12 -24.09 32.87
N LYS G 59 20.49 -25.29 33.27
CA LYS G 59 20.06 -25.88 34.54
C LYS G 59 21.26 -25.97 35.48
N TYR G 60 21.09 -25.47 36.70
CA TYR G 60 22.14 -25.47 37.71
C TYR G 60 21.62 -26.16 38.96
N TYR G 61 22.38 -27.15 39.44
CA TYR G 61 22.01 -27.94 40.59
C TYR G 61 23.05 -27.80 41.69
N ASN G 62 22.66 -28.18 42.90
CA ASN G 62 23.61 -28.22 44.00
C ASN G 62 24.56 -29.39 43.84
N LEU G 63 25.82 -29.20 44.24
CA LEU G 63 26.83 -30.24 44.05
C LEU G 63 26.48 -31.49 44.86
N SER G 64 25.96 -31.32 46.07
CA SER G 64 25.70 -32.47 46.94
C SER G 64 24.55 -33.34 46.43
N LEU G 65 23.68 -32.81 45.58
CA LEU G 65 22.51 -33.51 45.10
C LEU G 65 22.40 -33.41 43.58
N LYS G 66 23.54 -33.46 42.89
CA LYS G 66 23.53 -33.35 41.43
C LYS G 66 22.85 -34.56 40.79
N THR G 67 23.23 -35.77 41.21
CA THR G 67 22.68 -36.96 40.59
C THR G 67 21.22 -37.17 40.96
N ARG G 68 20.79 -36.68 42.13
CA ARG G 68 19.44 -36.90 42.60
C ARG G 68 18.43 -35.91 42.02
N LEU G 69 18.86 -34.91 41.28
CA LEU G 69 18.01 -33.82 40.82
C LEU G 69 18.03 -33.72 39.30
N THR G 70 16.85 -33.52 38.72
CA THR G 70 16.71 -33.20 37.31
C THR G 70 15.47 -32.34 37.14
N ILE G 71 15.65 -31.17 36.51
CA ILE G 71 14.59 -30.18 36.40
C ILE G 71 14.21 -30.03 34.92
N SER G 72 13.00 -29.52 34.71
CA SER G 72 12.48 -29.35 33.35
C SER G 72 11.46 -28.22 33.36
N LYS G 73 11.16 -27.72 32.16
CA LYS G 73 10.17 -26.68 31.96
C LYS G 73 9.18 -27.11 30.89
N ASP G 74 8.00 -26.49 30.92
CA ASP G 74 6.93 -26.76 29.96
C ASP G 74 6.43 -25.43 29.42
N THR G 75 6.68 -25.18 28.13
CA THR G 75 6.22 -23.94 27.52
C THR G 75 4.71 -23.96 27.28
N SER G 76 4.18 -25.11 26.85
CA SER G 76 2.75 -25.21 26.57
C SER G 76 1.94 -25.17 27.86
N LYS G 77 2.19 -26.10 28.77
CA LYS G 77 1.47 -26.13 30.04
C LYS G 77 1.83 -24.98 30.96
N SER G 78 2.91 -24.25 30.68
CA SER G 78 3.35 -23.12 31.49
C SER G 78 3.59 -23.56 32.94
N GLN G 79 4.55 -24.47 33.09
CA GLN G 79 4.90 -24.99 34.41
C GLN G 79 6.34 -25.48 34.38
N VAL G 80 6.90 -25.66 35.57
CA VAL G 80 8.24 -26.23 35.75
C VAL G 80 8.09 -27.48 36.60
N ILE G 81 8.70 -28.57 36.16
CA ILE G 81 8.58 -29.88 36.81
C ILE G 81 9.92 -30.24 37.42
N LEU G 82 9.91 -30.58 38.70
CA LEU G 82 11.09 -31.01 39.43
C LEU G 82 10.94 -32.47 39.82
N ILE G 83 11.97 -33.28 39.54
CA ILE G 83 11.97 -34.70 39.82
C ILE G 83 13.12 -35.00 40.77
N MET G 84 12.80 -35.68 41.88
CA MET G 84 13.79 -36.13 42.86
C MET G 84 13.58 -37.61 43.14
N THR G 85 14.67 -38.31 43.38
CA THR G 85 14.65 -39.76 43.58
C THR G 85 15.50 -40.12 44.78
N ASN G 86 15.17 -41.28 45.38
CA ASN G 86 15.92 -41.82 46.51
C ASN G 86 15.91 -40.85 47.69
N MET G 87 14.72 -40.59 48.21
CA MET G 87 14.56 -39.70 49.34
C MET G 87 15.10 -40.37 50.61
N ASP G 88 15.20 -39.57 51.66
CA ASP G 88 15.70 -40.00 52.96
C ASP G 88 14.79 -39.45 54.04
N PRO G 89 14.86 -39.99 55.26
CA PRO G 89 14.02 -39.44 56.35
C PRO G 89 14.27 -37.97 56.60
N VAL G 90 15.48 -37.47 56.33
CA VAL G 90 15.78 -36.05 56.51
C VAL G 90 15.17 -35.19 55.41
N ASP G 91 14.50 -35.79 54.43
CA ASP G 91 13.89 -35.01 53.35
C ASP G 91 12.63 -34.28 53.78
N THR G 92 12.13 -34.53 54.99
CA THR G 92 10.94 -33.86 55.48
C THR G 92 11.19 -32.36 55.61
N ALA G 93 10.61 -31.57 54.70
CA ALA G 93 10.85 -30.14 54.67
C ALA G 93 9.78 -29.49 53.80
N THR G 94 9.78 -28.16 53.81
CA THR G 94 8.85 -27.37 53.01
C THR G 94 9.53 -26.94 51.72
N TYR G 95 8.85 -27.14 50.60
CA TYR G 95 9.40 -26.84 49.28
C TYR G 95 8.80 -25.53 48.78
N TYR G 96 9.68 -24.61 48.35
CA TYR G 96 9.30 -23.30 47.85
C TYR G 96 9.77 -23.14 46.41
N CYS G 97 8.89 -22.65 45.55
CA CYS G 97 9.25 -22.22 44.21
C CYS G 97 9.11 -20.71 44.13
N ALA G 98 10.15 -20.04 43.65
CA ALA G 98 10.23 -18.59 43.69
C ALA G 98 10.80 -18.07 42.38
N ASP G 99 10.49 -16.81 42.09
CA ASP G 99 10.92 -16.13 40.88
C ASP G 99 12.03 -15.14 41.21
N ILE G 100 13.01 -15.03 40.31
CA ILE G 100 14.21 -14.23 40.55
C ILE G 100 14.19 -12.99 39.67
N ARG G 101 14.82 -11.93 40.17
CA ARG G 101 15.09 -10.71 39.42
C ARG G 101 16.59 -10.47 39.43
N GLY G 102 17.14 -10.04 38.29
CA GLY G 102 18.58 -9.93 38.14
C GLY G 102 19.05 -8.78 37.29
N ARG G 103 20.36 -8.74 37.05
CA ARG G 103 21.02 -7.69 36.30
C ARG G 103 21.99 -8.32 35.31
N TYR G 104 22.34 -7.56 34.27
CA TYR G 104 23.30 -8.00 33.27
C TYR G 104 24.35 -6.92 33.05
N TYR G 105 25.60 -7.36 32.91
CA TYR G 105 26.73 -6.46 32.68
C TYR G 105 27.81 -7.22 31.94
N TYR G 106 28.72 -6.46 31.32
CA TYR G 106 29.76 -7.02 30.47
C TYR G 106 31.11 -6.95 31.18
N SER G 107 31.78 -8.09 31.27
CA SER G 107 33.16 -8.16 31.78
C SER G 107 33.83 -9.34 31.12
N ASN G 108 34.57 -9.09 30.03
CA ASN G 108 35.16 -10.15 29.22
C ASN G 108 34.09 -11.15 28.79
N GLY G 109 32.92 -10.63 28.42
CA GLY G 109 31.78 -11.44 28.09
C GLY G 109 30.58 -11.07 28.94
N PHE G 110 29.38 -11.09 28.36
CA PHE G 110 28.19 -10.70 29.09
C PHE G 110 27.92 -11.67 30.22
N LEU G 111 27.58 -11.13 31.39
CA LEU G 111 27.34 -11.91 32.60
C LEU G 111 25.99 -11.53 33.19
N PHE G 112 25.35 -12.50 33.83
CA PHE G 112 24.08 -12.32 34.52
C PHE G 112 24.29 -12.63 35.99
N ASP G 113 23.99 -11.66 36.86
CA ASP G 113 24.05 -11.84 38.30
C ASP G 113 22.69 -11.51 38.89
N VAL G 114 22.28 -12.27 39.91
CA VAL G 114 20.96 -12.11 40.51
C VAL G 114 21.06 -11.12 41.66
N VAL G 115 20.15 -10.15 41.69
CA VAL G 115 20.09 -9.19 42.78
C VAL G 115 19.28 -9.72 43.96
N GLY G 116 18.42 -10.71 43.74
CA GLY G 116 17.64 -11.30 44.80
C GLY G 116 16.41 -11.99 44.25
N VAL G 117 15.96 -12.99 44.99
CA VAL G 117 14.76 -13.74 44.61
C VAL G 117 13.55 -12.99 45.16
N GLU G 118 12.72 -12.48 44.27
CA GLU G 118 11.68 -11.51 44.64
C GLU G 118 10.37 -12.19 45.02
N SER G 119 9.77 -12.94 44.09
CA SER G 119 8.45 -13.52 44.26
C SER G 119 8.60 -14.97 44.74
N TRP G 120 8.02 -15.27 45.89
CA TRP G 120 8.05 -16.60 46.48
C TRP G 120 6.68 -17.27 46.33
N GLY G 121 6.63 -18.55 46.69
CA GLY G 121 5.41 -19.32 46.70
C GLY G 121 4.85 -19.48 48.10
N GLN G 122 3.66 -20.09 48.15
CA GLN G 122 3.02 -20.33 49.45
C GLN G 122 3.67 -21.47 50.20
N GLY G 123 4.22 -22.44 49.49
CA GLY G 123 4.90 -23.57 50.08
C GLY G 123 4.05 -24.83 50.10
N VAL G 124 4.71 -25.97 49.98
CA VAL G 124 4.08 -27.28 50.04
C VAL G 124 4.90 -28.16 50.97
N VAL G 125 4.21 -28.92 51.81
CA VAL G 125 4.86 -29.74 52.85
C VAL G 125 4.93 -31.18 52.35
N VAL G 126 6.11 -31.78 52.48
CA VAL G 126 6.34 -33.17 52.12
C VAL G 126 6.87 -33.91 53.34
N THR G 127 6.33 -35.10 53.60
CA THR G 127 6.70 -35.90 54.75
C THR G 127 7.12 -37.29 54.29
N VAL G 128 8.10 -37.87 55.00
CA VAL G 128 8.61 -39.19 54.73
C VAL G 128 8.23 -40.07 55.90
N SER G 129 7.15 -40.83 55.76
CA SER G 129 6.66 -41.72 56.81
C SER G 129 5.84 -42.82 56.16
N SER G 130 5.13 -43.58 56.97
CA SER G 130 4.29 -44.67 56.49
C SER G 130 3.02 -44.79 57.32
N SER H 2 32.96 -22.49 52.10
CA SER H 2 32.16 -22.06 50.97
C SER H 2 30.73 -21.75 51.38
N VAL H 3 30.55 -21.36 52.65
CA VAL H 3 29.24 -21.01 53.20
C VAL H 3 29.39 -19.77 54.05
N LEU H 4 28.43 -18.85 53.91
CA LEU H 4 28.46 -17.62 54.69
C LEU H 4 28.24 -17.93 56.17
N THR H 5 28.98 -17.23 57.02
CA THR H 5 28.88 -17.38 58.47
C THR H 5 28.48 -16.05 59.07
N GLN H 6 27.42 -16.07 59.88
CA GLN H 6 26.90 -14.91 60.58
C GLN H 6 26.64 -15.28 62.02
N PRO H 7 26.63 -14.30 62.94
CA PRO H 7 26.44 -14.62 64.36
C PRO H 7 24.97 -14.92 64.65
N PRO H 8 24.62 -16.15 65.01
CA PRO H 8 23.22 -16.43 65.35
C PRO H 8 22.88 -15.87 66.73
N SER H 9 21.57 -15.65 66.92
CA SER H 9 21.04 -15.16 68.19
C SER H 9 21.61 -13.78 68.52
N ALA H 10 21.37 -12.84 67.61
CA ALA H 10 21.77 -11.44 67.81
C ALA H 10 20.66 -10.63 68.47
N SER H 11 20.18 -11.13 69.60
CA SER H 11 19.09 -10.47 70.32
C SER H 11 19.62 -9.30 71.13
N GLU H 12 18.87 -8.20 71.13
CA GLU H 12 19.25 -7.01 71.88
C GLU H 12 18.01 -6.16 72.08
N ALA H 13 18.17 -5.12 72.89
CA ALA H 13 17.04 -4.27 73.27
C ALA H 13 16.52 -3.49 72.06
N ALA H 14 15.47 -2.72 72.30
CA ALA H 14 14.79 -1.93 71.28
C ALA H 14 15.10 -0.45 71.45
N ARG H 15 14.53 0.37 70.56
CA ARG H 15 14.72 1.82 70.56
C ARG H 15 16.22 2.16 70.46
N LYS H 16 16.83 1.66 69.39
CA LYS H 16 18.24 1.89 69.12
C LYS H 16 18.53 1.39 67.71
N THR H 17 19.80 1.44 67.32
CA THR H 17 20.25 0.96 66.02
C THR H 17 20.94 -0.39 66.18
N VAL H 18 20.49 -1.38 65.41
CA VAL H 18 21.04 -2.72 65.44
C VAL H 18 21.71 -3.00 64.11
N THR H 19 22.97 -3.43 64.15
CA THR H 19 23.75 -3.75 62.96
C THR H 19 24.15 -5.21 63.02
N ILE H 20 23.95 -5.91 61.91
CA ILE H 20 24.31 -7.33 61.78
C ILE H 20 25.16 -7.50 60.54
N SER H 21 25.98 -8.55 60.54
CA SER H 21 26.90 -8.83 59.45
C SER H 21 26.88 -10.32 59.14
N CYS H 22 27.21 -10.65 57.89
CA CYS H 22 27.35 -12.05 57.46
C CYS H 22 28.57 -12.13 56.56
N SER H 23 29.61 -12.81 57.04
CA SER H 23 30.85 -12.94 56.28
C SER H 23 30.68 -13.94 55.16
N GLY H 24 31.53 -13.82 54.15
CA GLY H 24 31.53 -14.71 53.00
C GLY H 24 32.94 -14.92 52.50
N SER H 25 33.08 -14.99 51.17
CA SER H 25 34.38 -15.19 50.54
C SER H 25 34.41 -14.37 49.26
N ARG H 26 35.57 -14.39 48.60
CA ARG H 26 35.72 -13.64 47.36
C ARG H 26 34.78 -14.17 46.28
N SER H 27 34.60 -15.49 46.21
CA SER H 27 33.77 -16.07 45.16
C SER H 27 32.31 -15.63 45.29
N ASN H 28 31.80 -15.57 46.52
CA ASN H 28 30.37 -15.31 46.74
C ASN H 28 30.09 -13.83 47.01
N ILE H 29 30.66 -13.27 48.07
CA ILE H 29 30.40 -11.88 48.40
C ILE H 29 31.22 -10.95 47.50
N GLY H 30 32.49 -11.28 47.28
CA GLY H 30 33.36 -10.38 46.55
C GLY H 30 32.93 -10.20 45.10
N SER H 31 32.61 -11.29 44.41
CA SER H 31 32.39 -11.28 42.97
C SER H 31 30.92 -11.34 42.58
N ASN H 32 30.00 -11.29 43.54
CA ASN H 32 28.57 -11.28 43.24
C ASN H 32 27.85 -10.40 44.26
N SER H 33 26.53 -10.29 44.09
CA SER H 33 25.69 -9.48 44.94
C SER H 33 25.08 -10.31 46.05
N VAL H 34 24.72 -9.64 47.15
CA VAL H 34 24.14 -10.28 48.33
C VAL H 34 22.80 -9.61 48.64
N SER H 35 21.78 -10.43 48.90
CA SER H 35 20.45 -9.95 49.22
C SER H 35 20.00 -10.56 50.54
N TRP H 36 19.19 -9.80 51.27
CA TRP H 36 18.74 -10.17 52.61
C TRP H 36 17.26 -10.49 52.61
N TYR H 37 16.85 -11.33 53.57
CA TYR H 37 15.46 -11.78 53.69
C TYR H 37 15.05 -11.78 55.14
N LYS H 38 13.73 -11.69 55.35
CA LYS H 38 13.12 -11.76 56.67
C LYS H 38 12.04 -12.83 56.64
N GLN H 39 12.06 -13.73 57.62
CA GLN H 39 11.13 -14.87 57.64
C GLN H 39 10.73 -15.14 59.08
N VAL H 40 9.48 -14.82 59.41
CA VAL H 40 8.88 -15.29 60.66
C VAL H 40 8.54 -16.75 60.45
N PRO H 41 8.68 -17.63 61.45
CA PRO H 41 8.41 -19.06 61.21
C PRO H 41 6.97 -19.29 60.76
N GLY H 42 6.80 -20.25 59.85
CA GLY H 42 5.48 -20.64 59.37
C GLY H 42 5.04 -20.02 58.08
N THR H 43 5.89 -19.27 57.40
CA THR H 43 5.52 -18.65 56.13
C THR H 43 6.79 -18.34 55.34
N ALA H 44 6.60 -18.00 54.07
CA ALA H 44 7.73 -17.74 53.19
C ALA H 44 8.42 -16.43 53.58
N PRO H 45 9.70 -16.27 53.25
CA PRO H 45 10.38 -15.00 53.54
C PRO H 45 9.92 -13.90 52.60
N LYS H 46 10.42 -12.69 52.87
CA LYS H 46 10.18 -11.54 52.03
C LYS H 46 11.49 -10.77 51.86
N LEU H 47 11.66 -10.17 50.69
CA LEU H 47 12.88 -9.45 50.38
C LEU H 47 12.96 -8.14 51.18
N LEU H 48 14.18 -7.82 51.61
CA LEU H 48 14.49 -6.49 52.14
C LEU H 48 15.48 -5.75 51.25
N ILE H 49 16.66 -6.32 51.01
CA ILE H 49 17.75 -5.62 50.34
C ILE H 49 17.92 -6.21 48.94
N LYS H 50 18.13 -5.32 47.97
CA LYS H 50 18.37 -5.70 46.59
C LYS H 50 19.57 -4.92 46.07
N TYR H 51 20.47 -5.60 45.36
CA TYR H 51 21.67 -5.00 44.80
C TYR H 51 22.61 -4.48 45.88
N ASN H 52 22.48 -4.98 47.12
CA ASN H 52 23.38 -4.68 48.23
C ASN H 52 23.21 -3.26 48.79
N ASP H 53 22.39 -2.43 48.15
CA ASP H 53 22.18 -1.07 48.62
C ASP H 53 20.80 -0.49 48.27
N GLN H 54 19.92 -1.27 47.66
CA GLN H 54 18.62 -0.79 47.20
C GLN H 54 17.54 -1.68 47.80
N ARG H 55 16.36 -1.08 48.00
CA ARG H 55 15.24 -1.74 48.63
C ARG H 55 14.04 -1.74 47.67
N PRO H 56 13.20 -2.77 47.70
CA PRO H 56 11.97 -2.73 46.91
C PRO H 56 10.94 -1.79 47.53
N SER H 57 9.91 -1.50 46.77
CA SER H 57 8.83 -0.63 47.25
C SER H 57 7.95 -1.41 48.22
N GLY H 58 7.97 -1.02 49.49
CA GLY H 58 7.21 -1.69 50.52
C GLY H 58 7.99 -1.89 51.80
N VAL H 59 9.31 -1.76 51.74
CA VAL H 59 10.19 -1.91 52.90
C VAL H 59 10.37 -0.56 53.55
N SER H 60 10.39 -0.56 54.89
CA SER H 60 10.52 0.69 55.64
C SER H 60 11.90 1.30 55.42
N ASP H 61 11.96 2.62 55.59
CA ASP H 61 13.23 3.33 55.45
C ASP H 61 14.26 2.90 56.48
N ARG H 62 13.82 2.30 57.60
CA ARG H 62 14.75 1.92 58.65
C ARG H 62 15.77 0.90 58.16
N PHE H 63 15.31 -0.10 57.41
CA PHE H 63 16.21 -1.15 56.94
C PHE H 63 17.22 -0.57 55.95
N SER H 64 18.47 -1.00 56.07
CA SER H 64 19.52 -0.56 55.17
C SER H 64 20.74 -1.46 55.36
N GLY H 65 21.53 -1.59 54.29
CA GLY H 65 22.70 -2.44 54.33
C GLY H 65 23.76 -1.93 53.37
N SER H 66 24.93 -2.58 53.43
CA SER H 66 26.06 -2.21 52.58
C SER H 66 26.95 -3.42 52.40
N LYS H 67 27.82 -3.34 51.39
CA LYS H 67 28.78 -4.39 51.05
C LYS H 67 30.17 -3.79 51.06
N SER H 68 31.12 -4.48 51.71
CA SER H 68 32.49 -4.02 51.80
C SER H 68 33.42 -5.22 51.68
N GLY H 69 34.10 -5.33 50.55
CA GLY H 69 35.03 -6.43 50.35
C GLY H 69 34.31 -7.76 50.36
N THR H 70 34.74 -8.65 51.26
CA THR H 70 34.17 -9.99 51.37
C THR H 70 33.10 -10.09 52.46
N SER H 71 32.67 -8.97 53.02
CA SER H 71 31.68 -8.95 54.08
C SER H 71 30.61 -7.92 53.74
N ALA H 72 29.41 -8.14 54.31
CA ALA H 72 28.27 -7.25 54.11
C ALA H 72 27.64 -6.94 55.46
N SER H 73 26.65 -6.05 55.44
CA SER H 73 25.99 -5.63 56.66
C SER H 73 24.56 -5.22 56.35
N LEU H 74 23.73 -5.21 57.39
CA LEU H 74 22.32 -4.84 57.28
C LEU H 74 21.99 -3.98 58.50
N ALA H 75 22.08 -2.66 58.35
CA ALA H 75 21.83 -1.75 59.45
C ALA H 75 20.32 -1.53 59.60
N ILE H 76 19.83 -1.73 60.83
CA ILE H 76 18.41 -1.58 61.15
C ILE H 76 18.31 -0.61 62.33
N SER H 77 17.47 0.40 62.19
CA SER H 77 17.24 1.41 63.21
C SER H 77 15.76 1.46 63.58
N GLY H 78 15.46 2.14 64.68
CA GLY H 78 14.09 2.32 65.11
C GLY H 78 13.35 1.02 65.33
N LEU H 79 13.99 0.08 66.02
CA LEU H 79 13.40 -1.24 66.23
C LEU H 79 12.10 -1.13 67.02
N GLN H 80 11.12 -1.93 66.62
CA GLN H 80 9.80 -1.97 67.25
C GLN H 80 9.52 -3.39 67.71
N THR H 81 8.29 -3.61 68.19
CA THR H 81 7.89 -4.94 68.65
C THR H 81 7.52 -5.87 67.50
N GLU H 82 7.49 -5.38 66.26
CA GLU H 82 7.11 -6.18 65.10
C GLU H 82 8.28 -6.38 64.14
N ASP H 83 9.51 -6.09 64.56
CA ASP H 83 10.70 -6.23 63.72
C ASP H 83 11.51 -7.47 64.08
N GLU H 84 10.88 -8.49 64.66
CA GLU H 84 11.55 -9.72 65.07
C GLU H 84 11.20 -10.83 64.09
N ALA H 85 12.23 -11.47 63.55
CA ALA H 85 12.07 -12.59 62.62
C ALA H 85 13.46 -13.15 62.34
N ASP H 86 13.50 -14.25 61.59
CA ASP H 86 14.75 -14.85 61.18
C ASP H 86 15.27 -14.16 59.94
N TYR H 87 16.54 -13.74 59.98
CA TYR H 87 17.17 -12.97 58.91
C TYR H 87 18.26 -13.80 58.25
N TYR H 88 18.30 -13.74 56.92
CA TYR H 88 19.25 -14.48 56.11
C TYR H 88 19.91 -13.54 55.12
N CYS H 89 21.09 -13.96 54.64
CA CYS H 89 21.76 -13.31 53.52
C CYS H 89 22.25 -14.38 52.56
N ALA H 90 22.02 -14.17 51.27
CA ALA H 90 22.34 -15.15 50.24
C ALA H 90 22.99 -14.46 49.06
N THR H 91 23.78 -15.22 48.31
CA THR H 91 24.51 -14.67 47.17
C THR H 91 24.98 -15.82 46.28
N TRP H 92 24.95 -15.59 44.97
CA TRP H 92 25.49 -16.56 44.03
C TRP H 92 27.01 -16.65 44.18
N ASP H 93 27.55 -17.86 44.06
CA ASP H 93 28.93 -18.14 44.42
C ASP H 93 29.83 -18.50 43.24
N ASP H 94 29.31 -19.25 42.26
CA ASP H 94 30.06 -19.70 41.09
C ASP H 94 31.06 -20.80 41.40
N SER H 95 31.27 -21.12 42.68
CA SER H 95 32.14 -22.25 43.02
C SER H 95 31.43 -23.57 42.77
N LEU H 96 30.15 -23.65 43.13
CA LEU H 96 29.28 -24.77 42.81
C LEU H 96 28.17 -24.38 41.84
N ASN H 97 28.16 -23.14 41.35
CA ASN H 97 27.11 -22.66 40.45
C ASN H 97 25.74 -22.77 41.12
N GLY H 98 25.61 -22.08 42.26
CA GLY H 98 24.36 -22.12 43.01
C GLY H 98 24.19 -20.89 43.88
N TYR H 99 22.94 -20.64 44.23
CA TYR H 99 22.58 -19.50 45.08
C TYR H 99 22.48 -19.95 46.53
N ILE H 100 23.64 -20.21 47.12
CA ILE H 100 23.67 -20.69 48.50
C ILE H 100 23.10 -19.64 49.44
N PHE H 101 22.62 -20.09 50.60
CA PHE H 101 22.00 -19.25 51.61
C PHE H 101 22.85 -19.25 52.88
N GLY H 102 22.47 -18.39 53.83
CA GLY H 102 23.17 -18.28 55.09
C GLY H 102 22.74 -19.34 56.08
N VAL H 103 23.07 -19.11 57.34
CA VAL H 103 22.75 -20.03 58.42
C VAL H 103 21.56 -19.59 59.25
N GLY H 104 21.13 -18.34 59.12
CA GLY H 104 19.96 -17.86 59.84
C GLY H 104 20.28 -17.31 61.21
N THR H 105 19.82 -16.09 61.49
CA THR H 105 20.01 -15.43 62.77
C THR H 105 18.66 -15.23 63.45
N ARG H 106 18.71 -15.01 64.77
CA ARG H 106 17.53 -14.75 65.57
C ARG H 106 17.64 -13.37 66.19
N LEU H 107 16.62 -12.55 65.99
CA LEU H 107 16.55 -11.20 66.55
C LEU H 107 15.37 -11.15 67.51
N ILE H 108 15.67 -11.17 68.81
CA ILE H 108 14.67 -11.17 69.86
C ILE H 108 14.87 -9.94 70.72
N VAL H 109 13.79 -9.21 70.98
CA VAL H 109 13.84 -8.02 71.82
C VAL H 109 13.67 -8.43 73.28
N ASN I 5 31.60 -37.77 8.68
CA ASN I 5 30.64 -36.94 9.40
C ASN I 5 29.75 -36.18 8.42
N LEU I 6 28.55 -35.82 8.88
CA LEU I 6 27.58 -35.10 8.06
C LEU I 6 27.50 -33.65 8.51
N TRP I 7 27.18 -32.78 7.56
CA TRP I 7 27.08 -31.35 7.79
C TRP I 7 25.75 -30.85 7.25
N VAL I 8 25.32 -29.70 7.77
CA VAL I 8 24.04 -29.11 7.42
C VAL I 8 24.20 -28.22 6.19
N THR I 9 23.24 -28.28 5.28
CA THR I 9 23.20 -27.43 4.11
C THR I 9 21.80 -26.84 3.96
N VAL I 10 21.74 -25.69 3.29
CA VAL I 10 20.50 -24.94 3.11
C VAL I 10 20.12 -24.97 1.64
N TYR I 11 18.88 -25.35 1.36
CA TYR I 11 18.35 -25.40 0.00
C TYR I 11 17.28 -24.33 -0.16
N TYR I 12 17.34 -23.60 -1.27
CA TYR I 12 16.40 -22.53 -1.58
C TYR I 12 15.58 -22.92 -2.81
N GLY I 13 14.26 -22.83 -2.67
CA GLY I 13 13.37 -23.13 -3.78
C GLY I 13 12.88 -24.56 -3.84
N VAL I 14 12.79 -25.24 -2.70
CA VAL I 14 12.34 -26.64 -2.67
C VAL I 14 10.84 -26.68 -2.93
N PRO I 15 10.29 -27.81 -3.41
CA PRO I 15 8.82 -27.91 -3.61
C PRO I 15 8.08 -28.29 -2.33
N VAL I 16 7.87 -27.30 -1.48
CA VAL I 16 7.17 -27.48 -0.20
C VAL I 16 6.11 -26.41 -0.07
N TRP I 17 4.92 -26.80 0.38
CA TRP I 17 3.81 -25.88 0.57
C TRP I 17 3.16 -26.15 1.91
N LYS I 18 2.51 -25.12 2.44
CA LYS I 18 1.81 -25.19 3.73
C LYS I 18 0.50 -24.44 3.61
N GLU I 19 -0.54 -25.00 4.21
CA GLU I 19 -1.85 -24.36 4.18
C GLU I 19 -1.79 -23.00 4.85
N ALA I 20 -2.47 -22.01 4.26
CA ALA I 20 -2.45 -20.66 4.78
C ALA I 20 -3.68 -19.92 4.30
N LYS I 21 -3.86 -18.71 4.84
CA LYS I 21 -4.98 -17.84 4.50
C LYS I 21 -4.42 -16.51 4.00
N THR I 22 -4.96 -16.03 2.89
CA THR I 22 -4.49 -14.79 2.29
C THR I 22 -5.61 -14.19 1.44
N THR I 23 -5.42 -12.93 1.06
CA THR I 23 -6.39 -12.23 0.24
C THR I 23 -6.25 -12.64 -1.22
N LEU I 24 -7.27 -12.31 -2.02
CA LEU I 24 -7.31 -12.61 -3.43
C LEU I 24 -7.78 -11.38 -4.20
N PHE I 25 -7.49 -11.37 -5.49
CA PHE I 25 -7.92 -10.30 -6.38
C PHE I 25 -8.51 -10.88 -7.65
N CYS I 26 -9.38 -10.11 -8.29
CA CYS I 26 -10.10 -10.57 -9.46
C CYS I 26 -9.21 -10.56 -10.70
N ALA I 27 -9.72 -11.18 -11.76
CA ALA I 27 -9.07 -11.15 -13.07
C ALA I 27 -10.04 -11.63 -14.13
N SER I 28 -10.20 -10.86 -15.20
CA SER I 28 -11.16 -11.19 -16.24
C SER I 28 -10.68 -10.62 -17.58
N ASP I 29 -11.20 -11.19 -18.66
CA ASP I 29 -10.83 -10.75 -20.00
C ASP I 29 -11.39 -9.35 -20.28
N ALA I 30 -10.72 -8.65 -21.19
CA ALA I 30 -11.12 -7.30 -21.55
C ALA I 30 -12.48 -7.32 -22.24
N LYS I 31 -13.35 -6.39 -21.85
CA LYS I 31 -14.68 -6.26 -22.44
C LYS I 31 -14.98 -4.77 -22.60
N ALA I 32 -15.50 -4.39 -23.76
CA ALA I 32 -15.84 -3.00 -24.03
C ALA I 32 -16.83 -2.90 -25.18
N GLU I 36 -20.67 5.31 -21.95
CA GLU I 36 -19.65 4.34 -21.59
C GLU I 36 -20.29 3.11 -20.95
N VAL I 37 -19.79 1.92 -21.32
CA VAL I 37 -20.32 0.68 -20.76
C VAL I 37 -20.03 0.64 -19.27
N HIS I 38 -21.05 0.26 -18.49
CA HIS I 38 -20.94 0.16 -17.04
C HIS I 38 -21.36 -1.23 -16.60
N ASN I 39 -20.61 -1.80 -15.67
CA ASN I 39 -20.89 -3.12 -15.11
C ASN I 39 -20.78 -3.06 -13.59
N VAL I 40 -21.67 -3.77 -12.90
CA VAL I 40 -21.66 -3.75 -11.45
C VAL I 40 -20.39 -4.41 -10.92
N TRP I 41 -19.90 -5.44 -11.59
CA TRP I 41 -18.71 -6.15 -11.15
C TRP I 41 -17.42 -5.42 -11.50
N ALA I 42 -17.49 -4.36 -12.31
CA ALA I 42 -16.32 -3.57 -12.68
C ALA I 42 -15.23 -4.44 -13.28
N THR I 43 -15.62 -5.30 -14.22
CA THR I 43 -14.66 -6.19 -14.86
C THR I 43 -13.62 -5.42 -15.68
N HIS I 44 -13.94 -4.20 -16.10
CA HIS I 44 -12.95 -3.38 -16.79
C HIS I 44 -11.75 -3.09 -15.90
N ALA I 45 -11.99 -2.96 -14.59
CA ALA I 45 -10.90 -2.74 -13.63
C ALA I 45 -10.16 -4.01 -13.27
N CYS I 46 -10.71 -5.17 -13.57
CA CYS I 46 -10.03 -6.43 -13.26
C CYS I 46 -8.83 -6.61 -14.19
N VAL I 47 -7.83 -7.33 -13.70
CA VAL I 47 -6.58 -7.56 -14.42
C VAL I 47 -6.84 -8.58 -15.53
N PRO I 48 -6.33 -8.40 -16.75
CA PRO I 48 -6.45 -9.46 -17.75
C PRO I 48 -5.76 -10.73 -17.29
N THR I 49 -6.38 -11.88 -17.56
CA THR I 49 -5.88 -13.12 -16.96
C THR I 49 -4.72 -13.70 -17.74
N ASP I 50 -4.99 -14.25 -18.94
CA ASP I 50 -3.98 -14.78 -19.85
C ASP I 50 -4.70 -15.34 -21.07
N PRO I 51 -4.03 -15.50 -22.22
CA PRO I 51 -4.60 -16.37 -23.27
C PRO I 51 -4.66 -17.84 -22.84
N ASN I 52 -3.53 -18.37 -22.37
CA ASN I 52 -3.42 -19.77 -21.95
C ASN I 52 -2.64 -19.83 -20.64
N PRO I 53 -3.32 -19.81 -19.49
CA PRO I 53 -2.59 -19.84 -18.23
C PRO I 53 -1.79 -21.12 -18.06
N GLN I 54 -0.78 -21.05 -17.19
CA GLN I 54 0.12 -22.19 -16.96
C GLN I 54 -0.50 -23.09 -15.90
N GLU I 55 -0.63 -24.37 -16.23
CA GLU I 55 -1.17 -25.37 -15.31
C GLU I 55 -0.31 -26.62 -15.38
N MET I 56 0.14 -27.09 -14.22
CA MET I 56 0.98 -28.27 -14.12
C MET I 56 0.25 -29.32 -13.30
N VAL I 57 0.24 -30.55 -13.80
CA VAL I 57 -0.39 -31.68 -13.12
C VAL I 57 0.70 -32.38 -12.30
N LEU I 58 0.53 -32.37 -10.98
CA LEU I 58 1.48 -32.99 -10.09
C LEU I 58 1.24 -34.50 -10.01
N GLU I 59 2.29 -35.24 -9.70
CA GLU I 59 2.25 -36.69 -9.64
C GLU I 59 2.86 -37.18 -8.34
N ASN I 60 2.44 -38.38 -7.92
CA ASN I 60 2.92 -39.00 -6.69
C ASN I 60 2.65 -38.10 -5.48
N VAL I 61 1.50 -37.41 -5.50
CA VAL I 61 1.13 -36.50 -4.44
C VAL I 61 -0.34 -36.72 -4.08
N THR I 62 -0.63 -36.76 -2.79
CA THR I 62 -1.99 -36.84 -2.28
C THR I 62 -2.16 -35.75 -1.24
N GLU I 63 -3.19 -34.91 -1.42
CA GLU I 63 -3.45 -33.78 -0.54
C GLU I 63 -4.91 -33.82 -0.12
N ASN I 64 -5.16 -33.50 1.15
CA ASN I 64 -6.52 -33.49 1.67
C ASN I 64 -7.20 -32.17 1.33
N PHE I 65 -8.52 -32.23 1.16
CA PHE I 65 -9.35 -31.08 0.83
C PHE I 65 -10.55 -31.02 1.76
N ASN I 66 -11.01 -29.80 2.02
CA ASN I 66 -12.20 -29.60 2.86
C ASN I 66 -12.84 -28.29 2.43
N MET I 67 -13.92 -28.39 1.65
CA MET I 67 -14.60 -27.21 1.14
C MET I 67 -15.50 -26.54 2.18
N TRP I 68 -15.81 -27.22 3.28
CA TRP I 68 -16.65 -26.63 4.31
C TRP I 68 -15.90 -25.61 5.17
N LYS I 69 -14.57 -25.69 5.21
CA LYS I 69 -13.73 -24.74 5.93
C LYS I 69 -12.83 -23.99 4.96
N ASN I 70 -13.38 -23.61 3.81
CA ASN I 70 -12.65 -22.89 2.78
C ASN I 70 -12.91 -21.40 2.94
N ASP I 71 -11.84 -20.61 3.08
CA ASP I 71 -11.98 -19.17 3.26
C ASP I 71 -12.31 -18.45 1.95
N MET I 72 -12.13 -19.10 0.81
CA MET I 72 -12.43 -18.44 -0.46
C MET I 72 -13.90 -18.11 -0.57
N VAL I 73 -14.77 -19.03 -0.17
CA VAL I 73 -16.21 -18.77 -0.21
C VAL I 73 -16.57 -17.63 0.74
N ASP I 74 -16.00 -17.65 1.95
CA ASP I 74 -16.26 -16.59 2.91
C ASP I 74 -15.71 -15.26 2.40
N GLN I 75 -14.53 -15.28 1.78
CA GLN I 75 -13.91 -14.05 1.30
C GLN I 75 -14.77 -13.38 0.24
N MET I 76 -15.03 -14.09 -0.85
CA MET I 76 -15.77 -13.49 -1.97
C MET I 76 -17.22 -13.21 -1.62
N HIS I 77 -17.75 -13.84 -0.57
CA HIS I 77 -19.10 -13.53 -0.13
C HIS I 77 -19.20 -12.08 0.34
N GLU I 78 -18.18 -11.61 1.08
CA GLU I 78 -18.15 -10.22 1.49
C GLU I 78 -17.78 -9.30 0.34
N ASP I 79 -17.13 -9.82 -0.70
CA ASP I 79 -16.81 -8.99 -1.87
C ASP I 79 -18.07 -8.59 -2.61
N VAL I 80 -19.02 -9.51 -2.77
CA VAL I 80 -20.21 -9.23 -3.58
C VAL I 80 -21.03 -8.12 -2.95
N ILE I 81 -21.23 -8.17 -1.63
CA ILE I 81 -22.07 -7.16 -0.97
C ILE I 81 -21.42 -5.79 -1.07
N SER I 82 -20.09 -5.72 -0.93
CA SER I 82 -19.41 -4.45 -1.09
C SER I 82 -19.51 -3.94 -2.53
N LEU I 83 -19.41 -4.85 -3.50
CA LEU I 83 -19.55 -4.44 -4.90
C LEU I 83 -20.93 -3.88 -5.18
N TRP I 84 -21.98 -4.52 -4.64
CA TRP I 84 -23.32 -3.99 -4.81
C TRP I 84 -23.44 -2.61 -4.17
N ASP I 85 -22.87 -2.45 -2.96
CA ASP I 85 -22.91 -1.15 -2.30
C ASP I 85 -22.14 -0.09 -3.09
N GLN I 86 -21.01 -0.47 -3.68
CA GLN I 86 -20.17 0.50 -4.39
C GLN I 86 -20.93 1.14 -5.54
N SER I 87 -21.75 0.35 -6.24
CA SER I 87 -22.45 0.85 -7.42
C SER I 87 -23.76 1.56 -7.09
N LEU I 88 -24.37 1.26 -5.94
CA LEU I 88 -25.67 1.80 -5.60
C LEU I 88 -25.62 3.13 -4.86
N LYS I 89 -24.44 3.57 -4.42
CA LYS I 89 -24.35 4.87 -3.75
C LYS I 89 -24.79 6.02 -4.63
N PRO I 90 -24.33 6.13 -5.90
CA PRO I 90 -24.83 7.23 -6.77
C PRO I 90 -26.08 6.83 -7.54
N CYS I 91 -27.15 6.50 -6.81
CA CYS I 91 -28.45 6.19 -7.40
C CYS I 91 -29.54 6.83 -6.58
N VAL I 92 -30.69 7.06 -7.23
CA VAL I 92 -31.79 7.78 -6.61
C VAL I 92 -32.35 6.99 -5.44
N LYS I 93 -32.81 7.71 -4.43
CA LYS I 93 -33.47 7.13 -3.26
C LYS I 93 -34.95 7.43 -3.33
N LEU I 94 -35.78 6.41 -3.09
CA LEU I 94 -37.22 6.50 -3.31
C LEU I 94 -37.98 6.81 -2.02
N THR I 95 -37.36 7.57 -1.10
CA THR I 95 -38.09 8.01 0.08
C THR I 95 -39.33 8.84 -0.24
N PRO I 96 -39.32 9.79 -1.18
CA PRO I 96 -40.53 10.58 -1.42
C PRO I 96 -41.71 9.76 -1.91
N LEU I 97 -41.50 8.55 -2.43
CA LEU I 97 -42.59 7.75 -2.94
C LEU I 97 -43.49 7.20 -1.85
N CYS I 98 -43.11 7.33 -0.58
CA CYS I 98 -43.94 6.86 0.54
C CYS I 98 -45.10 7.83 0.72
N VAL I 99 -46.09 7.71 -0.17
CA VAL I 99 -47.28 8.55 -0.17
C VAL I 99 -48.50 7.65 -0.33
N THR I 100 -49.66 8.20 0.02
CA THR I 100 -50.90 7.44 -0.08
C THR I 100 -51.17 7.05 -1.53
N LEU I 101 -51.56 5.79 -1.72
CA LEU I 101 -51.83 5.24 -3.04
C LEU I 101 -53.31 4.93 -3.17
N ASN I 102 -53.94 5.48 -4.21
CA ASN I 102 -55.35 5.22 -4.50
C ASN I 102 -55.40 4.19 -5.64
N CYS I 103 -55.29 2.93 -5.25
CA CYS I 103 -55.20 1.83 -6.20
C CYS I 103 -56.58 1.24 -6.50
N THR I 104 -56.70 0.64 -7.68
CA THR I 104 -57.94 0.05 -8.13
C THR I 104 -57.63 -0.98 -9.21
N ASN I 105 -58.64 -1.77 -9.56
CA ASN I 105 -58.47 -2.77 -10.60
C ASN I 105 -58.09 -2.11 -11.92
N THR I 106 -57.15 -2.73 -12.63
CA THR I 106 -56.80 -2.27 -13.96
C THR I 106 -57.86 -2.68 -14.96
N THR I 107 -58.19 -1.76 -15.88
CA THR I 107 -59.23 -1.98 -16.88
C THR I 107 -58.61 -1.93 -18.26
N VAL I 108 -58.92 -2.94 -19.08
CA VAL I 108 -58.42 -3.02 -20.44
C VAL I 108 -59.37 -3.87 -21.25
N SER I 109 -59.48 -3.57 -22.53
CA SER I 109 -60.36 -4.30 -23.45
C SER I 109 -59.54 -5.03 -24.51
N SER I 115 -54.43 -15.53 -17.12
CA SER I 115 -55.43 -15.10 -18.09
C SER I 115 -55.92 -13.68 -17.78
N ASN I 116 -56.76 -13.15 -18.67
CA ASN I 116 -57.27 -11.79 -18.46
C ASN I 116 -58.21 -11.71 -17.26
N ALA I 117 -58.96 -12.79 -16.99
CA ALA I 117 -59.89 -12.78 -15.86
C ALA I 117 -59.15 -12.61 -14.54
N ASN I 118 -58.04 -13.32 -14.38
CA ASN I 118 -57.24 -13.25 -13.15
C ASN I 118 -56.27 -12.08 -13.26
N PHE I 119 -56.79 -10.88 -13.04
CA PHE I 119 -56.01 -9.65 -13.12
C PHE I 119 -55.63 -9.11 -11.75
N GLU I 120 -55.79 -9.91 -10.70
CA GLU I 120 -55.49 -9.46 -9.33
C GLU I 120 -54.04 -9.70 -8.96
N GLU I 121 -53.14 -9.21 -9.81
CA GLU I 121 -51.71 -9.23 -9.54
C GLU I 121 -51.03 -7.90 -9.81
N MET I 122 -51.68 -6.98 -10.53
CA MET I 122 -51.15 -5.64 -10.80
C MET I 122 -52.29 -4.66 -10.67
N LYS I 123 -52.04 -3.56 -9.95
CA LYS I 123 -53.09 -2.59 -9.62
C LYS I 123 -52.65 -1.19 -10.07
N ASN I 124 -53.61 -0.43 -10.58
CA ASN I 124 -53.36 0.91 -11.09
C ASN I 124 -53.42 1.89 -9.92
N CYS I 125 -52.24 2.28 -9.42
CA CYS I 125 -52.13 3.11 -8.23
C CYS I 125 -51.83 4.55 -8.64
N SER I 126 -52.56 5.49 -8.04
CA SER I 126 -52.40 6.91 -8.28
C SER I 126 -51.98 7.61 -7.00
N PHE I 127 -51.16 8.65 -7.14
CA PHE I 127 -50.62 9.36 -5.99
C PHE I 127 -50.19 10.75 -6.42
N ASN I 128 -50.01 11.62 -5.43
CA ASN I 128 -49.52 12.97 -5.64
C ASN I 128 -48.00 12.96 -5.58
N ALA I 129 -47.35 13.29 -6.70
CA ALA I 129 -45.90 13.28 -6.82
C ALA I 129 -45.39 14.69 -6.96
N THR I 130 -44.35 15.03 -6.19
CA THR I 130 -43.77 16.36 -6.26
C THR I 130 -43.12 16.58 -7.62
N THR I 131 -43.39 17.74 -8.22
CA THR I 131 -42.81 18.09 -9.50
C THR I 131 -41.38 18.61 -9.28
N GLU I 132 -40.79 19.30 -10.27
CA GLU I 132 -39.39 19.79 -10.21
C GLU I 132 -39.30 20.83 -9.13
N ILE I 133 -40.39 21.52 -8.88
CA ILE I 133 -40.43 22.56 -7.85
C ILE I 133 -41.11 21.98 -6.61
N LYS I 134 -40.57 22.29 -5.44
CA LYS I 134 -40.97 21.60 -4.22
C LYS I 134 -42.43 21.87 -3.86
N ASP I 135 -42.85 23.14 -3.93
CA ASP I 135 -44.17 23.49 -3.41
C ASP I 135 -45.28 22.80 -4.19
N LYS I 136 -45.19 22.81 -5.52
CA LYS I 136 -46.27 22.26 -6.35
C LYS I 136 -46.25 20.74 -6.31
N LYS I 137 -47.45 20.15 -6.35
CA LYS I 137 -47.63 18.71 -6.42
C LYS I 137 -48.70 18.40 -7.48
N LYS I 138 -48.46 17.35 -8.25
CA LYS I 138 -49.36 16.94 -9.32
C LYS I 138 -49.68 15.46 -9.19
N ASN I 139 -50.83 15.08 -9.73
CA ASN I 139 -51.29 13.70 -9.65
C ASN I 139 -50.61 12.86 -10.73
N GLU I 140 -50.18 11.66 -10.34
CA GLU I 140 -49.54 10.72 -11.27
C GLU I 140 -50.05 9.32 -10.96
N TYR I 141 -49.96 8.45 -11.97
CA TYR I 141 -50.43 7.08 -11.86
C TYR I 141 -49.36 6.13 -12.36
N ALA I 142 -49.29 4.95 -11.72
CA ALA I 142 -48.33 3.92 -12.11
C ALA I 142 -48.87 2.58 -11.64
N LEU I 143 -48.34 1.52 -12.25
CA LEU I 143 -48.76 0.15 -11.95
C LEU I 143 -47.77 -0.49 -10.99
N PHE I 144 -48.29 -1.13 -9.95
CA PHE I 144 -47.48 -1.81 -8.94
C PHE I 144 -48.02 -3.21 -8.72
N TYR I 145 -47.12 -4.14 -8.44
CA TYR I 145 -47.51 -5.51 -8.16
C TYR I 145 -48.08 -5.63 -6.75
N LYS I 146 -48.96 -6.62 -6.58
CA LYS I 146 -49.63 -6.79 -5.28
C LYS I 146 -48.67 -7.18 -4.17
N LEU I 147 -47.50 -7.72 -4.50
CA LEU I 147 -46.55 -8.13 -3.47
C LEU I 147 -45.77 -6.98 -2.86
N ASP I 148 -45.85 -5.79 -3.44
CA ASP I 148 -45.06 -4.64 -3.00
C ASP I 148 -45.91 -3.57 -2.31
N ILE I 149 -47.22 -3.75 -2.20
CA ILE I 149 -48.10 -2.78 -1.57
C ILE I 149 -49.01 -3.51 -0.59
N VAL I 150 -49.30 -2.86 0.53
CA VAL I 150 -50.16 -3.43 1.56
C VAL I 150 -51.33 -2.48 1.80
N PRO I 151 -52.51 -2.96 2.15
CA PRO I 151 -53.65 -2.06 2.32
C PRO I 151 -53.63 -1.40 3.70
N LEU I 152 -54.60 -0.53 3.94
CA LEU I 152 -54.78 0.16 5.21
C LEU I 152 -56.23 0.05 5.64
N ASN I 153 -56.54 0.54 6.83
CA ASN I 153 -57.90 0.50 7.36
C ASN I 153 -58.79 1.49 6.64
N GLY I 157 -59.77 2.34 2.12
CA GLY I 157 -59.33 1.52 1.01
C GLY I 157 -58.14 2.11 0.28
N LYS I 158 -57.05 2.30 1.00
CA LYS I 158 -55.82 2.86 0.46
C LYS I 158 -54.66 1.90 0.71
N TYR I 159 -53.60 2.08 -0.07
CA TYR I 159 -52.44 1.19 -0.04
C TYR I 159 -51.18 2.01 0.15
N ARG I 160 -50.15 1.34 0.68
CA ARG I 160 -48.83 1.94 0.84
C ARG I 160 -47.77 0.89 0.52
N LEU I 161 -46.58 1.36 0.18
CA LEU I 161 -45.48 0.46 -0.13
C LEU I 161 -45.08 -0.34 1.10
N ILE I 162 -44.67 -1.59 0.86
CA ILE I 162 -44.33 -2.49 1.96
C ILE I 162 -43.11 -2.00 2.74
N ASN I 163 -42.21 -1.27 2.07
CA ASN I 163 -40.94 -0.87 2.66
C ASN I 163 -41.01 0.43 3.46
N CYS I 164 -42.16 1.11 3.48
CA CYS I 164 -42.20 2.45 4.07
C CYS I 164 -41.92 2.43 5.57
N ASN I 165 -42.14 1.30 6.25
CA ASN I 165 -41.95 1.20 7.69
C ASN I 165 -40.71 0.41 8.07
N THR I 166 -39.83 0.09 7.11
CA THR I 166 -38.65 -0.72 7.37
C THR I 166 -37.36 0.07 7.21
N SER I 167 -37.11 0.67 6.05
CA SER I 167 -35.88 1.41 5.81
C SER I 167 -36.02 2.22 4.53
N ALA I 168 -35.17 3.23 4.40
CA ALA I 168 -35.07 3.96 3.14
C ALA I 168 -34.68 3.00 2.03
N CYS I 169 -35.38 3.07 0.90
CA CYS I 169 -35.39 1.99 -0.08
C CYS I 169 -34.96 2.57 -1.42
N THR I 170 -33.79 2.16 -1.89
CA THR I 170 -33.11 2.85 -2.99
C THR I 170 -33.48 2.22 -4.34
N GLN I 171 -32.75 2.62 -5.38
CA GLN I 171 -33.03 2.23 -6.76
C GLN I 171 -31.73 1.87 -7.47
N ILE I 172 -31.83 1.04 -8.51
CA ILE I 172 -30.69 0.74 -9.37
C ILE I 172 -30.70 1.74 -10.53
N CYS I 173 -29.56 2.37 -10.77
CA CYS I 173 -29.40 3.16 -11.98
C CYS I 173 -29.41 2.23 -13.19
N PRO I 174 -30.30 2.43 -14.18
CA PRO I 174 -30.33 1.50 -15.32
C PRO I 174 -29.05 1.50 -16.14
N LYS I 175 -28.20 2.52 -16.01
CA LYS I 175 -26.98 2.58 -16.81
C LYS I 175 -26.10 1.37 -16.57
N VAL I 176 -26.04 0.89 -15.33
CA VAL I 176 -25.23 -0.28 -15.00
C VAL I 176 -26.03 -1.54 -15.27
N THR I 177 -25.33 -2.57 -15.74
CA THR I 177 -25.92 -3.89 -15.97
C THR I 177 -25.22 -4.89 -15.06
N PHE I 178 -25.98 -5.80 -14.47
CA PHE I 178 -25.50 -6.76 -13.49
C PHE I 178 -25.65 -8.19 -13.99
N GLU I 179 -25.34 -8.40 -15.27
CA GLU I 179 -25.30 -9.75 -15.80
C GLU I 179 -24.12 -10.51 -15.20
N PRO I 180 -24.21 -11.84 -15.11
CA PRO I 180 -23.14 -12.61 -14.44
C PRO I 180 -21.92 -12.88 -15.33
N ILE I 181 -21.04 -11.89 -15.40
CA ILE I 181 -19.81 -12.04 -16.17
C ILE I 181 -18.85 -12.95 -15.42
N PRO I 182 -18.29 -14.01 -16.04
CA PRO I 182 -17.36 -14.86 -15.31
C PRO I 182 -16.10 -14.08 -14.91
N ILE I 183 -15.60 -14.38 -13.71
CA ILE I 183 -14.42 -13.74 -13.16
C ILE I 183 -13.51 -14.80 -12.55
N HIS I 184 -12.24 -14.44 -12.39
CA HIS I 184 -11.21 -15.35 -11.86
C HIS I 184 -10.61 -14.72 -10.61
N TYR I 185 -10.64 -15.47 -9.50
CA TYR I 185 -10.01 -15.05 -8.25
C TYR I 185 -8.59 -15.60 -8.23
N CYS I 186 -7.60 -14.71 -8.29
CA CYS I 186 -6.19 -15.10 -8.37
C CYS I 186 -5.41 -14.53 -7.20
N ALA I 187 -4.51 -15.34 -6.66
CA ALA I 187 -3.71 -15.06 -5.48
C ALA I 187 -2.42 -14.36 -5.86
N PRO I 188 -1.74 -13.72 -4.90
CA PRO I 188 -0.48 -13.03 -5.22
C PRO I 188 0.66 -14.03 -5.41
N ALA I 189 1.84 -13.49 -5.68
CA ALA I 189 3.03 -14.31 -5.78
C ALA I 189 3.42 -14.85 -4.40
N GLY I 190 4.06 -16.02 -4.40
CA GLY I 190 4.35 -16.73 -3.17
C GLY I 190 3.23 -17.59 -2.66
N TYR I 191 2.06 -17.56 -3.32
CA TYR I 191 0.93 -18.42 -2.98
C TYR I 191 0.48 -19.13 -4.24
N ALA I 192 -0.22 -20.25 -4.06
CA ALA I 192 -0.73 -21.03 -5.17
C ALA I 192 -2.11 -21.56 -4.81
N ILE I 193 -2.84 -21.99 -5.85
CA ILE I 193 -4.15 -22.60 -5.70
C ILE I 193 -4.06 -24.03 -6.22
N LEU I 194 -4.46 -24.99 -5.39
CA LEU I 194 -4.40 -26.40 -5.73
C LEU I 194 -5.76 -26.86 -6.22
N LYS I 195 -5.78 -27.55 -7.36
CA LYS I 195 -7.01 -28.00 -8.01
C LYS I 195 -7.02 -29.52 -8.06
N CYS I 196 -8.12 -30.12 -7.61
CA CYS I 196 -8.31 -31.55 -7.69
C CYS I 196 -8.92 -31.92 -9.05
N ASN I 197 -8.70 -33.17 -9.45
CA ASN I 197 -9.17 -33.66 -10.74
C ASN I 197 -9.89 -35.00 -10.67
N ASN I 198 -10.02 -35.59 -9.49
CA ASN I 198 -10.77 -36.83 -9.36
C ASN I 198 -12.23 -36.59 -9.71
N LYS I 199 -12.77 -37.44 -10.59
CA LYS I 199 -14.13 -37.24 -11.07
C LYS I 199 -15.18 -37.70 -10.06
N THR I 200 -14.81 -38.53 -9.10
CA THR I 200 -15.72 -39.03 -8.07
C THR I 200 -15.34 -38.49 -6.69
N PHE I 201 -14.93 -37.24 -6.64
CA PHE I 201 -14.50 -36.60 -5.40
C PHE I 201 -15.66 -35.89 -4.74
N ASN I 202 -15.94 -36.24 -3.49
CA ASN I 202 -16.97 -35.56 -2.71
C ASN I 202 -16.37 -34.35 -2.01
N GLY I 203 -17.11 -33.77 -1.06
CA GLY I 203 -16.67 -32.52 -0.47
C GLY I 203 -15.34 -32.63 0.27
N THR I 204 -15.18 -33.70 1.06
CA THR I 204 -14.00 -33.87 1.91
C THR I 204 -13.35 -35.22 1.62
N GLY I 205 -12.01 -35.22 1.62
CA GLY I 205 -11.25 -36.44 1.44
C GLY I 205 -9.97 -36.20 0.68
N PRO I 206 -9.09 -37.21 0.63
CA PRO I 206 -7.84 -37.06 -0.12
C PRO I 206 -8.10 -36.99 -1.62
N CYS I 207 -7.19 -36.30 -2.31
CA CYS I 207 -7.21 -36.19 -3.77
C CYS I 207 -5.86 -36.64 -4.29
N ASN I 208 -5.85 -37.64 -5.17
CA ASN I 208 -4.62 -38.24 -5.67
C ASN I 208 -4.27 -37.77 -7.08
N ASN I 209 -4.99 -36.79 -7.63
CA ASN I 209 -4.68 -36.19 -8.93
C ASN I 209 -4.76 -34.66 -8.81
N VAL I 210 -4.08 -34.13 -7.79
CA VAL I 210 -4.03 -32.70 -7.58
C VAL I 210 -3.14 -32.06 -8.64
N SER I 211 -3.56 -30.89 -9.13
CA SER I 211 -2.79 -30.12 -10.09
C SER I 211 -2.70 -28.68 -9.63
N THR I 212 -1.52 -28.09 -9.76
CA THR I 212 -1.29 -26.71 -9.35
C THR I 212 -1.61 -25.77 -10.50
N VAL I 213 -2.27 -24.65 -10.17
CA VAL I 213 -2.63 -23.63 -11.14
C VAL I 213 -2.46 -22.27 -10.48
N GLN I 214 -2.12 -21.27 -11.30
CA GLN I 214 -1.95 -19.92 -10.76
C GLN I 214 -3.25 -19.40 -10.16
N CYS I 215 -4.38 -19.65 -10.82
CA CYS I 215 -5.68 -19.32 -10.25
C CYS I 215 -6.77 -20.03 -11.03
N THR I 216 -8.02 -19.74 -10.65
CA THR I 216 -9.16 -20.56 -11.02
C THR I 216 -9.65 -20.22 -12.43
N HIS I 217 -10.73 -20.89 -12.82
CA HIS I 217 -11.39 -20.66 -14.10
C HIS I 217 -12.48 -19.60 -13.93
N GLY I 218 -13.16 -19.29 -15.03
CA GLY I 218 -14.23 -18.33 -14.99
C GLY I 218 -15.38 -18.76 -14.11
N ILE I 219 -15.70 -17.95 -13.10
CA ILE I 219 -16.78 -18.24 -12.15
C ILE I 219 -17.82 -17.14 -12.31
N LYS I 220 -19.05 -17.54 -12.66
CA LYS I 220 -20.13 -16.59 -12.88
C LYS I 220 -20.92 -16.41 -11.58
N PRO I 221 -20.93 -15.22 -10.96
CA PRO I 221 -21.75 -15.05 -9.76
C PRO I 221 -23.23 -15.00 -10.08
N VAL I 222 -23.95 -16.06 -9.68
CA VAL I 222 -25.37 -16.20 -9.95
C VAL I 222 -26.12 -16.28 -8.63
N VAL I 223 -27.20 -15.51 -8.51
CA VAL I 223 -28.02 -15.48 -7.32
C VAL I 223 -29.23 -16.37 -7.57
N SER I 224 -29.34 -17.46 -6.81
CA SER I 224 -30.44 -18.39 -6.93
C SER I 224 -30.68 -19.04 -5.57
N THR I 225 -31.87 -19.62 -5.42
CA THR I 225 -32.30 -20.20 -4.15
C THR I 225 -32.36 -21.72 -4.18
N GLN I 226 -33.08 -22.31 -5.14
CA GLN I 226 -33.30 -23.74 -5.20
C GLN I 226 -32.52 -24.44 -6.31
N LEU I 227 -32.18 -23.74 -7.38
CA LEU I 227 -31.57 -24.35 -8.55
C LEU I 227 -30.33 -23.56 -8.96
N LEU I 228 -29.26 -24.28 -9.29
CA LEU I 228 -28.04 -23.68 -9.81
C LEU I 228 -28.14 -23.65 -11.34
N LEU I 229 -28.02 -22.45 -11.91
CA LEU I 229 -28.26 -22.24 -13.33
C LEU I 229 -26.95 -21.93 -14.05
N ASN I 230 -26.94 -22.25 -15.35
CA ASN I 230 -25.86 -21.95 -16.29
C ASN I 230 -24.47 -22.07 -15.66
N GLY I 231 -24.24 -23.20 -15.00
CA GLY I 231 -22.97 -23.51 -14.36
C GLY I 231 -22.29 -24.70 -15.00
N SER I 232 -21.10 -24.99 -14.48
CA SER I 232 -20.33 -26.12 -14.98
C SER I 232 -20.95 -27.44 -14.53
N LEU I 233 -20.67 -28.49 -15.29
CA LEU I 233 -21.24 -29.81 -15.08
C LEU I 233 -20.19 -30.78 -14.54
N ALA I 234 -20.66 -31.75 -13.76
CA ALA I 234 -19.80 -32.84 -13.35
C ALA I 234 -19.44 -33.71 -14.55
N GLU I 235 -18.25 -34.30 -14.51
CA GLU I 235 -17.73 -35.04 -15.66
C GLU I 235 -18.22 -36.49 -15.67
N LYS I 236 -17.95 -37.24 -14.61
CA LYS I 236 -18.24 -38.67 -14.62
C LYS I 236 -19.70 -38.95 -14.33
N GLU I 237 -20.17 -38.58 -13.13
CA GLU I 237 -21.53 -38.89 -12.72
C GLU I 237 -21.99 -37.82 -11.73
N ILE I 238 -23.20 -38.02 -11.21
CA ILE I 238 -23.79 -37.06 -10.27
C ILE I 238 -22.97 -37.06 -8.99
N ILE I 239 -22.68 -35.87 -8.47
CA ILE I 239 -21.88 -35.69 -7.27
C ILE I 239 -22.80 -35.16 -6.17
N ILE I 240 -22.78 -35.81 -5.01
CA ILE I 240 -23.56 -35.41 -3.84
C ILE I 240 -22.57 -35.00 -2.76
N ARG I 241 -22.75 -33.81 -2.20
CA ARG I 241 -21.84 -33.26 -1.20
C ARG I 241 -22.64 -32.75 -0.01
N SER I 242 -22.18 -33.10 1.19
CA SER I 242 -22.81 -32.66 2.43
C SER I 242 -21.85 -32.94 3.58
N GLU I 243 -21.72 -31.98 4.49
CA GLU I 243 -20.76 -32.13 5.59
C GLU I 243 -21.13 -33.31 6.48
N ASN I 244 -22.42 -33.48 6.78
CA ASN I 244 -22.89 -34.60 7.60
C ASN I 244 -24.21 -35.07 6.99
N LEU I 245 -24.14 -36.14 6.20
CA LEU I 245 -25.35 -36.67 5.58
C LEU I 245 -26.34 -37.16 6.63
N THR I 246 -25.84 -37.82 7.68
CA THR I 246 -26.71 -38.31 8.73
C THR I 246 -27.44 -37.17 9.44
N ASN I 247 -26.88 -35.97 9.45
CA ASN I 247 -27.51 -34.81 10.05
C ASN I 247 -28.51 -34.22 9.07
N ASN I 248 -29.76 -34.08 9.50
CA ASN I 248 -30.82 -33.57 8.64
C ASN I 248 -30.91 -32.05 8.62
N ALA I 249 -30.16 -31.36 9.46
CA ALA I 249 -30.22 -29.90 9.54
C ALA I 249 -29.30 -29.20 8.55
N LYS I 250 -28.48 -29.93 7.81
CA LYS I 250 -27.52 -29.37 6.88
C LYS I 250 -27.98 -29.58 5.45
N THR I 251 -27.84 -28.55 4.62
CA THR I 251 -28.28 -28.62 3.23
C THR I 251 -27.38 -29.57 2.44
N ILE I 252 -27.91 -30.02 1.29
CA ILE I 252 -27.24 -30.97 0.42
C ILE I 252 -27.08 -30.33 -0.96
N ILE I 253 -25.87 -30.40 -1.52
CA ILE I 253 -25.57 -29.89 -2.85
C ILE I 253 -25.49 -31.07 -3.80
N VAL I 254 -26.22 -30.99 -4.90
CA VAL I 254 -26.25 -32.02 -5.93
C VAL I 254 -25.75 -31.41 -7.23
N HIS I 255 -24.73 -32.03 -7.83
CA HIS I 255 -24.13 -31.58 -9.08
C HIS I 255 -24.45 -32.60 -10.15
N LEU I 256 -25.07 -32.15 -11.23
CA LEU I 256 -25.53 -33.03 -12.30
C LEU I 256 -24.49 -33.14 -13.40
N ASN I 257 -24.36 -34.35 -13.96
CA ASN I 257 -23.49 -34.57 -15.11
C ASN I 257 -24.19 -34.30 -16.43
N GLU I 258 -25.52 -34.34 -16.45
CA GLU I 258 -26.31 -34.00 -17.63
C GLU I 258 -27.22 -32.82 -17.27
N SER I 259 -27.27 -31.83 -18.16
CA SER I 259 -28.00 -30.60 -17.90
C SER I 259 -29.40 -30.65 -18.52
N VAL I 260 -30.28 -29.84 -17.96
CA VAL I 260 -31.66 -29.70 -18.44
C VAL I 260 -31.93 -28.22 -18.68
N GLY I 261 -32.37 -27.89 -19.89
CA GLY I 261 -32.61 -26.50 -20.22
C GLY I 261 -33.88 -25.97 -19.58
N ILE I 262 -33.84 -24.70 -19.22
CA ILE I 262 -34.99 -24.00 -18.64
C ILE I 262 -35.24 -22.73 -19.47
N VAL I 263 -36.48 -22.51 -19.84
CA VAL I 263 -36.89 -21.33 -20.60
C VAL I 263 -37.91 -20.57 -19.75
N CYS I 264 -37.58 -19.33 -19.40
CA CYS I 264 -38.45 -18.47 -18.60
C CYS I 264 -38.63 -17.15 -19.32
N THR I 265 -39.84 -16.61 -19.27
CA THR I 265 -40.17 -15.39 -20.00
C THR I 265 -41.27 -14.65 -19.27
N ARG I 266 -41.36 -13.35 -19.56
CA ARG I 266 -42.44 -12.47 -19.08
C ARG I 266 -43.07 -11.87 -20.32
N PRO I 267 -44.07 -12.53 -20.93
CA PRO I 267 -44.63 -12.01 -22.18
C PRO I 267 -45.55 -10.82 -21.97
N SER I 268 -45.08 -9.63 -22.33
CA SER I 268 -45.87 -8.42 -22.26
C SER I 268 -45.02 -7.26 -22.72
N ASN I 269 -45.63 -6.34 -23.46
CA ASN I 269 -44.95 -5.10 -23.86
C ASN I 269 -45.43 -3.99 -22.92
N MET I 270 -44.65 -3.72 -21.89
CA MET I 270 -45.00 -2.77 -20.83
C MET I 270 -44.26 -1.46 -21.08
N THR I 271 -44.99 -0.41 -21.41
CA THR I 271 -44.37 0.89 -21.63
C THR I 271 -43.70 1.36 -20.34
N ARG I 272 -42.43 1.75 -20.45
CA ARG I 272 -41.66 2.25 -19.32
C ARG I 272 -41.83 3.76 -19.24
N LYS I 273 -42.47 4.22 -18.18
CA LYS I 273 -42.81 5.63 -17.99
C LYS I 273 -41.90 6.24 -16.94
N SER I 274 -41.30 7.38 -17.27
CA SER I 274 -40.46 8.13 -16.34
C SER I 274 -41.32 9.11 -15.55
N ILE I 275 -41.22 9.06 -14.24
CA ILE I 275 -42.01 9.89 -13.34
C ILE I 275 -41.05 10.72 -12.50
N ARG I 276 -41.29 12.03 -12.44
CA ARG I 276 -40.49 12.94 -11.64
C ARG I 276 -41.09 13.05 -10.25
N ILE I 277 -40.25 12.85 -9.23
CA ILE I 277 -40.68 12.87 -7.84
C ILE I 277 -40.00 13.97 -7.03
N GLY I 278 -39.12 14.75 -7.63
CA GLY I 278 -38.45 15.83 -6.93
C GLY I 278 -37.41 16.50 -7.80
N PRO I 279 -36.76 17.55 -7.26
CA PRO I 279 -35.73 18.25 -8.02
C PRO I 279 -34.49 17.38 -8.24
N GLY I 280 -34.25 17.00 -9.49
CA GLY I 280 -33.13 16.14 -9.82
C GLY I 280 -33.36 14.67 -9.60
N GLN I 281 -34.54 14.28 -9.11
CA GLN I 281 -34.88 12.88 -8.87
C GLN I 281 -35.97 12.45 -9.82
N THR I 282 -35.73 11.34 -10.52
CA THR I 282 -36.71 10.80 -11.46
C THR I 282 -36.55 9.28 -11.48
N PHE I 283 -37.68 8.58 -11.37
CA PHE I 283 -37.69 7.12 -11.34
C PHE I 283 -38.66 6.59 -12.39
N TYR I 284 -38.37 5.38 -12.87
CA TYR I 284 -39.11 4.76 -13.96
C TYR I 284 -40.02 3.67 -13.40
N ALA I 285 -41.25 3.62 -13.90
CA ALA I 285 -42.26 2.67 -13.45
C ALA I 285 -42.96 2.08 -14.68
N LEU I 286 -43.95 1.22 -14.41
CA LEU I 286 -44.70 0.57 -15.48
C LEU I 286 -45.82 1.50 -15.95
N GLY I 287 -45.85 1.79 -17.25
CA GLY I 287 -46.82 2.71 -17.80
C GLY I 287 -48.19 2.10 -17.99
N ASP I 288 -48.30 1.09 -18.86
CA ASP I 288 -49.59 0.50 -19.19
C ASP I 288 -49.34 -0.85 -19.85
N ILE I 289 -50.43 -1.50 -20.24
CA ILE I 289 -50.41 -2.80 -20.90
C ILE I 289 -51.00 -2.63 -22.29
N ILE I 290 -50.24 -3.05 -23.31
CA ILE I 290 -50.72 -3.04 -24.69
C ILE I 290 -51.06 -4.47 -25.08
N GLY I 291 -52.32 -4.87 -24.88
CA GLY I 291 -52.77 -6.21 -25.20
C GLY I 291 -53.53 -6.85 -24.06
N ASP I 292 -53.32 -8.14 -23.85
CA ASP I 292 -53.99 -8.90 -22.81
C ASP I 292 -53.06 -9.12 -21.62
N ILE I 293 -53.67 -9.52 -20.50
CA ILE I 293 -52.92 -9.83 -19.28
C ILE I 293 -52.59 -11.32 -19.29
N ARG I 294 -51.29 -11.62 -19.24
CA ARG I 294 -50.80 -12.99 -19.29
C ARG I 294 -49.68 -13.15 -18.28
N GLN I 295 -49.73 -14.24 -17.51
CA GLN I 295 -48.79 -14.43 -16.41
C GLN I 295 -47.43 -14.91 -16.92
N PRO I 296 -46.35 -14.64 -16.19
CA PRO I 296 -45.07 -15.27 -16.54
C PRO I 296 -45.10 -16.76 -16.26
N HIS I 297 -44.25 -17.50 -16.99
CA HIS I 297 -44.20 -18.94 -16.83
C HIS I 297 -42.83 -19.45 -17.25
N CYS I 298 -42.53 -20.67 -16.79
CA CYS I 298 -41.30 -21.37 -17.15
C CYS I 298 -41.65 -22.78 -17.61
N ASN I 299 -40.96 -23.24 -18.66
CA ASN I 299 -41.27 -24.52 -19.31
C ASN I 299 -40.08 -25.45 -19.15
N ILE I 300 -40.35 -26.67 -18.67
CA ILE I 300 -39.35 -27.69 -18.45
C ILE I 300 -39.87 -29.00 -19.05
N SER I 301 -39.01 -29.68 -19.82
CA SER I 301 -39.41 -30.93 -20.47
C SER I 301 -39.69 -32.00 -19.41
N LYS I 302 -40.67 -32.85 -19.71
CA LYS I 302 -41.06 -33.90 -18.77
C LYS I 302 -39.98 -34.99 -18.69
N GLN I 303 -39.46 -35.44 -19.83
CA GLN I 303 -38.50 -36.53 -19.81
C GLN I 303 -37.19 -36.12 -19.16
N ASN I 304 -36.70 -34.91 -19.47
CA ASN I 304 -35.43 -34.48 -18.91
C ASN I 304 -35.48 -34.32 -17.40
N TRP I 305 -36.66 -34.11 -16.83
CA TRP I 305 -36.81 -34.01 -15.38
C TRP I 305 -37.12 -35.36 -14.74
N ASN I 306 -38.04 -36.13 -15.34
CA ASN I 306 -38.33 -37.46 -14.81
C ASN I 306 -37.08 -38.34 -14.85
N ARG I 307 -36.34 -38.30 -15.96
CA ARG I 307 -35.08 -39.04 -16.03
C ARG I 307 -34.06 -38.49 -15.04
N THR I 308 -33.96 -37.16 -14.93
CA THR I 308 -32.98 -36.57 -14.03
C THR I 308 -33.23 -36.96 -12.58
N LEU I 309 -34.49 -36.91 -12.15
CA LEU I 309 -34.83 -37.36 -10.80
C LEU I 309 -34.68 -38.87 -10.66
N GLN I 310 -34.75 -39.62 -11.77
CA GLN I 310 -34.50 -41.05 -11.71
C GLN I 310 -33.02 -41.34 -11.43
N GLN I 311 -32.13 -40.64 -12.14
CA GLN I 311 -30.70 -40.88 -11.98
C GLN I 311 -30.23 -40.47 -10.58
N VAL I 312 -30.70 -39.33 -10.08
CA VAL I 312 -30.32 -38.91 -8.73
C VAL I 312 -30.94 -39.82 -7.68
N GLY I 313 -32.11 -40.40 -7.99
CA GLY I 313 -32.77 -41.26 -7.02
C GLY I 313 -31.95 -42.49 -6.68
N ARG I 314 -31.43 -43.16 -7.71
CA ARG I 314 -30.61 -44.35 -7.46
C ARG I 314 -29.29 -43.97 -6.80
N LYS I 315 -28.75 -42.80 -7.11
CA LYS I 315 -27.53 -42.35 -6.44
C LYS I 315 -27.75 -42.19 -4.95
N LEU I 316 -28.92 -41.66 -4.56
CA LEU I 316 -29.24 -41.53 -3.15
C LEU I 316 -29.48 -42.87 -2.48
N ALA I 317 -29.76 -43.92 -3.25
CA ALA I 317 -30.01 -45.23 -2.65
C ALA I 317 -28.78 -45.77 -1.95
N GLU I 318 -27.59 -45.53 -2.52
CA GLU I 318 -26.36 -46.02 -1.89
C GLU I 318 -26.16 -45.41 -0.51
N HIS I 319 -26.41 -44.11 -0.38
CA HIS I 319 -26.26 -43.45 0.91
C HIS I 319 -27.39 -43.80 1.87
N PHE I 320 -28.55 -44.20 1.35
CA PHE I 320 -29.71 -44.58 2.17
C PHE I 320 -30.22 -45.91 1.65
N PRO I 321 -29.55 -47.02 1.99
CA PRO I 321 -29.93 -48.31 1.42
C PRO I 321 -31.34 -48.73 1.80
N ASN I 322 -32.00 -49.44 0.88
CA ASN I 322 -33.32 -50.05 1.09
C ASN I 322 -34.30 -49.07 1.73
N ARG I 323 -34.28 -47.82 1.25
CA ARG I 323 -35.17 -46.77 1.72
C ARG I 323 -35.87 -46.15 0.53
N ASN I 324 -37.19 -46.01 0.64
CA ASN I 324 -37.95 -45.31 -0.40
C ASN I 324 -37.65 -43.82 -0.34
N ILE I 325 -37.38 -43.23 -1.51
CA ILE I 325 -37.02 -41.83 -1.63
C ILE I 325 -38.13 -41.11 -2.39
N THR I 326 -38.62 -40.01 -1.82
CA THR I 326 -39.67 -39.21 -2.42
C THR I 326 -39.29 -37.74 -2.36
N PHE I 327 -39.69 -37.02 -3.40
CA PHE I 327 -39.43 -35.59 -3.53
C PHE I 327 -40.76 -34.85 -3.43
N ASN I 328 -40.84 -33.89 -2.49
CA ASN I 328 -42.04 -33.14 -2.22
C ASN I 328 -41.73 -31.65 -2.29
N HIS I 329 -42.79 -30.85 -2.38
CA HIS I 329 -42.64 -29.41 -2.47
C HIS I 329 -42.14 -28.84 -1.14
N SER I 330 -41.76 -27.56 -1.17
CA SER I 330 -41.25 -26.90 0.02
C SER I 330 -42.37 -26.75 1.05
N SER I 331 -41.96 -26.62 2.32
CA SER I 331 -42.92 -26.49 3.41
C SER I 331 -43.78 -25.24 3.23
N GLY I 332 -43.16 -24.08 3.22
CA GLY I 332 -43.87 -22.82 3.06
C GLY I 332 -43.19 -21.73 3.86
N GLY I 333 -43.95 -20.69 4.15
CA GLY I 333 -43.46 -19.56 4.92
C GLY I 333 -43.09 -18.40 4.02
N ASP I 334 -41.92 -17.82 4.24
CA ASP I 334 -41.48 -16.67 3.45
C ASP I 334 -41.32 -17.07 1.99
N LEU I 335 -41.65 -16.14 1.09
CA LEU I 335 -41.62 -16.41 -0.34
C LEU I 335 -40.21 -16.36 -0.92
N GLU I 336 -39.25 -15.76 -0.20
CA GLU I 336 -37.90 -15.63 -0.74
C GLU I 336 -37.24 -16.99 -0.97
N ILE I 337 -37.42 -17.91 -0.02
CA ILE I 337 -36.78 -19.22 -0.10
C ILE I 337 -37.74 -20.33 -0.48
N THR I 338 -39.05 -20.14 -0.29
CA THR I 338 -40.01 -21.17 -0.69
C THR I 338 -40.01 -21.36 -2.20
N THR I 339 -39.93 -20.27 -2.96
CA THR I 339 -39.97 -20.30 -4.41
C THR I 339 -38.56 -20.24 -4.98
N HIS I 340 -38.45 -20.55 -6.27
CA HIS I 340 -37.18 -20.51 -7.00
C HIS I 340 -36.97 -19.09 -7.51
N SER I 341 -36.18 -18.31 -6.78
CA SER I 341 -35.89 -16.93 -7.15
C SER I 341 -34.65 -16.88 -8.03
N PHE I 342 -34.71 -16.07 -9.08
CA PHE I 342 -33.60 -15.91 -10.01
C PHE I 342 -33.74 -14.55 -10.68
N ASN I 343 -32.93 -14.31 -11.71
CA ASN I 343 -32.90 -13.05 -12.43
C ASN I 343 -32.99 -13.31 -13.92
N CYS I 344 -33.61 -12.37 -14.63
CA CYS I 344 -33.78 -12.48 -16.08
C CYS I 344 -33.86 -11.07 -16.65
N ARG I 345 -32.77 -10.62 -17.27
CA ARG I 345 -32.64 -9.29 -17.85
C ARG I 345 -32.78 -8.18 -16.83
N GLY I 346 -32.68 -8.49 -15.54
CA GLY I 346 -32.88 -7.52 -14.49
C GLY I 346 -34.23 -7.57 -13.80
N GLU I 347 -35.09 -8.52 -14.18
CA GLU I 347 -36.38 -8.71 -13.54
C GLU I 347 -36.31 -9.89 -12.58
N PHE I 348 -36.77 -9.69 -11.36
CA PHE I 348 -36.70 -10.71 -10.32
C PHE I 348 -37.95 -11.57 -10.37
N PHE I 349 -37.76 -12.87 -10.57
CA PHE I 349 -38.84 -13.84 -10.66
C PHE I 349 -38.96 -14.63 -9.38
N TYR I 350 -40.13 -15.25 -9.19
CA TYR I 350 -40.38 -16.13 -8.05
C TYR I 350 -41.33 -17.22 -8.54
N CYS I 351 -40.76 -18.37 -8.91
CA CYS I 351 -41.51 -19.42 -9.58
C CYS I 351 -42.03 -20.44 -8.57
N ASN I 352 -43.31 -20.78 -8.71
CA ASN I 352 -43.95 -21.77 -7.85
C ASN I 352 -43.45 -23.16 -8.23
N THR I 353 -42.45 -23.64 -7.50
CA THR I 353 -41.83 -24.94 -7.77
C THR I 353 -42.51 -25.98 -6.90
N SER I 354 -43.63 -26.51 -7.40
CA SER I 354 -44.38 -27.55 -6.69
C SER I 354 -44.58 -28.76 -7.59
N GLY I 355 -44.79 -28.53 -8.89
CA GLY I 355 -44.95 -29.63 -9.82
C GLY I 355 -43.67 -30.35 -10.17
N LEU I 356 -42.52 -29.69 -10.01
CA LEU I 356 -41.25 -30.35 -10.31
C LEU I 356 -40.99 -31.50 -9.36
N PHE I 357 -41.20 -31.28 -8.07
CA PHE I 357 -40.99 -32.30 -7.04
C PHE I 357 -42.33 -32.96 -6.69
N ASN I 358 -42.90 -33.64 -7.67
CA ASN I 358 -44.17 -34.35 -7.54
C ASN I 358 -43.99 -35.80 -7.96
N GLY I 359 -42.94 -36.44 -7.48
CA GLY I 359 -42.66 -37.82 -7.81
C GLY I 359 -41.69 -38.41 -6.80
N THR I 360 -41.60 -39.74 -6.83
CA THR I 360 -40.77 -40.47 -5.89
C THR I 360 -40.02 -41.58 -6.62
N TYR I 361 -38.89 -41.97 -6.06
CA TYR I 361 -38.05 -43.03 -6.60
C TYR I 361 -38.28 -44.31 -5.83
N HIS I 362 -38.51 -45.41 -6.56
CA HIS I 362 -38.67 -46.74 -5.97
C HIS I 362 -37.40 -47.54 -6.22
N PRO I 363 -36.68 -48.00 -5.20
CA PRO I 363 -35.45 -48.76 -5.47
C PRO I 363 -35.69 -50.03 -6.27
N ASN I 364 -36.87 -50.64 -6.13
CA ASN I 364 -37.23 -51.84 -6.88
C ASN I 364 -38.37 -51.49 -7.84
N GLY I 365 -38.16 -51.75 -9.12
CA GLY I 365 -39.17 -51.47 -10.12
C GLY I 365 -38.54 -51.31 -11.49
N THR I 366 -39.40 -50.99 -12.45
CA THR I 366 -39.02 -50.74 -13.84
C THR I 366 -39.29 -49.27 -14.17
N TYR I 367 -38.31 -48.62 -14.78
CA TYR I 367 -38.34 -47.17 -14.98
C TYR I 367 -37.95 -46.81 -16.41
N ASN I 368 -38.46 -47.55 -17.40
CA ASN I 368 -38.08 -47.26 -18.77
C ASN I 368 -38.73 -45.96 -19.24
N GLU I 369 -37.93 -45.10 -19.88
CA GLU I 369 -38.34 -43.74 -20.17
C GLU I 369 -39.34 -43.66 -21.33
N THR I 370 -39.41 -44.68 -22.18
CA THR I 370 -40.31 -44.62 -23.33
C THR I 370 -41.77 -44.53 -22.93
N ALA I 371 -42.11 -44.90 -21.69
CA ALA I 371 -43.50 -44.82 -21.25
C ALA I 371 -43.99 -43.37 -21.24
N VAL I 372 -43.15 -42.44 -20.80
CA VAL I 372 -43.54 -41.03 -20.71
C VAL I 372 -43.55 -40.43 -22.11
N ASN I 373 -44.64 -39.74 -22.44
CA ASN I 373 -44.77 -39.11 -23.74
C ASN I 373 -43.76 -37.97 -23.90
N SER I 374 -43.32 -37.76 -25.13
CA SER I 374 -42.35 -36.72 -25.45
C SER I 374 -43.06 -35.45 -25.91
N SER I 375 -42.28 -34.39 -26.08
CA SER I 375 -42.80 -33.07 -26.46
C SER I 375 -43.76 -32.54 -25.42
N ASP I 376 -43.59 -32.95 -24.15
CA ASP I 376 -44.42 -32.52 -23.04
C ASP I 376 -43.54 -31.67 -22.13
N THR I 377 -44.05 -30.51 -21.75
CA THR I 377 -43.33 -29.55 -20.92
C THR I 377 -44.09 -29.32 -19.62
N ILE I 378 -43.38 -28.79 -18.63
CA ILE I 378 -43.94 -28.49 -17.30
C ILE I 378 -44.06 -26.98 -17.20
N THR I 379 -45.26 -26.47 -17.44
CA THR I 379 -45.50 -25.05 -17.26
C THR I 379 -45.54 -24.70 -15.77
N LEU I 380 -45.00 -23.53 -15.44
CA LEU I 380 -44.91 -23.06 -14.06
C LEU I 380 -45.52 -21.69 -13.94
N GLN I 381 -45.93 -21.35 -12.72
CA GLN I 381 -46.47 -20.04 -12.41
C GLN I 381 -45.41 -19.24 -11.65
N CYS I 382 -45.03 -18.09 -12.21
CA CYS I 382 -44.01 -17.24 -11.63
C CYS I 382 -44.54 -15.82 -11.51
N ARG I 383 -44.02 -15.10 -10.52
CA ARG I 383 -44.51 -13.78 -10.16
C ARG I 383 -43.34 -12.80 -10.10
N ILE I 384 -43.62 -11.53 -10.36
CA ILE I 384 -42.61 -10.48 -10.44
C ILE I 384 -42.69 -9.63 -9.18
N LYS I 385 -41.54 -9.39 -8.56
CA LYS I 385 -41.44 -8.56 -7.36
C LYS I 385 -40.29 -7.59 -7.57
N GLN I 386 -40.62 -6.31 -7.80
CA GLN I 386 -39.62 -5.30 -8.12
C GLN I 386 -39.07 -4.59 -6.89
N ILE I 387 -39.48 -4.98 -5.68
CA ILE I 387 -38.86 -4.51 -4.44
C ILE I 387 -38.27 -5.73 -3.76
N ILE I 388 -36.95 -5.72 -3.58
CA ILE I 388 -36.20 -6.89 -3.14
C ILE I 388 -35.36 -6.52 -1.93
N ASN I 389 -35.40 -7.38 -0.90
CA ASN I 389 -34.47 -7.32 0.23
C ASN I 389 -33.59 -8.56 0.16
N MET I 390 -32.29 -8.35 0.30
CA MET I 390 -31.30 -9.28 -0.21
C MET I 390 -30.23 -9.56 0.85
N TRP I 391 -29.57 -10.72 0.69
CA TRP I 391 -28.64 -11.28 1.65
C TRP I 391 -29.34 -11.77 2.92
N GLN I 392 -30.66 -11.98 2.83
CA GLN I 392 -31.45 -12.49 3.96
C GLN I 392 -31.29 -11.61 5.20
N GLU I 393 -31.23 -10.29 4.97
CA GLU I 393 -31.12 -9.32 6.06
C GLU I 393 -31.93 -8.09 5.69
N VAL I 394 -32.74 -7.60 6.61
CA VAL I 394 -33.63 -6.45 6.34
C VAL I 394 -32.81 -5.20 6.68
N GLY I 395 -32.04 -4.76 5.69
CA GLY I 395 -31.26 -3.53 5.83
C GLY I 395 -30.96 -2.81 4.53
N ARG I 396 -31.60 -3.21 3.44
CA ARG I 396 -31.22 -2.68 2.13
C ARG I 396 -32.33 -2.95 1.13
N CYS I 397 -32.28 -2.19 0.02
CA CYS I 397 -33.18 -2.35 -1.11
C CYS I 397 -32.43 -2.26 -2.43
N MET I 398 -33.06 -2.87 -3.44
CA MET I 398 -32.79 -2.60 -4.85
C MET I 398 -34.12 -2.67 -5.58
N TYR I 399 -34.64 -1.52 -5.97
CA TYR I 399 -35.89 -1.45 -6.74
C TYR I 399 -35.58 -1.72 -8.20
N ALA I 400 -35.99 -2.87 -8.70
CA ALA I 400 -35.72 -3.24 -10.08
C ALA I 400 -36.62 -2.44 -11.02
N PRO I 401 -36.08 -1.63 -11.93
CA PRO I 401 -36.94 -0.91 -12.86
C PRO I 401 -37.47 -1.84 -13.94
N PRO I 402 -38.56 -1.48 -14.60
CA PRO I 402 -39.11 -2.35 -15.65
C PRO I 402 -38.38 -2.18 -16.96
N ILE I 403 -38.73 -3.06 -17.91
CA ILE I 403 -38.12 -3.09 -19.24
C ILE I 403 -39.23 -3.11 -20.27
N ALA I 404 -39.10 -2.25 -21.29
CA ALA I 404 -40.09 -2.23 -22.37
C ALA I 404 -40.01 -3.50 -23.20
N GLY I 405 -41.17 -3.94 -23.68
CA GLY I 405 -41.23 -5.15 -24.48
C GLY I 405 -41.19 -6.41 -23.62
N ASN I 406 -41.28 -7.55 -24.30
CA ASN I 406 -41.25 -8.84 -23.63
C ASN I 406 -39.82 -9.38 -23.60
N ILE I 407 -39.50 -10.09 -22.52
CA ILE I 407 -38.18 -10.64 -22.28
C ILE I 407 -38.26 -12.16 -22.31
N THR I 408 -37.11 -12.78 -22.59
CA THR I 408 -37.00 -14.23 -22.61
C THR I 408 -35.57 -14.61 -22.28
N CYS I 409 -35.40 -15.43 -21.25
CA CYS I 409 -34.09 -15.87 -20.79
C CYS I 409 -34.03 -17.40 -20.86
N ASN I 410 -32.99 -17.91 -21.52
CA ASN I 410 -32.75 -19.34 -21.65
C ASN I 410 -31.47 -19.69 -20.93
N SER I 411 -31.51 -20.75 -20.12
CA SER I 411 -30.36 -21.20 -19.35
C SER I 411 -30.46 -22.70 -19.15
N ASN I 412 -29.40 -23.28 -18.57
CA ASN I 412 -29.34 -24.71 -18.27
C ASN I 412 -29.30 -24.90 -16.76
N ILE I 413 -30.11 -25.82 -16.27
CA ILE I 413 -30.07 -26.20 -14.86
C ILE I 413 -28.82 -27.05 -14.61
N THR I 414 -28.13 -26.76 -13.51
CA THR I 414 -26.83 -27.38 -13.22
C THR I 414 -26.86 -28.21 -11.95
N GLY I 415 -27.40 -27.67 -10.85
CA GLY I 415 -27.40 -28.38 -9.59
C GLY I 415 -28.68 -28.13 -8.82
N LEU I 416 -28.81 -28.85 -7.72
CA LEU I 416 -29.99 -28.78 -6.86
C LEU I 416 -29.56 -28.59 -5.41
N LEU I 417 -30.36 -27.82 -4.67
CA LEU I 417 -30.15 -27.60 -3.24
C LEU I 417 -31.34 -28.22 -2.51
N LEU I 418 -31.11 -29.37 -1.89
CA LEU I 418 -32.16 -30.15 -1.25
C LEU I 418 -31.90 -30.25 0.26
N THR I 419 -32.98 -30.48 1.00
CA THR I 419 -32.92 -30.67 2.44
C THR I 419 -33.74 -31.89 2.82
N ARG I 420 -33.34 -32.55 3.90
CA ARG I 420 -34.00 -33.76 4.39
C ARG I 420 -34.65 -33.47 5.73
N ASP I 421 -35.83 -34.05 5.94
CA ASP I 421 -36.58 -33.85 7.18
C ASP I 421 -36.75 -35.17 7.92
N GLN I 426 -40.79 -41.68 10.51
CA GLN I 426 -39.43 -41.84 11.01
C GLN I 426 -38.70 -42.98 10.29
N THR I 427 -39.46 -43.96 9.84
CA THR I 427 -38.92 -45.13 9.16
C THR I 427 -39.64 -45.36 7.85
N GLY I 428 -38.95 -45.96 6.89
CA GLY I 428 -39.52 -46.25 5.59
C GLY I 428 -39.17 -45.20 4.55
N GLU I 429 -40.17 -44.41 4.15
CA GLU I 429 -39.95 -43.39 3.13
C GLU I 429 -39.05 -42.28 3.67
N GLU I 430 -38.15 -41.80 2.82
CA GLU I 430 -37.28 -40.68 3.12
C GLU I 430 -37.71 -39.50 2.25
N ILE I 431 -38.00 -38.37 2.90
CA ILE I 431 -38.55 -37.20 2.23
C ILE I 431 -37.42 -36.19 2.03
N PHE I 432 -37.22 -35.79 0.77
CA PHE I 432 -36.27 -34.74 0.41
C PHE I 432 -37.04 -33.56 -0.16
N ARG I 433 -36.73 -32.37 0.33
CA ARG I 433 -37.41 -31.15 -0.08
C ARG I 433 -36.41 -30.11 -0.57
N PRO I 434 -36.81 -29.23 -1.48
CA PRO I 434 -35.89 -28.19 -1.94
C PRO I 434 -35.88 -27.00 -0.99
N GLY I 435 -34.70 -26.42 -0.80
CA GLY I 435 -34.58 -25.24 0.03
C GLY I 435 -33.23 -24.56 -0.05
N GLY I 436 -33.23 -23.25 -0.25
CA GLY I 436 -32.02 -22.47 -0.21
C GLY I 436 -31.72 -21.96 1.18
N GLY I 437 -31.27 -22.86 2.06
CA GLY I 437 -31.05 -22.49 3.45
C GLY I 437 -30.04 -21.37 3.61
N ASP I 438 -28.94 -21.44 2.85
CA ASP I 438 -27.90 -20.42 2.88
C ASP I 438 -27.50 -20.07 1.45
N MET I 439 -27.23 -18.79 1.22
CA MET I 439 -26.79 -18.35 -0.10
C MET I 439 -25.39 -18.84 -0.42
N ARG I 440 -24.52 -18.94 0.59
CA ARG I 440 -23.12 -19.26 0.35
C ARG I 440 -22.92 -20.59 -0.35
N ASP I 441 -23.91 -21.50 -0.29
CA ASP I 441 -23.80 -22.77 -0.98
C ASP I 441 -23.86 -22.64 -2.49
N ASN I 442 -24.28 -21.49 -3.01
CA ASN I 442 -24.30 -21.30 -4.46
C ASN I 442 -22.89 -21.38 -5.04
N TRP I 443 -21.92 -20.75 -4.37
CA TRP I 443 -20.55 -20.74 -4.84
C TRP I 443 -19.73 -21.92 -4.32
N ARG I 444 -20.19 -22.61 -3.28
CA ARG I 444 -19.48 -23.80 -2.83
C ARG I 444 -19.48 -24.89 -3.90
N SER I 445 -20.50 -24.91 -4.75
CA SER I 445 -20.56 -25.90 -5.83
C SER I 445 -19.54 -25.62 -6.92
N GLU I 446 -18.94 -24.43 -6.94
CA GLU I 446 -17.95 -24.07 -7.95
C GLU I 446 -16.52 -24.07 -7.42
N LEU I 447 -16.33 -23.77 -6.13
CA LEU I 447 -15.02 -23.70 -5.52
C LEU I 447 -14.67 -24.96 -4.74
N TYR I 448 -15.46 -26.03 -4.89
CA TYR I 448 -15.20 -27.27 -4.14
C TYR I 448 -13.84 -27.86 -4.45
N LYS I 449 -13.30 -27.59 -5.64
CA LYS I 449 -12.04 -28.17 -6.10
C LYS I 449 -10.93 -27.12 -6.15
N TYR I 450 -10.87 -26.24 -5.17
CA TYR I 450 -9.85 -25.21 -5.10
C TYR I 450 -9.41 -25.02 -3.65
N LYS I 451 -8.16 -24.61 -3.47
CA LYS I 451 -7.60 -24.42 -2.13
C LYS I 451 -6.36 -23.56 -2.24
N VAL I 452 -6.34 -22.43 -1.56
CA VAL I 452 -5.19 -21.53 -1.55
C VAL I 452 -4.14 -22.10 -0.58
N VAL I 453 -2.87 -21.95 -0.94
CA VAL I 453 -1.77 -22.52 -0.16
C VAL I 453 -0.56 -21.61 -0.30
N GLU I 454 0.27 -21.59 0.75
CA GLU I 454 1.50 -20.81 0.78
C GLU I 454 2.70 -21.69 0.48
N ILE I 455 3.71 -21.10 -0.14
CA ILE I 455 4.93 -21.79 -0.53
C ILE I 455 5.99 -21.55 0.54
N LYS I 456 6.78 -22.59 0.83
CA LYS I 456 7.87 -22.54 1.80
C LYS I 456 9.13 -23.03 1.09
N PRO I 457 9.84 -22.17 0.37
CA PRO I 457 10.97 -22.62 -0.45
C PRO I 457 12.25 -22.91 0.31
N LEU I 458 12.23 -22.92 1.64
CA LEU I 458 13.42 -23.20 2.43
C LEU I 458 13.46 -24.68 2.80
N GLY I 459 14.61 -25.30 2.59
CA GLY I 459 14.80 -26.70 2.94
C GLY I 459 16.18 -26.96 3.51
N ILE I 460 16.24 -27.73 4.59
CA ILE I 460 17.48 -28.04 5.29
C ILE I 460 17.56 -29.56 5.44
N ALA I 461 18.66 -30.14 4.96
CA ALA I 461 18.90 -31.57 5.07
C ALA I 461 20.39 -31.80 5.29
N PRO I 462 20.77 -32.93 5.88
CA PRO I 462 22.19 -33.23 6.06
C PRO I 462 22.87 -33.59 4.74
N THR I 463 24.18 -33.41 4.72
CA THR I 463 24.99 -33.77 3.56
C THR I 463 26.44 -33.87 4.00
N LYS I 464 27.28 -34.38 3.10
CA LYS I 464 28.70 -34.56 3.37
C LYS I 464 29.55 -33.36 3.00
N CYS I 465 28.95 -32.32 2.41
CA CYS I 465 29.70 -31.13 1.99
C CYS I 465 29.89 -30.18 3.17
N LYS I 466 31.09 -29.61 3.26
CA LYS I 466 31.45 -28.69 4.33
C LYS I 466 31.90 -27.37 3.73
N ARG I 467 31.45 -26.27 4.32
CA ARG I 467 31.88 -24.95 3.89
C ARG I 467 33.38 -24.79 4.13
N ARG I 468 34.09 -24.29 3.13
CA ARG I 468 35.52 -24.05 3.24
C ARG I 468 35.77 -22.69 3.87
N VAL I 469 36.77 -22.63 4.75
CA VAL I 469 37.18 -21.42 5.45
C VAL I 469 38.57 -21.05 4.96
N VAL I 470 38.73 -19.83 4.47
CA VAL I 470 40.01 -19.35 3.99
C VAL I 470 40.87 -18.93 5.17
N GLU I 471 42.12 -19.39 5.20
CA GLU I 471 43.05 -19.07 6.27
C GLU I 471 44.17 -18.17 5.77
N ALA J 1 12.12 -43.13 -23.58
CA ALA J 1 11.36 -41.90 -23.36
C ALA J 1 12.25 -40.68 -23.52
N VAL J 2 11.76 -39.67 -24.23
CA VAL J 2 12.54 -38.46 -24.43
C VAL J 2 12.73 -37.75 -23.10
N GLY J 3 13.88 -37.09 -22.95
CA GLY J 3 14.28 -36.49 -21.69
C GLY J 3 13.88 -35.03 -21.60
N ILE J 4 13.48 -34.62 -20.40
CA ILE J 4 13.21 -33.23 -20.08
C ILE J 4 14.39 -32.70 -19.28
N GLY J 5 14.86 -31.50 -19.64
CA GLY J 5 16.05 -30.94 -19.01
C GLY J 5 15.84 -30.44 -17.60
N ALA J 6 14.60 -30.47 -17.10
CA ALA J 6 14.18 -29.99 -15.78
C ALA J 6 14.09 -28.47 -15.72
N VAL J 7 14.52 -27.76 -16.76
CA VAL J 7 14.29 -26.31 -16.82
C VAL J 7 12.93 -26.01 -17.43
N PHE J 8 12.37 -26.94 -18.20
CA PHE J 8 11.08 -26.77 -18.84
C PHE J 8 9.90 -27.15 -17.93
N LEU J 9 10.17 -27.70 -16.75
CA LEU J 9 9.08 -28.11 -15.87
C LEU J 9 8.34 -26.89 -15.31
N GLY J 10 7.08 -27.12 -14.96
CA GLY J 10 6.25 -26.05 -14.43
C GLY J 10 6.47 -25.82 -12.95
N PHE J 11 5.72 -24.85 -12.43
CA PHE J 11 5.84 -24.48 -11.03
C PHE J 11 5.37 -25.63 -10.14
N LEU J 12 6.05 -25.80 -9.01
CA LEU J 12 5.78 -26.86 -8.05
C LEU J 12 5.93 -28.25 -8.67
N GLY J 13 6.64 -28.36 -9.79
CA GLY J 13 6.90 -29.66 -10.37
C GLY J 13 7.89 -30.45 -9.54
N ALA J 14 7.85 -31.77 -9.72
CA ALA J 14 8.72 -32.68 -9.00
C ALA J 14 8.49 -32.63 -7.49
N ALA J 15 7.31 -32.19 -7.06
CA ALA J 15 7.02 -32.12 -5.64
C ALA J 15 6.85 -33.51 -5.03
N GLY J 16 6.24 -34.43 -5.77
CA GLY J 16 6.03 -35.79 -5.33
C GLY J 16 7.18 -36.73 -5.59
N SER J 17 8.29 -36.24 -6.13
CA SER J 17 9.44 -37.07 -6.43
C SER J 17 10.41 -37.08 -5.24
N THR J 18 11.53 -37.79 -5.39
CA THR J 18 12.50 -37.90 -4.32
C THR J 18 13.19 -36.56 -4.08
N MET J 19 13.76 -36.42 -2.88
CA MET J 19 14.45 -35.17 -2.53
C MET J 19 15.65 -34.94 -3.43
N GLY J 20 16.42 -35.99 -3.72
CA GLY J 20 17.57 -35.83 -4.60
C GLY J 20 17.19 -35.40 -5.99
N ALA J 21 16.14 -36.00 -6.55
CA ALA J 21 15.68 -35.61 -7.88
C ALA J 21 15.16 -34.18 -7.88
N ALA J 22 14.41 -33.80 -6.84
CA ALA J 22 13.85 -32.45 -6.78
C ALA J 22 14.92 -31.39 -6.56
N SER J 23 16.11 -31.78 -6.11
CA SER J 23 17.19 -30.81 -5.91
C SER J 23 17.69 -30.20 -7.21
N ASN J 24 17.38 -30.82 -8.35
CA ASN J 24 17.80 -30.32 -9.65
C ASN J 24 16.79 -29.36 -10.28
N THR J 25 15.70 -29.04 -9.58
CA THR J 25 14.65 -28.16 -10.11
C THR J 25 14.42 -26.97 -9.19
N LEU J 26 15.48 -26.47 -8.55
CA LEU J 26 15.33 -25.32 -7.66
C LEU J 26 15.10 -24.03 -8.44
N THR J 27 15.62 -23.95 -9.68
CA THR J 27 15.55 -22.70 -10.43
C THR J 27 14.11 -22.31 -10.74
N VAL J 28 13.28 -23.27 -11.13
CA VAL J 28 11.95 -22.95 -11.63
C VAL J 28 11.09 -22.31 -10.55
N GLN J 29 11.23 -22.75 -9.30
CA GLN J 29 10.45 -22.16 -8.22
C GLN J 29 10.86 -20.72 -7.94
N ALA J 30 12.17 -20.43 -8.05
CA ALA J 30 12.64 -19.08 -7.74
C ALA J 30 12.10 -18.05 -8.72
N ARG J 31 11.88 -18.44 -9.98
CA ARG J 31 11.39 -17.50 -10.97
C ARG J 31 10.00 -16.98 -10.61
N GLN J 32 9.12 -17.88 -10.14
CA GLN J 32 7.73 -17.50 -9.91
C GLN J 32 7.59 -16.57 -8.71
N LEU J 33 8.52 -16.63 -7.74
CA LEU J 33 8.47 -15.71 -6.63
C LEU J 33 8.66 -14.28 -7.12
N LEU J 34 7.82 -13.37 -6.62
CA LEU J 34 7.76 -11.99 -7.11
C LEU J 34 7.52 -11.98 -8.62
N SER J 35 6.37 -12.51 -9.01
CA SER J 35 6.00 -12.59 -10.41
C SER J 35 5.59 -11.22 -10.94
N LEU J 57 -8.19 3.48 -6.24
CA LEU J 57 -9.37 4.11 -5.65
C LEU J 57 -10.52 3.12 -5.54
N GLY J 58 -10.59 2.17 -6.48
CA GLY J 58 -11.65 1.20 -6.49
C GLY J 58 -11.42 0.07 -5.51
N VAL J 59 -12.46 -0.78 -5.37
CA VAL J 59 -12.37 -1.91 -4.46
C VAL J 59 -11.27 -2.87 -4.92
N TRP J 60 -11.19 -3.11 -6.23
CA TRP J 60 -10.17 -4.03 -6.74
C TRP J 60 -8.76 -3.50 -6.49
N GLY J 61 -8.58 -2.19 -6.64
CA GLY J 61 -7.25 -1.61 -6.45
C GLY J 61 -6.72 -1.85 -5.04
N PHE J 62 -7.58 -1.69 -4.03
CA PHE J 62 -7.14 -1.91 -2.66
C PHE J 62 -6.73 -3.36 -2.45
N LYS J 63 -7.54 -4.31 -2.92
CA LYS J 63 -7.19 -5.72 -2.79
C LYS J 63 -5.95 -6.06 -3.60
N GLN J 64 -5.86 -5.53 -4.83
CA GLN J 64 -4.67 -5.76 -5.64
C GLN J 64 -3.44 -5.14 -4.98
N LEU J 65 -3.59 -3.91 -4.45
CA LEU J 65 -2.47 -3.27 -3.78
C LEU J 65 -2.05 -4.07 -2.55
N GLN J 66 -3.01 -4.58 -1.79
CA GLN J 66 -2.68 -5.44 -0.67
C GLN J 66 -1.93 -6.69 -1.12
N ALA J 67 -2.30 -7.23 -2.28
CA ALA J 67 -1.62 -8.42 -2.80
C ALA J 67 -0.16 -8.12 -3.14
N ARG J 68 0.11 -6.96 -3.75
CA ARG J 68 1.47 -6.65 -4.15
C ARG J 68 2.39 -6.53 -2.93
N VAL J 69 1.92 -5.86 -1.88
CA VAL J 69 2.73 -5.74 -0.66
C VAL J 69 2.92 -7.11 -0.01
N LEU J 70 1.89 -7.95 -0.07
CA LEU J 70 1.99 -9.29 0.52
C LEU J 70 3.09 -10.10 -0.16
N ALA J 71 3.16 -10.05 -1.49
CA ALA J 71 4.19 -10.80 -2.20
C ALA J 71 5.59 -10.31 -1.84
N ILE J 72 5.77 -8.98 -1.74
CA ILE J 72 7.07 -8.43 -1.42
C ILE J 72 7.50 -8.87 -0.02
N GLU J 73 6.57 -8.84 0.94
CA GLU J 73 6.91 -9.20 2.32
C GLU J 73 7.35 -10.65 2.42
N ARG J 74 6.65 -11.56 1.73
CA ARG J 74 7.00 -12.97 1.81
C ARG J 74 8.36 -13.24 1.19
N TYR J 75 8.64 -12.63 0.03
CA TYR J 75 9.92 -12.84 -0.62
C TYR J 75 11.06 -12.29 0.22
N LEU J 76 10.88 -11.10 0.80
CA LEU J 76 11.96 -10.48 1.55
C LEU J 76 12.26 -11.23 2.84
N GLU J 77 11.27 -11.94 3.40
CA GLU J 77 11.51 -12.70 4.61
C GLU J 77 12.55 -13.78 4.40
N VAL J 78 12.46 -14.50 3.28
CA VAL J 78 13.42 -15.56 2.99
C VAL J 78 14.80 -14.99 2.75
N GLN J 79 14.89 -13.90 1.98
CA GLN J 79 16.18 -13.31 1.67
C GLN J 79 16.87 -12.77 2.91
N GLN J 80 16.11 -12.23 3.87
CA GLN J 80 16.71 -11.73 5.10
C GLN J 80 17.40 -12.85 5.87
N LEU J 81 16.76 -14.01 5.96
CA LEU J 81 17.39 -15.15 6.63
C LEU J 81 18.62 -15.63 5.86
N LEU J 82 18.54 -15.66 4.53
CA LEU J 82 19.66 -16.15 3.74
C LEU J 82 20.89 -15.27 3.91
N GLY J 83 20.71 -13.95 3.98
CA GLY J 83 21.85 -13.06 4.11
C GLY J 83 22.62 -13.28 5.40
N ILE J 84 21.90 -13.48 6.51
CA ILE J 84 22.57 -13.70 7.79
C ILE J 84 23.34 -15.01 7.78
N TRP J 85 22.80 -16.03 7.12
CA TRP J 85 23.44 -17.34 7.05
C TRP J 85 24.61 -17.39 6.08
N GLY J 86 24.85 -16.32 5.31
CA GLY J 86 25.94 -16.27 4.36
C GLY J 86 25.57 -16.72 2.96
N CYS J 87 24.38 -17.26 2.76
CA CYS J 87 23.92 -17.67 1.43
C CYS J 87 23.09 -16.56 0.79
N SER J 88 23.73 -15.40 0.65
CA SER J 88 23.02 -14.22 0.15
C SER J 88 22.48 -14.45 -1.26
N GLY J 89 23.28 -15.06 -2.13
CA GLY J 89 22.89 -15.30 -3.50
C GLY J 89 23.04 -16.74 -3.93
N LYS J 90 23.68 -17.56 -3.10
CA LYS J 90 23.91 -18.95 -3.46
C LYS J 90 22.63 -19.76 -3.32
N LEU J 91 22.30 -20.51 -4.37
CA LEU J 91 21.10 -21.36 -4.33
C LEU J 91 21.32 -22.60 -3.49
N ILE J 92 22.52 -23.18 -3.55
CA ILE J 92 22.90 -24.31 -2.71
C ILE J 92 24.20 -23.92 -2.00
N CYS J 93 24.17 -23.91 -0.67
CA CYS J 93 25.31 -23.48 0.14
C CYS J 93 25.53 -24.47 1.27
N CYS J 94 26.78 -24.86 1.46
CA CYS J 94 27.16 -25.69 2.60
C CYS J 94 27.53 -24.81 3.79
N THR J 95 27.47 -25.40 4.97
CA THR J 95 27.73 -24.70 6.22
C THR J 95 28.67 -25.53 7.08
N ASN J 96 29.11 -24.94 8.20
CA ASN J 96 30.05 -25.60 9.10
C ASN J 96 29.38 -26.29 10.28
N VAL J 97 28.13 -25.97 10.57
CA VAL J 97 27.47 -26.60 11.72
C VAL J 97 27.20 -28.07 11.41
N PRO J 98 27.47 -29.01 12.31
CA PRO J 98 27.18 -30.42 12.02
C PRO J 98 25.72 -30.77 12.28
N TRP J 99 25.29 -31.86 11.64
CA TRP J 99 23.94 -32.35 11.82
C TRP J 99 23.85 -33.20 13.08
N ASN J 100 22.74 -33.06 13.81
CA ASN J 100 22.50 -33.80 15.03
C ASN J 100 21.61 -35.00 14.75
N SER J 101 21.98 -36.16 15.31
CA SER J 101 21.20 -37.38 15.07
C SER J 101 19.81 -37.28 15.69
N THR J 102 19.66 -36.49 16.75
CA THR J 102 18.35 -36.36 17.38
C THR J 102 17.32 -35.76 16.42
N TRP J 103 17.74 -34.75 15.64
CA TRP J 103 16.83 -34.13 14.68
C TRP J 103 16.38 -35.14 13.63
N SER J 104 17.31 -35.95 13.12
CA SER J 104 16.99 -36.99 12.16
C SER J 104 17.96 -38.15 12.33
N ASN J 105 17.43 -39.37 12.29
CA ASN J 105 18.22 -40.58 12.50
C ASN J 105 18.39 -41.41 11.24
N ARG J 106 17.69 -41.08 10.17
CA ARG J 106 17.71 -41.91 8.96
C ARG J 106 18.99 -41.67 8.16
N THR J 107 19.38 -42.69 7.40
CA THR J 107 20.62 -42.65 6.65
C THR J 107 20.49 -41.79 5.40
N GLN J 108 21.65 -41.44 4.83
CA GLN J 108 21.67 -40.57 3.65
C GLN J 108 21.02 -41.25 2.45
N GLU J 109 21.25 -42.56 2.27
CA GLU J 109 20.73 -43.26 1.11
C GLU J 109 19.21 -43.22 1.07
N ASP J 110 18.57 -43.43 2.22
CA ASP J 110 17.11 -43.48 2.28
C ASP J 110 16.47 -42.10 2.36
N ILE J 111 17.26 -41.04 2.56
CA ILE J 111 16.69 -39.70 2.64
C ILE J 111 16.55 -39.10 1.25
N TRP J 112 17.59 -39.20 0.43
CA TRP J 112 17.60 -38.56 -0.88
C TRP J 112 16.95 -39.41 -1.96
N ASN J 113 16.57 -40.66 -1.67
CA ASN J 113 16.07 -41.56 -2.70
C ASN J 113 14.88 -42.40 -2.26
N ASN J 114 14.19 -42.05 -1.17
CA ASN J 114 13.04 -42.82 -0.72
C ASN J 114 11.87 -42.00 -0.20
N MET J 115 11.92 -40.67 -0.26
CA MET J 115 10.80 -39.86 0.21
C MET J 115 10.90 -38.48 -0.44
N THR J 116 9.83 -37.71 -0.26
CA THR J 116 9.68 -36.40 -0.88
C THR J 116 10.05 -35.29 0.10
N TRP J 117 10.12 -34.06 -0.43
CA TRP J 117 10.46 -32.91 0.40
C TRP J 117 9.36 -32.58 1.38
N MET J 118 8.09 -32.79 1.00
CA MET J 118 6.99 -32.47 1.89
C MET J 118 7.06 -33.29 3.17
N GLU J 119 7.36 -34.59 3.06
CA GLU J 119 7.47 -35.43 4.24
C GLU J 119 8.66 -35.01 5.10
N TRP J 120 9.78 -34.66 4.47
CA TRP J 120 10.99 -34.30 5.22
C TRP J 120 10.76 -33.07 6.09
N GLU J 121 10.13 -32.04 5.52
CA GLU J 121 9.89 -30.82 6.29
C GLU J 121 8.91 -31.07 7.43
N ARG J 122 7.89 -31.90 7.19
CA ARG J 122 6.95 -32.24 8.24
C ARG J 122 7.64 -32.97 9.39
N GLU J 123 8.64 -33.79 9.09
CA GLU J 123 9.31 -34.57 10.13
C GLU J 123 10.10 -33.68 11.08
N ILE J 124 10.83 -32.70 10.54
CA ILE J 124 11.76 -31.89 11.32
C ILE J 124 11.18 -30.50 11.60
N GLY J 125 9.87 -30.32 11.46
CA GLY J 125 9.28 -29.02 11.71
C GLY J 125 9.44 -28.55 13.15
N ASN J 126 9.63 -29.47 14.09
CA ASN J 126 9.76 -29.10 15.50
C ASN J 126 11.13 -28.52 15.81
N TYR J 127 12.18 -28.98 15.13
CA TYR J 127 13.55 -28.53 15.40
C TYR J 127 13.98 -27.39 14.49
N THR J 128 13.05 -26.78 13.76
CA THR J 128 13.41 -25.69 12.85
C THR J 128 13.97 -24.50 13.62
N HIS J 129 13.38 -24.16 14.77
CA HIS J 129 13.81 -22.99 15.51
C HIS J 129 15.25 -23.14 15.99
N THR J 130 15.62 -24.32 16.48
CA THR J 130 16.96 -24.51 17.01
C THR J 130 18.00 -24.38 15.91
N ILE J 131 17.73 -24.93 14.73
CA ILE J 131 18.71 -24.89 13.64
C ILE J 131 18.91 -23.46 13.17
N TYR J 132 17.84 -22.67 13.09
CA TYR J 132 17.96 -21.30 12.61
C TYR J 132 18.90 -20.48 13.49
N SER J 133 18.77 -20.63 14.82
CA SER J 133 19.65 -19.89 15.73
C SER J 133 21.10 -20.33 15.56
N LEU J 134 21.33 -21.63 15.35
CA LEU J 134 22.70 -22.13 15.24
C LEU J 134 23.40 -21.53 14.02
N LEU J 135 22.69 -21.42 12.90
CA LEU J 135 23.30 -20.85 11.70
C LEU J 135 23.71 -19.40 11.92
N GLU J 136 22.85 -18.61 12.57
CA GLU J 136 23.22 -17.23 12.87
C GLU J 136 24.42 -17.16 13.80
N GLU J 137 24.43 -18.00 14.84
CA GLU J 137 25.57 -18.01 15.77
C GLU J 137 26.84 -18.46 15.07
N SER J 138 26.76 -19.51 14.26
CA SER J 138 27.95 -20.04 13.59
C SER J 138 28.51 -19.03 12.60
N GLN J 139 27.64 -18.51 11.70
CA GLN J 139 28.11 -17.60 10.67
C GLN J 139 28.67 -16.32 11.27
N PHE J 140 28.05 -15.82 12.35
CA PHE J 140 28.57 -14.63 13.02
C PHE J 140 29.97 -14.89 13.56
N GLN J 141 30.21 -16.10 14.09
CA GLN J 141 31.55 -16.46 14.55
C GLN J 141 32.53 -16.56 13.39
N GLN J 142 32.05 -16.96 12.21
CA GLN J 142 32.92 -17.04 11.04
C GLN J 142 33.42 -15.67 10.59
N GLU J 143 32.76 -14.59 11.02
CA GLU J 143 33.14 -13.25 10.59
C GLU J 143 34.17 -12.61 11.51
N ILE J 144 34.00 -12.76 12.82
CA ILE J 144 34.91 -12.08 13.76
C ILE J 144 36.29 -12.71 13.72
N ASN J 145 36.37 -14.03 13.60
CA ASN J 145 37.68 -14.69 13.54
C ASN J 145 38.37 -14.40 12.22
N GLU J 146 37.61 -14.29 11.12
CA GLU J 146 38.20 -13.91 9.85
C GLU J 146 38.77 -12.50 9.92
N LYS J 147 38.06 -11.59 10.58
CA LYS J 147 38.56 -10.22 10.73
C LYS J 147 39.88 -10.20 11.49
N ASP J 148 40.01 -11.05 12.52
CA ASP J 148 41.26 -11.11 13.27
C ASP J 148 42.42 -11.56 12.39
N LEU J 149 42.16 -12.42 11.40
CA LEU J 149 43.23 -12.92 10.56
C LEU J 149 43.77 -11.84 9.64
N LEU J 150 42.89 -10.99 9.09
CA LEU J 150 43.31 -9.93 8.18
C LEU J 150 44.01 -8.77 8.89
N ALA J 151 43.98 -8.72 10.21
CA ALA J 151 44.62 -7.65 10.96
C ALA J 151 46.11 -7.90 11.21
N LEU J 152 46.65 -9.03 10.78
CA LEU J 152 48.04 -9.37 11.02
C LEU J 152 48.99 -8.78 9.98
N ASP J 153 48.46 -8.14 8.93
CA ASP J 153 49.31 -7.56 7.89
C ASP J 153 49.97 -6.28 8.39
N GLN K 1 -11.38 -27.33 -25.04
CA GLN K 1 -11.57 -27.80 -26.44
C GLN K 1 -10.42 -27.34 -27.32
N VAL K 2 -9.93 -28.24 -28.18
CA VAL K 2 -8.83 -27.97 -29.10
C VAL K 2 -9.30 -28.33 -30.51
N THR K 3 -9.03 -27.44 -31.46
CA THR K 3 -9.40 -27.63 -32.86
C THR K 3 -8.15 -27.56 -33.73
N LEU K 4 -7.99 -28.53 -34.61
CA LEU K 4 -6.85 -28.62 -35.51
C LEU K 4 -7.36 -28.58 -36.95
N LYS K 5 -6.89 -27.60 -37.72
CA LYS K 5 -7.27 -27.43 -39.11
C LYS K 5 -6.00 -27.32 -39.94
N GLU K 6 -5.94 -28.08 -41.04
CA GLU K 6 -4.78 -28.11 -41.93
C GLU K 6 -5.19 -27.65 -43.32
N SER K 7 -4.20 -27.20 -44.08
CA SER K 7 -4.43 -26.69 -45.43
C SER K 7 -3.21 -26.94 -46.28
N GLY K 8 -3.44 -27.23 -47.56
CA GLY K 8 -2.38 -27.38 -48.53
C GLY K 8 -2.91 -27.69 -49.90
N PRO K 9 -2.14 -27.40 -50.95
CA PRO K 9 -2.62 -27.70 -52.31
C PRO K 9 -2.79 -29.21 -52.51
N ALA K 10 -3.80 -29.56 -53.30
CA ALA K 10 -4.05 -30.97 -53.61
C ALA K 10 -3.16 -31.45 -54.75
N LEU K 11 -3.14 -30.70 -55.86
CA LEU K 11 -2.31 -31.05 -57.01
C LEU K 11 -0.90 -30.54 -56.75
N VAL K 12 0.04 -31.45 -56.55
CA VAL K 12 1.43 -31.12 -56.23
C VAL K 12 2.32 -31.75 -57.30
N LYS K 13 3.15 -30.93 -57.94
CA LYS K 13 4.08 -31.44 -58.94
C LYS K 13 5.28 -32.07 -58.26
N PRO K 14 5.97 -33.01 -58.93
CA PRO K 14 7.17 -33.60 -58.32
C PRO K 14 8.36 -32.64 -58.38
N THR K 15 9.32 -32.92 -57.50
CA THR K 15 10.64 -32.32 -57.44
C THR K 15 10.63 -30.90 -56.85
N GLN K 16 9.46 -30.32 -56.58
CA GLN K 16 9.37 -28.96 -56.04
C GLN K 16 9.26 -29.02 -54.53
N THR K 17 8.99 -27.88 -53.91
CA THR K 17 8.85 -27.76 -52.46
C THR K 17 7.39 -27.47 -52.13
N LEU K 18 6.85 -28.22 -51.16
CA LEU K 18 5.49 -28.06 -50.69
C LEU K 18 5.50 -27.61 -49.23
N THR K 19 4.42 -26.91 -48.84
CA THR K 19 4.28 -26.40 -47.49
C THR K 19 2.93 -26.84 -46.93
N LEU K 20 2.97 -27.45 -45.75
CA LEU K 20 1.78 -27.86 -45.02
C LEU K 20 1.70 -27.06 -43.72
N THR K 21 0.54 -26.47 -43.46
CA THR K 21 0.31 -25.66 -42.27
C THR K 21 -0.90 -26.20 -41.53
N CYS K 22 -0.73 -26.45 -40.23
CA CYS K 22 -1.80 -26.91 -39.35
C CYS K 22 -2.06 -25.81 -38.32
N THR K 23 -3.30 -25.32 -38.27
CA THR K 23 -3.69 -24.26 -37.36
C THR K 23 -4.29 -24.86 -36.09
N PHE K 24 -3.96 -24.28 -34.95
CA PHE K 24 -4.42 -24.77 -33.66
C PHE K 24 -5.03 -23.61 -32.87
N SER K 25 -5.90 -23.96 -31.92
CA SER K 25 -6.52 -22.98 -31.04
C SER K 25 -6.89 -23.67 -29.74
N GLY K 26 -7.11 -22.87 -28.70
CA GLY K 26 -7.48 -23.38 -27.40
C GLY K 26 -6.32 -23.74 -26.50
N PHE K 27 -5.08 -23.63 -26.98
CA PHE K 27 -3.91 -23.92 -26.17
C PHE K 27 -2.71 -23.21 -26.78
N SER K 28 -1.59 -23.28 -26.07
CA SER K 28 -0.33 -22.66 -26.49
C SER K 28 0.73 -23.74 -26.66
N MET K 29 1.63 -23.51 -27.61
CA MET K 29 2.69 -24.46 -27.90
C MET K 29 3.93 -24.26 -27.02
N SER K 30 3.90 -23.28 -26.11
CA SER K 30 5.01 -23.05 -25.19
C SER K 30 4.79 -23.66 -23.81
N ASN K 31 3.57 -24.04 -23.47
CA ASN K 31 3.27 -24.58 -22.16
C ASN K 31 3.69 -26.05 -22.08
N PHE K 32 3.71 -26.57 -20.85
CA PHE K 32 4.14 -27.93 -20.62
C PHE K 32 3.18 -28.94 -21.25
N GLY K 33 3.74 -29.95 -21.90
CA GLY K 33 2.96 -31.03 -22.46
C GLY K 33 2.45 -30.79 -23.87
N SER K 34 2.69 -29.63 -24.45
CA SER K 34 2.21 -29.33 -25.80
C SER K 34 3.07 -30.04 -26.85
N GLY K 35 2.42 -30.42 -27.94
CA GLY K 35 3.11 -31.09 -29.03
C GLY K 35 2.16 -31.49 -30.14
N ILE K 36 2.61 -31.40 -31.39
CA ILE K 36 1.79 -31.72 -32.56
C ILE K 36 2.56 -32.69 -33.43
N TYR K 37 1.88 -33.73 -33.89
CA TYR K 37 2.44 -34.77 -34.74
C TYR K 37 1.97 -34.59 -36.19
N TRP K 38 2.60 -35.35 -37.09
CA TRP K 38 2.22 -35.38 -38.49
C TRP K 38 2.16 -36.83 -38.94
N ILE K 39 1.01 -37.24 -39.47
CA ILE K 39 0.74 -38.63 -39.83
C ILE K 39 0.32 -38.68 -41.28
N ARG K 40 0.86 -39.66 -42.01
CA ARG K 40 0.48 -39.94 -43.40
C ARG K 40 -0.23 -41.28 -43.49
N GLN K 41 -1.14 -41.38 -44.45
CA GLN K 41 -1.86 -42.63 -44.71
C GLN K 41 -2.18 -42.68 -46.20
N PRO K 42 -1.36 -43.36 -47.00
CA PRO K 42 -1.76 -43.63 -48.38
C PRO K 42 -3.05 -44.43 -48.39
N PRO K 43 -3.84 -44.32 -49.46
CA PRO K 43 -5.21 -44.86 -49.41
C PRO K 43 -5.22 -46.38 -49.36
N GLY K 44 -5.97 -46.93 -48.41
CA GLY K 44 -6.15 -48.35 -48.30
C GLY K 44 -5.07 -49.11 -47.55
N LYS K 45 -4.20 -48.41 -46.82
CA LYS K 45 -3.14 -49.06 -46.06
C LYS K 45 -2.91 -48.30 -44.76
N ALA K 46 -1.93 -48.75 -43.98
CA ALA K 46 -1.75 -48.29 -42.62
C ALA K 46 -1.19 -46.86 -42.60
N LEU K 47 -1.08 -46.33 -41.38
CA LEU K 47 -0.59 -44.98 -41.16
C LEU K 47 0.93 -44.94 -41.17
N GLU K 48 1.47 -43.73 -41.24
CA GLU K 48 2.91 -43.51 -41.22
C GLU K 48 3.20 -42.20 -40.50
N TRP K 49 4.23 -42.20 -39.65
CA TRP K 49 4.60 -41.05 -38.86
C TRP K 49 5.70 -40.26 -39.58
N LEU K 50 5.49 -38.95 -39.72
CA LEU K 50 6.46 -38.10 -40.40
C LEU K 50 7.44 -37.46 -39.43
N ALA K 51 6.93 -36.69 -38.47
CA ALA K 51 7.77 -36.00 -37.51
C ALA K 51 6.87 -35.46 -36.40
N GLY K 52 7.50 -34.89 -35.38
CA GLY K 52 6.77 -34.28 -34.28
C GLY K 52 7.62 -33.22 -33.62
N ILE K 53 6.94 -32.22 -33.07
CA ILE K 53 7.61 -31.05 -32.48
C ILE K 53 6.95 -30.76 -31.14
N TYR K 54 7.77 -30.58 -30.11
CA TYR K 54 7.31 -30.40 -28.74
C TYR K 54 7.44 -28.93 -28.33
N TRP K 55 6.92 -28.63 -27.13
CA TRP K 55 7.02 -27.29 -26.58
C TRP K 55 8.44 -26.91 -26.20
N THR K 56 9.36 -27.87 -26.13
CA THR K 56 10.75 -27.60 -25.80
C THR K 56 11.58 -27.20 -27.02
N ASP K 57 10.94 -26.92 -28.15
CA ASP K 57 11.65 -26.56 -29.39
C ASP K 57 12.52 -27.72 -29.88
N SER K 58 12.13 -28.95 -29.55
CA SER K 58 12.85 -30.14 -29.97
C SER K 58 12.10 -30.81 -31.11
N LYS K 59 12.80 -31.04 -32.23
CA LYS K 59 12.21 -31.58 -33.44
C LYS K 59 12.73 -33.00 -33.67
N TYR K 60 11.80 -33.93 -33.89
CA TYR K 60 12.12 -35.34 -34.10
C TYR K 60 11.52 -35.79 -35.43
N TYR K 61 12.36 -36.35 -36.29
CA TYR K 61 11.95 -36.77 -37.63
C TYR K 61 12.16 -38.27 -37.79
N ASN K 62 11.49 -38.84 -38.78
CA ASN K 62 11.71 -40.23 -39.13
C ASN K 62 13.09 -40.40 -39.76
N LEU K 63 13.72 -41.54 -39.49
CA LEU K 63 15.07 -41.77 -39.99
C LEU K 63 15.09 -41.83 -41.52
N SER K 64 14.07 -42.45 -42.12
CA SER K 64 14.06 -42.65 -43.57
C SER K 64 13.87 -41.35 -44.33
N LEU K 65 13.35 -40.30 -43.69
CA LEU K 65 13.04 -39.03 -44.34
C LEU K 65 13.58 -37.87 -43.53
N LYS K 66 14.76 -38.03 -42.93
CA LYS K 66 15.36 -36.97 -42.13
C LYS K 66 15.71 -35.77 -42.99
N THR K 67 16.44 -36.00 -44.10
CA THR K 67 16.89 -34.90 -44.92
C THR K 67 15.73 -34.22 -45.66
N ARG K 68 14.67 -34.97 -45.95
CA ARG K 68 13.55 -34.42 -46.71
C ARG K 68 12.58 -33.61 -45.86
N LEU K 69 12.73 -33.61 -44.54
CA LEU K 69 11.75 -33.00 -43.64
C LEU K 69 12.41 -31.94 -42.77
N THR K 70 11.74 -30.80 -42.64
CA THR K 70 12.13 -29.75 -41.70
C THR K 70 10.87 -29.06 -41.23
N ILE K 71 10.67 -29.01 -39.91
CA ILE K 71 9.45 -28.51 -39.31
C ILE K 71 9.75 -27.20 -38.58
N SER K 72 8.70 -26.43 -38.33
CA SER K 72 8.82 -25.13 -37.67
C SER K 72 7.51 -24.80 -36.97
N LYS K 73 7.57 -23.82 -36.08
CA LYS K 73 6.40 -23.32 -35.36
C LYS K 73 6.34 -21.81 -35.49
N ASP K 74 5.15 -21.26 -35.27
CA ASP K 74 4.92 -19.82 -35.26
C ASP K 74 4.13 -19.46 -34.02
N THR K 75 4.76 -18.72 -33.10
CA THR K 75 4.08 -18.30 -31.88
C THR K 75 3.08 -17.19 -32.16
N SER K 76 3.44 -16.25 -33.04
CA SER K 76 2.55 -15.13 -33.34
C SER K 76 1.34 -15.61 -34.13
N LYS K 77 1.57 -16.21 -35.29
CA LYS K 77 0.48 -16.71 -36.12
C LYS K 77 -0.23 -17.91 -35.52
N SER K 78 0.35 -18.55 -34.49
CA SER K 78 -0.23 -19.71 -33.84
C SER K 78 -0.49 -20.83 -34.84
N GLN K 79 0.61 -21.30 -35.46
CA GLN K 79 0.53 -22.35 -36.46
C GLN K 79 1.85 -23.10 -36.49
N VAL K 80 1.82 -24.29 -37.07
CA VAL K 80 3.01 -25.11 -37.30
C VAL K 80 3.13 -25.35 -38.80
N ILE K 81 4.33 -25.13 -39.34
CA ILE K 81 4.58 -25.20 -40.77
C ILE K 81 5.49 -26.38 -41.05
N LEU K 82 5.07 -27.25 -41.96
CA LEU K 82 5.85 -28.41 -42.38
C LEU K 82 6.27 -28.23 -43.84
N ILE K 83 7.56 -28.41 -44.10
CA ILE K 83 8.12 -28.24 -45.44
C ILE K 83 8.68 -29.58 -45.88
N MET K 84 8.32 -29.99 -47.10
CA MET K 84 8.81 -31.22 -47.71
C MET K 84 9.30 -30.91 -49.12
N THR K 85 10.34 -31.64 -49.54
CA THR K 85 10.96 -31.43 -50.84
C THR K 85 11.22 -32.77 -51.50
N ASN K 86 11.29 -32.74 -52.84
CA ASN K 86 11.60 -33.92 -53.64
C ASN K 86 10.59 -35.03 -53.40
N MET K 87 9.34 -34.74 -53.76
CA MET K 87 8.28 -35.74 -53.61
C MET K 87 8.43 -36.84 -54.65
N ASP K 88 7.64 -37.89 -54.48
CA ASP K 88 7.64 -39.06 -55.35
C ASP K 88 6.21 -39.44 -55.65
N PRO K 89 5.98 -40.26 -56.68
CA PRO K 89 4.59 -40.69 -56.96
C PRO K 89 3.94 -41.41 -55.80
N VAL K 90 4.73 -42.09 -54.95
CA VAL K 90 4.18 -42.76 -53.77
C VAL K 90 3.80 -41.80 -52.66
N ASP K 91 4.04 -40.50 -52.85
CA ASP K 91 3.68 -39.50 -51.83
C ASP K 91 2.18 -39.26 -51.76
N THR K 92 1.38 -39.82 -52.67
CA THR K 92 -0.06 -39.64 -52.66
C THR K 92 -0.63 -40.23 -51.39
N ALA K 93 -1.07 -39.38 -50.46
CA ALA K 93 -1.58 -39.84 -49.17
C ALA K 93 -2.30 -38.68 -48.50
N THR K 94 -2.98 -39.00 -47.40
CA THR K 94 -3.72 -38.02 -46.62
C THR K 94 -2.86 -37.59 -45.44
N TYR K 95 -2.75 -36.28 -45.23
CA TYR K 95 -1.93 -35.70 -44.17
C TYR K 95 -2.81 -35.37 -42.96
N TYR K 96 -2.40 -35.84 -41.79
CA TYR K 96 -3.10 -35.59 -40.54
C TYR K 96 -2.17 -34.88 -39.58
N CYS K 97 -2.64 -33.77 -39.00
CA CYS K 97 -1.95 -33.10 -37.90
C CYS K 97 -2.75 -33.32 -36.63
N ALA K 98 -2.09 -33.81 -35.58
CA ALA K 98 -2.77 -34.24 -34.37
C ALA K 98 -2.00 -33.75 -33.15
N ASP K 99 -2.72 -33.61 -32.03
CA ASP K 99 -2.17 -33.18 -30.76
C ASP K 99 -2.01 -34.36 -29.82
N ILE K 100 -0.97 -34.31 -29.00
CA ILE K 100 -0.57 -35.45 -28.16
C ILE K 100 -0.77 -35.10 -26.70
N ARG K 101 -1.12 -36.13 -25.92
CA ARG K 101 -1.18 -36.06 -24.47
C ARG K 101 -0.15 -37.03 -23.91
N GLY K 102 0.57 -36.60 -22.87
CA GLY K 102 1.70 -37.35 -22.37
C GLY K 102 1.80 -37.30 -20.85
N ARG K 103 2.85 -37.95 -20.35
CA ARG K 103 3.14 -38.06 -18.93
C ARG K 103 4.62 -37.77 -18.70
N TYR K 104 4.96 -37.42 -17.46
CA TYR K 104 6.33 -37.15 -17.07
C TYR K 104 6.68 -37.93 -15.81
N TYR K 105 7.89 -38.47 -15.79
CA TYR K 105 8.40 -39.21 -14.64
C TYR K 105 9.91 -39.14 -14.64
N TYR K 106 10.50 -39.43 -13.47
CA TYR K 106 11.93 -39.30 -13.25
C TYR K 106 12.59 -40.67 -13.21
N SER K 107 13.61 -40.88 -14.04
CA SER K 107 14.42 -42.09 -14.01
C SER K 107 15.81 -41.72 -14.52
N ASN K 108 16.74 -41.45 -13.59
CA ASN K 108 18.06 -40.94 -13.95
C ASN K 108 17.94 -39.69 -14.82
N GLY K 109 16.99 -38.83 -14.46
CA GLY K 109 16.67 -37.65 -15.24
C GLY K 109 15.21 -37.66 -15.64
N PHE K 110 14.59 -36.47 -15.69
CA PHE K 110 13.18 -36.39 -16.03
C PHE K 110 12.95 -36.83 -17.47
N LEU K 111 11.89 -37.61 -17.67
CA LEU K 111 11.56 -38.17 -18.98
C LEU K 111 10.12 -37.87 -19.31
N PHE K 112 9.83 -37.76 -20.60
CA PHE K 112 8.48 -37.52 -21.11
C PHE K 112 8.11 -38.68 -22.04
N ASP K 113 6.97 -39.31 -21.77
CA ASP K 113 6.46 -40.40 -22.59
C ASP K 113 5.01 -40.10 -22.98
N VAL K 114 4.70 -40.36 -24.25
CA VAL K 114 3.38 -40.05 -24.79
C VAL K 114 2.44 -41.21 -24.50
N VAL K 115 1.37 -40.94 -23.76
CA VAL K 115 0.35 -41.96 -23.53
C VAL K 115 -0.50 -42.20 -24.77
N GLY K 116 -0.53 -41.25 -25.69
CA GLY K 116 -1.27 -41.40 -26.94
C GLY K 116 -1.52 -40.06 -27.58
N VAL K 117 -1.91 -40.12 -28.85
CA VAL K 117 -2.26 -38.93 -29.62
C VAL K 117 -3.78 -38.80 -29.57
N GLU K 118 -4.26 -37.73 -28.93
CA GLU K 118 -5.67 -37.60 -28.59
C GLU K 118 -6.48 -36.88 -29.68
N SER K 119 -6.11 -35.64 -29.97
CA SER K 119 -6.87 -34.80 -30.89
C SER K 119 -6.25 -34.88 -32.28
N TRP K 120 -7.05 -35.28 -33.25
CA TRP K 120 -6.64 -35.42 -34.65
C TRP K 120 -7.27 -34.29 -35.46
N GLY K 121 -6.88 -34.22 -36.74
CA GLY K 121 -7.42 -33.28 -37.68
C GLY K 121 -8.36 -33.94 -38.67
N GLN K 122 -9.02 -33.10 -39.47
CA GLN K 122 -9.96 -33.61 -40.47
C GLN K 122 -9.23 -34.28 -41.63
N GLY K 123 -8.03 -33.81 -41.95
CA GLY K 123 -7.22 -34.38 -43.01
C GLY K 123 -7.23 -33.53 -44.26
N VAL K 124 -6.11 -33.57 -44.98
CA VAL K 124 -5.97 -32.88 -46.26
C VAL K 124 -5.34 -33.86 -47.25
N VAL K 125 -5.88 -33.91 -48.46
CA VAL K 125 -5.47 -34.86 -49.48
C VAL K 125 -4.49 -34.17 -50.43
N VAL K 126 -3.38 -34.85 -50.73
CA VAL K 126 -2.38 -34.37 -51.66
C VAL K 126 -2.20 -35.41 -52.75
N THR K 127 -2.09 -34.95 -53.99
CA THR K 127 -1.95 -35.83 -55.15
C THR K 127 -0.72 -35.42 -55.95
N VAL K 128 -0.04 -36.41 -56.51
CA VAL K 128 1.14 -36.20 -57.35
C VAL K 128 0.77 -36.62 -58.76
N SER K 129 0.44 -35.66 -59.61
CA SER K 129 0.04 -35.92 -60.99
C SER K 129 0.27 -34.65 -61.79
N SER K 130 -0.27 -34.63 -63.01
CA SER K 130 -0.14 -33.47 -63.89
C SER K 130 -1.41 -33.28 -64.73
N SER L 2 12.28 -53.48 -35.97
CA SER L 2 11.98 -52.24 -35.26
C SER L 2 10.56 -51.74 -35.58
N VAL L 3 9.68 -52.67 -35.93
CA VAL L 3 8.29 -52.36 -36.26
C VAL L 3 7.39 -53.39 -35.59
N LEU L 4 6.29 -52.92 -35.01
CA LEU L 4 5.37 -53.83 -34.35
C LEU L 4 4.69 -54.74 -35.36
N THR L 5 4.61 -56.03 -35.05
CA THR L 5 3.98 -57.03 -35.90
C THR L 5 2.76 -57.58 -35.18
N GLN L 6 1.61 -57.54 -35.86
CA GLN L 6 0.36 -58.02 -35.32
C GLN L 6 -0.39 -58.77 -36.40
N PRO L 7 -1.31 -59.66 -36.04
CA PRO L 7 -1.98 -60.49 -37.05
C PRO L 7 -3.03 -59.70 -37.79
N PRO L 8 -2.88 -59.47 -39.10
CA PRO L 8 -3.95 -58.81 -39.85
C PRO L 8 -5.10 -59.76 -40.15
N SER L 9 -6.26 -59.16 -40.42
CA SER L 9 -7.47 -59.91 -40.78
C SER L 9 -7.87 -60.87 -39.66
N ALA L 10 -8.13 -60.28 -38.49
CA ALA L 10 -8.60 -61.04 -37.32
C ALA L 10 -10.13 -61.02 -37.26
N SER L 11 -10.74 -61.49 -38.35
CA SER L 11 -12.18 -61.54 -38.44
C SER L 11 -12.74 -62.76 -37.73
N GLU L 12 -13.84 -62.58 -37.03
CA GLU L 12 -14.48 -63.67 -36.30
C GLU L 12 -15.93 -63.28 -36.01
N ALA L 13 -16.70 -64.24 -35.51
CA ALA L 13 -18.12 -64.05 -35.28
C ALA L 13 -18.35 -63.02 -34.16
N ALA L 14 -19.62 -62.74 -33.89
CA ALA L 14 -20.05 -61.75 -32.92
C ALA L 14 -20.64 -62.45 -31.70
N ARG L 15 -21.09 -61.64 -30.74
CA ARG L 15 -21.66 -62.13 -29.48
C ARG L 15 -20.68 -63.06 -28.76
N LYS L 16 -19.50 -62.52 -28.50
CA LYS L 16 -18.44 -63.25 -27.81
C LYS L 16 -17.35 -62.25 -27.46
N THR L 17 -16.25 -62.75 -26.90
CA THR L 17 -15.09 -61.94 -26.56
C THR L 17 -13.99 -62.19 -27.58
N VAL L 18 -13.46 -61.11 -28.15
CA VAL L 18 -12.40 -61.16 -29.14
C VAL L 18 -11.16 -60.51 -28.55
N THR L 19 -10.03 -61.22 -28.61
CA THR L 19 -8.76 -60.73 -28.09
C THR L 19 -7.77 -60.63 -29.24
N ILE L 20 -7.09 -59.48 -29.31
CA ILE L 20 -6.07 -59.24 -30.33
C ILE L 20 -4.79 -58.81 -29.64
N SER L 21 -3.66 -59.09 -30.28
CA SER L 21 -2.35 -58.78 -29.74
C SER L 21 -1.50 -58.12 -30.82
N CYS L 22 -0.59 -57.25 -30.38
CA CYS L 22 0.39 -56.63 -31.27
C CYS L 22 1.75 -56.72 -30.59
N SER L 23 2.70 -57.37 -31.25
CA SER L 23 4.02 -57.59 -30.68
C SER L 23 4.94 -56.42 -31.00
N GLY L 24 5.99 -56.30 -30.20
CA GLY L 24 6.97 -55.24 -30.36
C GLY L 24 8.33 -55.69 -29.89
N SER L 25 9.05 -54.79 -29.23
CA SER L 25 10.38 -55.05 -28.73
C SER L 25 10.57 -54.30 -27.42
N ARG L 26 11.73 -54.48 -26.79
CA ARG L 26 12.01 -53.80 -25.54
C ARG L 26 12.05 -52.29 -25.74
N SER L 27 12.60 -51.84 -26.86
CA SER L 27 12.72 -50.39 -27.10
C SER L 27 11.36 -49.73 -27.18
N ASN L 28 10.39 -50.38 -27.84
CA ASN L 28 9.09 -49.77 -28.11
C ASN L 28 8.05 -50.15 -27.07
N ILE L 29 7.76 -51.45 -26.92
CA ILE L 29 6.73 -51.87 -25.98
C ILE L 29 7.29 -51.96 -24.57
N GLY L 30 8.52 -52.46 -24.43
CA GLY L 30 9.06 -52.69 -23.09
C GLY L 30 9.28 -51.41 -22.31
N SER L 31 9.86 -50.41 -22.96
CA SER L 31 10.33 -49.20 -22.28
C SER L 31 9.42 -47.99 -22.48
N ASN L 32 8.27 -48.17 -23.13
CA ASN L 32 7.36 -47.05 -23.38
C ASN L 32 5.92 -47.57 -23.33
N SER L 33 4.97 -46.66 -23.51
CA SER L 33 3.56 -46.95 -23.47
C SER L 33 3.01 -47.18 -24.88
N VAL L 34 1.93 -47.94 -24.96
CA VAL L 34 1.28 -48.28 -26.22
C VAL L 34 -0.18 -47.86 -26.16
N SER L 35 -0.65 -47.24 -27.24
CA SER L 35 -2.01 -46.76 -27.36
C SER L 35 -2.65 -47.37 -28.59
N TRP L 36 -3.96 -47.62 -28.50
CA TRP L 36 -4.72 -48.26 -29.56
C TRP L 36 -5.67 -47.26 -30.20
N TYR L 37 -5.96 -47.48 -31.48
CA TYR L 37 -6.80 -46.58 -32.26
C TYR L 37 -7.73 -47.39 -33.15
N LYS L 38 -8.87 -46.79 -33.48
CA LYS L 38 -9.87 -47.38 -34.35
C LYS L 38 -10.15 -46.41 -35.50
N GLN L 39 -10.11 -46.92 -36.72
CA GLN L 39 -10.27 -46.08 -37.90
C GLN L 39 -11.07 -46.84 -38.95
N VAL L 40 -12.32 -46.41 -39.16
CA VAL L 40 -13.10 -46.85 -40.32
C VAL L 40 -12.52 -46.10 -41.52
N PRO L 41 -12.44 -46.70 -42.71
CA PRO L 41 -11.83 -46.00 -43.84
C PRO L 41 -12.59 -44.71 -44.18
N GLY L 42 -11.83 -43.69 -44.56
CA GLY L 42 -12.40 -42.42 -44.98
C GLY L 42 -12.47 -41.33 -43.94
N THR L 43 -11.88 -41.55 -42.75
CA THR L 43 -11.90 -40.54 -41.71
C THR L 43 -10.76 -40.81 -40.73
N ALA L 44 -10.51 -39.84 -39.86
CA ALA L 44 -9.40 -39.94 -38.93
C ALA L 44 -9.70 -41.00 -37.86
N PRO L 45 -8.66 -41.57 -37.21
CA PRO L 45 -8.92 -42.53 -36.13
C PRO L 45 -9.38 -41.87 -34.85
N LYS L 46 -9.69 -42.69 -33.85
CA LYS L 46 -10.06 -42.20 -32.52
C LYS L 46 -9.40 -43.09 -31.47
N LEU L 47 -9.20 -42.52 -30.28
CA LEU L 47 -8.49 -43.22 -29.21
C LEU L 47 -9.40 -44.21 -28.50
N LEU L 48 -8.83 -45.35 -28.13
CA LEU L 48 -9.50 -46.33 -27.28
C LEU L 48 -8.75 -46.57 -25.98
N ILE L 49 -7.43 -46.76 -26.04
CA ILE L 49 -6.62 -47.13 -24.89
C ILE L 49 -5.56 -46.06 -24.67
N LYS L 50 -5.45 -45.60 -23.42
CA LYS L 50 -4.45 -44.63 -23.00
C LYS L 50 -3.72 -45.17 -21.79
N TYR L 51 -2.39 -45.02 -21.78
CA TYR L 51 -1.55 -45.51 -20.69
C TYR L 51 -1.60 -47.03 -20.55
N ASN L 52 -2.01 -47.75 -21.60
CA ASN L 52 -1.98 -49.20 -21.67
C ASN L 52 -3.05 -49.88 -20.80
N ASP L 53 -3.80 -49.09 -20.02
CA ASP L 53 -4.83 -49.66 -19.17
C ASP L 53 -5.97 -48.71 -18.87
N GLN L 54 -5.98 -47.51 -19.44
CA GLN L 54 -6.98 -46.49 -19.17
C GLN L 54 -7.57 -46.04 -20.49
N ARG L 55 -8.78 -45.50 -20.45
CA ARG L 55 -9.52 -45.14 -21.65
C ARG L 55 -10.18 -43.78 -21.44
N PRO L 56 -10.27 -42.94 -22.48
CA PRO L 56 -10.87 -41.62 -22.30
C PRO L 56 -12.38 -41.72 -22.11
N SER L 57 -12.96 -40.60 -21.69
CA SER L 57 -14.40 -40.51 -21.49
C SER L 57 -15.09 -40.50 -22.85
N GLY L 58 -15.83 -41.57 -23.16
CA GLY L 58 -16.51 -41.68 -24.43
C GLY L 58 -16.41 -43.06 -25.05
N VAL L 59 -15.47 -43.88 -24.55
CA VAL L 59 -15.26 -45.24 -25.03
C VAL L 59 -16.08 -46.19 -24.18
N SER L 60 -16.71 -47.16 -24.84
CA SER L 60 -17.59 -48.09 -24.15
C SER L 60 -16.82 -48.92 -23.13
N ASP L 61 -17.56 -49.50 -22.18
CA ASP L 61 -16.96 -50.33 -21.16
C ASP L 61 -16.34 -51.60 -21.74
N ARG L 62 -16.72 -51.98 -22.95
CA ARG L 62 -16.27 -53.25 -23.53
C ARG L 62 -14.77 -53.21 -23.86
N PHE L 63 -14.30 -52.11 -24.43
CA PHE L 63 -12.92 -52.02 -24.89
C PHE L 63 -11.97 -52.01 -23.69
N SER L 64 -10.99 -52.90 -23.69
CA SER L 64 -9.99 -52.98 -22.64
C SER L 64 -8.73 -53.63 -23.18
N GLY L 65 -7.60 -53.33 -22.55
CA GLY L 65 -6.32 -53.87 -22.98
C GLY L 65 -5.35 -53.95 -21.82
N SER L 66 -4.18 -54.54 -22.11
CA SER L 66 -3.15 -54.71 -21.10
C SER L 66 -1.79 -54.82 -21.78
N LYS L 67 -0.74 -54.62 -20.98
CA LYS L 67 0.64 -54.69 -21.45
C LYS L 67 1.38 -55.71 -20.59
N SER L 68 2.13 -56.59 -21.25
CA SER L 68 2.90 -57.64 -20.56
C SER L 68 4.24 -57.80 -21.27
N GLY L 69 5.31 -57.37 -20.63
CA GLY L 69 6.63 -57.52 -21.20
C GLY L 69 6.75 -56.74 -22.50
N THR L 70 7.11 -57.44 -23.57
CA THR L 70 7.29 -56.84 -24.90
C THR L 70 6.05 -56.98 -25.78
N SER L 71 4.93 -57.42 -25.23
CA SER L 71 3.69 -57.61 -25.98
C SER L 71 2.54 -56.95 -25.23
N ALA L 72 1.51 -56.59 -25.99
CA ALA L 72 0.31 -55.96 -25.45
C ALA L 72 -0.92 -56.66 -26.02
N SER L 73 -2.09 -56.26 -25.52
CA SER L 73 -3.35 -56.86 -25.93
C SER L 73 -4.46 -55.84 -25.81
N LEU L 74 -5.56 -56.11 -26.53
CA LEU L 74 -6.74 -55.24 -26.53
C LEU L 74 -7.96 -56.17 -26.50
N ALA L 75 -8.46 -56.43 -25.30
CA ALA L 75 -9.60 -57.33 -25.12
C ALA L 75 -10.89 -56.57 -25.36
N ILE L 76 -11.71 -57.08 -26.28
CA ILE L 76 -13.00 -56.48 -26.63
C ILE L 76 -14.07 -57.55 -26.49
N SER L 77 -15.13 -57.22 -25.74
CA SER L 77 -16.26 -58.11 -25.50
C SER L 77 -17.53 -57.48 -26.04
N GLY L 78 -18.59 -58.27 -26.11
CA GLY L 78 -19.89 -57.78 -26.53
C GLY L 78 -19.86 -57.18 -27.92
N LEU L 79 -19.25 -57.90 -28.87
CA LEU L 79 -19.10 -57.37 -30.21
C LEU L 79 -20.45 -57.12 -30.86
N GLN L 80 -20.54 -56.02 -31.61
CA GLN L 80 -21.76 -55.60 -32.30
C GLN L 80 -21.46 -55.39 -33.78
N THR L 81 -22.52 -55.13 -34.54
CA THR L 81 -22.37 -54.88 -35.97
C THR L 81 -21.69 -53.54 -36.25
N GLU L 82 -21.58 -52.66 -35.25
CA GLU L 82 -20.95 -51.37 -35.39
C GLU L 82 -19.54 -51.32 -34.83
N ASP L 83 -18.98 -52.47 -34.43
CA ASP L 83 -17.66 -52.54 -33.82
C ASP L 83 -16.58 -53.00 -34.79
N GLU L 84 -16.82 -52.85 -36.10
CA GLU L 84 -15.84 -53.22 -37.12
C GLU L 84 -15.14 -51.98 -37.64
N ALA L 85 -13.81 -52.05 -37.68
CA ALA L 85 -12.96 -50.98 -38.20
C ALA L 85 -11.54 -51.50 -38.18
N ASP L 86 -10.62 -50.68 -38.69
CA ASP L 86 -9.20 -51.02 -38.69
C ASP L 86 -8.58 -50.58 -37.37
N TYR L 87 -7.90 -51.50 -36.71
CA TYR L 87 -7.32 -51.27 -35.39
C TYR L 87 -5.80 -51.24 -35.49
N TYR L 88 -5.19 -50.31 -34.74
CA TYR L 88 -3.75 -50.10 -34.76
C TYR L 88 -3.24 -49.99 -33.33
N CYS L 89 -1.95 -50.25 -33.17
CA CYS L 89 -1.24 -50.00 -31.92
C CYS L 89 0.07 -49.29 -32.22
N ALA L 90 0.39 -48.27 -31.44
CA ALA L 90 1.57 -47.45 -31.68
C ALA L 90 2.22 -47.12 -30.33
N THR L 91 3.52 -46.86 -30.39
CA THR L 91 4.30 -46.60 -29.18
C THR L 91 5.62 -45.94 -29.56
N TRP L 92 6.06 -45.00 -28.74
CA TRP L 92 7.38 -44.41 -28.90
C TRP L 92 8.46 -45.46 -28.62
N ASP L 93 9.59 -45.34 -29.33
CA ASP L 93 10.58 -46.40 -29.35
C ASP L 93 11.98 -45.95 -28.94
N ASP L 94 12.35 -44.72 -29.30
CA ASP L 94 13.66 -44.14 -28.97
C ASP L 94 14.80 -44.72 -29.80
N SER L 95 14.55 -45.77 -30.58
CA SER L 95 15.59 -46.28 -31.48
C SER L 95 15.81 -45.33 -32.64
N LEU L 96 14.73 -44.86 -33.25
CA LEU L 96 14.77 -43.76 -34.21
C LEU L 96 14.20 -42.47 -33.62
N ASN L 97 13.87 -42.47 -32.33
CA ASN L 97 13.22 -41.32 -31.69
C ASN L 97 11.92 -40.96 -32.41
N GLY L 98 11.03 -41.95 -32.50
CA GLY L 98 9.81 -41.78 -33.25
C GLY L 98 8.65 -42.59 -32.69
N TYR L 99 7.45 -42.16 -33.03
CA TYR L 99 6.21 -42.82 -32.58
C TYR L 99 5.71 -43.74 -33.69
N ILE L 100 6.49 -44.79 -33.94
CA ILE L 100 6.21 -45.70 -35.04
C ILE L 100 4.89 -46.43 -34.78
N PHE L 101 4.06 -46.55 -35.83
CA PHE L 101 2.75 -47.16 -35.73
C PHE L 101 2.84 -48.65 -36.09
N GLY L 102 1.71 -49.34 -35.98
CA GLY L 102 1.62 -50.74 -36.34
C GLY L 102 1.33 -50.92 -37.81
N VAL L 103 0.84 -52.11 -38.15
CA VAL L 103 0.55 -52.47 -39.54
C VAL L 103 -0.94 -52.43 -39.86
N GLY L 104 -1.81 -52.36 -38.85
CA GLY L 104 -3.23 -52.29 -39.10
C GLY L 104 -3.87 -53.66 -39.30
N THR L 105 -5.03 -53.86 -38.69
CA THR L 105 -5.78 -55.11 -38.76
C THR L 105 -7.15 -54.87 -39.38
N ARG L 106 -7.85 -55.96 -39.66
CA ARG L 106 -9.23 -55.94 -40.15
C ARG L 106 -10.07 -56.81 -39.26
N LEU L 107 -11.17 -56.25 -38.74
CA LEU L 107 -12.10 -56.96 -37.88
C LEU L 107 -13.45 -57.00 -38.59
N ILE L 108 -13.76 -58.13 -39.20
CA ILE L 108 -14.99 -58.31 -39.99
C ILE L 108 -15.81 -59.41 -39.33
N VAL L 109 -17.10 -59.12 -39.11
CA VAL L 109 -18.01 -60.10 -38.52
C VAL L 109 -18.58 -60.98 -39.63
C1 NAG M . -36.26 43.66 -3.29
C2 NAG M . -35.84 45.07 -2.85
C3 NAG M . -36.01 45.23 -1.35
C4 NAG M . -37.43 44.85 -0.93
C5 NAG M . -37.77 43.46 -1.44
C6 NAG M . -39.20 43.06 -1.16
C7 NAG M . -34.12 45.86 -4.43
C8 NAG M . -32.66 46.08 -4.65
N2 NAG M . -34.47 45.35 -3.24
O3 NAG M . -35.73 46.57 -0.98
O4 NAG M . -37.53 44.88 0.49
O5 NAG M . -37.60 43.41 -2.86
O6 NAG M . -39.46 41.74 -1.59
O7 NAG M . -34.97 46.14 -5.28
C1 NAG M . -38.31 46.03 0.88
C2 NAG M . -38.44 46.04 2.39
C3 NAG M . -39.21 47.28 2.85
C4 NAG M . -38.56 48.54 2.30
C5 NAG M . -38.41 48.43 0.78
C6 NAG M . -37.66 49.60 0.18
C7 NAG M . -38.47 43.68 3.04
C8 NAG M . -39.30 42.53 3.53
N2 NAG M . -39.11 44.84 2.86
O3 NAG M . -39.22 47.33 4.27
O4 NAG M . -39.36 49.68 2.61
O5 NAG M . -37.67 47.25 0.44
O6 NAG M . -36.26 49.37 0.20
O7 NAG M . -37.27 43.55 2.82
C1 NAG N . -35.24 21.54 -18.03
C2 NAG N . -35.56 20.82 -19.33
C3 NAG N . -34.90 21.54 -20.51
C4 NAG N . -35.29 23.01 -20.52
C5 NAG N . -34.98 23.64 -19.16
C6 NAG N . -35.44 25.08 -19.07
C7 NAG N . -35.90 18.44 -18.81
C8 NAG N . -35.28 17.07 -18.82
N2 NAG N . -35.12 19.43 -19.27
O3 NAG N . -35.30 20.92 -21.72
O4 NAG N . -34.56 23.69 -21.53
O5 NAG N . -35.65 22.92 -18.13
O6 NAG N . -35.51 25.69 -20.35
O7 NAG N . -37.04 18.64 -18.41
C1 NAG N . -35.40 23.86 -22.70
C2 NAG N . -34.53 24.38 -23.84
C3 NAG N . -35.37 24.55 -25.11
C4 NAG N . -36.09 23.25 -25.43
C5 NAG N . -36.90 22.78 -24.23
C6 NAG N . -37.56 21.43 -24.44
C7 NAG N . -34.55 26.73 -23.10
C8 NAG N . -33.71 27.92 -22.79
N2 NAG N . -33.88 25.63 -23.49
O3 NAG N . -34.52 24.92 -26.19
O4 NAG N . -36.98 23.45 -26.53
O5 NAG N . -36.04 22.64 -23.09
O6 NAG N . -37.41 20.60 -23.31
O7 NAG N . -35.77 26.75 -23.03
C1 NAG O . -3.67 34.57 -13.46
C2 NAG O . -4.98 34.62 -12.67
C3 NAG O . -5.16 35.98 -12.00
C4 NAG O . -3.94 36.30 -11.14
C5 NAG O . -2.68 36.24 -12.01
C6 NAG O . -1.41 36.48 -11.22
C7 NAG O . -6.65 33.12 -13.67
C8 NAG O . -7.82 33.01 -14.61
N2 NAG O . -6.12 34.34 -13.54
O3 NAG O . -6.33 35.96 -11.20
O4 NAG O . -4.07 37.59 -10.57
O5 NAG O . -2.57 34.93 -12.58
O6 NAG O . -1.52 36.03 -9.88
O7 NAG O . -6.22 32.15 -13.05
C1 NAG O . -4.07 37.47 -9.12
C2 NAG O . -4.21 38.86 -8.50
C3 NAG O . -4.21 38.77 -6.98
C4 NAG O . -5.26 37.78 -6.51
C5 NAG O . -5.12 36.44 -7.23
C6 NAG O . -6.22 35.46 -6.91
C7 NAG O . -1.84 39.50 -8.78
C8 NAG O . -0.90 40.53 -9.32
N2 NAG O . -3.14 39.76 -8.96
O3 NAG O . -4.48 40.06 -6.42
O4 NAG O . -5.13 37.55 -5.11
O5 NAG O . -5.13 36.63 -8.65
O6 NAG O . -7.48 35.91 -7.43
O7 NAG O . -1.45 38.48 -8.23
C1 BMA O . -6.14 38.28 -4.39
C2 BMA O . -6.55 37.41 -3.18
C3 BMA O . -7.44 38.20 -2.20
C4 BMA O . -6.88 39.62 -1.94
C5 BMA O . -6.58 40.33 -3.25
C6 BMA O . -5.96 41.71 -3.05
O2 BMA O . -5.42 36.98 -2.46
O3 BMA O . -7.57 37.54 -0.93
O4 BMA O . -7.83 40.38 -1.20
O5 BMA O . -5.64 39.54 -3.98
O6 BMA O . -4.69 41.52 -2.46
C1 MAN O . -8.06 36.19 -1.10
C2 MAN O . -9.50 36.11 -0.51
C3 MAN O . -9.46 36.14 1.02
C4 MAN O . -8.45 35.12 1.57
C5 MAN O . -7.07 35.40 0.97
C6 MAN O . -6.00 34.44 1.44
O2 MAN O . -10.12 34.87 -0.86
O3 MAN O . -10.75 35.91 1.58
O4 MAN O . -8.38 35.21 2.97
O5 MAN O . -7.16 35.27 -0.46
O6 MAN O . -6.09 34.36 2.86
C1 MAN O . -4.04 42.80 -2.32
C2 MAN O . -2.57 42.52 -1.90
C3 MAN O . -2.52 41.99 -0.47
C4 MAN O . -3.31 42.91 0.48
C5 MAN O . -4.75 43.05 -0.03
C6 MAN O . -5.59 43.99 0.82
O2 MAN O . -1.79 43.72 -1.89
O3 MAN O . -1.18 41.85 0.00
O4 MAN O . -3.33 42.35 1.79
O5 MAN O . -4.72 43.59 -1.37
O6 MAN O . -6.85 44.14 0.20
C1 NAG P . 20.20 22.77 -24.86
C2 NAG P . 21.06 24.01 -25.16
C3 NAG P . 21.66 24.57 -23.87
C4 NAG P . 20.59 24.78 -22.81
C5 NAG P . 19.75 23.51 -22.65
C6 NAG P . 18.57 23.70 -21.73
C7 NAG P . 22.98 22.81 -26.28
C8 NAG P . 22.98 21.74 -25.20
N2 NAG P . 22.07 23.79 -26.19
O3 NAG P . 22.29 25.82 -24.16
O4 NAG P . 21.17 25.13 -21.56
O5 NAG P . 19.22 23.10 -23.91
O6 NAG P . 17.71 24.74 -22.19
O7 NAG P . 23.78 22.75 -27.21
C1 NAG P . 20.60 26.37 -21.10
C2 NAG P . 20.89 26.57 -19.61
C3 NAG P . 20.28 27.90 -19.15
C4 NAG P . 20.77 29.05 -20.01
C5 NAG P . 20.61 28.74 -21.51
C6 NAG P . 21.34 29.74 -22.38
C7 NAG P . 19.15 25.17 -18.56
C8 NAG P . 18.90 23.98 -17.68
N2 NAG P . 20.44 25.46 -18.79
O3 NAG P . 20.62 28.12 -17.78
O4 NAG P . 19.98 30.20 -19.74
O5 NAG P . 21.15 27.46 -21.84
O6 NAG P . 22.73 29.75 -22.11
O7 NAG P . 18.23 25.80 -19.06
C1 BMA P . 20.42 30.95 -18.60
C2 BMA P . 20.25 32.42 -18.98
C3 BMA P . 20.38 33.34 -17.76
C4 BMA P . 19.57 32.81 -16.57
C5 BMA P . 19.96 31.36 -16.28
C6 BMA P . 19.17 30.77 -15.13
O2 BMA P . 18.94 32.65 -19.50
O3 BMA P . 19.95 34.67 -18.05
O4 BMA P . 19.84 33.59 -15.41
O5 BMA P . 19.68 30.58 -17.45
O6 BMA P . 19.56 29.41 -14.96
C1 MAN P . 19.05 28.96 -13.68
C2 MAN P . 19.85 27.70 -13.27
C3 MAN P . 19.48 26.52 -14.17
C4 MAN P . 17.96 26.35 -14.30
C5 MAN P . 17.28 27.67 -14.68
C6 MAN P . 15.77 27.56 -14.63
O2 MAN P . 19.52 27.28 -11.94
O3 MAN P . 20.04 25.31 -13.68
O4 MAN P . 17.67 25.37 -15.29
O5 MAN P . 17.66 28.70 -13.76
O6 MAN P . 15.43 27.20 -13.29
C1 MAN P . 14.01 26.94 -13.15
C2 MAN P . 13.80 26.55 -11.67
C3 MAN P . 14.47 25.21 -11.39
C4 MAN P . 13.97 24.15 -12.37
C5 MAN P . 14.21 24.61 -13.82
C6 MAN P . 13.62 23.67 -14.85
O2 MAN P . 12.42 26.33 -11.38
O3 MAN P . 14.25 24.79 -10.06
O4 MAN P . 14.67 22.93 -12.16
O5 MAN P . 13.59 25.91 -14.02
O6 MAN P . 14.25 22.40 -14.71
C1 MAN P . 11.88 27.51 -10.76
C2 MAN P . 10.56 27.10 -10.09
C3 MAN P . 9.54 26.71 -11.16
C4 MAN P . 9.41 27.82 -12.21
C5 MAN P . 10.79 28.16 -12.79
C6 MAN P . 10.75 29.31 -13.77
O2 MAN P . 9.97 28.19 -9.37
O3 MAN P . 8.28 26.40 -10.59
O4 MAN P . 8.54 27.38 -13.25
O5 MAN P . 11.67 28.52 -11.72
O6 MAN P . 12.08 29.83 -13.89
C1 MAN P . 21.18 24.92 -14.45
C2 MAN P . 21.42 23.43 -14.15
C3 MAN P . 21.74 23.27 -12.69
C4 MAN P . 22.94 24.17 -12.29
C5 MAN P . 22.67 25.63 -12.70
C6 MAN P . 23.88 26.50 -12.50
O2 MAN P . 22.54 22.92 -14.87
O3 MAN P . 22.03 21.91 -12.36
O4 MAN P . 23.15 24.10 -10.89
O5 MAN P . 22.31 25.68 -14.09
O6 MAN P . 23.54 27.84 -12.88
C1 MAN P . 21.08 35.48 -18.44
C2 MAN P . 20.63 36.95 -18.42
C3 MAN P . 19.59 37.16 -19.54
C4 MAN P . 20.19 36.75 -20.88
C5 MAN P . 20.62 35.28 -20.82
C6 MAN P . 21.31 34.81 -22.09
O2 MAN P . 21.73 37.82 -18.71
O3 MAN P . 19.08 38.49 -19.59
O4 MAN P . 19.22 36.92 -21.90
O5 MAN P . 21.55 35.11 -19.73
O6 MAN P . 22.71 34.87 -21.87
C1 MAN P . 21.49 39.15 -18.20
C2 MAN P . 22.18 40.15 -19.18
C3 MAN P . 23.69 40.09 -19.00
C4 MAN P . 24.08 40.28 -17.53
C5 MAN P . 23.39 39.20 -16.68
C6 MAN P . 23.66 39.35 -15.20
O2 MAN P . 21.81 41.49 -18.89
O3 MAN P . 24.36 41.06 -19.81
O4 MAN P . 25.48 40.19 -17.38
O5 MAN P . 21.96 39.28 -16.87
O6 MAN P . 23.30 38.13 -14.55
C1 NAG Q . 29.39 13.18 -28.94
C2 NAG Q . 30.36 12.79 -27.82
C3 NAG Q . 31.74 13.41 -28.07
C4 NAG Q . 32.24 13.04 -29.45
C5 NAG Q . 31.21 13.44 -30.50
C6 NAG Q . 31.59 13.02 -31.91
C7 NAG Q . 30.10 12.53 -25.39
C8 NAG Q . 29.48 13.09 -24.15
N2 NAG Q . 29.84 13.20 -26.53
O3 NAG Q . 32.65 12.96 -27.08
O4 NAG Q . 33.49 13.69 -29.71
O5 NAG Q . 29.95 12.81 -30.21
O6 NAG Q . 30.80 11.93 -32.35
O7 NAG Q . 30.81 11.54 -25.38
C1 NAG Q . 34.49 12.69 -30.03
C2 NAG Q . 35.80 13.39 -30.40
C3 NAG Q . 36.87 12.36 -30.73
C4 NAG Q . 37.02 11.36 -29.58
C5 NAG Q . 35.66 10.76 -29.21
C6 NAG Q . 35.72 9.89 -27.99
C7 NAG Q . 35.37 15.61 -31.46
C8 NAG Q . 35.35 16.22 -30.08
N2 NAG Q . 35.59 14.30 -31.54
O3 NAG Q . 38.11 13.01 -30.97
O4 NAG Q . 37.89 10.31 -29.98
O5 NAG Q . 34.72 11.81 -28.91
O6 NAG Q . 35.73 10.65 -26.78
O7 NAG Q . 35.22 16.29 -32.46
C1 BMA Q . 39.06 10.30 -29.13
C2 BMA Q . 39.68 8.88 -29.23
C3 BMA Q . 41.05 8.84 -28.57
C4 BMA Q . 41.93 10.00 -29.05
C5 BMA Q . 41.20 11.32 -28.78
C6 BMA Q . 41.99 12.55 -29.19
O2 BMA Q . 39.87 8.51 -30.59
O3 BMA Q . 41.72 7.59 -28.80
O4 BMA Q . 43.18 9.98 -28.37
O5 BMA Q . 39.98 11.31 -29.53
O6 BMA Q . 41.89 12.68 -30.61
C1 MAN Q . 41.35 6.67 -27.76
C2 MAN Q . 42.45 5.56 -27.68
C3 MAN Q . 42.39 4.68 -28.92
C4 MAN Q . 40.98 4.15 -29.14
C5 MAN Q . 39.98 5.31 -29.22
C6 MAN Q . 38.53 4.86 -29.35
O2 MAN Q . 42.20 4.68 -26.57
O3 MAN Q . 43.32 3.61 -28.85
O4 MAN Q . 40.92 3.40 -30.34
O5 MAN Q . 40.08 6.10 -28.01
O6 MAN Q . 38.08 4.50 -28.05
C1 MAN Q . 43.34 4.62 -25.70
C2 MAN Q . 43.01 3.58 -24.60
C3 MAN Q . 43.61 4.04 -23.28
C4 MAN Q . 44.99 4.67 -23.52
C5 MAN Q . 44.81 5.99 -24.31
C6 MAN Q . 46.00 6.31 -25.19
O2 MAN Q . 43.61 2.31 -24.89
O3 MAN Q . 43.72 2.96 -22.35
O4 MAN Q . 45.60 4.96 -22.27
O5 MAN Q . 43.64 5.89 -25.16
O6 MAN Q . 47.18 6.24 -24.39
C1 MAN Q . 42.90 13.62 -31.06
C2 MAN Q . 42.50 14.07 -32.49
C3 MAN Q . 42.70 12.92 -33.48
C4 MAN Q . 44.10 12.32 -33.34
C5 MAN Q . 44.33 11.87 -31.90
C6 MAN Q . 45.72 11.31 -31.66
O2 MAN Q . 43.35 15.13 -32.95
O3 MAN Q . 42.46 13.34 -34.82
O4 MAN Q . 44.23 11.20 -34.21
O5 MAN Q . 44.17 13.01 -31.03
O6 MAN Q . 45.80 10.88 -30.30
C1 NAG R . -45.49 32.29 0.48
C2 NAG R . -46.32 32.01 -0.77
C3 NAG R . -47.54 32.94 -0.82
C4 NAG R . -48.34 32.83 0.47
C5 NAG R . -47.42 33.08 1.67
C6 NAG R . -48.12 32.88 2.99
C7 NAG R . -44.86 33.25 -2.31
C8 NAG R . -44.08 33.19 -3.59
N2 NAG R . -45.53 32.13 -1.97
O3 NAG R . -48.35 32.58 -1.93
O4 NAG R . -49.38 33.80 0.47
O5 NAG R . -46.31 32.17 1.65
O6 NAG R . -47.20 32.54 4.02
O7 NAG R . -44.87 34.25 -1.60
C1 NAG R . -50.58 33.18 -0.03
C2 NAG R . -51.74 34.17 0.11
C3 NAG R . -53.02 33.58 -0.47
C4 NAG R . -52.78 33.12 -1.90
C5 NAG R . -51.60 32.18 -1.97
C6 NAG R . -51.24 31.79 -3.38
C7 NAG R . -51.56 35.71 2.03
C8 NAG R . -51.85 35.91 3.49
N2 NAG R . -51.93 34.54 1.51
O3 NAG R . -54.05 34.55 -0.43
O4 NAG R . -53.94 32.46 -2.39
O5 NAG R . -50.43 32.82 -1.41
O6 NAG R . -52.08 30.76 -3.86
O7 NAG R . -51.00 36.57 1.35
C1 NAG S . -5.02 58.57 -29.24
C2 NAG S . -3.78 59.47 -29.22
C3 NAG S . -3.90 60.48 -28.08
C4 NAG S . -5.21 61.25 -28.18
C5 NAG S . -6.38 60.28 -28.26
C6 NAG S . -7.70 60.98 -28.50
C7 NAG S . -1.36 59.14 -29.48
C8 NAG S . -0.20 58.21 -29.28
N2 NAG S . -2.56 58.68 -29.09
O3 NAG S . -2.79 61.38 -28.14
O4 NAG S . -5.38 62.07 -27.04
O5 NAG S . -6.20 59.38 -29.36
O6 NAG S . -8.14 61.67 -27.33
O7 NAG S . -1.22 60.26 -29.97
C1 NAG S . -4.73 63.35 -27.26
C2 NAG S . -5.64 64.46 -26.77
C3 NAG S . -4.95 65.82 -26.95
C4 NAG S . -3.59 65.81 -26.27
C5 NAG S . -2.76 64.63 -26.77
C6 NAG S . -1.44 64.49 -26.05
C7 NAG S . -8.13 64.68 -26.96
C8 NAG S . -8.17 65.00 -25.49
N2 NAG S . -6.92 64.43 -27.49
O3 NAG S . -5.77 66.85 -26.41
O4 NAG S . -2.91 67.02 -26.55
O5 NAG S . -3.48 63.41 -26.56
O6 NAG S . -1.62 63.96 -24.74
O7 NAG S . -9.14 64.63 -27.64
C1 NAG T . 3.19 54.30 -40.87
C2 NAG T . 2.02 54.39 -41.83
C3 NAG T . 1.71 55.86 -42.10
C4 NAG T . 1.55 56.65 -40.81
C5 NAG T . 2.70 56.38 -39.84
C6 NAG T . 2.48 56.97 -38.47
C7 NAG T . 1.44 52.95 -43.77
C8 NAG T . 0.04 52.86 -43.24
N2 NAG T . 2.32 53.69 -43.06
O3 NAG T . 0.53 55.97 -42.89
O4 NAG T . 1.55 58.04 -41.11
O5 NAG T . 2.87 54.97 -39.66
O6 NAG T . 1.53 58.02 -38.49
O7 NAG T . 1.77 52.39 -44.81
C1 NAG T . 0.22 58.61 -40.99
C2 NAG T . 0.39 60.12 -40.81
C3 NAG T . -0.96 60.79 -40.70
C4 NAG T . -1.83 60.42 -41.91
C5 NAG T . -1.90 58.91 -42.05
C6 NAG T . -2.64 58.48 -43.31
C7 NAG T . 2.53 60.56 -39.67
C8 NAG T . 3.20 60.86 -38.37
N2 NAG T . 1.20 60.41 -39.63
O3 NAG T . -0.80 62.21 -40.64
O4 NAG T . -3.14 60.95 -41.74
O5 NAG T . -0.58 58.35 -42.15
O6 NAG T . -1.83 58.62 -44.47
O7 NAG T . 3.16 60.45 -40.71
C1 NAG U . 2.23 39.44 -52.94
C2 NAG U . 2.53 38.32 -51.98
C3 NAG U . 2.49 36.99 -52.71
C4 NAG U . 1.23 36.83 -53.55
C5 NAG U . 0.85 38.11 -54.32
C6 NAG U . -0.57 38.11 -54.85
C7 NAG U . 4.08 38.10 -50.09
C8 NAG U . 5.47 38.39 -49.59
N2 NAG U . 3.82 38.51 -51.33
O3 NAG U . 2.60 35.93 -51.78
O4 NAG U . 1.49 35.77 -54.46
O5 NAG U . 0.95 39.27 -53.47
O6 NAG U . -0.59 37.87 -56.26
O7 NAG U . 3.26 37.53 -49.40
C1 NAG U . 0.41 35.23 -55.26
C2 NAG U . 1.03 34.18 -56.17
C3 NAG U . -0.04 33.55 -57.07
C4 NAG U . -1.19 33.02 -56.22
C5 NAG U . -1.71 34.12 -55.30
C6 NAG U . -2.80 33.64 -54.36
C7 NAG U . 3.19 34.07 -57.35
C8 NAG U . 4.18 34.82 -58.18
N2 NAG U . 2.09 34.75 -56.99
O3 NAG U . 0.54 32.49 -57.82
O4 NAG U . -2.24 32.56 -57.05
O5 NAG U . -0.65 34.64 -54.49
O6 NAG U . -4.00 33.37 -55.06
O7 NAG U . 3.36 32.90 -57.02
C1 NAG V . -6.36 38.29 -50.84
C2 NAG V . -7.22 38.36 -52.09
C3 NAG V . -6.64 39.36 -53.08
C4 NAG V . -6.45 40.71 -52.41
C5 NAG V . -5.64 40.56 -51.12
C6 NAG V . -5.54 41.84 -50.33
C7 NAG V . -6.32 36.30 -53.09
C8 NAG V . -6.65 34.97 -53.70
N2 NAG V . -7.36 37.05 -52.71
O3 NAG V . -7.52 39.49 -54.20
O4 NAG V . -5.75 41.59 -53.29
O5 NAG V . -6.26 39.59 -50.26
O6 NAG V . -5.37 41.59 -48.94
O7 NAG V . -5.16 36.67 -52.94
C1 NAG V . -6.71 42.37 -54.05
C2 NAG V . -5.95 43.44 -54.82
C3 NAG V . -6.90 44.25 -55.68
C4 NAG V . -7.73 43.32 -56.57
C5 NAG V . -8.40 42.25 -55.73
C6 NAG V . -9.14 41.22 -56.57
C7 NAG V . -4.12 45.00 -54.28
C8 NAG V . -3.50 45.85 -53.22
N2 NAG V . -5.22 44.32 -53.91
O3 NAG V . -6.17 45.17 -56.49
O4 NAG V . -8.71 44.07 -57.28
O5 NAG V . -7.43 41.53 -54.97
O6 NAG V . -9.91 40.35 -55.76
O7 NAG V . -3.65 44.92 -55.41
C1 NAG W . -18.24 36.21 -39.68
C2 NAG W . -18.29 36.66 -41.14
C3 NAG W . -19.68 37.20 -41.49
C4 NAG W . -20.75 36.18 -41.14
C5 NAG W . -20.62 35.79 -39.68
C6 NAG W . -21.60 34.72 -39.25
C7 NAG W . -16.81 37.93 -42.63
C8 NAG W . -15.76 38.99 -42.72
N2 NAG W . -17.27 37.66 -41.41
O3 NAG W . -19.73 37.52 -42.87
O4 NAG W . -22.03 36.70 -41.40
O5 NAG W . -19.30 35.27 -39.43
O6 NAG W . -20.96 33.46 -39.12
O7 NAG W . -17.22 37.35 -43.63
C1 NAG W . -22.66 35.86 -42.39
C2 NAG W . -24.16 36.19 -42.47
C3 NAG W . -24.83 35.35 -43.54
C4 NAG W . -24.11 35.51 -44.87
C5 NAG W . -22.63 35.22 -44.71
C6 NAG W . -21.83 35.48 -45.97
C7 NAG W . -24.89 36.93 -40.24
C8 NAG W . -25.57 36.54 -38.97
N2 NAG W . -24.79 35.98 -41.17
O3 NAG W . -26.19 35.74 -43.67
O4 NAG W . -24.67 34.61 -45.83
O5 NAG W . -22.07 36.06 -43.68
O6 NAG W . -21.21 36.76 -45.93
O7 NAG W . -24.44 38.06 -40.41
C1 NAG X . -14.98 45.62 -37.08
C2 NAG X . -16.19 46.17 -36.34
C3 NAG X . -16.97 47.14 -37.24
C4 NAG X . -16.04 48.22 -37.78
C5 NAG X . -14.85 47.58 -38.48
C6 NAG X . -13.82 48.58 -38.95
C7 NAG X . -16.91 44.51 -34.69
C8 NAG X . -17.90 43.41 -34.37
N2 NAG X . -17.06 45.10 -35.87
O3 NAG X . -18.02 47.74 -36.50
O4 NAG X . -16.74 49.06 -38.70
O5 NAG X . -14.17 46.70 -37.56
O6 NAG X . -13.48 49.50 -37.93
O7 NAG X . -16.03 44.82 -33.91
C1 NAG X . -16.79 50.39 -38.14
C2 NAG X . -17.30 51.36 -39.20
C3 NAG X . -17.41 52.76 -38.61
C4 NAG X . -18.26 52.75 -37.35
C5 NAG X . -17.74 51.70 -36.37
C6 NAG X . -18.61 51.54 -35.15
C7 NAG X . -15.12 51.64 -40.32
C8 NAG X . -14.39 51.58 -41.62
N2 NAG X . -16.42 51.36 -40.37
O3 NAG X . -17.98 53.64 -39.58
O4 NAG X . -18.22 54.03 -36.72
O5 NAG X . -17.67 50.42 -37.00
O6 NAG X . -19.87 50.99 -35.49
O7 NAG X . -14.55 51.91 -39.26
C1 BMA X . -19.51 54.60 -36.40
C2 BMA X . -19.97 55.46 -37.62
C3 BMA X . -21.35 56.05 -37.34
C4 BMA X . -22.34 54.96 -36.91
C5 BMA X . -21.79 54.20 -35.69
C6 BMA X . -22.69 53.07 -35.25
O2 BMA X . -20.10 54.65 -38.78
O3 BMA X . -21.86 56.76 -38.46
O4 BMA X . -23.59 55.55 -36.56
O5 BMA X . -20.51 53.62 -36.06
O6 BMA X . -23.19 53.38 -33.95
C1 NAG Y . -4.37 45.77 -37.74
C2 NAG Y . -5.26 44.59 -38.12
C3 NAG Y . -5.85 44.81 -39.50
C4 NAG Y . -6.54 46.16 -39.59
C5 NAG Y . -5.62 47.28 -39.11
C6 NAG Y . -6.30 48.62 -39.01
C7 NAG Y . -5.09 42.14 -37.99
C8 NAG Y . -4.17 40.96 -37.96
N2 NAG Y . -4.51 43.34 -38.07
O3 NAG Y . -6.80 43.77 -39.78
O4 NAG Y . -6.88 46.43 -40.95
O5 NAG Y . -5.13 46.98 -37.79
O6 NAG Y . -6.15 49.19 -37.71
O7 NAG Y . -6.32 42.02 -37.92
C1 NAG Y . -8.30 46.58 -41.12
C2 NAG Y . -8.55 47.67 -42.16
C3 NAG Y . -10.04 47.82 -42.41
C4 NAG Y . -10.65 46.49 -42.81
C5 NAG Y . -10.33 45.44 -41.75
C6 NAG Y . -10.81 44.05 -42.13
C7 NAG Y . -6.92 49.56 -42.25
C8 NAG Y . -6.26 48.90 -43.43
N2 NAG Y . -7.98 48.94 -41.71
O3 NAG Y . -10.25 48.78 -43.44
O4 NAG Y . -12.07 46.64 -42.92
O5 NAG Y . -8.91 45.35 -41.56
O6 NAG Y . -10.30 43.66 -43.39
O7 NAG Y . -6.51 50.63 -41.81
C1 BMA Y . -12.61 46.41 -44.26
C2 BMA Y . -12.22 47.59 -45.25
C3 BMA Y . -12.76 47.30 -46.65
C4 BMA Y . -12.47 45.85 -47.09
C5 BMA Y . -12.92 44.85 -46.02
C6 BMA Y . -12.67 43.41 -46.42
O2 BMA Y . -10.82 47.73 -45.40
O3 BMA Y . -12.24 48.21 -47.61
O4 BMA Y . -13.14 45.57 -48.31
O5 BMA Y . -12.20 45.15 -44.81
O6 BMA Y . -13.25 43.20 -47.71
C1 MAN Y . -13.02 49.43 -47.60
C2 MAN Y . -12.92 50.04 -49.03
C3 MAN Y . -11.53 50.60 -49.28
C4 MAN Y . -11.10 51.52 -48.13
C5 MAN Y . -11.18 50.75 -46.80
C6 MAN Y . -10.81 51.60 -45.60
O2 MAN Y . -13.81 51.15 -49.17
O3 MAN Y . -11.45 51.29 -50.52
O4 MAN Y . -9.76 51.96 -48.34
O5 MAN Y . -12.54 50.31 -46.62
O6 MAN Y . -9.43 51.36 -45.30
C1 MAN Y . -14.31 42.25 -47.61
C2 MAN Y . -14.74 41.86 -49.06
C3 MAN Y . -15.55 42.97 -49.71
C4 MAN Y . -16.69 43.42 -48.79
C5 MAN Y . -16.11 43.88 -47.46
C6 MAN Y . -17.17 44.33 -46.47
O2 MAN Y . -15.60 40.71 -49.06
O3 MAN Y . -16.07 42.59 -50.98
O4 MAN Y . -17.42 44.49 -49.39
O5 MAN Y . -15.40 42.78 -46.86
O6 MAN Y . -18.05 45.23 -47.14
C1 NAG Z . 13.18 -8.36 -33.64
C2 NAG Z . 13.60 -8.31 -35.11
C3 NAG Z . 12.66 -7.42 -35.91
C4 NAG Z . 11.21 -7.85 -35.70
C5 NAG Z . 10.89 -7.87 -34.22
C6 NAG Z . 9.49 -8.35 -33.91
C7 NAG Z . 16.01 -8.70 -35.26
C8 NAG Z . 17.36 -8.06 -35.41
N2 NAG Z . 14.97 -7.87 -35.25
O3 NAG Z . 12.99 -7.49 -37.29
O4 NAG Z . 10.33 -6.96 -36.39
O5 NAG Z . 11.80 -8.74 -33.54
O6 NAG Z . 9.15 -9.47 -34.72
O7 NAG Z . 15.89 -9.92 -35.15
C1 NAG Z . 9.82 -7.68 -37.54
C2 NAG Z . 8.43 -7.15 -37.91
C3 NAG Z . 7.91 -7.88 -39.14
C4 NAG Z . 8.92 -7.77 -40.28
C5 NAG Z . 10.29 -8.24 -39.83
C6 NAG Z . 11.36 -8.04 -40.87
C7 NAG Z . 7.18 -6.37 -35.89
C8 NAG Z . 7.82 -5.03 -36.06
N2 NAG Z . 7.50 -7.32 -36.79
O3 NAG Z . 6.66 -7.32 -39.53
O4 NAG Z . 8.48 -8.55 -41.38
O5 NAG Z . 10.70 -7.51 -38.67
O6 NAG Z . 11.00 -8.65 -42.11
O7 NAG Z . 6.38 -6.60 -34.98
C1 NAG AA . -47.08 13.81 28.70
C2 NAG AA . -47.66 12.88 29.76
C3 NAG AA . -48.55 11.82 29.11
C4 NAG AA . -49.61 12.49 28.25
C5 NAG AA . -48.94 13.42 27.23
C6 NAG AA . -49.94 14.20 26.41
C7 NAG AA . -46.06 12.80 31.64
C8 NAG AA . -44.98 12.01 32.30
N2 NAG AA . -46.60 12.25 30.53
O3 NAG AA . -49.17 11.05 30.13
O4 NAG AA . -50.34 11.49 27.54
O5 NAG AA . -48.15 14.39 27.94
O6 NAG AA . -49.29 14.99 25.43
O7 NAG AA . -46.43 13.89 32.07
C1 NAG AA . -51.66 11.39 28.12
C2 NAG AA . -52.44 10.33 27.34
C3 NAG AA . -53.83 10.15 27.94
C4 NAG AA . -53.71 9.85 29.43
C5 NAG AA . -52.88 10.91 30.13
C6 NAG AA . -52.63 10.60 31.59
C7 NAG AA . -51.58 10.44 25.04
C8 NAG AA . -51.87 10.88 23.63
N2 NAG AA . -52.56 10.69 25.93
O3 NAG AA . -54.51 9.08 27.29
O4 NAG AA . -55.01 9.81 30.02
O5 NAG AA . -51.59 11.01 29.50
O6 NAG AA . -51.47 9.79 31.76
O7 NAG AA . -50.54 9.89 25.35
C1 NAG BA . -28.80 29.74 17.85
C2 NAG BA . -28.09 31.10 17.80
C3 NAG BA . -27.41 31.39 19.14
C4 NAG BA . -28.42 31.27 20.28
C5 NAG BA . -29.12 29.91 20.22
C6 NAG BA . -30.21 29.77 21.26
C7 NAG BA . -27.40 31.52 15.48
C8 NAG BA . -26.27 31.49 14.51
N2 NAG BA . -27.10 31.13 16.74
O3 NAG BA . -26.86 32.70 19.12
O4 NAG BA . -27.76 31.41 21.54
O5 NAG BA . -29.73 29.73 18.94
O6 NAG BA . -29.99 30.60 22.38
O7 NAG BA . -28.53 31.88 15.16
C1 NAG BA . -27.95 32.75 22.03
C2 NAG BA . -27.05 32.94 23.25
C3 NAG BA . -27.19 34.35 23.81
C4 NAG BA . -26.94 35.37 22.70
C5 NAG BA . -27.85 35.09 21.51
C6 NAG BA . -27.58 36.00 20.33
C7 NAG BA . -28.55 31.80 24.83
C8 NAG BA . -28.66 30.74 25.89
N2 NAG BA . -27.34 31.96 24.29
O3 NAG BA . -26.25 34.54 24.85
O4 NAG BA . -27.20 36.69 23.18
O5 NAG BA . -27.64 33.75 21.05
O6 NAG BA . -27.56 35.27 19.11
O7 NAG BA . -29.51 32.49 24.51
C1 NAG CA . -13.80 3.56 34.45
C2 NAG CA . -15.14 3.76 33.77
C3 NAG CA . -16.25 3.02 34.53
C4 NAG CA . -15.88 1.56 34.68
C5 NAG CA . -14.53 1.45 35.38
C6 NAG CA . -14.04 0.03 35.53
C7 NAG CA . -15.23 5.90 32.54
C8 NAG CA . -15.62 7.34 32.61
N2 NAG CA . -15.46 5.18 33.65
O3 NAG CA . -17.47 3.14 33.81
O4 NAG CA . -16.88 0.88 35.44
O5 NAG CA . -13.54 2.15 34.61
O6 NAG CA . -14.50 -0.79 34.47
O7 NAG CA . -14.71 5.41 31.55
C1 NAG CA . -17.46 -0.16 34.62
C2 NAG CA . -18.53 -0.89 35.45
C3 NAG CA . -19.18 -1.98 34.61
C4 NAG CA . -19.68 -1.43 33.28
C5 NAG CA . -18.58 -0.65 32.57
C6 NAG CA . -19.06 0.05 31.32
C7 NAG CA . -16.96 -2.30 36.72
C8 NAG CA . -16.53 -2.75 38.08
N2 NAG CA . -17.98 -1.43 36.68
O3 NAG CA . -20.26 -2.56 35.33
O4 NAG CA . -20.09 -2.50 32.45
O5 NAG CA . -18.05 0.36 33.43
O6 NAG CA . -19.96 1.10 31.63
O7 NAG CA . -16.41 -2.69 35.69
C1 BMA CA . -21.53 -2.60 32.44
C2 BMA CA . -21.95 -3.02 31.00
C3 BMA CA . -23.44 -3.42 30.96
C4 BMA CA . -23.84 -4.31 32.15
C5 BMA CA . -23.38 -3.69 33.47
C6 BMA CA . -23.69 -4.57 34.66
O2 BMA CA . -21.21 -4.17 30.58
O3 BMA CA . -23.79 -4.10 29.74
O4 BMA CA . -25.25 -4.47 32.17
O5 BMA CA . -21.96 -3.53 33.41
O6 BMA CA . -22.90 -5.75 34.55
C1 MAN CA . -23.39 -3.34 28.59
C2 MAN CA . -24.69 -2.88 27.86
C3 MAN CA . -25.38 -4.04 27.14
C4 MAN CA . -24.36 -4.81 26.28
C5 MAN CA . -23.21 -5.28 27.16
C6 MAN CA . -22.16 -6.06 26.39
O2 MAN CA . -24.39 -1.91 26.84
O3 MAN CA . -26.46 -3.61 26.35
O4 MAN CA . -25.00 -5.94 25.69
O5 MAN CA . -22.57 -4.13 27.74
O6 MAN CA . -22.81 -7.04 25.60
C1 MAN CA . -23.11 -6.59 35.71
C2 MAN CA . -22.08 -7.74 35.64
C3 MAN CA . -22.43 -8.70 34.51
C4 MAN CA . -23.89 -9.14 34.60
C5 MAN CA . -24.80 -7.92 34.61
C6 MAN CA . -26.27 -8.27 34.76
O2 MAN CA . -22.10 -8.53 36.83
O3 MAN CA . -21.56 -9.84 34.49
O4 MAN CA . -24.22 -9.97 33.49
O5 MAN CA . -24.45 -7.08 35.72
O6 MAN CA . -27.01 -7.05 34.88
C1 NAG DA . 15.02 0.36 36.36
C2 NAG DA . 15.19 -0.25 37.75
C3 NAG DA . 14.79 -1.73 37.75
C4 NAG DA . 13.39 -1.90 37.15
C5 NAG DA . 13.29 -1.17 35.80
C6 NAG DA . 11.89 -1.16 35.25
C7 NAG DA . 17.72 -0.31 37.75
C8 NAG DA . 17.74 -0.85 36.34
N2 NAG DA . 16.53 -0.06 38.31
O3 NAG DA . 14.79 -2.20 39.08
O4 NAG DA . 13.10 -3.28 36.96
O5 NAG DA . 13.68 0.19 35.93
O6 NAG DA . 11.08 -0.20 35.93
O7 NAG DA . 18.77 -0.10 38.35
C1 NAG DA . 11.83 -3.60 37.59
C2 NAG DA . 11.28 -4.92 37.07
C3 NAG DA . 9.94 -5.20 37.74
C4 NAG DA . 10.10 -5.21 39.26
C5 NAG DA . 10.82 -3.96 39.76
C6 NAG DA . 11.24 -4.07 41.21
C7 NAG DA . 10.24 -4.28 34.91
C8 NAG DA . 10.31 -4.45 33.43
N2 NAG DA . 11.17 -4.94 35.62
O3 NAG DA . 9.44 -6.46 37.30
O4 NAG DA . 8.81 -5.21 39.86
O5 NAG DA . 12.03 -3.70 39.01
O6 NAG DA . 12.10 -5.20 41.40
O7 NAG DA . 9.42 -3.54 35.43
C1 BMA DA . 8.28 -6.53 40.04
C2 BMA DA . 7.59 -6.51 41.41
C3 BMA DA . 6.69 -7.73 41.62
C4 BMA DA . 5.82 -8.01 40.39
C5 BMA DA . 6.70 -8.10 39.16
C6 BMA DA . 5.89 -8.36 37.89
O2 BMA DA . 6.75 -5.37 41.53
O3 BMA DA . 5.86 -7.58 42.77
O4 BMA DA . 5.10 -9.21 40.58
O5 BMA DA . 7.38 -6.85 39.00
O6 BMA DA . 6.77 -8.31 36.78
C1 MAN DA . 6.06 -8.84 35.64
C2 MAN DA . 7.11 -9.32 34.60
C3 MAN DA . 7.82 -8.13 33.95
C4 MAN DA . 6.85 -7.04 33.50
C5 MAN DA . 5.86 -6.66 34.61
C6 MAN DA . 4.76 -5.74 34.11
O2 MAN DA . 6.49 -10.03 33.52
O3 MAN DA . 8.58 -8.56 32.82
O4 MAN DA . 7.58 -5.88 33.12
O5 MAN DA . 5.20 -7.85 35.09
O6 MAN DA . 4.06 -6.45 33.09
C1 MAN DA . 3.06 -5.62 32.46
C2 MAN DA . 2.40 -6.51 31.39
C3 MAN DA . 3.41 -6.83 30.30
C4 MAN DA . 4.01 -5.54 29.73
C5 MAN DA . 4.62 -4.69 30.85
C6 MAN DA . 5.09 -3.33 30.38
O2 MAN DA . 1.34 -5.82 30.72
O3 MAN DA . 2.83 -7.61 29.28
O4 MAN DA . 5.01 -5.85 28.78
O5 MAN DA . 3.64 -4.46 31.89
O6 MAN DA . 6.30 -3.50 29.65
C1 MAN DA . 0.09 -6.25 31.26
C2 MAN DA . -0.99 -5.82 30.26
C3 MAN DA . -1.07 -4.29 30.20
C4 MAN DA . -1.25 -3.71 31.61
C5 MAN DA . -0.11 -4.22 32.52
C6 MAN DA . -0.27 -3.77 33.96
O2 MAN DA . -2.29 -6.26 30.66
O3 MAN DA . -2.12 -3.85 29.35
O4 MAN DA . -1.20 -2.29 31.55
O5 MAN DA . -0.12 -5.66 32.52
O6 MAN DA . 0.32 -4.75 34.81
C1 MAN DA . 9.99 -8.59 33.10
C2 MAN DA . 10.68 -8.63 31.73
C3 MAN DA . 10.26 -9.89 31.00
C4 MAN DA . 10.51 -11.14 31.87
C5 MAN DA . 9.91 -10.99 33.28
C6 MAN DA . 10.37 -12.08 34.22
O2 MAN DA . 12.10 -8.71 31.87
O3 MAN DA . 10.91 -10.02 29.75
O4 MAN DA . 9.94 -12.29 31.26
O5 MAN DA . 10.31 -9.73 33.86
O6 MAN DA . 9.71 -11.90 35.47
C1 MAN DA . 6.48 -8.21 43.92
C2 MAN DA . 5.43 -8.28 45.05
C3 MAN DA . 5.10 -6.85 45.51
C4 MAN DA . 6.38 -6.15 45.96
C5 MAN DA . 7.38 -6.11 44.80
C6 MAN DA . 8.73 -5.53 45.18
O2 MAN DA . 5.95 -8.98 46.19
O3 MAN DA . 4.12 -6.80 46.54
O4 MAN DA . 6.09 -4.82 46.36
O5 MAN DA . 7.62 -7.47 44.33
O6 MAN DA . 9.54 -6.58 45.68
C1 MAN DA . 4.89 -9.53 46.99
C2 MAN DA . 5.39 -9.53 48.46
C3 MAN DA . 6.43 -10.62 48.67
C4 MAN DA . 5.89 -11.97 48.17
C5 MAN DA . 5.52 -11.86 46.70
C6 MAN DA . 4.93 -13.13 46.14
O2 MAN DA . 4.33 -9.81 49.37
O3 MAN DA . 6.84 -10.72 50.03
O4 MAN DA . 6.89 -12.97 48.34
O5 MAN DA . 4.52 -10.83 46.55
O6 MAN DA . 4.85 -13.01 44.72
C1 NAG EA . 28.36 0.09 32.70
C2 NAG EA . 28.77 -1.25 32.09
C3 NAG EA . 29.59 -2.07 33.07
C4 NAG EA . 30.78 -1.25 33.57
C5 NAG EA . 30.28 0.07 34.16
C6 NAG EA . 31.41 0.98 34.58
C7 NAG EA . 27.60 -2.83 30.61
C8 NAG EA . 26.30 -3.51 30.31
N2 NAG EA . 27.60 -2.00 31.65
O3 NAG EA . 30.05 -3.26 32.45
O4 NAG EA . 31.50 -1.99 34.55
O5 NAG EA . 29.52 0.78 33.16
O6 NAG EA . 31.54 2.10 33.71
O7 NAG EA . 28.60 -3.03 29.94
C1 NAG EA . 32.88 -2.13 34.13
C2 NAG EA . 33.67 -2.83 35.23
C3 NAG EA . 35.13 -2.99 34.80
C4 NAG EA . 35.22 -3.68 33.44
C5 NAG EA . 34.34 -2.97 32.41
C6 NAG EA . 34.26 -3.69 31.09
C7 NAG EA . 32.75 -2.35 37.49
C8 NAG EA . 31.80 -3.50 37.31
N2 NAG EA . 33.60 -2.10 36.48
O3 NAG EA . 35.83 -3.74 35.77
O4 NAG EA . 36.56 -3.67 32.98
O5 NAG EA . 32.99 -2.88 32.90
O6 NAG EA . 33.35 -4.78 31.13
O7 NAG EA . 32.75 -1.68 38.52
C1 BMA EA . 37.06 -5.01 32.85
C2 BMA EA . 38.25 -4.97 31.87
C3 BMA EA . 39.01 -6.30 31.87
C4 BMA EA . 39.31 -6.77 33.31
C5 BMA EA . 37.99 -6.86 34.09
C6 BMA EA . 38.16 -7.34 35.52
O2 BMA EA . 39.19 -3.98 32.27
O3 BMA EA . 40.22 -6.22 31.11
O4 BMA EA . 39.95 -8.04 33.28
O5 BMA EA . 37.43 -5.53 34.13
O6 BMA EA . 38.66 -6.26 36.29
C1 MAN EA . 39.94 -6.54 29.74
C2 MAN EA . 41.27 -7.00 29.06
C3 MAN EA . 42.22 -5.81 28.94
C4 MAN EA . 41.52 -4.64 28.24
C5 MAN EA . 40.23 -4.26 28.99
C6 MAN EA . 39.44 -3.16 28.31
O2 MAN EA . 41.02 -7.44 27.72
O3 MAN EA . 43.41 -6.16 28.25
O4 MAN EA . 42.38 -3.51 28.21
O5 MAN EA . 39.39 -5.43 29.07
O6 MAN EA . 38.70 -3.76 27.25
C1 MAN EA . 41.50 -8.78 27.53
C2 MAN EA . 41.27 -9.14 26.04
C3 MAN EA . 40.90 -10.60 25.91
C4 MAN EA . 41.70 -11.44 26.91
C5 MAN EA . 41.27 -11.07 28.34
C6 MAN EA . 42.38 -11.24 29.36
O2 MAN EA . 42.47 -8.97 25.28
O3 MAN EA . 41.09 -11.08 24.58
O4 MAN EA . 41.45 -12.82 26.69
O5 MAN EA . 40.83 -9.68 28.40
O6 MAN EA . 42.93 -12.55 29.20
C1 MAN EA . 39.14 -6.77 37.55
C2 MAN EA . 39.28 -5.58 38.53
C3 MAN EA . 40.43 -4.67 38.10
C4 MAN EA . 41.72 -5.49 37.89
C5 MAN EA . 41.45 -6.60 36.87
C6 MAN EA . 42.66 -7.49 36.63
O2 MAN EA . 39.60 -6.01 39.84
O3 MAN EA . 40.66 -3.63 39.05
O4 MAN EA . 42.76 -4.65 37.41
O5 MAN EA . 40.38 -7.43 37.36
O6 MAN EA . 42.32 -8.45 35.63
C1 NAG FA . -50.04 19.57 15.05
C2 NAG FA . -49.96 21.10 15.22
C3 NAG FA . -51.30 21.65 15.71
C4 NAG FA . -52.42 21.21 14.78
C5 NAG FA . -52.41 19.69 14.62
C6 NAG FA . -53.42 19.19 13.63
C7 NAG FA . -48.79 21.01 17.37
C8 NAG FA . -47.61 21.50 18.16
N2 NAG FA . -48.88 21.47 16.13
O3 NAG FA . -51.23 23.07 15.76
O4 NAG FA . -53.68 21.61 15.32
O5 NAG FA . -51.12 19.26 14.16
O6 NAG FA . -53.03 17.94 13.07
O7 NAG FA . -49.62 20.25 17.86
C1 NAG FA . -54.05 22.88 14.75
C2 NAG FA . -55.47 23.24 15.20
C3 NAG FA . -55.86 24.62 14.67
C4 NAG FA . -54.82 25.65 15.06
C5 NAG FA . -53.43 25.20 14.62
C6 NAG FA . -52.33 26.14 15.07
C7 NAG FA . -56.94 21.31 15.59
C8 NAG FA . -57.91 20.36 14.97
N2 NAG FA . -56.41 22.23 14.77
O3 NAG FA . -57.13 24.97 15.20
O4 NAG FA . -55.13 26.90 14.46
O5 NAG FA . -53.14 23.91 15.17
O6 NAG FA . -52.24 27.29 14.23
O7 NAG FA . -56.66 21.26 16.78
C1 NAG GA . -19.52 10.07 61.84
C2 NAG GA . -19.07 9.06 62.91
C3 NAG GA . -20.16 8.04 63.16
C4 NAG GA . -21.47 8.73 63.52
C5 NAG GA . -21.83 9.76 62.45
C6 NAG GA . -23.04 10.57 62.80
C7 NAG GA . -16.99 7.84 63.39
C8 NAG GA . -15.76 7.20 62.82
N2 NAG GA . -17.83 8.40 62.51
O3 NAG GA . -19.76 7.18 64.23
O4 NAG GA . -22.53 7.78 63.60
O5 NAG GA . -20.74 10.69 62.27
O6 NAG GA . -24.24 9.81 62.71
O7 NAG GA . -17.22 7.84 64.59
C1 NAG GA . -22.57 7.22 64.93
C2 NAG GA . -24.02 7.14 65.38
C3 NAG GA . -24.10 6.51 66.77
C4 NAG GA . -23.39 5.17 66.77
C5 NAG GA . -21.97 5.32 66.26
C6 NAG GA . -21.24 4.00 66.12
C7 NAG GA . -25.89 8.76 65.02
C8 NAG GA . -26.74 7.62 64.55
N2 NAG GA . -24.63 8.47 65.39
O3 NAG GA . -25.46 6.34 67.16
O4 NAG GA . -23.36 4.64 68.10
O5 NAG GA . -21.98 5.92 64.96
O6 NAG GA . -21.68 3.28 64.98
O7 NAG GA . -26.32 9.91 65.07
C1 NAG HA . -6.08 14.75 66.09
C2 NAG HA . -6.58 16.17 66.36
C3 NAG HA . -7.40 16.20 67.65
C4 NAG HA . -8.49 15.13 67.62
C5 NAG HA . -7.94 13.77 67.20
C6 NAG HA . -9.01 12.73 66.97
C7 NAG HA . -5.43 18.34 65.97
C8 NAG HA . -6.67 18.83 65.28
N2 NAG HA . -5.45 17.09 66.45
O3 NAG HA . -7.98 17.48 67.82
O4 NAG HA . -9.04 15.00 68.93
O5 NAG HA . -7.19 13.88 65.98
O6 NAG HA . -10.22 13.05 67.63
O7 NAG HA . -4.43 19.06 66.10
C1 NAG HA . -10.36 15.59 69.01
C2 NAG HA . -11.06 14.95 70.22
C3 NAG HA . -12.45 15.55 70.38
C4 NAG HA . -12.38 17.07 70.45
C5 NAG HA . -11.62 17.62 69.24
C6 NAG HA . -11.39 19.11 69.31
C7 NAG HA . -10.20 12.68 70.57
C8 NAG HA . -10.44 11.22 70.35
N2 NAG HA . -11.13 13.51 70.08
O3 NAG HA . -13.05 15.03 71.56
O4 NAG HA . -13.68 17.62 70.47
O5 NAG HA . -10.31 17.01 69.16
O6 NAG HA . -10.34 19.43 70.22
O7 NAG HA . -9.21 13.09 71.17
C1 NAG IA . 5.98 28.12 59.49
C2 NAG IA . 6.31 27.50 58.15
C3 NAG IA . 7.28 28.40 57.39
C4 NAG IA . 6.78 29.84 57.34
C5 NAG IA . 6.22 30.33 58.70
C6 NAG IA . 5.41 31.59 58.59
C7 NAG IA . 6.72 25.18 57.45
C8 NAG IA . 7.39 23.88 57.80
N2 NAG IA . 6.90 26.17 58.33
O3 NAG IA . 7.44 27.90 56.06
O4 NAG IA . 7.91 30.62 56.96
O5 NAG IA . 5.35 29.35 59.28
O6 NAG IA . 6.13 32.72 59.07
O7 NAG IA . 6.07 25.32 56.43
C1 NAG IA . 7.73 32.02 56.64
C2 NAG IA . 9.13 32.59 56.38
C3 NAG IA . 9.04 34.08 56.03
C4 NAG IA . 8.07 34.29 54.88
C5 NAG IA . 6.71 33.65 55.21
C6 NAG IA . 5.73 33.74 54.07
C7 NAG IA . 11.31 32.15 57.41
C8 NAG IA . 12.05 31.97 58.71
N2 NAG IA . 9.99 32.39 57.52
O3 NAG IA . 10.33 34.55 55.67
O4 NAG IA . 7.88 35.68 54.64
O5 NAG IA . 6.89 32.25 55.50
O6 NAG IA . 5.26 35.07 53.89
O7 NAG IA . 11.87 32.09 56.32
C1 NAG JA . -0.82 32.12 55.29
C2 NAG JA . -0.93 33.57 55.74
C3 NAG JA . -0.55 33.69 57.21
C4 NAG JA . -1.37 32.73 58.06
C5 NAG JA . -1.27 31.31 57.50
C6 NAG JA . -2.18 30.33 58.21
C7 NAG JA . 1.21 34.27 54.75
C8 NAG JA . 1.88 35.28 53.87
N2 NAG JA . -0.11 34.45 54.92
O3 NAG JA . -0.76 35.03 57.65
O4 NAG JA . -0.89 32.73 59.40
O5 NAG JA . -1.65 31.30 56.12
O6 NAG JA . -2.45 29.20 57.41
O7 NAG JA . 1.82 33.36 55.28
C1 NAG JA . -1.64 33.69 60.18
C2 NAG JA . -1.26 33.53 61.65
C3 NAG JA . -1.99 34.57 62.50
C4 NAG JA . -1.73 35.96 61.96
C5 NAG JA . -2.09 36.03 60.48
C6 NAG JA . -1.76 37.36 59.85
C7 NAG JA . -0.92 31.60 63.14
C8 NAG JA . -1.35 30.21 63.48
N2 NAG JA . -1.55 32.18 62.11
O3 NAG JA . -1.53 34.47 63.85
O4 NAG JA . -2.52 36.91 62.67
O5 NAG JA . -1.36 35.03 59.75
O6 NAG JA . -2.26 37.45 58.52
O7 NAG JA . -0.02 32.17 63.75
C1 NAG KA . -13.64 31.63 45.35
C2 NAG KA . -13.27 32.69 46.39
C3 NAG KA . -14.42 33.67 46.58
C4 NAG KA . -14.83 34.26 45.24
C5 NAG KA . -15.19 33.14 44.28
C6 NAG KA . -15.53 33.64 42.90
C7 NAG KA . -12.07 32.63 48.53
C8 NAG KA . -11.81 31.86 49.79
N2 NAG KA . -12.91 32.08 47.66
O3 NAG KA . -14.00 34.72 47.46
O4 NAG KA . -15.94 35.13 45.41
O5 NAG KA . -14.06 32.27 44.13
O6 NAG KA . -14.46 33.42 41.98
O7 NAG KA . -11.54 33.72 48.31
C1 NAG KA . -15.53 36.46 45.01
C2 NAG KA . -16.77 37.36 44.92
C3 NAG KA . -16.37 38.78 44.54
C4 NAG KA . -15.31 39.30 45.52
C5 NAG KA . -14.14 38.33 45.60
C6 NAG KA . -13.11 38.72 46.64
C7 NAG KA . -18.70 35.98 44.25
C8 NAG KA . -19.58 35.54 43.12
N2 NAG KA . -17.72 36.83 43.93
O3 NAG KA . -17.51 39.62 44.57
O4 NAG KA . -14.85 40.57 45.10
O5 NAG KA . -14.62 37.02 45.96
O6 NAG KA . -13.30 38.00 47.85
O7 NAG KA . -18.87 35.58 45.40
C1 NAG LA . -17.05 25.33 52.40
C2 NAG LA . -18.56 25.40 52.21
C3 NAG LA . -19.20 26.30 53.25
C4 NAG LA . -18.79 25.86 54.65
C5 NAG LA . -17.27 25.80 54.76
C6 NAG LA . -16.80 25.27 56.09
C7 NAG LA . -19.02 25.04 49.82
C8 NAG LA . -19.36 25.69 48.51
N2 NAG LA . -18.89 25.87 50.86
O3 NAG LA . -20.62 26.26 53.12
O4 NAG LA . -19.31 26.76 55.63
O5 NAG LA . -16.76 24.92 53.75
O6 NAG LA . -17.46 24.06 56.44
O7 NAG LA . -18.87 23.83 49.92
C1 NAG LA . -20.26 26.04 56.44
C2 NAG LA . -20.64 26.90 57.65
C3 NAG LA . -21.69 26.18 58.50
C4 NAG LA . -22.88 25.77 57.65
C5 NAG LA . -22.41 24.97 56.42
C6 NAG LA . -23.53 24.65 55.47
C7 NAG LA . -18.65 26.32 58.98
C8 NAG LA . -17.50 26.86 59.78
N2 NAG LA . -19.47 27.24 58.45
O3 NAG LA . -22.11 27.04 59.56
O4 NAG LA . -23.75 24.95 58.42
O5 NAG LA . -21.44 25.73 55.68
O6 NAG LA . -24.05 25.82 54.86
O7 NAG LA . -18.84 25.11 58.84
C1 BMA LA . -25.15 25.37 58.41
C2 BMA LA . -25.37 26.34 59.59
C3 BMA LA . -26.81 26.82 59.60
C4 BMA LA . -27.21 27.40 58.23
C5 BMA LA . -26.95 26.34 57.13
C6 BMA LA . -27.28 26.86 55.74
O2 BMA LA . -24.55 27.50 59.47
O3 BMA LA . -27.03 27.80 60.62
O4 BMA LA . -28.58 27.76 58.23
O5 BMA LA . -25.57 25.97 57.16
O6 BMA LA . -28.38 26.13 55.23
C1 NAG MA . -8.90 19.25 55.55
C2 NAG MA . -8.82 20.38 54.53
C3 NAG MA . -8.75 21.73 55.24
C4 NAG MA . -9.88 21.87 56.24
C5 NAG MA . -9.96 20.66 57.16
C6 NAG MA . -11.18 20.66 58.06
C7 NAG MA . -7.56 20.78 52.46
C8 NAG MA . -6.30 20.51 51.70
N2 NAG MA . -7.66 20.21 53.66
O3 NAG MA . -8.82 22.78 54.28
O4 NAG MA . -9.67 23.03 57.05
O5 NAG MA . -10.03 19.45 56.39
O6 NAG MA . -11.93 19.47 57.92
O7 NAG MA . -8.45 21.50 52.01
C1 NAG MA . -10.73 23.99 56.87
C2 NAG MA . -11.02 24.64 58.22
C3 NAG MA . -12.11 25.70 58.07
C4 NAG MA . -11.73 26.71 57.00
C5 NAG MA . -11.42 25.98 55.68
C6 NAG MA . -10.92 26.90 54.60
C7 NAG MA . -10.65 23.22 60.23
C8 NAG MA . -9.28 23.80 60.36
N2 NAG MA . -11.41 23.66 59.21
O3 NAG MA . -12.31 26.36 59.31
O4 NAG MA . -12.80 27.62 56.79
O5 NAG MA . -10.39 25.00 55.90
O6 NAG MA . -9.81 27.68 55.05
O7 NAG MA . -11.07 22.37 61.03
C1 BMA MA . -12.51 29.01 57.12
C2 BMA MA . -12.41 29.21 58.69
C3 BMA MA . -12.04 30.66 59.01
C4 BMA MA . -10.86 31.16 58.15
C5 BMA MA . -11.13 30.89 56.66
C6 BMA MA . -10.01 31.37 55.76
O2 BMA MA . -11.41 28.42 59.28
O3 BMA MA . -11.72 30.82 60.39
O4 BMA MA . -10.67 32.55 58.35
O5 BMA MA . -11.29 29.47 56.49
O6 BMA MA . -9.74 32.74 56.09
C1 MAN MA . -12.92 30.88 61.17
C2 MAN MA . -12.62 31.77 62.41
C3 MAN MA . -11.70 31.05 63.38
C4 MAN MA . -12.23 29.65 63.70
C5 MAN MA . -12.41 28.87 62.39
C6 MAN MA . -12.97 27.47 62.61
O2 MAN MA . -13.81 32.06 63.15
O3 MAN MA . -11.51 31.80 64.59
O4 MAN MA . -11.31 28.96 64.54
O5 MAN MA . -13.33 29.59 61.55
O6 MAN MA . -11.92 26.54 62.38
C1 MAN MA . -10.03 33.56 54.93
C2 MAN MA . -9.46 35.00 55.22
C3 MAN MA . -10.34 35.73 56.23
C4 MAN MA . -11.82 35.68 55.80
C5 MAN MA . -12.25 34.21 55.66
C6 MAN MA . -13.70 34.07 55.23
O2 MAN MA . -9.47 35.80 54.05
O3 MAN MA . -9.94 37.08 56.41
O4 MAN MA . -12.63 36.32 56.77
O5 MAN MA . -11.42 33.58 54.66
O6 MAN MA . -14.51 34.89 56.06
C1 NAG NA . 29.02 19.06 12.98
C2 NAG NA . 29.99 19.88 13.84
C3 NAG NA . 29.21 20.82 14.75
C4 NAG NA . 28.25 21.67 13.92
C5 NAG NA . 27.34 20.77 13.09
C6 NAG NA . 26.41 21.53 12.18
C7 NAG NA . 32.04 18.59 14.20
C8 NAG NA . 32.79 17.70 15.15
N2 NAG NA . 30.85 19.02 14.62
O3 NAG NA . 30.12 21.66 15.45
O4 NAG NA . 27.46 22.50 14.77
O5 NAG NA . 28.14 19.93 12.25
O6 NAG NA . 27.06 22.64 11.58
O7 NAG NA . 32.50 18.90 13.11
C1 NAG NA . 27.95 23.86 14.62
C2 NAG NA . 26.82 24.86 14.88
C3 NAG NA . 27.35 26.29 14.75
C4 NAG NA . 28.55 26.48 15.66
C5 NAG NA . 29.61 25.41 15.39
C6 NAG NA . 30.77 25.49 16.35
C7 NAG NA . 24.60 23.94 14.21
C8 NAG NA . 24.50 23.31 15.59
N2 NAG NA . 25.71 24.64 13.95
O3 NAG NA . 26.32 27.20 15.08
O4 NAG NA . 29.12 27.77 15.44
O5 NAG NA . 29.04 24.11 15.53
O6 NAG NA . 31.36 26.78 16.36
O7 NAG NA . 23.71 23.81 13.38
C1 NAG OA . -54.78 4.15 -14.57
C2 NAG OA . -55.23 3.95 -16.01
C3 NAG OA . -55.07 5.25 -16.80
C4 NAG OA . -55.80 6.38 -16.09
C5 NAG OA . -55.32 6.49 -14.64
C6 NAG OA . -56.07 7.52 -13.84
C7 NAG OA . -54.84 1.60 -16.62
C8 NAG OA . -53.93 0.63 -17.33
N2 NAG OA . -54.47 2.88 -16.65
O3 NAG OA . -55.60 5.08 -18.11
O4 NAG OA . -55.54 7.61 -16.76
O5 NAG OA . -55.52 5.22 -13.98
O6 NAG OA . -55.55 7.64 -12.53
O7 NAG OA . -55.86 1.23 -16.04
C1 NAG OA . -56.73 8.02 -17.46
C2 NAG OA . -56.44 9.36 -18.16
C3 NAG OA . -57.65 9.81 -18.96
C4 NAG OA . -58.08 8.71 -19.92
C5 NAG OA . -58.30 7.40 -19.16
C6 NAG OA . -58.61 6.23 -20.07
C7 NAG OA . -54.82 10.51 -16.70
C8 NAG OA . -54.62 11.62 -15.72
N2 NAG OA . -56.07 10.38 -17.18
O3 NAG OA . -57.32 10.98 -19.69
O4 NAG OA . -59.30 9.07 -20.57
O5 NAG OA . -57.10 7.05 -18.45
O6 NAG OA . -57.42 5.60 -20.54
O7 NAG OA . -53.91 9.77 -17.05
C1 NAG PA . -44.15 -3.05 8.70
C2 NAG PA . -44.27 -3.80 10.02
C3 NAG PA . -44.52 -5.29 9.76
C4 NAG PA . -45.72 -5.47 8.85
C5 NAG PA . -45.53 -4.65 7.57
C6 NAG PA . -46.74 -4.69 6.66
C7 NAG PA . -42.92 -2.62 11.71
C8 NAG PA . -41.62 -2.60 12.46
N2 NAG PA . -43.08 -3.63 10.83
O3 NAG PA . -44.76 -5.95 11.00
O4 NAG PA . -45.87 -6.84 8.50
O5 NAG PA . -45.32 -3.27 7.91
O6 NAG PA . -47.50 -5.88 6.84
O7 NAG PA . -43.79 -1.77 11.87
C1 NAG PA . -46.89 -7.44 9.32
C2 NAG PA . -46.85 -8.96 9.10
C3 NAG PA . -47.90 -9.64 9.98
C4 NAG PA . -47.73 -9.24 11.43
C5 NAG PA . -47.73 -7.71 11.56
C6 NAG PA . -47.45 -7.23 12.96
C7 NAG PA . -48.12 -8.92 7.00
C8 NAG PA . -48.15 -9.36 5.56
N2 NAG PA . -47.05 -9.29 7.70
O3 NAG PA . -47.77 -11.05 9.85
O4 NAG PA . -48.79 -9.76 12.22
O5 NAG PA . -46.71 -7.15 10.71
O6 NAG PA . -46.53 -6.15 12.96
O7 NAG PA . -49.03 -8.25 7.49
C1 NAG QA . -27.52 -18.08 -17.46
C2 NAG QA . -28.31 -16.78 -17.30
C3 NAG QA . -29.10 -16.47 -18.57
C4 NAG QA . -28.17 -16.46 -19.78
C5 NAG QA . -27.44 -17.79 -19.87
C6 NAG QA . -26.43 -17.85 -21.00
C7 NAG QA . -28.88 -16.35 -14.95
C8 NAG QA . -29.93 -16.52 -13.89
N2 NAG QA . -29.20 -16.85 -16.16
O3 NAG QA . -29.74 -15.21 -18.44
O4 NAG QA . -28.91 -16.23 -20.97
O5 NAG QA . -26.70 -18.01 -18.64
O6 NAG QA . -25.90 -16.57 -21.29
O7 NAG QA . -27.81 -15.82 -14.74
C1 NAG QA . -28.47 -15.00 -21.59
C2 NAG QA . -29.28 -14.77 -22.87
C3 NAG QA . -28.84 -13.47 -23.55
C4 NAG QA . -28.89 -12.31 -22.56
C5 NAG QA . -28.14 -12.66 -21.28
C6 NAG QA . -28.27 -11.60 -20.20
C7 NAG QA . -27.99 -16.33 -24.27
C8 NAG QA . -28.05 -17.50 -25.20
N2 NAG QA . -29.16 -15.89 -23.79
O3 NAG QA . -29.70 -13.21 -24.65
O4 NAG QA . -28.30 -11.16 -23.14
O5 NAG QA . -28.63 -13.88 -20.72
O6 NAG QA . -29.60 -11.55 -19.71
O7 NAG QA . -26.93 -15.81 -23.96
C1 BMA QA . -29.32 -10.24 -23.59
C2 BMA QA . -28.78 -8.81 -23.34
C3 BMA QA . -29.67 -7.75 -24.02
C4 BMA QA . -30.07 -8.18 -25.45
C5 BMA QA . -30.62 -9.60 -25.47
C6 BMA QA . -30.96 -10.07 -26.87
O2 BMA QA . -27.48 -8.67 -23.90
O3 BMA QA . -29.06 -6.46 -24.09
O4 BMA QA . -31.06 -7.28 -25.95
O5 BMA QA . -29.62 -10.47 -24.95
O6 BMA QA . -29.74 -10.16 -27.60
C1 MAN QA . -28.62 -6.02 -22.78
C2 MAN QA . -29.49 -4.81 -22.36
C3 MAN QA . -29.10 -3.56 -23.16
C4 MAN QA . -27.58 -3.35 -23.12
C5 MAN QA . -26.88 -4.59 -23.66
C6 MAN QA . -25.37 -4.48 -23.65
O2 MAN QA . -29.29 -4.47 -20.99
O3 MAN QA . -29.77 -2.40 -22.68
O4 MAN QA . -27.23 -2.23 -23.91
O5 MAN QA . -27.23 -5.71 -22.81
O6 MAN QA . -25.02 -3.23 -24.25
C1 MAN QA . -30.01 -10.68 -28.93
C2 MAN QA . -28.64 -10.99 -29.58
C3 MAN QA . -27.92 -9.68 -29.92
C4 MAN QA . -28.83 -8.74 -30.71
C5 MAN QA . -30.12 -8.49 -29.93
C6 MAN QA . -31.10 -7.60 -30.66
O2 MAN QA . -28.80 -11.66 -30.84
O3 MAN QA . -26.71 -9.91 -30.63
O4 MAN QA . -28.17 -7.50 -30.93
O5 MAN QA . -30.77 -9.75 -29.68
O6 MAN QA . -32.31 -7.54 -29.90
C1 NAG RA . -5.34 -36.47 -13.75
C2 NAG RA . -5.54 -37.45 -14.90
C3 NAG RA . -5.08 -36.84 -16.22
C4 NAG RA . -5.77 -35.49 -16.44
C5 NAG RA . -5.61 -34.60 -15.21
C6 NAG RA . -6.42 -33.33 -15.29
C7 NAG RA . -3.63 -39.05 -14.40
C8 NAG RA . -2.65 -37.91 -14.35
N2 NAG RA . -4.93 -38.76 -14.67
O3 NAG RA . -5.39 -37.72 -17.29
O4 NAG RA . -5.22 -34.83 -17.57
O5 NAG RA . -6.05 -35.28 -14.03
O6 NAG RA . -7.81 -33.60 -15.17
O7 NAG RA . -3.27 -40.21 -14.22
C1 NAG RA . -6.29 -34.45 -18.48
C2 NAG RA . -5.82 -33.40 -19.48
C3 NAG RA . -6.97 -33.01 -20.40
C4 NAG RA . -7.54 -34.26 -21.09
C5 NAG RA . -7.84 -35.38 -20.08
C6 NAG RA . -8.13 -36.70 -20.76
C7 NAG RA . -5.94 -31.30 -18.17
C8 NAG RA . -5.13 -30.17 -17.60
N2 NAG RA . -5.24 -32.23 -18.84
O3 NAG RA . -6.51 -32.09 -21.37
O4 NAG RA . -8.76 -33.92 -21.71
O5 NAG RA . -6.73 -35.61 -19.19
O6 NAG RA . -7.07 -37.08 -21.62
O7 NAG RA . -7.14 -31.38 -18.01
C1 BMA RA . -8.60 -33.40 -23.04
C2 BMA RA . -9.74 -34.02 -23.89
C3 BMA RA . -9.92 -33.30 -25.22
C4 BMA RA . -9.89 -31.78 -25.05
C5 BMA RA . -8.62 -31.36 -24.30
C6 BMA RA . -8.55 -29.86 -24.10
O2 BMA RA . -10.97 -33.91 -23.19
O3 BMA RA . -11.14 -33.68 -25.85
O4 BMA RA . -9.92 -31.16 -26.32
O5 BMA RA . -8.65 -31.98 -23.02
O6 BMA RA . -7.39 -29.56 -23.34
C1 MAN RA . -7.17 -28.13 -23.42
C2 MAN RA . -5.68 -27.87 -23.06
C3 MAN RA . -5.43 -28.09 -21.56
C4 MAN RA . -6.49 -27.41 -20.69
C5 MAN RA . -7.91 -27.76 -21.15
C6 MAN RA . -8.96 -26.94 -20.42
O2 MAN RA . -5.33 -26.50 -23.30
O3 MAN RA . -4.16 -27.60 -21.19
O4 MAN RA . -6.33 -27.83 -19.34
O5 MAN RA . -8.05 -27.44 -22.55
O6 MAN RA . -8.68 -25.57 -20.67
C1 MAN RA . -9.54 -24.70 -19.91
C2 MAN RA . -9.08 -23.26 -20.24
C3 MAN RA . -7.69 -23.04 -19.69
C4 MAN RA . -7.65 -23.34 -18.18
C5 MAN RA . -8.14 -24.78 -17.92
C6 MAN RA . -8.28 -25.10 -16.44
O2 MAN RA . -9.90 -22.30 -19.59
O3 MAN RA . -7.25 -21.71 -19.92
O4 MAN RA . -6.33 -23.21 -17.69
O5 MAN RA . -9.46 -24.96 -18.52
O6 MAN RA . -6.97 -25.12 -15.87
C1 MAN RA . -10.81 -21.72 -20.54
C2 MAN RA . -11.32 -20.40 -19.93
C3 MAN RA . -12.15 -20.70 -18.69
C4 MAN RA . -13.25 -21.73 -18.99
C5 MAN RA . -12.63 -23.00 -19.61
C6 MAN RA . -13.66 -24.02 -20.03
O2 MAN RA . -12.21 -19.72 -20.83
O3 MAN RA . -12.73 -19.51 -18.14
O4 MAN RA . -13.93 -22.07 -17.79
O5 MAN RA . -11.87 -22.63 -20.78
O6 MAN RA . -13.03 -24.94 -20.93
C1 MAN RA . -3.23 -28.68 -20.98
C2 MAN RA . -2.09 -28.09 -20.14
C3 MAN RA . -1.42 -26.98 -20.94
C4 MAN RA . -0.98 -27.48 -22.33
C5 MAN RA . -2.14 -28.17 -23.07
C6 MAN RA . -1.68 -28.89 -24.32
O2 MAN RA . -1.06 -29.06 -19.90
O3 MAN RA . -0.30 -26.44 -20.24
O4 MAN RA . -0.53 -26.38 -23.11
O5 MAN RA . -2.75 -29.16 -22.21
O6 MAN RA . -2.78 -29.62 -24.85
C1 MAN RA . -10.93 -34.79 -26.74
C2 MAN RA . -12.13 -34.85 -27.71
C3 MAN RA . -13.39 -35.20 -26.90
C4 MAN RA . -13.17 -36.53 -26.16
C5 MAN RA . -11.96 -36.40 -25.23
C6 MAN RA . -11.62 -37.70 -24.54
O2 MAN RA . -11.94 -35.90 -28.67
O3 MAN RA . -14.57 -35.24 -27.69
O4 MAN RA . -14.33 -36.83 -25.39
O5 MAN RA . -10.80 -36.00 -26.01
O6 MAN RA . -10.24 -37.66 -24.18
C1 MAN RA . -12.77 -35.70 -29.83
C2 MAN RA . -13.05 -37.11 -30.45
C3 MAN RA . -11.84 -37.63 -31.19
C4 MAN RA . -11.34 -36.59 -32.19
C5 MAN RA . -10.99 -35.29 -31.46
C6 MAN RA . -10.53 -34.19 -32.38
O2 MAN RA . -14.10 -37.06 -31.41
O3 MAN RA . -12.10 -38.86 -31.84
O4 MAN RA . -10.19 -37.08 -32.87
O5 MAN RA . -12.16 -34.80 -30.78
O6 MAN RA . -9.93 -33.16 -31.60
C1 NAG SA . 6.37 -41.87 -8.76
C2 NAG SA . 7.62 -41.33 -9.46
C3 NAG SA . 8.19 -42.38 -10.42
C4 NAG SA . 8.45 -43.68 -9.69
C5 NAG SA . 7.15 -44.15 -9.01
C6 NAG SA . 7.32 -45.40 -8.19
C7 NAG SA . 8.21 -39.13 -10.35
C8 NAG SA . 7.73 -37.92 -11.10
N2 NAG SA . 7.32 -40.10 -10.16
O3 NAG SA . 9.41 -41.89 -10.98
O4 NAG SA . 8.90 -44.68 -10.60
O5 NAG SA . 6.69 -43.12 -8.12
O6 NAG SA . 7.30 -45.12 -6.80
O7 NAG SA . 9.37 -39.21 -9.93
C1 NAG SA . 10.17 -45.20 -10.14
C2 NAG SA . 10.61 -46.35 -11.07
C3 NAG SA . 11.95 -46.89 -10.60
C4 NAG SA . 12.98 -45.78 -10.47
C5 NAG SA . 12.45 -44.64 -9.61
C6 NAG SA . 13.37 -43.45 -9.58
C7 NAG SA . 8.66 -47.54 -12.04
C8 NAG SA . 8.64 -46.54 -13.15
N2 NAG SA . 9.61 -47.39 -11.11
O3 NAG SA . 12.40 -47.88 -11.53
O4 NAG SA . 14.17 -46.29 -9.88
O5 NAG SA . 11.19 -44.18 -10.13
O6 NAG SA . 13.21 -42.63 -10.72
O7 NAG SA . 7.84 -48.47 -11.99
C1 BMA SA . 15.28 -46.14 -10.80
C2 BMA SA . 16.58 -46.21 -9.96
C3 BMA SA . 17.79 -46.20 -10.90
C4 BMA SA . 17.64 -47.25 -12.00
C5 BMA SA . 16.32 -47.03 -12.76
C6 BMA SA . 16.07 -48.07 -13.84
O2 BMA SA . 16.64 -47.42 -9.23
O3 BMA SA . 19.01 -46.42 -10.18
O4 BMA SA . 18.72 -47.15 -12.92
O5 BMA SA . 15.25 -47.13 -11.81
O6 BMA SA . 15.58 -49.25 -13.22
C1 MAN SA . 19.58 -45.13 -9.86
C2 MAN SA . 21.10 -45.31 -9.60
C3 MAN SA . 21.30 -46.09 -8.30
C4 MAN SA . 20.53 -45.44 -7.15
C5 MAN SA . 19.05 -45.33 -7.52
C6 MAN SA . 18.22 -44.62 -6.46
O2 MAN SA . 21.73 -44.05 -9.40
O3 MAN SA . 22.68 -46.20 -7.97
O4 MAN SA . 20.67 -46.22 -5.97
O5 MAN SA . 18.92 -44.57 -8.73
O6 MAN SA . 18.41 -43.22 -6.62
C1 MAN SA . 22.89 -43.92 -10.26
C2 MAN SA . 23.57 -42.58 -9.88
C3 MAN SA . 24.10 -41.91 -11.14
C4 MAN SA . 24.70 -42.96 -12.08
C5 MAN SA . 23.59 -43.89 -12.60
C6 MAN SA . 24.08 -45.30 -12.85
O2 MAN SA . 24.71 -42.78 -9.04
O3 MAN SA . 25.07 -40.90 -10.84
O4 MAN SA . 25.32 -42.32 -13.18
O5 MAN SA . 22.51 -43.96 -11.62
O6 MAN SA . 25.18 -45.25 -13.74
C1 MAN SA . 15.64 -50.34 -14.16
C2 MAN SA . 14.70 -51.45 -13.65
C3 MAN SA . 15.29 -52.10 -12.39
C4 MAN SA . 16.75 -52.53 -12.64
C5 MAN SA . 17.57 -51.32 -13.09
C6 MAN SA . 19.02 -51.67 -13.41
O2 MAN SA . 14.58 -52.51 -14.60
O3 MAN SA . 14.52 -53.22 -11.96
O4 MAN SA . 17.30 -53.05 -11.43
O5 MAN SA . 16.98 -50.79 -14.30
O6 MAN SA . 19.69 -50.47 -13.78
C1 NAG TA . -53.70 14.72 -3.83
C2 NAG TA . -54.46 14.16 -2.62
C3 NAG TA . -55.95 14.48 -2.75
C4 NAG TA . -56.16 15.98 -2.95
C5 NAG TA . -55.33 16.48 -4.13
C6 NAG TA . -55.39 17.97 -4.32
C7 NAG TA . -54.52 11.85 -3.46
C8 NAG TA . -54.23 10.42 -3.13
N2 NAG TA . -54.25 12.73 -2.48
O3 NAG TA . -56.62 14.05 -1.57
O4 NAG TA . -57.53 16.25 -3.19
O5 NAG TA . -53.94 16.13 -3.94
O6 NAG TA . -54.23 18.46 -4.98
O7 NAG TA . -54.97 12.20 -4.54
C1 NAG TA . -58.17 16.58 -1.94
C2 NAG TA . -59.61 17.02 -2.24
C3 NAG TA . -60.35 17.31 -0.93
C4 NAG TA . -60.26 16.12 0.02
C5 NAG TA . -58.80 15.71 0.21
C6 NAG TA . -58.65 14.46 1.04
C7 NAG TA . -59.94 18.14 -4.40
C8 NAG TA . -59.91 19.44 -5.14
N2 NAG TA . -59.63 18.19 -3.10
O3 NAG TA . -61.70 17.62 -1.21
O4 NAG TA . -60.84 16.45 1.27
O5 NAG TA . -58.19 15.44 -1.06
O6 NAG TA . -58.78 14.74 2.42
O7 NAG TA . -60.24 17.08 -4.96
C1 NAG UA . -47.34 -36.60 -27.02
C2 NAG UA . -46.96 -37.41 -28.26
C3 NAG UA . -47.37 -36.65 -29.52
C4 NAG UA . -48.85 -36.29 -29.46
C5 NAG UA . -49.16 -35.54 -28.17
C6 NAG UA . -50.63 -35.25 -27.98
C7 NAG UA . -45.01 -38.72 -28.97
C8 NAG UA . -43.53 -38.89 -28.88
N2 NAG UA . -45.53 -37.70 -28.27
O3 NAG UA . -47.11 -37.47 -30.66
O4 NAG UA . -49.19 -35.46 -30.57
O5 NAG UA . -48.75 -36.31 -27.03
O6 NAG UA . -51.09 -34.25 -28.88
O7 NAG UA . -45.71 -39.49 -29.63
C1 NAG UA . -49.55 -36.28 -31.69
C2 NAG UA . -50.79 -35.71 -32.35
C3 NAG UA . -51.16 -36.54 -33.58
C4 NAG UA . -49.97 -36.64 -34.53
C5 NAG UA . -48.76 -37.17 -33.78
C6 NAG UA . -47.50 -37.18 -34.63
C7 NAG UA . -52.82 -34.71 -31.30
C8 NAG UA . -52.68 -33.54 -32.24
N2 NAG UA . -51.90 -35.68 -31.41
O3 NAG UA . -52.27 -35.95 -34.26
O4 NAG UA . -50.28 -37.51 -35.60
O5 NAG UA . -48.48 -36.33 -32.65
O6 NAG UA . -46.97 -35.87 -34.78
O7 NAG UA . -53.73 -34.75 -30.47
C1 NAG VA . -41.53 -49.24 -21.83
C2 NAG VA . -42.71 -49.49 -20.90
C3 NAG VA . -43.92 -49.94 -21.71
C4 NAG VA . -44.19 -48.97 -22.86
C5 NAG VA . -42.92 -48.67 -23.66
C6 NAG VA . -43.10 -47.56 -24.67
C7 NAG VA . -42.75 -50.46 -18.61
C8 NAG VA . -43.60 -49.31 -18.16
N2 NAG VA . -42.36 -50.49 -19.89
O3 NAG VA . -45.06 -50.04 -20.88
O4 NAG VA . -45.12 -49.58 -23.75
O5 NAG VA . -41.87 -48.24 -22.77
O6 NAG VA . -44.46 -47.38 -25.02
O7 NAG VA . -42.41 -51.35 -17.82
C1 NAG VA . -46.43 -48.97 -23.64
C2 NAG VA . -47.19 -49.29 -24.93
C3 NAG VA . -48.59 -48.69 -24.87
C4 NAG VA . -49.32 -49.18 -23.62
C5 NAG VA . -48.47 -48.88 -22.38
C6 NAG VA . -49.08 -49.46 -21.12
C7 NAG VA . -45.57 -49.49 -26.78
C8 NAG VA . -44.94 -48.82 -27.95
N2 NAG VA . -46.47 -48.77 -26.09
O3 NAG VA . -49.32 -49.08 -26.03
O4 NAG VA . -50.57 -48.52 -23.50
O5 NAG VA . -47.17 -49.48 -22.52
O6 NAG VA . -48.86 -50.86 -21.02
O7 NAG VA . -45.30 -50.65 -26.47
C1 NAG WA . -36.17 -55.09 -4.36
C2 NAG WA . -35.00 -54.14 -4.13
C3 NAG WA . -34.39 -54.41 -2.76
C4 NAG WA . -35.46 -54.43 -1.65
C5 NAG WA . -36.71 -55.21 -2.07
C6 NAG WA . -37.90 -54.96 -1.17
C7 NAG WA . -33.24 -53.30 -5.60
C8 NAG WA . -32.25 -53.63 -6.68
N2 NAG WA . -34.00 -54.30 -5.17
O3 NAG WA . -33.42 -53.40 -2.47
O4 NAG WA . -34.83 -55.05 -0.54
O5 NAG WA . -37.14 -54.86 -3.39
O6 NAG WA . -38.14 -56.05 -0.29
O7 NAG WA . -33.32 -52.16 -5.14
C1 NAG WA . -35.50 -55.06 0.74
C2 NAG WA . -34.63 -55.87 1.69
C3 NAG WA . -35.27 -55.94 3.07
C4 NAG WA . -35.58 -54.54 3.58
C5 NAG WA . -36.42 -53.79 2.56
C6 NAG WA . -36.68 -52.35 2.95
C7 NAG WA . -33.26 -57.88 1.37
C8 NAG WA . -33.19 -59.25 0.75
N2 NAG WA . -34.39 -57.21 1.16
O3 NAG WA . -34.38 -56.60 3.97
O4 NAG WA . -36.30 -54.62 4.80
O5 NAG WA . -35.73 -53.75 1.29
O6 NAG WA . -37.66 -52.28 3.99
O7 NAG WA . -32.33 -57.42 2.01
C1 NAG XA . -41.32 -48.81 -0.67
C2 NAG XA . -42.33 -49.45 0.29
C3 NAG XA . -42.76 -50.82 -0.24
C4 NAG XA . -43.27 -50.69 -1.67
C5 NAG XA . -42.24 -49.98 -2.54
C6 NAG XA . -42.76 -49.70 -3.94
C7 NAG XA . -40.63 -50.20 1.91
C8 NAG XA . -40.23 -50.21 3.34
N2 NAG XA . -41.78 -49.56 1.63
O3 NAG XA . -43.77 -51.34 0.61
O4 NAG XA . -43.52 -51.99 -2.20
O5 NAG XA . -41.90 -48.71 -1.97
O6 NAG XA . -42.09 -48.59 -4.53
O7 NAG XA . -39.96 -50.74 1.04
C1 NAG XA . -44.89 -52.35 -1.98
C2 NAG XA . -45.19 -53.64 -2.75
C3 NAG XA . -46.62 -54.08 -2.50
C4 NAG XA . -46.89 -54.19 -1.00
C5 NAG XA . -46.53 -52.89 -0.30
C6 NAG XA . -46.65 -52.96 1.20
C7 NAG XA . -44.65 -54.47 -4.99
C8 NAG XA . -44.45 -54.11 -6.44
N2 NAG XA . -44.96 -53.46 -4.17
O3 NAG XA . -46.85 -55.35 -3.12
O4 NAG XA . -48.27 -54.49 -0.77
O5 NAG XA . -45.16 -52.55 -0.59
O6 NAG XA . -46.47 -51.68 1.80
O7 NAG XA . -44.55 -55.63 -4.60
C1 NAG YA . -46.03 -33.15 0.74
C2 NAG YA . -46.72 -34.46 1.14
C3 NAG YA . -48.18 -34.20 1.53
C4 NAG YA . -48.25 -33.12 2.61
C5 NAG YA . -47.54 -31.86 2.12
C6 NAG YA . -47.51 -30.77 3.16
C7 NAG YA . -46.78 -36.75 0.26
C8 NAG YA . -46.68 -37.61 -0.97
N2 NAG YA . -46.65 -35.43 0.06
O3 NAG YA . -48.77 -35.41 2.00
O4 NAG YA . -49.60 -32.83 2.92
O5 NAG YA . -46.18 -32.17 1.79
O6 NAG YA . -46.21 -30.65 3.73
O7 NAG YA . -46.99 -37.23 1.37
C1 NAG YA . -49.81 -33.14 4.32
C2 NAG YA . -51.14 -32.55 4.77
C3 NAG YA . -51.41 -32.90 6.23
C4 NAG YA . -51.30 -34.41 6.44
C5 NAG YA . -49.97 -34.93 5.91
C6 NAG YA . -49.86 -36.44 5.98
C7 NAG YA . -51.58 -30.52 3.46
C8 NAG YA . -51.53 -29.03 3.44
N2 NAG YA . -51.16 -31.11 4.59
O3 NAG YA . -52.69 -32.44 6.61
O4 NAG YA . -51.41 -34.71 7.83
O5 NAG YA . -49.82 -34.57 4.53
O6 NAG YA . -50.18 -37.04 4.73
O7 NAG YA . -51.99 -31.17 2.50
C1 NAG ZA . -48.75 -34.94 -9.04
C2 NAG ZA . -49.82 -33.87 -9.28
C3 NAG ZA . -51.22 -34.48 -9.21
C4 NAG ZA . -51.33 -35.67 -10.16
C5 NAG ZA . -50.21 -36.67 -9.87
C6 NAG ZA . -50.19 -37.82 -10.85
C7 NAG ZA . -48.91 -31.71 -8.52
C8 NAG ZA . -48.90 -30.69 -7.42
N2 NAG ZA . -49.69 -32.78 -8.32
O3 NAG ZA . -52.18 -33.49 -9.54
O4 NAG ZA . -52.59 -36.30 -10.02
O5 NAG ZA . -48.93 -36.02 -9.97
O6 NAG ZA . -50.24 -37.37 -12.19
O7 NAG ZA . -48.25 -31.58 -9.53
C1 NAG ZA . -53.31 -36.13 -11.26
C2 NAG ZA . -54.55 -37.03 -11.24
C3 NAG ZA . -55.36 -36.84 -12.52
C4 NAG ZA . -55.66 -35.36 -12.74
C5 NAG ZA . -54.38 -34.54 -12.69
C6 NAG ZA . -54.62 -33.04 -12.78
C7 NAG ZA . -53.38 -39.10 -11.86
C8 NAG ZA . -53.14 -40.53 -11.51
N2 NAG ZA . -54.21 -38.42 -11.05
O3 NAG ZA . -56.57 -37.58 -12.43
O4 NAG ZA . -56.26 -35.18 -14.02
O5 NAG ZA . -53.69 -34.77 -11.45
O6 NAG ZA . -55.31 -32.56 -11.63
O7 NAG ZA . -52.86 -38.57 -12.84
C1 BMA ZA . -57.50 -34.42 -14.03
C2 BMA ZA . -58.67 -35.42 -13.85
C3 BMA ZA . -60.00 -34.66 -13.82
C4 BMA ZA . -59.95 -33.53 -12.77
C5 BMA ZA . -58.76 -32.61 -13.05
C6 BMA ZA . -58.63 -31.50 -12.02
O2 BMA ZA . -58.57 -36.12 -12.63
O3 BMA ZA . -61.10 -35.52 -13.57
O4 BMA ZA . -61.16 -32.78 -12.82
O5 BMA ZA . -57.56 -33.38 -13.02
O6 BMA ZA . -58.86 -30.26 -12.66
C1 NAG AB . -41.09 -40.79 -13.51
C2 NAG AB . -41.14 -40.36 -12.04
C3 NAG AB . -42.06 -41.28 -11.26
C4 NAG AB . -43.43 -41.38 -11.93
C5 NAG AB . -43.29 -41.72 -13.41
C6 NAG AB . -44.60 -41.64 -14.16
C7 NAG AB . -39.48 -39.67 -10.37
C8 NAG AB . -38.07 -39.78 -9.91
N2 NAG AB . -39.80 -40.36 -11.47
O3 NAG AB . -42.20 -40.78 -9.93
O4 NAG AB . -44.17 -42.43 -11.30
O5 NAG AB . -42.41 -40.78 -14.05
O6 NAG AB . -44.56 -40.66 -15.18
O7 NAG AB . -40.31 -38.98 -9.77
C1 NAG AB . -45.40 -41.94 -10.72
C2 NAG AB . -46.48 -42.99 -10.89
C3 NAG AB . -47.78 -42.53 -10.25
C4 NAG AB . -47.54 -42.16 -8.79
C5 NAG AB . -46.42 -41.12 -8.69
C6 NAG AB . -46.05 -40.79 -7.27
C7 NAG AB . -46.18 -44.33 -12.97
C8 NAG AB . -45.29 -45.27 -12.21
N2 NAG AB . -46.70 -43.29 -12.30
O3 NAG AB . -48.76 -43.55 -10.34
O4 NAG AB . -48.74 -41.62 -8.23
O5 NAG AB . -45.24 -41.63 -9.32
O6 NAG AB . -45.72 -41.95 -6.53
O7 NAG AB . -46.42 -44.50 -14.16
C1 BMA AB . -49.32 -42.39 -7.14
C2 BMA AB . -49.94 -43.75 -7.67
C3 BMA AB . -50.52 -44.54 -6.49
C4 BMA AB . -49.52 -44.62 -5.31
C5 BMA AB . -49.01 -43.21 -4.94
C6 BMA AB . -48.03 -43.24 -3.78
O2 BMA AB . -48.98 -44.60 -8.25
O3 BMA AB . -50.90 -45.86 -6.88
O4 BMA AB . -50.15 -45.21 -4.18
O5 BMA AB . -48.37 -42.66 -6.09
O6 BMA AB . -48.62 -43.97 -2.71
C1 MAN AB . -52.26 -45.87 -7.31
C2 MAN AB . -52.80 -47.31 -7.15
C3 MAN AB . -52.17 -48.23 -8.20
C4 MAN AB . -52.31 -47.64 -9.61
C5 MAN AB . -51.69 -46.24 -9.63
C6 MAN AB . -51.80 -45.55 -10.97
O2 MAN AB . -54.21 -47.38 -7.37
O3 MAN AB . -52.74 -49.54 -8.17
O4 MAN AB . -51.65 -48.46 -10.56
O5 MAN AB . -52.37 -45.42 -8.66
O6 MAN AB . -51.00 -46.26 -11.90
C1 MAN AB . -48.78 -43.08 -1.58
C2 MAN AB . -49.14 -43.96 -0.34
C3 MAN AB . -50.58 -44.45 -0.44
C4 MAN AB . -51.54 -43.29 -0.71
C5 MAN AB . -51.12 -42.58 -2.00
C6 MAN AB . -52.00 -41.40 -2.35
O2 MAN AB . -49.07 -43.20 0.87
O3 MAN AB . -50.98 -45.15 0.75
O4 MAN AB . -52.87 -43.78 -0.85
O5 MAN AB . -49.78 -42.09 -1.84
O6 MAN AB . -53.37 -41.82 -2.25
C1 NAG BB . 6.38 -32.39 16.90
C2 NAG BB . 6.30 -33.84 17.40
C3 NAG BB . 4.84 -34.26 17.54
C4 NAG BB . 4.08 -33.27 18.41
C5 NAG BB . 4.23 -31.87 17.84
C6 NAG BB . 3.56 -30.81 18.69
C7 NAG BB . 8.30 -35.06 16.67
C8 NAG BB . 8.88 -36.00 15.66
N2 NAG BB . 7.02 -34.73 16.51
O3 NAG BB . 4.78 -35.57 18.11
O4 NAG BB . 2.70 -33.62 18.48
O5 NAG BB . 5.61 -31.53 17.76
O6 NAG BB . 3.78 -31.03 20.06
O7 NAG BB . 8.97 -34.61 17.60
C1 NAG BB . 2.46 -34.15 19.80
C2 NAG BB . 1.01 -33.90 20.21
C3 NAG BB . 0.76 -34.50 21.60
C4 NAG BB . 1.14 -35.97 21.62
C5 NAG BB . 2.58 -36.15 21.14
C6 NAG BB . 2.99 -37.61 21.01
C7 NAG BB . 0.11 -31.82 19.21
C8 NAG BB . -0.27 -32.61 17.99
N2 NAG BB . 0.70 -32.48 20.21
O3 NAG BB . -0.61 -34.36 21.94
O4 NAG BB . 1.03 -36.48 22.95
O5 NAG BB . 2.74 -35.58 19.83
O6 NAG BB . 2.78 -38.30 22.23
O7 NAG BB . -0.11 -30.60 19.29
C1 NAG CB . -45.08 39.52 -6.83
C2 NAG CB . -46.24 39.56 -5.83
C3 NAG CB . -47.32 40.51 -6.32
C4 NAG CB . -46.73 41.89 -6.61
C5 NAG CB . -45.55 41.76 -7.58
C6 NAG CB . -44.83 43.07 -7.81
C7 NAG CB . -47.40 37.86 -4.50
C8 NAG CB . -47.90 36.45 -4.46
N2 NAG CB . -46.78 38.23 -5.62
O3 NAG CB . -48.33 40.62 -5.32
O4 NAG CB . -47.71 42.73 -7.19
O5 NAG CB . -44.58 40.85 -7.04
O6 NAG CB . -45.75 44.09 -8.20
O7 NAG CB . -47.56 38.63 -3.57
C1 NAG DB . 15.87 22.05 -32.29
C2 NAG DB . 17.20 22.77 -32.53
C3 NAG DB . 17.05 23.77 -33.67
C4 NAG DB . 16.51 23.07 -34.92
C5 NAG DB . 15.21 22.33 -34.58
C6 NAG DB . 14.68 21.52 -35.74
C7 NAG DB . 18.90 23.52 -30.89
C8 NAG DB . 19.96 22.86 -31.73
N2 NAG DB . 17.64 23.45 -31.32
O3 NAG DB . 18.30 24.36 -33.96
O4 NAG DB . 16.25 24.03 -35.94
O5 NAG DB . 15.43 21.42 -33.50
O6 NAG DB . 13.74 20.54 -35.30
O7 NAG DB . 19.19 24.12 -29.85
C1 NAG EB . 6.07 18.72 -36.73
C2 NAG EB . 5.32 18.71 -38.05
C3 NAG EB . 5.73 17.49 -38.88
C4 NAG EB . 7.25 17.45 -39.03
C5 NAG EB . 7.92 17.53 -37.67
C6 NAG EB . 9.43 17.61 -37.76
C7 NAG EB . 3.23 17.79 -37.13
C8 NAG EB . 1.74 17.97 -37.02
N2 NAG EB . 3.87 18.71 -37.84
O3 NAG EB . 5.11 17.55 -40.15
O4 NAG EB . 7.64 16.25 -39.69
O5 NAG EB . 7.48 18.70 -36.97
O6 NAG EB . 9.87 18.97 -37.77
O7 NAG EB . 3.81 16.86 -36.59
C1 NAG FB . -5.21 14.57 -42.15
C2 NAG FB . -4.16 13.55 -42.60
C3 NAG FB . -4.29 13.33 -44.11
C4 NAG FB . -5.72 12.95 -44.47
C5 NAG FB . -6.69 13.98 -43.93
C6 NAG FB . -8.14 13.59 -44.15
C7 NAG FB . -2.10 13.60 -41.20
C8 NAG FB . -2.75 12.60 -40.27
N2 NAG FB . -2.82 13.99 -42.26
O3 NAG FB . -3.38 12.30 -44.51
O4 NAG FB . -5.85 12.87 -45.89
O5 NAG FB . -6.51 14.13 -42.51
O6 NAG FB . -8.33 12.97 -45.41
O7 NAG FB . -0.97 14.02 -40.99
C1 NAG GB . 8.13 36.74 -31.43
C2 NAG GB . 9.26 37.75 -31.43
C3 NAG GB . 9.12 38.70 -32.62
C4 NAG GB . 9.00 37.92 -33.91
C5 NAG GB . 7.86 36.90 -33.81
C6 NAG GB . 7.74 36.01 -35.02
C7 NAG GB . 10.03 38.12 -29.13
C8 NAG GB . 9.94 39.01 -27.92
N2 NAG GB . 9.31 38.50 -30.19
O3 NAG GB . 10.25 39.56 -32.67
O4 NAG GB . 8.72 38.80 -35.00
O5 NAG GB . 8.09 36.04 -32.68
O6 NAG GB . 7.68 36.76 -36.21
O7 NAG GB . 10.72 37.11 -29.14
C1 NAG HB . -19.84 50.20 -1.30
C2 NAG HB . -18.77 51.28 -1.32
C3 NAG HB . -17.89 51.19 -0.09
C4 NAG HB . -18.74 51.20 1.18
C5 NAG HB . -19.81 50.12 1.10
C6 NAG HB . -20.77 50.15 2.27
C7 NAG HB . -17.32 52.25 -3.06
C8 NAG HB . -16.54 51.97 -4.31
N2 NAG HB . -17.97 51.20 -2.53
O3 NAG HB . -16.98 52.28 -0.06
O4 NAG HB . -17.92 50.97 2.32
O5 NAG HB . -20.60 50.29 -0.09
O6 NAG HB . -21.58 51.32 2.24
O7 NAG HB . -17.38 53.36 -2.55
C1 NAG IB . -11.84 50.06 -19.29
C2 NAG IB . -11.62 50.97 -18.07
C3 NAG IB . -12.85 51.83 -17.85
C4 NAG IB . -13.23 52.59 -19.11
C5 NAG IB . -13.36 51.63 -20.29
C6 NAG IB . -13.60 52.33 -21.60
C7 NAG IB . -10.11 50.05 -16.31
C8 NAG IB . -8.98 50.82 -16.94
N2 NAG IB . -11.32 50.18 -16.89
O3 NAG IB . -12.60 52.74 -16.78
O4 NAG IB . -14.45 53.28 -18.92
O5 NAG IB . -12.16 50.87 -20.44
O6 NAG IB . -14.37 53.51 -21.43
O7 NAG IB . -9.96 49.37 -15.30
C1 NAG JB . -21.41 39.28 -28.99
C2 NAG JB . -22.74 38.58 -29.26
C3 NAG JB . -23.16 38.80 -30.71
C4 NAG JB . -23.19 40.28 -31.04
C5 NAG JB . -21.84 40.91 -30.70
C6 NAG JB . -21.81 42.41 -30.90
C7 NAG JB . -22.95 36.63 -27.78
C8 NAG JB . -22.80 35.15 -27.65
N2 NAG JB . -22.65 37.16 -28.97
O3 NAG JB . -24.45 38.23 -30.92
O4 NAG JB . -23.45 40.47 -32.43
O5 NAG JB . -21.52 40.66 -29.33
O6 NAG JB . -20.91 43.03 -30.00
O7 NAG JB . -23.31 37.33 -26.83
C1 NAG KB . -12.38 48.72 -7.26
C2 NAG KB . -12.68 50.23 -7.26
C3 NAG KB . -11.39 51.02 -7.08
C4 NAG KB . -10.64 50.55 -5.83
C5 NAG KB . -10.43 49.03 -5.88
C6 NAG KB . -9.82 48.48 -4.63
C7 NAG KB . -12.86 50.42 -9.71
C8 NAG KB . -13.70 50.90 -10.85
N2 NAG KB . -13.36 50.63 -8.48
O3 NAG KB . -11.70 52.40 -6.96
O4 NAG KB . -9.38 51.19 -5.74
O5 NAG KB . -11.70 48.37 -6.04
O6 NAG KB . -9.99 47.08 -4.53
O7 NAG KB . -11.78 49.87 -9.88
C1 NAG LB . 2.43 38.49 -16.16
C2 NAG LB . 3.03 39.86 -16.46
C3 NAG LB . 3.79 40.38 -15.24
C4 NAG LB . 2.89 40.37 -14.02
C5 NAG LB . 2.27 38.99 -13.83
C6 NAG LB . 1.26 38.94 -12.69
C7 NAG LB . 4.10 40.83 -18.45
C8 NAG LB . 5.04 40.58 -19.59
N2 NAG LB . 3.91 39.80 -17.61
O3 NAG LB . 4.26 41.70 -15.50
O4 NAG LB . 3.65 40.70 -12.86
O5 NAG LB . 1.57 38.59 -15.01
O6 NAG LB . -0.06 39.12 -13.18
O7 NAG LB . 3.54 41.91 -18.29
C1 NAG MB . -38.83 45.99 -16.52
C2 NAG MB . -40.34 45.87 -16.73
C3 NAG MB . -40.66 45.58 -18.19
C4 NAG MB . -40.01 46.63 -19.09
C5 NAG MB . -38.51 46.71 -18.80
C6 NAG MB . -37.83 47.81 -19.57
C7 NAG MB . -41.72 45.09 -14.85
C8 NAG MB . -42.19 43.90 -14.08
N2 NAG MB . -40.90 44.83 -15.86
O3 NAG MB . -42.07 45.60 -18.37
O4 NAG MB . -40.20 46.28 -20.45
O5 NAG MB . -38.30 46.99 -17.40
O6 NAG MB . -38.53 48.13 -20.76
O7 NAG MB . -42.08 46.23 -14.56
C1 NAG NB . 24.34 -20.44 -31.35
C2 NAG NB . 25.16 -21.69 -31.02
C3 NAG NB . 24.93 -22.77 -32.05
C4 NAG NB . 23.43 -23.05 -32.19
C5 NAG NB . 22.68 -21.75 -32.47
C6 NAG NB . 21.17 -21.93 -32.50
C7 NAG NB . 27.39 -21.82 -29.97
C8 NAG NB . 28.82 -21.39 -30.05
N2 NAG NB . 26.59 -21.36 -30.94
O3 NAG NB . 25.60 -23.97 -31.66
O4 NAG NB . 23.20 -23.97 -33.26
O5 NAG NB . 22.96 -20.79 -31.44
O6 NAG NB . 20.73 -22.83 -31.49
O7 NAG NB . 26.98 -22.57 -29.09
C1 NAG OB . 30.23 3.51 -36.60
C2 NAG OB . 30.94 2.84 -37.78
C3 NAG OB . 30.64 3.61 -39.07
C4 NAG OB . 29.15 3.76 -39.27
C5 NAG OB . 28.51 4.39 -38.03
C6 NAG OB . 27.01 4.47 -38.11
C7 NAG OB . 33.15 1.83 -38.10
C8 NAG OB . 34.60 1.89 -37.75
N2 NAG OB . 32.37 2.76 -37.55
O3 NAG OB . 31.21 2.91 -40.18
O4 NAG OB . 28.88 4.60 -40.39
O5 NAG OB . 28.82 3.60 -36.87
O6 NAG OB . 26.39 3.68 -37.10
O7 NAG OB . 32.69 0.96 -38.85
C1 NAG PB . 29.41 -10.95 -39.89
C2 NAG PB . 28.88 -10.63 -41.28
C3 NAG PB . 29.85 -11.14 -42.35
C4 NAG PB . 31.25 -10.61 -42.08
C5 NAG PB . 31.68 -10.94 -40.65
C6 NAG PB . 33.02 -10.34 -40.29
C7 NAG PB . 26.52 -10.48 -41.98
C8 NAG PB . 25.22 -11.22 -42.12
N2 NAG PB . 27.55 -11.18 -41.48
O3 NAG PB . 29.41 -10.73 -43.63
O4 NAG PB . 32.17 -11.22 -42.98
O5 NAG PB . 30.71 -10.41 -39.72
O6 NAG PB . 32.99 -9.78 -38.98
O7 NAG PB . 26.64 -9.30 -42.29
C1 NAG QB . -50.02 22.94 24.78
C2 NAG QB . -51.35 22.90 24.01
C3 NAG QB . -52.41 23.69 24.78
C4 NAG QB . -52.52 23.20 26.21
C5 NAG QB . -51.15 23.22 26.88
C6 NAG QB . -51.15 22.63 28.27
C7 NAG QB . -51.99 23.06 21.65
C8 NAG QB . -51.68 23.69 20.33
N2 NAG QB . -51.19 23.42 22.67
O3 NAG QB . -53.67 23.54 24.11
O4 NAG QB . -53.41 24.02 26.94
O5 NAG QB . -50.22 22.45 26.11
O6 NAG QB . -52.18 23.21 29.07
O7 NAG QB . -52.92 22.27 21.80
C1 NAG RB . 15.42 8.70 38.28
C2 NAG RB . 16.16 7.88 39.33
C3 NAG RB . 16.07 8.57 40.69
C4 NAG RB . 16.56 10.01 40.59
C5 NAG RB . 15.81 10.74 39.50
C6 NAG RB . 16.33 12.14 39.25
C7 NAG RB . 16.32 5.40 39.58
C8 NAG RB . 17.81 5.55 39.70
N2 NAG RB . 15.60 6.53 39.40
O3 NAG RB . 16.83 7.85 41.65
O4 NAG RB . 16.36 10.68 41.83
O5 NAG RB . 15.94 10.04 38.25
O6 NAG RB . 15.92 12.64 37.99
O7 NAG RB . 15.77 4.31 39.63
C1 NAG SB . 11.75 18.90 35.23
C2 NAG SB . 11.80 20.35 35.67
C3 NAG SB . 13.08 21.02 35.16
C4 NAG SB . 14.29 20.22 35.60
C5 NAG SB . 14.15 18.77 35.17
C6 NAG SB . 15.27 17.89 35.67
C7 NAG SB . 10.27 21.17 33.93
C8 NAG SB . 9.02 21.97 33.65
N2 NAG SB . 10.62 21.08 35.22
O3 NAG SB . 13.15 22.34 35.69
O4 NAG SB . 15.47 20.77 35.02
O5 NAG SB . 12.92 18.22 35.67
O6 NAG SB . 14.94 17.28 36.91
O7 NAG SB . 10.92 20.65 33.03
C1 NAG TB . 7.87 30.94 31.59
C2 NAG TB . 9.36 30.89 31.22
C3 NAG TB . 10.06 32.14 31.74
C4 NAG TB . 9.36 33.39 31.23
C5 NAG TB . 7.87 33.35 31.59
C6 NAG TB . 7.09 34.50 31.01
C7 NAG TB . 10.22 28.55 31.08
C8 NAG TB . 9.79 28.52 29.65
N2 NAG TB . 9.99 29.70 31.76
O3 NAG TB . 11.42 32.14 31.31
O4 NAG TB . 9.93 34.55 31.83
O5 NAG TB . 7.28 32.14 31.06
O6 NAG TB . 7.83 35.71 31.07
O7 NAG TB . 10.75 27.59 31.63
C1 NAG UB . 1.96 9.08 48.11
C2 NAG UB . 2.33 8.13 49.24
C3 NAG UB . 2.30 8.86 50.59
C4 NAG UB . 3.17 10.10 50.53
C5 NAG UB . 2.77 10.98 49.35
C6 NAG UB . 3.67 12.18 49.16
C7 NAG UB . 1.70 5.84 48.62
C8 NAG UB . 0.67 4.76 48.76
N2 NAG UB . 1.45 6.98 49.28
O3 NAG UB . 2.76 7.99 51.61
O4 NAG UB . 3.04 10.85 51.74
O5 NAG UB . 2.83 10.22 48.14
O6 NAG UB . 3.80 12.93 50.36
O7 NAG UB . 2.71 5.69 47.94
C1 NAG VB . -39.05 0.53 37.32
C2 NAG VB . -38.78 -0.36 38.52
C3 NAG VB . -38.61 -1.81 38.06
C4 NAG VB . -39.82 -2.25 37.23
C5 NAG VB . -40.06 -1.27 36.10
C6 NAG VB . -41.32 -1.56 35.32
C7 NAG VB . -37.39 -0.20 40.53
C8 NAG VB . -36.11 0.34 41.11
N2 NAG VB . -37.59 0.07 39.24
O3 NAG VB . -38.48 -2.66 39.19
O4 NAG VB . -39.59 -3.54 36.70
O5 NAG VB . -40.22 0.07 36.62
O6 NAG VB . -42.48 -1.33 36.09
O7 NAG VB . -38.17 -0.85 41.20
C1 NAG WB . -24.90 9.03 48.15
C2 NAG WB . -25.73 7.77 48.36
C3 NAG WB . -27.18 8.14 48.65
C4 NAG WB . -27.26 9.11 49.81
C5 NAG WB . -26.36 10.32 49.55
C6 NAG WB . -26.29 11.27 50.73
C7 NAG WB . -24.95 5.75 47.10
C8 NAG WB . -24.19 5.32 48.33
N2 NAG WB . -25.65 6.90 47.19
O3 NAG WB . -27.92 6.95 48.95
O4 NAG WB . -28.59 9.56 49.98
O5 NAG WB . -25.01 9.88 49.29
O6 NAG WB . -27.52 11.31 51.43
O7 NAG WB . -24.93 5.08 46.08
C1 NAG XB . -22.30 24.91 41.51
C2 NAG XB . -22.83 26.11 40.72
C3 NAG XB . -22.61 27.39 41.51
C4 NAG XB . -23.21 27.27 42.91
C5 NAG XB . -22.65 26.02 43.60
C6 NAG XB . -23.28 25.77 44.95
C7 NAG XB . -22.69 25.62 38.32
C8 NAG XB . -21.91 25.82 37.06
N2 NAG XB . -22.20 26.20 39.41
O3 NAG XB . -23.21 28.48 40.82
O4 NAG XB . -22.88 28.42 43.69
O5 NAG XB . -22.91 24.87 42.80
O6 NAG XB . -23.33 24.38 45.25
O7 NAG XB . -23.73 24.96 38.34
C1 NAG YB . -30.04 0.78 40.97
C2 NAG YB . -31.00 0.59 42.13
C3 NAG YB . -30.54 -0.55 43.03
C4 NAG YB . -30.31 -1.81 42.21
C5 NAG YB . -29.37 -1.52 41.04
C6 NAG YB . -29.19 -2.70 40.12
C7 NAG YB . -30.14 2.45 43.49
C8 NAG YB . -30.49 3.70 44.25
N2 NAG YB . -31.16 1.81 42.91
O3 NAG YB . -31.51 -0.80 44.04
O4 NAG YB . -29.75 -2.83 43.02
O5 NAG YB . -29.88 -0.44 40.26
O6 NAG YB . -28.68 -2.30 38.86
O7 NAG YB . -28.98 2.06 43.40
C1 NAG ZB . -9.97 0.75 40.61
C2 NAG ZB . -10.05 0.26 42.05
C3 NAG ZB . -10.30 -1.25 42.07
C4 NAG ZB . -11.51 -1.61 41.23
C5 NAG ZB . -11.38 -1.01 39.82
C6 NAG ZB . -12.60 -1.22 38.98
C7 NAG ZB . -8.86 0.86 44.10
C8 NAG ZB . -7.53 1.20 44.71
N2 NAG ZB . -8.86 0.60 42.79
O3 NAG ZB . -10.49 -1.68 43.41
O4 NAG ZB . -11.63 -3.02 41.12
O5 NAG ZB . -11.17 0.40 39.90
O6 NAG ZB . -13.47 -0.09 39.02
O7 NAG ZB . -9.88 0.83 44.77
C1 NAG AC . -44.21 24.67 36.53
C2 NAG AC . -45.19 25.78 36.15
C3 NAG AC . -44.63 27.14 36.55
C4 NAG AC . -44.25 27.15 38.02
C5 NAG AC . -43.31 25.99 38.33
C6 NAG AC . -42.99 25.85 39.80
C7 NAG AC . -46.67 25.43 34.21
C8 NAG AC . -46.78 25.44 32.72
N2 NAG AC . -45.48 25.74 34.72
O3 NAG AC . -45.59 28.15 36.28
O4 NAG AC . -43.61 28.37 38.35
O5 NAG AC . -43.92 24.75 37.93
O6 NAG AC . -43.14 27.10 40.48
O7 NAG AC . -47.63 25.13 34.94
C1 NAG BC . 42.29 13.52 4.64
C2 NAG BC . 43.38 13.07 3.65
C3 NAG BC . 44.20 14.27 3.19
C4 NAG BC . 43.28 15.37 2.65
C5 NAG BC . 42.21 15.70 3.67
C6 NAG BC . 41.18 16.70 3.16
C7 NAG BC . 44.63 10.96 3.58
C8 NAG BC . 45.51 10.03 4.35
N2 NAG BC . 44.23 12.05 4.24
O3 NAG BC . 45.11 13.87 2.18
O4 NAG BC . 44.04 16.53 2.35
O5 NAG BC . 41.47 14.52 4.04
O6 NAG BC . 40.85 16.45 1.80
O7 NAG BC . 44.29 10.73 2.43
C1 NAG CC . 37.19 7.74 28.65
C2 NAG CC . 38.58 8.34 28.86
C3 NAG CC . 38.57 9.29 30.06
C4 NAG CC . 37.46 10.32 29.91
C5 NAG CC . 36.12 9.64 29.65
C6 NAG CC . 35.01 10.60 29.36
C7 NAG CC . 40.87 7.47 28.73
C8 NAG CC . 41.77 6.30 28.98
N2 NAG CC . 39.59 7.31 29.04
O3 NAG CC . 39.83 9.94 30.16
O4 NAG CC . 37.36 11.11 31.09
O5 NAG CC . 36.23 8.78 28.50
O6 NAG CC . 34.49 10.43 28.06
O7 NAG CC . 41.30 8.52 28.25
C1 NAG DC . 45.21 14.36 18.02
C2 NAG DC . 45.28 15.64 18.85
C3 NAG DC . 46.73 15.96 19.19
C4 NAG DC . 47.41 14.77 19.85
C5 NAG DC . 47.24 13.53 18.98
C6 NAG DC . 47.77 12.27 19.64
C7 NAG DC . 43.76 17.57 18.71
C8 NAG DC . 43.23 18.66 17.84
N2 NAG DC . 44.66 16.75 18.15
O3 NAG DC . 46.78 17.09 20.06
O4 NAG DC . 48.79 15.02 20.04
O5 NAG DC . 45.85 13.29 18.73
O6 NAG DC . 46.90 11.16 19.43
O7 NAG DC . 43.39 17.42 19.88
C1 NAG EC . -59.72 6.60 -5.82
C2 NAG EC . -60.34 7.99 -5.81
C3 NAG EC . -61.87 7.89 -5.80
C4 NAG EC . -62.35 7.01 -6.95
C5 NAG EC . -61.64 5.66 -6.91
C6 NAG EC . -61.99 4.78 -8.09
C7 NAG EC . -59.83 10.11 -4.68
C8 NAG EC . -59.32 10.75 -3.41
N2 NAG EC . -59.87 8.77 -4.68
O3 NAG EC . -62.44 9.19 -5.92
O4 NAG EC . -63.75 6.81 -6.84
O5 NAG EC . -60.22 5.85 -6.94
O6 NAG EC . -63.39 4.67 -8.26
O7 NAG EC . -60.19 10.78 -5.64
C1 NAG FC . -10.00 -40.25 -7.67
C2 NAG FC . -9.51 -41.28 -8.68
C3 NAG FC . -10.53 -42.40 -8.80
C4 NAG FC . -10.82 -43.00 -7.43
C5 NAG FC . -11.26 -41.90 -6.47
C6 NAG FC . -11.45 -42.39 -5.05
C7 NAG FC . -8.28 -40.94 -10.83
C8 NAG FC . -7.30 -41.99 -10.39
N2 NAG FC . -9.30 -40.65 -9.99
O3 NAG FC . -10.04 -43.42 -9.67
O4 NAG FC . -11.87 -43.97 -7.52
O5 NAG FC . -10.25 -40.88 -6.41
O6 NAG FC . -11.45 -41.32 -4.12
O7 NAG FC . -8.17 -40.37 -11.91
C1 NAG GC . -16.40 -38.29 1.39
C2 NAG GC . -17.28 -39.02 2.40
C3 NAG GC . -16.43 -39.60 3.53
C4 NAG GC . -15.33 -40.47 2.95
C5 NAG GC . -14.52 -39.69 1.92
C6 NAG GC . -13.48 -40.53 1.22
C7 NAG GC . -18.04 -36.98 3.56
C8 NAG GC . -19.23 -36.21 4.04
N2 NAG GC . -18.31 -38.14 2.93
O3 NAG GC . -17.26 -40.37 4.39
O4 NAG GC . -14.45 -40.90 4.00
O5 NAG GC . -15.40 -39.18 0.90
O6 NAG GC . -13.99 -41.09 0.02
O7 NAG GC . -16.89 -36.58 3.73
C1 NAG HC . -23.58 -36.20 12.22
C2 NAG HC . -22.29 -36.84 12.74
C3 NAG HC . -22.62 -37.97 13.70
C4 NAG HC . -23.54 -37.48 14.81
C5 NAG HC . -24.78 -36.79 14.21
C6 NAG HC . -25.67 -36.17 15.25
C7 NAG HC . -20.43 -36.69 11.09
C8 NAG HC . -20.07 -35.34 11.67
N2 NAG HC . -21.47 -37.33 11.64
O3 NAG HC . -21.43 -38.49 14.26
O4 NAG HC . -23.97 -38.57 15.61
O5 NAG HC . -24.37 -35.74 13.32
O6 NAG HC . -25.75 -36.98 16.42
O7 NAG HC . -19.78 -37.17 10.16
C1 NAG IC . -24.63 -39.36 -15.59
C2 NAG IC . -24.40 -40.19 -16.86
C3 NAG IC . -25.40 -41.35 -16.91
C4 NAG IC . -25.33 -42.16 -15.62
C5 NAG IC . -25.52 -41.26 -14.42
C6 NAG IC . -25.36 -41.98 -13.11
C7 NAG IC . -23.48 -38.75 -18.61
C8 NAG IC . -23.77 -37.94 -19.83
N2 NAG IC . -24.51 -39.37 -18.04
O3 NAG IC . -25.08 -42.18 -18.03
O4 NAG IC . -26.34 -43.17 -15.64
O5 NAG IC . -24.55 -40.20 -14.43
O6 NAG IC . -26.18 -43.14 -13.04
O7 NAG IC . -22.35 -38.83 -18.15
C1 NAG JC . -46.10 -3.90 -27.85
C2 NAG JC . -45.99 -4.72 -29.12
C3 NAG JC . -44.95 -4.11 -30.06
C4 NAG JC . -45.27 -2.64 -30.31
C5 NAG JC . -45.43 -1.90 -28.98
C6 NAG JC . -45.87 -0.46 -29.16
C7 NAG JC . -45.94 -7.13 -29.64
C8 NAG JC . -45.51 -8.48 -29.17
N2 NAG JC . -45.65 -6.11 -28.82
O3 NAG JC . -44.94 -4.82 -31.29
O4 NAG JC . -44.23 -2.04 -31.06
O5 NAG JC . -46.42 -2.54 -28.18
O6 NAG JC . -47.20 -0.39 -29.65
O7 NAG JC . -46.52 -6.96 -30.70
C1 NAG KC . -44.62 -22.81 -22.51
C2 NAG KC . -44.71 -22.14 -23.88
C3 NAG KC . -46.11 -21.55 -24.07
C4 NAG KC . -47.17 -22.62 -23.85
C5 NAG KC . -46.97 -23.29 -22.49
C6 NAG KC . -47.91 -24.45 -22.26
C7 NAG KC . -42.58 -21.18 -24.74
C8 NAG KC . -42.35 -22.46 -25.51
N2 NAG KC . -43.70 -21.10 -24.01
O3 NAG KC . -46.22 -21.02 -25.39
O4 NAG KC . -48.47 -22.04 -23.90
O5 NAG KC . -45.64 -23.82 -22.39
O6 NAG KC . -49.18 -24.22 -22.88
O7 NAG KC . -41.78 -20.25 -24.80
C1 NAG LC . -47.58 -23.44 -5.41
C2 NAG LC . -48.20 -22.84 -4.14
C3 NAG LC . -49.02 -23.90 -3.41
C4 NAG LC . -50.03 -24.53 -4.34
C5 NAG LC . -49.33 -25.07 -5.58
C6 NAG LC . -50.29 -25.62 -6.61
C7 NAG LC . -46.77 -21.02 -3.33
C8 NAG LC . -45.71 -20.61 -2.35
N2 NAG LC . -47.18 -22.28 -3.27
O3 NAG LC . -49.68 -23.29 -2.30
O4 NAG LC . -50.70 -25.61 -3.68
O5 NAG LC . -48.60 -24.02 -6.22
O6 NAG LC . -49.78 -25.46 -7.93
O7 NAG LC . -47.24 -20.22 -4.15
C1 NAG MC . -41.15 -12.19 -27.14
C2 NAG MC . -42.30 -12.41 -28.12
C3 NAG MC . -41.79 -13.08 -29.39
C4 NAG MC . -40.63 -12.29 -29.98
C5 NAG MC . -39.55 -12.08 -28.92
C6 NAG MC . -38.42 -11.20 -29.40
C7 NAG MC . -43.19 -14.41 -27.00
C8 NAG MC . -44.40 -15.07 -26.42
N2 NAG MC . -43.37 -13.20 -27.52
O3 NAG MC . -42.84 -13.18 -30.34
O4 NAG MC . -40.07 -13.00 -31.08
O5 NAG MC . -40.12 -11.43 -27.77
O6 NAG MC . -37.67 -10.67 -28.31
O7 NAG MC . -42.08 -14.97 -27.00
C1 NAG NC . -26.04 -24.31 -21.89
C2 NAG NC . -26.49 -25.20 -23.04
C3 NAG NC . -25.93 -24.69 -24.36
C4 NAG NC . -26.28 -23.22 -24.55
C5 NAG NC . -25.85 -22.40 -23.33
C6 NAG NC . -26.30 -20.96 -23.40
C7 NAG NC . -26.82 -27.63 -23.23
C8 NAG NC . -26.26 -28.98 -22.91
N2 NAG NC . -26.09 -26.58 -22.82
O3 NAG NC . -26.47 -25.46 -25.44
O4 NAG NC . -25.63 -22.71 -25.70
O5 NAG NC . -26.44 -22.97 -22.14
O6 NAG NC . -27.51 -20.76 -22.71
O7 NAG NC . -27.88 -27.50 -23.84
C1 NAG OC . -61.52 -6.18 -8.68
C2 NAG OC . -62.62 -5.56 -7.82
C3 NAG OC . -63.05 -6.56 -6.73
C4 NAG OC . -63.45 -7.89 -7.37
C5 NAG OC . -62.31 -8.41 -8.24
C6 NAG OC . -62.68 -9.67 -9.00
C7 NAG OC . -62.69 -3.13 -7.53
C8 NAG OC . -62.11 -1.95 -6.81
N2 NAG OC . -62.18 -4.32 -7.21
O3 NAG OC . -64.15 -6.02 -6.02
O4 NAG OC . -63.72 -8.84 -6.35
O5 NAG OC . -61.97 -7.42 -9.23
O6 NAG OC . -63.70 -10.39 -8.33
O7 NAG OC . -63.59 -3.00 -8.36
C1 NAG PC . 22.75 -32.95 19.76
C2 NAG PC . 24.21 -32.77 20.15
C3 NAG PC . 24.43 -33.23 21.58
C4 NAG PC . 23.45 -32.54 22.52
C5 NAG PC . 22.02 -32.73 22.03
C6 NAG PC . 21.01 -31.98 22.85
C7 NAG PC . 26.22 -32.96 18.74
C8 NAG PC . 26.99 -33.84 17.81
N2 NAG PC . 25.08 -33.48 19.23
O3 NAG PC . 25.77 -32.94 21.97
O4 NAG PC . 23.57 -33.08 23.83
O5 NAG PC . 21.90 -32.25 20.68
O6 NAG PC . 21.48 -30.68 23.23
O7 NAG PC . 26.60 -31.83 19.04
C1 NAG QC . 10.99 -46.27 1.83
C2 NAG QC . 11.64 -47.42 2.59
C3 NAG QC . 10.63 -48.56 2.78
C4 NAG QC . 9.36 -48.02 3.44
C5 NAG QC . 8.81 -46.83 2.65
C6 NAG QC . 7.62 -46.18 3.31
C7 NAG QC . 13.88 -48.43 2.52
C8 NAG QC . 15.00 -48.88 1.63
N2 NAG QC . 12.82 -47.91 1.88
O3 NAG QC . 11.20 -49.57 3.59
O4 NAG QC . 8.38 -49.04 3.49
O5 NAG QC . 9.82 -45.83 2.52
O6 NAG QC . 7.91 -44.84 3.68
O7 NAG QC . 13.93 -48.53 3.74
C1 NAG RC . 18.52 -44.94 14.61
C2 NAG RC . 17.55 -45.93 15.27
C3 NAG RC . 18.31 -47.16 15.74
C4 NAG RC . 19.10 -47.77 14.58
C5 NAG RC . 19.99 -46.71 13.94
C6 NAG RC . 20.71 -47.21 12.71
C7 NAG RC . 15.53 -45.39 16.56
C8 NAG RC . 14.99 -44.67 17.76
N2 NAG RC . 16.86 -45.31 16.39
O3 NAG RC . 17.38 -48.12 16.25
O4 NAG RC . 19.91 -48.84 15.05
O5 NAG RC . 19.20 -45.59 13.53
O6 NAG RC . 20.68 -46.24 11.67
O7 NAG RC . 14.81 -46.00 15.78
#